data_5WEL
#
_entry.id   5WEL
#
_cell.length_a   1.0
_cell.length_b   1.0
_cell.length_c   1.0
_cell.angle_alpha   90.00
_cell.angle_beta   90.00
_cell.angle_gamma   90.00
#
_symmetry.space_group_name_H-M   'P 1'
#
loop_
_entity.id
_entity.type
_entity.pdbx_description
1 polymer 'Chimera of Glutamate receptor 2, Germ cell-specific gene 1-like protein'
2 non-polymer '{[7-morpholin-4-yl-2,3-dioxo-6-(trifluoromethyl)-3,4-dihydroquinoxalin-1(2H)-yl]methyl}phosphonic acid'
3 non-polymer Digitonin
#
_entity_poly.entity_id   1
_entity_poly.type   'polypeptide(L)'
_entity_poly.pdbx_seq_one_letter_code
;NSIQIGGLFPRGADQEYSAFRVGMVQFSTSEFRLTPHIDNLEVANSFAVTNAFCSQFSRGVYAIFGFYDKKSVNTITSFC
GTLHVSFITPSFPTDGTHPFVIQMRPDLKGALLSLIEYYQWDKFAYLYDSDRGLSTLQAVLDSAAEKKWQVTAINVGNIN
NDKKDETYRSLFQDLELKKERRVILDCERDKVNDIVDQVITIGKHVKGYHYIIANLGFTDGDLLKIQFGGAEVSGFQIVD
YDDSLVSKFIERWSTLEEKEYPGAHTATIKYTSALTYDAVQVMTEAFRNLRKQRIEISRRGNAGDCLANPAVPWGQGVEI
ERALKQVQVEGLSGNIKFDQNGKRINYTINIMELKTNGPRKIGYWSEVDKMVLTEDDTSGLEQKTVVVTTILESPYVMMK
KNHEMLEGNERYEGYCVDLAAEIAKHCGFKYKLTIVGDGKYGARDADTKIWNGMVGELVYGKADIAIAPLTITLVREEVI
DFSKPFMSLGISIMIKKPQKSKPGVFSFLDPLAYEIWMCIVFAYIGVSVVLFLVSRFSPYEWHTEEFEDGRETQSSESTN
EFGIFNSLWFSLGAFMQQGCDISPRSLSGRIVGGVWWFFTLIIISSYTANLAAFLTVERMVSPIESAEDLSKQTEIAYGT
LDSGSTKEFFRRSKIAVFDKMWTYMRSAEPSVFVRTTAEGVARVRKSKGKYAYLLESTMNEYIEQRKPCDTMKVGGNLDS
KGYGIATPKGSSLGTPVNLAVLKLSEQGVLDKLKNKWWYDKGECGAKDSGSKEKTSALSLSNVAGVFYILVGGLGLAMLV
ALIEFCYKSRAEAKRMKGTGKTSRRGRALLAVALNLLALLFATTAFLTTYWCQGTQRVPKPGCGQGGGANCPNSGANATA
NSTAAPVAASPAGAPYSWEAGDERFQLRRFHTGIWYSCEEELGGPGEKCRSFIDLAPASEKGVLWLSVVSEVLYILLLVV
GFSLMCLELLHSSSVIDGLKLNAFAAVFTVLSGLLGMVAHMMYTQVFQVTVSLGPEDWRPHSWDYGWSFCLAWGSFTCCM
AASVTTLNSYTKTVIEF
;
_entity_poly.pdbx_strand_id   A,B,C,D
#
# COMPACT_ATOMS: atom_id res chain seq x y z
N ASN A 1 -41.49 78.73 -17.19
CA ASN A 1 -41.81 78.50 -15.78
C ASN A 1 -40.57 78.19 -14.97
N SER A 2 -40.28 79.03 -13.97
CA SER A 2 -39.10 78.81 -13.14
C SER A 2 -39.31 77.59 -12.24
N ILE A 3 -38.38 76.64 -12.33
CA ILE A 3 -38.52 75.35 -11.66
C ILE A 3 -37.47 75.27 -10.56
N GLN A 4 -37.93 75.25 -9.31
CA GLN A 4 -37.01 75.12 -8.20
C GLN A 4 -36.48 73.70 -8.10
N ILE A 5 -35.15 73.58 -8.03
CA ILE A 5 -34.48 72.29 -7.95
C ILE A 5 -33.50 72.32 -6.78
N GLY A 6 -33.04 71.13 -6.39
CA GLY A 6 -32.06 71.03 -5.31
C GLY A 6 -30.68 71.42 -5.78
N GLY A 7 -29.86 71.88 -4.83
CA GLY A 7 -28.54 72.38 -5.15
C GLY A 7 -27.43 71.95 -4.23
N LEU A 8 -27.50 70.71 -3.73
CA LEU A 8 -26.47 70.18 -2.84
C LEU A 8 -25.14 70.05 -3.58
N PHE A 9 -24.09 70.60 -2.97
CA PHE A 9 -22.74 70.45 -3.47
C PHE A 9 -21.78 70.39 -2.30
N PRO A 10 -20.92 69.38 -2.24
CA PRO A 10 -19.86 69.37 -1.22
C PRO A 10 -18.85 70.47 -1.48
N ARG A 11 -18.18 70.90 -0.41
CA ARG A 11 -17.25 72.00 -0.52
C ARG A 11 -15.93 71.54 -1.12
N GLY A 12 -15.45 72.29 -2.11
CA GLY A 12 -14.25 71.92 -2.84
C GLY A 12 -14.50 71.16 -4.12
N ALA A 13 -15.75 70.78 -4.40
CA ALA A 13 -16.09 70.06 -5.63
C ALA A 13 -16.74 71.03 -6.62
N ASP A 14 -16.22 72.26 -6.65
CA ASP A 14 -16.88 73.31 -7.42
C ASP A 14 -16.61 73.20 -8.90
N GLN A 15 -15.63 72.37 -9.30
CA GLN A 15 -15.44 72.09 -10.73
C GLN A 15 -16.64 71.36 -11.30
N GLU A 16 -17.21 70.43 -10.51
CA GLU A 16 -18.49 69.85 -10.85
C GLU A 16 -19.60 70.90 -10.83
N TYR A 17 -19.57 71.79 -9.84
CA TYR A 17 -20.51 72.89 -9.80
C TYR A 17 -20.27 73.87 -10.94
N SER A 18 -19.00 74.04 -11.36
CA SER A 18 -18.73 74.79 -12.57
C SER A 18 -19.32 74.09 -13.80
N ALA A 19 -19.19 72.77 -13.86
CA ALA A 19 -19.82 72.01 -14.93
C ALA A 19 -21.34 72.02 -14.81
N PHE A 20 -21.85 72.19 -13.59
CA PHE A 20 -23.28 72.37 -13.41
C PHE A 20 -23.74 73.70 -14.01
N ARG A 21 -22.94 74.75 -13.83
CA ARG A 21 -23.34 76.07 -14.34
C ARG A 21 -23.23 76.12 -15.85
N VAL A 22 -22.34 75.32 -16.44
CA VAL A 22 -22.28 75.20 -17.89
C VAL A 22 -23.55 74.56 -18.42
N GLY A 23 -24.05 73.53 -17.73
CA GLY A 23 -25.31 72.93 -18.12
C GLY A 23 -26.49 73.88 -17.92
N MET A 24 -26.40 74.75 -16.91
CA MET A 24 -27.41 75.79 -16.76
C MET A 24 -27.34 76.82 -17.88
N VAL A 25 -26.16 77.02 -18.47
CA VAL A 25 -26.04 77.85 -19.66
C VAL A 25 -26.49 77.08 -20.89
N GLN A 26 -26.01 75.85 -21.05
CA GLN A 26 -26.22 75.11 -22.29
C GLN A 26 -27.66 74.64 -22.45
N PHE A 27 -28.30 74.23 -21.36
CA PHE A 27 -29.59 73.57 -21.47
C PHE A 27 -30.74 74.43 -20.99
N SER A 28 -30.53 75.73 -20.82
CA SER A 28 -31.64 76.62 -20.49
C SER A 28 -32.49 76.87 -21.73
N THR A 29 -33.72 76.39 -21.69
CA THR A 29 -34.64 76.57 -22.80
C THR A 29 -35.54 77.77 -22.51
N SER A 30 -36.25 78.21 -23.55
CA SER A 30 -37.14 79.35 -23.38
C SER A 30 -38.44 78.95 -22.70
N GLU A 31 -38.76 77.66 -22.67
CA GLU A 31 -39.95 77.20 -21.98
C GLU A 31 -39.80 77.32 -20.47
N PHE A 32 -38.64 76.93 -19.94
CA PHE A 32 -38.44 76.91 -18.50
C PHE A 32 -36.97 77.11 -18.19
N ARG A 33 -36.70 77.73 -17.05
CA ARG A 33 -35.35 77.92 -16.55
C ARG A 33 -35.30 77.46 -15.09
N LEU A 34 -34.42 76.52 -14.81
CA LEU A 34 -34.40 75.85 -13.52
C LEU A 34 -33.83 76.78 -12.45
N THR A 35 -34.27 76.57 -11.21
CA THR A 35 -33.92 77.46 -10.10
C THR A 35 -33.16 76.64 -9.06
N PRO A 36 -31.83 76.70 -9.09
CA PRO A 36 -31.04 75.97 -8.10
C PRO A 36 -31.07 76.64 -6.74
N HIS A 37 -31.08 75.81 -5.68
CA HIS A 37 -30.90 76.28 -4.32
C HIS A 37 -29.55 75.80 -3.83
N ILE A 38 -28.49 76.53 -4.17
CA ILE A 38 -27.13 76.02 -4.04
C ILE A 38 -26.69 76.07 -2.59
N ASP A 39 -26.29 74.91 -2.06
CA ASP A 39 -25.86 74.78 -0.68
C ASP A 39 -24.51 74.07 -0.65
N ASN A 40 -23.46 74.86 -0.41
CA ASN A 40 -22.10 74.34 -0.32
C ASN A 40 -21.82 73.89 1.11
N LEU A 41 -22.21 72.66 1.43
CA LEU A 41 -22.12 72.16 2.78
C LEU A 41 -21.36 70.84 2.82
N GLU A 42 -21.11 70.37 4.04
CA GLU A 42 -20.43 69.10 4.25
C GLU A 42 -21.35 67.95 3.91
N VAL A 43 -20.78 66.88 3.40
CA VAL A 43 -21.60 65.74 2.98
C VAL A 43 -21.50 64.59 3.98
N ALA A 44 -20.47 64.58 4.83
CA ALA A 44 -20.33 63.50 5.81
C ALA A 44 -21.29 63.67 6.97
N ASN A 45 -21.57 64.91 7.37
CA ASN A 45 -22.48 65.19 8.47
C ASN A 45 -23.90 65.17 7.92
N SER A 46 -24.67 64.13 8.29
CA SER A 46 -26.05 64.03 7.82
C SER A 46 -26.94 65.08 8.46
N PHE A 47 -26.57 65.56 9.66
CA PHE A 47 -27.21 66.72 10.25
C PHE A 47 -27.06 67.93 9.35
N ALA A 48 -25.88 68.12 8.78
CA ALA A 48 -25.68 69.19 7.81
C ALA A 48 -26.40 68.88 6.50
N VAL A 49 -26.55 67.59 6.17
CA VAL A 49 -27.29 67.23 4.98
C VAL A 49 -28.78 67.49 5.16
N THR A 50 -29.33 67.05 6.29
CA THR A 50 -30.77 67.10 6.52
C THR A 50 -31.28 68.53 6.65
N ASN A 51 -30.48 69.40 7.27
CA ASN A 51 -30.87 70.81 7.40
C ASN A 51 -30.89 71.49 6.04
N ALA A 52 -29.91 71.17 5.18
CA ALA A 52 -29.97 71.64 3.80
C ALA A 52 -31.05 70.92 3.03
N PHE A 53 -31.36 69.67 3.39
CA PHE A 53 -32.43 68.94 2.73
C PHE A 53 -33.78 69.52 3.08
N CYS A 54 -34.05 69.71 4.38
CA CYS A 54 -35.38 70.15 4.80
C CYS A 54 -35.63 71.61 4.48
N SER A 55 -34.57 72.40 4.33
CA SER A 55 -34.74 73.76 3.82
C SER A 55 -35.17 73.73 2.35
N GLN A 56 -34.52 72.89 1.54
CA GLN A 56 -34.95 72.71 0.17
C GLN A 56 -36.25 71.93 0.09
N PHE A 57 -36.54 71.08 1.08
CA PHE A 57 -37.87 70.50 1.18
C PHE A 57 -38.90 71.55 1.55
N SER A 58 -38.49 72.56 2.33
CA SER A 58 -39.37 73.69 2.60
C SER A 58 -39.55 74.55 1.35
N ARG A 59 -38.56 74.55 0.45
CA ARG A 59 -38.73 75.21 -0.83
C ARG A 59 -39.76 74.51 -1.72
N GLY A 60 -39.98 73.21 -1.51
CA GLY A 60 -40.83 72.47 -2.41
C GLY A 60 -40.22 72.23 -3.76
N VAL A 61 -38.92 71.93 -3.80
CA VAL A 61 -38.24 71.68 -5.08
C VAL A 61 -38.69 70.34 -5.64
N TYR A 62 -38.47 70.15 -6.94
CA TYR A 62 -39.04 69.00 -7.62
C TYR A 62 -38.02 67.91 -7.94
N ALA A 63 -36.73 68.27 -7.96
CA ALA A 63 -35.67 67.31 -8.17
C ALA A 63 -34.41 67.85 -7.52
N ILE A 64 -33.73 67.00 -6.76
CA ILE A 64 -32.57 67.43 -5.99
C ILE A 64 -31.33 66.80 -6.57
N PHE A 65 -30.31 67.62 -6.76
CA PHE A 65 -29.03 67.14 -7.25
C PHE A 65 -27.98 67.30 -6.16
N GLY A 66 -27.08 66.34 -6.08
CA GLY A 66 -26.01 66.42 -5.11
C GLY A 66 -25.15 65.17 -5.18
N PHE A 67 -24.24 65.09 -4.22
CA PHE A 67 -23.44 63.90 -4.01
C PHE A 67 -23.90 63.26 -2.71
N TYR A 68 -23.37 62.08 -2.39
CA TYR A 68 -23.57 61.59 -1.03
C TYR A 68 -22.33 60.85 -0.55
N ASP A 69 -22.13 60.90 0.76
CA ASP A 69 -21.24 60.02 1.48
C ASP A 69 -21.91 58.66 1.64
N LYS A 70 -21.11 57.65 2.00
CA LYS A 70 -21.69 56.39 2.46
C LYS A 70 -22.37 56.55 3.81
N LYS A 71 -22.09 57.63 4.53
CA LYS A 71 -22.87 57.97 5.70
C LYS A 71 -24.19 58.60 5.32
N SER A 72 -24.17 59.57 4.41
CA SER A 72 -25.37 60.30 4.05
C SER A 72 -26.27 59.57 3.08
N VAL A 73 -25.89 58.38 2.61
CA VAL A 73 -26.74 57.67 1.66
C VAL A 73 -27.97 57.10 2.35
N ASN A 74 -27.82 56.65 3.60
CA ASN A 74 -28.96 56.09 4.32
C ASN A 74 -29.87 57.19 4.83
N THR A 75 -29.37 58.42 4.86
CA THR A 75 -30.25 59.57 5.05
C THR A 75 -31.11 59.81 3.82
N ILE A 76 -30.47 59.91 2.65
CA ILE A 76 -31.18 60.30 1.43
C ILE A 76 -32.13 59.20 0.98
N THR A 77 -31.71 57.94 1.09
CA THR A 77 -32.59 56.83 0.71
C THR A 77 -33.77 56.70 1.67
N SER A 78 -33.62 57.16 2.92
CA SER A 78 -34.75 57.13 3.83
C SER A 78 -35.72 58.26 3.53
N PHE A 79 -35.22 59.48 3.39
CA PHE A 79 -36.09 60.63 3.20
C PHE A 79 -36.71 60.65 1.81
N CYS A 80 -35.89 60.58 0.76
CA CYS A 80 -36.40 60.65 -0.61
C CYS A 80 -37.25 59.45 -0.98
N GLY A 81 -36.97 58.28 -0.42
CA GLY A 81 -37.86 57.16 -0.58
C GLY A 81 -39.19 57.31 0.13
N THR A 82 -39.26 58.19 1.13
CA THR A 82 -40.50 58.45 1.85
C THR A 82 -41.13 59.77 1.42
N LEU A 83 -40.34 60.84 1.31
CA LEU A 83 -40.91 62.14 1.00
C LEU A 83 -41.19 62.32 -0.49
N HIS A 84 -40.96 61.29 -1.30
CA HIS A 84 -41.41 61.20 -2.69
C HIS A 84 -40.81 62.28 -3.57
N VAL A 85 -39.55 62.62 -3.31
CA VAL A 85 -38.81 63.60 -4.08
C VAL A 85 -37.65 62.88 -4.74
N SER A 86 -37.56 62.97 -6.07
CA SER A 86 -36.51 62.29 -6.80
C SER A 86 -35.17 62.98 -6.59
N PHE A 87 -34.11 62.17 -6.46
CA PHE A 87 -32.77 62.68 -6.20
C PHE A 87 -31.84 62.21 -7.31
N ILE A 88 -30.96 63.10 -7.75
CA ILE A 88 -30.06 62.83 -8.85
C ILE A 88 -28.63 62.97 -8.35
N THR A 89 -27.79 61.98 -8.67
CA THR A 89 -26.43 61.96 -8.16
C THR A 89 -25.47 61.31 -9.14
N PRO A 90 -24.20 61.72 -9.12
CA PRO A 90 -23.15 60.93 -9.78
C PRO A 90 -22.42 59.99 -8.82
N SER A 91 -22.89 59.83 -7.59
CA SER A 91 -22.15 59.06 -6.60
C SER A 91 -22.26 57.55 -6.87
N PHE A 92 -21.61 56.77 -6.02
CA PHE A 92 -21.62 55.32 -6.16
C PHE A 92 -23.02 54.78 -5.89
N PRO A 93 -23.50 53.83 -6.70
CA PRO A 93 -24.92 53.43 -6.63
C PRO A 93 -25.28 52.69 -5.35
N THR A 94 -26.55 52.85 -4.95
CA THR A 94 -27.05 52.18 -3.75
C THR A 94 -27.25 50.70 -4.02
N ASP A 95 -27.04 49.89 -2.96
CA ASP A 95 -27.35 48.47 -3.07
C ASP A 95 -28.85 48.23 -3.13
N GLY A 96 -29.61 48.82 -2.21
CA GLY A 96 -31.04 48.64 -2.21
C GLY A 96 -31.70 49.46 -3.30
N THR A 97 -32.66 48.84 -3.98
CA THR A 97 -33.38 49.49 -5.05
C THR A 97 -34.37 50.50 -4.47
N HIS A 98 -33.85 51.67 -4.10
CA HIS A 98 -34.65 52.66 -3.42
C HIS A 98 -35.39 53.51 -4.46
N PRO A 99 -36.68 53.78 -4.24
CA PRO A 99 -37.39 54.69 -5.14
C PRO A 99 -36.91 56.13 -4.97
N PHE A 100 -37.20 56.93 -6.00
CA PHE A 100 -36.86 58.36 -6.08
C PHE A 100 -35.36 58.60 -5.98
N VAL A 101 -34.58 57.65 -6.46
CA VAL A 101 -33.12 57.74 -6.46
C VAL A 101 -32.64 57.52 -7.89
N ILE A 102 -32.23 58.60 -8.55
CA ILE A 102 -31.62 58.51 -9.86
C ILE A 102 -30.12 58.71 -9.69
N GLN A 103 -29.32 57.89 -10.35
CA GLN A 103 -27.89 57.89 -10.08
C GLN A 103 -27.10 57.75 -11.38
N MET A 104 -26.18 58.68 -11.61
CA MET A 104 -25.50 58.84 -12.89
C MET A 104 -24.29 57.94 -13.06
N ARG A 105 -23.87 57.23 -12.03
CA ARG A 105 -22.63 56.47 -12.14
C ARG A 105 -22.99 55.04 -12.53
N PRO A 106 -22.54 54.55 -13.68
CA PRO A 106 -22.84 53.16 -14.05
C PRO A 106 -22.05 52.18 -13.21
N ASP A 107 -22.59 50.96 -13.09
CA ASP A 107 -21.94 49.95 -12.27
C ASP A 107 -20.70 49.44 -12.98
N LEU A 108 -19.64 49.20 -12.21
CA LEU A 108 -18.33 48.89 -12.74
C LEU A 108 -17.89 47.45 -12.48
N LYS A 109 -18.57 46.76 -11.56
CA LYS A 109 -18.15 45.42 -11.15
C LYS A 109 -18.34 44.40 -12.26
N GLY A 110 -19.29 44.65 -13.17
CA GLY A 110 -19.44 43.76 -14.30
C GLY A 110 -18.29 43.88 -15.28
N ALA A 111 -17.81 45.10 -15.51
CA ALA A 111 -16.62 45.27 -16.32
C ALA A 111 -15.38 44.80 -15.57
N LEU A 112 -15.37 44.96 -14.25
CA LEU A 112 -14.17 44.68 -13.46
C LEU A 112 -13.94 43.18 -13.33
N LEU A 113 -14.99 42.41 -13.06
CA LEU A 113 -14.85 40.96 -13.00
C LEU A 113 -14.59 40.38 -14.38
N SER A 114 -15.11 41.03 -15.42
CA SER A 114 -14.79 40.62 -16.77
C SER A 114 -13.34 40.94 -17.12
N LEU A 115 -12.77 41.97 -16.49
CA LEU A 115 -11.40 42.34 -16.79
C LEU A 115 -10.42 41.37 -16.17
N ILE A 116 -10.73 40.88 -14.96
CA ILE A 116 -9.87 39.89 -14.31
C ILE A 116 -9.91 38.58 -15.07
N GLU A 117 -11.09 38.22 -15.59
CA GLU A 117 -11.21 37.05 -16.44
C GLU A 117 -10.46 37.23 -17.76
N TYR A 118 -10.35 38.47 -18.23
CA TYR A 118 -9.51 38.73 -19.39
C TYR A 118 -8.03 38.55 -19.06
N TYR A 119 -7.56 39.17 -17.99
CA TYR A 119 -6.18 39.00 -17.56
C TYR A 119 -5.91 37.67 -16.90
N GLN A 120 -6.97 36.89 -16.61
CA GLN A 120 -6.89 35.49 -16.19
C GLN A 120 -6.15 35.35 -14.86
N TRP A 121 -6.47 36.21 -13.90
CA TRP A 121 -5.76 36.22 -12.64
C TRP A 121 -6.33 35.19 -11.68
N ASP A 122 -5.46 34.72 -10.78
CA ASP A 122 -5.78 33.69 -9.81
C ASP A 122 -5.53 34.12 -8.38
N LYS A 123 -4.52 34.96 -8.16
CA LYS A 123 -4.24 35.53 -6.86
C LYS A 123 -3.74 36.94 -7.06
N PHE A 124 -4.35 37.89 -6.34
CA PHE A 124 -4.06 39.29 -6.55
C PHE A 124 -4.47 40.08 -5.33
N ALA A 125 -3.74 41.16 -5.08
CA ALA A 125 -4.09 42.07 -4.01
C ALA A 125 -5.25 42.96 -4.42
N TYR A 126 -6.03 43.40 -3.44
CA TYR A 126 -7.18 44.26 -3.68
C TYR A 126 -7.17 45.35 -2.62
N LEU A 127 -6.52 46.45 -2.93
CA LEU A 127 -6.58 47.60 -2.04
C LEU A 127 -7.80 48.45 -2.39
N TYR A 128 -8.55 48.81 -1.36
CA TYR A 128 -9.83 49.45 -1.57
C TYR A 128 -10.03 50.54 -0.54
N ASP A 129 -10.67 51.62 -0.98
CA ASP A 129 -11.16 52.64 -0.05
C ASP A 129 -12.52 52.19 0.45
N SER A 130 -12.75 52.33 1.76
CA SER A 130 -14.02 51.94 2.33
C SER A 130 -15.11 52.96 2.08
N ASP A 131 -14.74 54.15 1.59
CA ASP A 131 -15.64 55.29 1.60
C ASP A 131 -16.76 55.16 0.57
N ARG A 132 -16.53 54.43 -0.52
CA ARG A 132 -17.56 54.22 -1.51
C ARG A 132 -18.34 52.92 -1.29
N GLY A 133 -18.48 52.48 -0.05
CA GLY A 133 -19.11 51.20 0.21
C GLY A 133 -18.15 50.05 -0.06
N LEU A 134 -18.65 48.84 0.18
CA LEU A 134 -17.85 47.63 0.00
C LEU A 134 -18.50 46.67 -0.98
N SER A 135 -19.32 47.19 -1.90
CA SER A 135 -20.09 46.34 -2.80
C SER A 135 -19.19 45.67 -3.83
N THR A 136 -18.21 46.42 -4.35
CA THR A 136 -17.24 45.84 -5.26
C THR A 136 -16.35 44.83 -4.56
N LEU A 137 -16.08 45.06 -3.27
CA LEU A 137 -15.43 44.03 -2.47
C LEU A 137 -16.31 42.80 -2.33
N GLN A 138 -17.60 43.01 -2.11
CA GLN A 138 -18.56 41.90 -2.12
C GLN A 138 -18.67 41.28 -3.50
N ALA A 139 -18.46 42.08 -4.55
CA ALA A 139 -18.55 41.56 -5.90
C ALA A 139 -17.38 40.63 -6.22
N VAL A 140 -16.17 41.01 -5.81
CA VAL A 140 -15.02 40.20 -6.16
C VAL A 140 -14.92 38.97 -5.28
N LEU A 141 -15.40 39.05 -4.04
CA LEU A 141 -15.29 37.91 -3.14
C LEU A 141 -16.28 36.81 -3.47
N ASP A 142 -17.45 37.18 -4.00
CA ASP A 142 -18.41 36.17 -4.43
C ASP A 142 -17.91 35.45 -5.68
N SER A 143 -17.16 36.15 -6.52
CA SER A 143 -16.51 35.49 -7.64
C SER A 143 -15.19 34.84 -7.25
N ALA A 144 -14.63 35.23 -6.10
CA ALA A 144 -13.38 34.64 -5.66
C ALA A 144 -13.53 33.18 -5.29
N ALA A 145 -14.60 32.82 -4.57
CA ALA A 145 -14.88 31.42 -4.32
C ALA A 145 -15.33 30.73 -5.60
N GLU A 146 -16.03 31.45 -6.47
CA GLU A 146 -16.55 30.88 -7.70
C GLU A 146 -15.45 30.60 -8.71
N LYS A 147 -14.56 31.56 -8.95
CA LYS A 147 -13.51 31.40 -9.92
C LYS A 147 -12.19 30.98 -9.30
N LYS A 148 -12.22 30.53 -8.04
CA LYS A 148 -11.07 30.03 -7.28
C LYS A 148 -9.95 31.08 -7.20
N TRP A 149 -10.28 32.23 -6.62
CA TRP A 149 -9.35 33.33 -6.56
C TRP A 149 -8.91 33.59 -5.11
N GLN A 150 -7.61 33.79 -4.95
CA GLN A 150 -7.03 34.07 -3.63
C GLN A 150 -6.84 35.57 -3.48
N VAL A 151 -7.95 36.28 -3.28
CA VAL A 151 -7.90 37.73 -3.22
C VAL A 151 -7.34 38.19 -1.88
N THR A 152 -6.36 39.07 -1.93
CA THR A 152 -5.77 39.66 -0.73
C THR A 152 -6.35 41.06 -0.60
N ALA A 153 -7.43 41.18 0.17
CA ALA A 153 -8.12 42.45 0.28
C ALA A 153 -7.75 43.17 1.58
N ILE A 154 -7.24 44.38 1.43
CA ILE A 154 -6.81 45.20 2.57
C ILE A 154 -7.40 46.58 2.41
N ASN A 155 -8.13 47.04 3.43
CA ASN A 155 -8.67 48.39 3.43
C ASN A 155 -7.53 49.38 3.58
N VAL A 156 -7.67 50.54 2.93
CA VAL A 156 -6.63 51.56 2.97
C VAL A 156 -7.21 52.85 3.52
N GLY A 157 -8.54 52.93 3.62
CA GLY A 157 -9.17 54.13 4.15
C GLY A 157 -9.03 54.31 5.64
N ASN A 158 -8.51 53.30 6.35
CA ASN A 158 -8.36 53.39 7.79
C ASN A 158 -7.15 54.25 8.16
N ILE A 159 -6.25 54.50 7.22
CA ILE A 159 -5.03 55.22 7.54
C ILE A 159 -5.32 56.72 7.62
N ASN A 160 -4.94 57.32 8.74
CA ASN A 160 -5.03 58.76 8.89
C ASN A 160 -4.01 59.47 8.01
N ASN A 161 -4.29 60.74 7.71
CA ASN A 161 -3.50 61.47 6.74
C ASN A 161 -2.18 61.98 7.31
N ASP A 162 -2.00 61.91 8.63
CA ASP A 162 -0.80 62.49 9.23
C ASP A 162 0.42 61.59 9.05
N LYS A 163 0.22 60.27 9.13
CA LYS A 163 1.32 59.32 8.98
C LYS A 163 1.05 58.32 7.88
N LYS A 164 0.47 58.77 6.76
CA LYS A 164 0.26 57.92 5.59
C LYS A 164 1.51 57.90 4.71
N ASP A 165 2.65 57.67 5.33
CA ASP A 165 3.91 57.55 4.61
C ASP A 165 4.65 56.31 5.10
N GLU A 166 4.55 56.06 6.41
CA GLU A 166 5.19 54.88 6.99
C GLU A 166 4.30 53.66 6.86
N THR A 167 2.98 53.85 6.84
CA THR A 167 2.05 52.74 6.83
C THR A 167 2.09 52.01 5.48
N TYR A 168 2.28 52.75 4.39
CA TYR A 168 2.34 52.13 3.08
C TYR A 168 3.59 51.31 2.91
N ARG A 169 4.73 51.80 3.44
CA ARG A 169 5.96 51.02 3.42
C ARG A 169 5.82 49.76 4.26
N SER A 170 5.05 49.84 5.34
CA SER A 170 4.65 48.62 6.04
C SER A 170 3.69 47.79 5.19
N LEU A 171 2.82 48.45 4.42
CA LEU A 171 1.76 47.74 3.71
C LEU A 171 2.30 46.98 2.51
N PHE A 172 3.13 47.65 1.69
CA PHE A 172 3.63 47.00 0.48
C PHE A 172 4.65 45.92 0.80
N GLN A 173 5.38 46.04 1.90
CA GLN A 173 6.23 44.95 2.33
C GLN A 173 5.42 43.75 2.79
N ASP A 174 4.25 44.01 3.40
CA ASP A 174 3.33 42.92 3.70
C ASP A 174 2.75 42.32 2.43
N LEU A 175 2.60 43.14 1.38
CA LEU A 175 2.27 42.60 0.07
C LEU A 175 3.44 41.83 -0.51
N GLU A 176 4.67 42.27 -0.22
CA GLU A 176 5.85 41.54 -0.67
C GLU A 176 6.22 40.40 0.27
N LEU A 177 5.49 40.22 1.37
CA LEU A 177 5.57 38.95 2.08
C LEU A 177 4.99 37.83 1.24
N LYS A 178 4.00 38.15 0.41
CA LYS A 178 3.44 37.22 -0.56
C LYS A 178 3.79 37.59 -1.99
N LYS A 179 4.46 38.73 -2.19
CA LYS A 179 5.02 39.18 -3.47
C LYS A 179 3.95 39.33 -4.55
N GLU A 180 2.98 40.20 -4.29
CA GLU A 180 1.91 40.41 -5.24
C GLU A 180 2.40 41.25 -6.41
N ARG A 181 2.37 40.66 -7.61
CA ARG A 181 2.63 41.39 -8.84
C ARG A 181 1.36 41.90 -9.48
N ARG A 182 0.21 41.73 -8.81
CA ARG A 182 -1.10 41.98 -9.38
C ARG A 182 -1.91 42.72 -8.34
N VAL A 183 -2.06 44.03 -8.53
CA VAL A 183 -2.70 44.89 -7.54
C VAL A 183 -3.90 45.57 -8.19
N ILE A 184 -5.05 45.48 -7.54
CA ILE A 184 -6.22 46.24 -7.96
C ILE A 184 -6.47 47.31 -6.90
N LEU A 185 -6.24 48.56 -7.28
CA LEU A 185 -6.55 49.69 -6.41
C LEU A 185 -7.99 50.11 -6.62
N ASP A 186 -8.59 50.64 -5.56
CA ASP A 186 -9.96 51.18 -5.64
C ASP A 186 -10.04 52.35 -4.68
N CYS A 187 -9.79 53.55 -5.21
CA CYS A 187 -9.73 54.76 -4.39
C CYS A 187 -10.20 55.94 -5.20
N GLU A 188 -10.39 57.07 -4.51
CA GLU A 188 -10.58 58.34 -5.17
C GLU A 188 -9.25 58.81 -5.77
N ARG A 189 -9.36 59.70 -6.76
CA ARG A 189 -8.19 60.12 -7.54
C ARG A 189 -7.15 60.84 -6.70
N ASP A 190 -7.55 61.41 -5.57
CA ASP A 190 -6.58 61.84 -4.58
C ASP A 190 -5.89 60.63 -3.95
N LYS A 191 -6.68 59.72 -3.37
CA LYS A 191 -6.13 58.54 -2.72
C LYS A 191 -5.56 57.55 -3.73
N VAL A 192 -5.95 57.64 -5.00
CA VAL A 192 -5.21 56.93 -6.04
C VAL A 192 -3.81 57.51 -6.15
N ASN A 193 -3.72 58.83 -6.35
CA ASN A 193 -2.42 59.46 -6.59
C ASN A 193 -1.56 59.48 -5.33
N ASP A 194 -2.18 59.34 -4.15
CA ASP A 194 -1.41 59.13 -2.94
C ASP A 194 -0.68 57.80 -2.98
N ILE A 195 -1.41 56.71 -3.26
CA ILE A 195 -0.83 55.38 -3.26
C ILE A 195 0.09 55.20 -4.46
N VAL A 196 -0.21 55.86 -5.58
CA VAL A 196 0.67 55.86 -6.74
C VAL A 196 2.02 56.45 -6.38
N ASP A 197 2.02 57.56 -5.64
CA ASP A 197 3.28 58.13 -5.17
C ASP A 197 3.96 57.24 -4.14
N GLN A 198 3.19 56.42 -3.44
CA GLN A 198 3.80 55.43 -2.54
C GLN A 198 4.42 54.29 -3.32
N VAL A 199 3.84 53.92 -4.47
CA VAL A 199 4.45 52.91 -5.33
C VAL A 199 5.74 53.45 -5.93
N ILE A 200 5.75 54.74 -6.27
CA ILE A 200 6.94 55.38 -6.80
C ILE A 200 7.96 55.59 -5.68
N THR A 201 7.48 55.75 -4.44
CA THR A 201 8.38 55.82 -3.30
C THR A 201 9.13 54.52 -3.09
N ILE A 202 8.41 53.39 -3.04
CA ILE A 202 9.06 52.09 -2.94
C ILE A 202 9.66 51.65 -4.27
N GLY A 203 9.29 52.31 -5.37
CA GLY A 203 9.85 52.00 -6.66
C GLY A 203 9.36 50.73 -7.31
N LYS A 204 8.35 50.06 -6.72
CA LYS A 204 7.88 48.79 -7.25
C LYS A 204 6.82 48.98 -8.34
N HIS A 205 7.14 49.85 -9.30
CA HIS A 205 6.36 50.07 -10.50
C HIS A 205 7.14 49.65 -11.73
N VAL A 206 8.14 48.80 -11.55
CA VAL A 206 8.90 48.25 -12.65
C VAL A 206 8.09 47.17 -13.35
N LYS A 207 8.60 46.70 -14.49
CA LYS A 207 7.93 45.67 -15.27
C LYS A 207 7.86 44.36 -14.48
N GLY A 208 6.71 43.69 -14.59
CA GLY A 208 6.39 42.56 -13.76
C GLY A 208 5.20 42.82 -12.87
N TYR A 209 5.09 44.01 -12.31
CA TYR A 209 3.91 44.40 -11.55
C TYR A 209 2.78 44.77 -12.51
N HIS A 210 1.55 44.59 -12.04
CA HIS A 210 0.39 45.04 -12.80
C HIS A 210 -0.54 45.78 -11.86
N TYR A 211 -1.13 46.86 -12.37
CA TYR A 211 -1.99 47.71 -11.55
C TYR A 211 -3.30 47.97 -12.28
N ILE A 212 -4.39 47.76 -11.57
CA ILE A 212 -5.72 48.04 -12.10
C ILE A 212 -6.40 49.08 -11.21
N ILE A 213 -6.84 50.18 -11.83
CA ILE A 213 -7.49 51.26 -11.11
C ILE A 213 -9.00 51.11 -11.31
N ALA A 214 -9.74 51.16 -10.21
CA ALA A 214 -11.15 50.77 -10.24
C ALA A 214 -12.09 51.95 -10.04
N ASN A 215 -11.81 53.05 -10.71
CA ASN A 215 -12.77 54.14 -10.81
C ASN A 215 -12.90 54.53 -12.28
N LEU A 216 -13.86 55.41 -12.56
CA LEU A 216 -14.04 55.86 -13.94
C LEU A 216 -12.98 56.89 -14.32
N GLY A 217 -12.31 57.47 -13.35
CA GLY A 217 -11.30 58.47 -13.64
C GLY A 217 -9.93 57.89 -13.91
N PHE A 218 -9.81 57.06 -14.95
CA PHE A 218 -8.50 56.59 -15.37
C PHE A 218 -7.64 57.73 -15.88
N THR A 219 -8.24 58.65 -16.64
CA THR A 219 -7.50 59.80 -17.14
C THR A 219 -7.32 60.85 -16.05
N ASP A 220 -8.07 60.77 -14.95
CA ASP A 220 -7.99 61.79 -13.92
C ASP A 220 -6.77 61.63 -13.02
N GLY A 221 -6.07 60.50 -13.13
CA GLY A 221 -4.90 60.30 -12.30
C GLY A 221 -3.65 60.91 -12.89
N ASP A 222 -2.52 60.62 -12.24
CA ASP A 222 -1.21 61.05 -12.72
C ASP A 222 -0.65 59.96 -13.63
N LEU A 223 -0.98 60.05 -14.90
CA LEU A 223 -0.59 59.01 -15.86
C LEU A 223 0.87 59.12 -16.23
N LEU A 224 1.42 60.33 -16.25
CA LEU A 224 2.76 60.56 -16.78
C LEU A 224 3.83 60.02 -15.86
N LYS A 225 3.56 60.02 -14.56
CA LYS A 225 4.59 59.73 -13.57
C LYS A 225 4.92 58.24 -13.53
N ILE A 226 4.00 57.38 -13.96
CA ILE A 226 4.26 55.98 -14.16
C ILE A 226 3.92 55.54 -15.57
N GLN A 227 3.93 56.48 -16.52
CA GLN A 227 3.88 56.11 -17.93
C GLN A 227 5.13 55.34 -18.34
N PHE A 228 6.27 55.69 -17.75
CA PHE A 228 7.55 55.10 -18.12
C PHE A 228 8.16 54.31 -16.96
N GLY A 229 7.38 54.01 -15.93
CA GLY A 229 7.94 53.33 -14.78
C GLY A 229 8.20 51.85 -14.99
N GLY A 230 7.43 51.21 -15.87
CA GLY A 230 7.64 49.83 -16.20
C GLY A 230 6.45 48.92 -15.99
N ALA A 231 5.69 49.11 -14.92
CA ALA A 231 4.55 48.24 -14.64
C ALA A 231 3.40 48.54 -15.58
N GLU A 232 2.51 47.56 -15.72
CA GLU A 232 1.38 47.71 -16.63
C GLU A 232 0.16 48.21 -15.87
N VAL A 233 -0.40 49.32 -16.36
CA VAL A 233 -1.54 49.96 -15.73
C VAL A 233 -2.71 49.92 -16.68
N SER A 234 -3.83 49.38 -16.21
CA SER A 234 -5.03 49.27 -17.02
C SER A 234 -6.20 49.73 -16.18
N GLY A 235 -7.11 50.50 -16.78
CA GLY A 235 -8.20 51.04 -15.99
C GLY A 235 -9.45 51.24 -16.81
N PHE A 236 -10.40 51.96 -16.22
CA PHE A 236 -11.68 52.23 -16.84
C PHE A 236 -11.88 53.73 -16.98
N GLN A 237 -12.23 54.18 -18.18
CA GLN A 237 -12.58 55.56 -18.41
C GLN A 237 -13.93 55.62 -19.12
N ILE A 238 -14.84 56.41 -18.56
CA ILE A 238 -16.15 56.60 -19.17
C ILE A 238 -16.16 57.82 -20.07
N VAL A 239 -15.23 58.75 -19.88
CA VAL A 239 -15.19 59.99 -20.65
C VAL A 239 -14.28 59.70 -21.85
N ASP A 240 -14.90 59.32 -22.96
CA ASP A 240 -14.16 59.06 -24.19
C ASP A 240 -13.86 60.39 -24.88
N TYR A 241 -12.61 60.81 -24.81
CA TYR A 241 -12.20 62.09 -25.39
C TYR A 241 -12.15 62.04 -26.92
N ASP A 242 -12.26 60.86 -27.51
CA ASP A 242 -12.17 60.73 -28.96
C ASP A 242 -13.41 61.23 -29.68
N ASP A 243 -14.55 61.28 -28.99
CA ASP A 243 -15.79 61.68 -29.63
C ASP A 243 -15.81 63.19 -29.87
N SER A 244 -16.33 63.57 -31.04
CA SER A 244 -16.46 64.98 -31.38
C SER A 244 -17.48 65.68 -30.49
N LEU A 245 -18.55 64.96 -30.11
CA LEU A 245 -19.52 65.49 -29.16
C LEU A 245 -18.85 65.76 -27.81
N VAL A 246 -17.91 64.90 -27.43
CA VAL A 246 -17.09 65.17 -26.25
C VAL A 246 -16.09 66.28 -26.56
N SER A 247 -15.53 66.27 -27.77
CA SER A 247 -14.47 67.23 -28.12
C SER A 247 -15.02 68.64 -28.24
N LYS A 248 -16.20 68.80 -28.86
CA LYS A 248 -16.82 70.13 -28.95
C LYS A 248 -17.20 70.67 -27.59
N PHE A 249 -17.50 69.79 -26.63
CA PHE A 249 -17.61 70.22 -25.25
C PHE A 249 -16.28 70.73 -24.72
N ILE A 250 -15.20 69.97 -24.94
CA ILE A 250 -13.87 70.37 -24.48
C ILE A 250 -13.38 71.61 -25.22
N GLU A 251 -13.79 71.77 -26.49
CA GLU A 251 -13.57 73.02 -27.21
C GLU A 251 -14.25 74.20 -26.53
N ARG A 252 -15.37 73.95 -25.85
CA ARG A 252 -16.04 74.96 -25.05
C ARG A 252 -15.59 74.94 -23.60
N TRP A 253 -15.24 73.76 -23.07
CA TRP A 253 -14.85 73.62 -21.67
C TRP A 253 -13.50 74.27 -21.41
N SER A 254 -12.50 73.97 -22.23
CA SER A 254 -11.15 74.46 -22.00
C SER A 254 -11.03 75.96 -22.25
N THR A 255 -11.93 76.52 -23.04
CA THR A 255 -11.89 77.96 -23.30
C THR A 255 -12.63 78.76 -22.24
N LEU A 256 -13.14 78.11 -21.21
CA LEU A 256 -13.78 78.84 -20.11
C LEU A 256 -12.74 79.53 -19.26
N GLU A 257 -13.18 80.52 -18.50
CA GLU A 257 -12.31 81.18 -17.54
C GLU A 257 -12.03 80.27 -16.36
N GLU A 258 -10.75 80.08 -16.06
CA GLU A 258 -10.36 79.26 -14.92
C GLU A 258 -10.63 79.96 -13.60
N LYS A 259 -10.59 81.29 -13.58
CA LYS A 259 -10.87 82.02 -12.35
C LYS A 259 -12.36 82.01 -12.02
N GLU A 260 -13.22 82.27 -13.01
CA GLU A 260 -14.66 82.20 -12.80
C GLU A 260 -15.12 80.76 -12.58
N TYR A 261 -14.62 79.83 -13.39
CA TYR A 261 -14.97 78.42 -13.27
C TYR A 261 -13.70 77.67 -12.92
N PRO A 262 -13.49 77.34 -11.64
CA PRO A 262 -12.27 76.63 -11.25
C PRO A 262 -12.25 75.20 -11.75
N GLY A 263 -11.14 74.84 -12.39
CA GLY A 263 -10.98 73.53 -13.00
C GLY A 263 -11.55 73.41 -14.39
N ALA A 264 -11.88 74.52 -15.04
CA ALA A 264 -12.49 74.45 -16.36
C ALA A 264 -11.50 74.53 -17.50
N HIS A 265 -10.44 75.33 -17.36
CA HIS A 265 -9.57 75.68 -18.49
C HIS A 265 -8.69 74.50 -18.92
N THR A 266 -8.56 73.51 -18.04
CA THR A 266 -7.81 72.30 -18.34
C THR A 266 -8.54 71.50 -19.41
N ALA A 267 -7.76 70.86 -20.29
CA ALA A 267 -8.35 70.07 -21.36
C ALA A 267 -8.94 68.77 -20.82
N THR A 268 -8.44 68.29 -19.69
CA THR A 268 -9.02 67.14 -19.03
C THR A 268 -10.20 67.58 -18.18
N ILE A 269 -10.97 66.60 -17.72
CA ILE A 269 -12.15 66.84 -16.90
C ILE A 269 -12.43 65.57 -16.10
N LYS A 270 -12.89 65.75 -14.86
CA LYS A 270 -13.32 64.62 -14.05
C LYS A 270 -14.59 64.02 -14.61
N TYR A 271 -14.77 62.72 -14.38
CA TYR A 271 -15.99 62.05 -14.80
C TYR A 271 -17.18 62.51 -13.98
N THR A 272 -16.93 62.91 -12.73
CA THR A 272 -17.99 63.47 -11.89
C THR A 272 -18.49 64.79 -12.45
N SER A 273 -17.57 65.60 -13.00
CA SER A 273 -18.00 66.81 -13.69
C SER A 273 -18.71 66.48 -14.99
N ALA A 274 -18.33 65.38 -15.63
CA ALA A 274 -19.00 64.96 -16.86
C ALA A 274 -20.41 64.46 -16.56
N LEU A 275 -20.57 63.70 -15.47
CA LEU A 275 -21.89 63.23 -15.11
C LEU A 275 -22.77 64.35 -14.56
N THR A 276 -22.15 65.41 -14.01
CA THR A 276 -22.91 66.57 -13.57
C THR A 276 -23.48 67.33 -14.77
N TYR A 277 -22.66 67.51 -15.81
CA TYR A 277 -23.13 68.14 -17.03
C TYR A 277 -24.17 67.28 -17.74
N ASP A 278 -24.00 65.96 -17.70
CA ASP A 278 -24.98 65.07 -18.31
C ASP A 278 -26.28 65.02 -17.53
N ALA A 279 -26.22 65.28 -16.22
CA ALA A 279 -27.43 65.24 -15.40
C ALA A 279 -28.37 66.40 -15.74
N VAL A 280 -27.80 67.55 -16.09
CA VAL A 280 -28.61 68.69 -16.50
C VAL A 280 -29.31 68.39 -17.83
N GLN A 281 -28.63 67.65 -18.70
CA GLN A 281 -29.23 67.20 -19.96
C GLN A 281 -30.41 66.27 -19.71
N VAL A 282 -30.32 65.43 -18.68
CA VAL A 282 -31.44 64.56 -18.34
C VAL A 282 -32.56 65.35 -17.68
N MET A 283 -32.20 66.28 -16.77
CA MET A 283 -33.21 67.03 -16.03
C MET A 283 -33.93 68.04 -16.92
N THR A 284 -33.24 68.58 -17.93
CA THR A 284 -33.91 69.46 -18.88
C THR A 284 -34.89 68.68 -19.74
N GLU A 285 -34.44 67.54 -20.28
CA GLU A 285 -35.27 66.72 -21.16
C GLU A 285 -36.46 66.12 -20.40
N ALA A 286 -36.33 65.94 -19.09
CA ALA A 286 -37.48 65.53 -18.27
C ALA A 286 -38.55 66.61 -18.25
N PHE A 287 -38.17 67.83 -17.86
CA PHE A 287 -39.15 68.91 -17.81
C PHE A 287 -39.50 69.43 -19.20
N ARG A 288 -38.73 69.08 -20.23
CA ARG A 288 -39.21 69.26 -21.59
C ARG A 288 -40.31 68.27 -21.91
N ASN A 289 -40.27 67.09 -21.28
CA ASN A 289 -41.32 66.10 -21.51
C ASN A 289 -42.50 66.32 -20.58
N LEU A 290 -42.26 66.78 -19.35
CA LEU A 290 -43.36 67.15 -18.46
C LEU A 290 -44.13 68.34 -18.99
N ARG A 291 -43.45 69.26 -19.69
CA ARG A 291 -44.17 70.36 -20.31
C ARG A 291 -44.94 69.87 -21.52
N LYS A 292 -44.47 68.81 -22.17
CA LYS A 292 -45.25 68.19 -23.24
C LYS A 292 -46.38 67.33 -22.68
N GLN A 293 -46.11 66.58 -21.62
CA GLN A 293 -47.16 65.80 -20.97
C GLN A 293 -48.11 66.67 -20.16
N ARG A 294 -47.71 67.91 -19.85
CA ARG A 294 -48.56 68.96 -19.29
C ARG A 294 -49.11 68.59 -17.91
N ILE A 295 -48.34 67.80 -17.16
CA ILE A 295 -48.71 67.44 -15.80
C ILE A 295 -48.24 68.58 -14.90
N GLU A 296 -49.16 69.47 -14.55
CA GLU A 296 -48.76 70.67 -13.82
C GLU A 296 -48.53 70.34 -12.35
N ILE A 297 -47.34 70.74 -11.87
CA ILE A 297 -46.86 70.39 -10.54
C ILE A 297 -46.63 71.62 -9.68
N SER A 298 -47.46 72.66 -9.83
CA SER A 298 -47.17 73.96 -9.23
C SER A 298 -47.28 73.91 -7.71
N ARG A 299 -46.13 73.71 -7.06
CA ARG A 299 -46.08 73.63 -5.61
C ARG A 299 -45.36 74.83 -5.03
N ARG A 300 -45.97 75.42 -4.02
CA ARG A 300 -45.27 76.31 -3.09
C ARG A 300 -44.65 75.45 -1.98
N GLY A 301 -44.24 76.09 -0.89
CA GLY A 301 -43.82 75.30 0.27
C GLY A 301 -44.94 74.60 1.01
N ASN A 302 -45.72 73.76 0.32
CA ASN A 302 -46.74 72.93 0.95
C ASN A 302 -46.09 71.72 1.57
N ALA A 303 -44.92 71.35 1.04
CA ALA A 303 -44.10 70.32 1.66
C ALA A 303 -43.59 70.78 3.02
N GLY A 304 -42.91 71.93 3.07
CA GLY A 304 -42.64 72.64 4.30
C GLY A 304 -41.71 71.90 5.25
N ASP A 305 -42.27 71.57 6.41
CA ASP A 305 -41.51 70.83 7.42
C ASP A 305 -41.37 69.37 7.01
N CYS A 306 -40.14 68.86 7.10
CA CYS A 306 -39.88 67.44 6.94
C CYS A 306 -40.19 66.66 8.20
N LEU A 307 -40.45 67.33 9.32
CA LEU A 307 -40.81 66.68 10.57
C LEU A 307 -42.32 66.54 10.73
N ALA A 308 -43.08 66.67 9.64
CA ALA A 308 -44.51 66.44 9.70
C ALA A 308 -44.80 64.97 10.01
N ASN A 309 -45.61 64.75 11.03
CA ASN A 309 -45.79 63.41 11.59
C ASN A 309 -47.25 63.01 11.48
N PRO A 310 -47.61 62.14 10.52
CA PRO A 310 -46.77 61.68 9.41
C PRO A 310 -46.81 62.64 8.23
N ALA A 311 -45.70 62.79 7.52
CA ALA A 311 -45.67 63.62 6.33
C ALA A 311 -46.23 62.84 5.15
N VAL A 312 -47.33 63.34 4.60
CA VAL A 312 -47.89 62.75 3.37
C VAL A 312 -47.51 63.62 2.18
N PRO A 313 -46.72 63.09 1.25
CA PRO A 313 -46.23 63.93 0.14
C PRO A 313 -47.21 63.96 -1.02
N TRP A 314 -47.10 65.00 -1.83
CA TRP A 314 -47.88 65.11 -3.05
C TRP A 314 -47.38 64.09 -4.07
N GLY A 315 -48.30 63.22 -4.51
CA GLY A 315 -47.93 62.05 -5.27
C GLY A 315 -47.68 62.27 -6.75
N GLN A 316 -47.65 63.52 -7.20
CA GLN A 316 -47.30 63.79 -8.60
C GLN A 316 -45.82 63.59 -8.85
N GLY A 317 -45.01 63.58 -7.78
CA GLY A 317 -43.59 63.29 -7.92
C GLY A 317 -43.30 61.86 -8.34
N VAL A 318 -44.26 60.96 -8.15
CA VAL A 318 -44.12 59.57 -8.58
C VAL A 318 -44.02 59.50 -10.10
N GLU A 319 -44.89 60.24 -10.80
CA GLU A 319 -44.81 60.29 -12.25
C GLU A 319 -43.59 61.07 -12.72
N ILE A 320 -43.17 62.06 -11.92
CA ILE A 320 -41.91 62.76 -12.17
C ILE A 320 -40.74 61.79 -12.07
N GLU A 321 -40.79 60.88 -11.09
CA GLU A 321 -39.81 59.80 -11.00
C GLU A 321 -39.89 58.88 -12.21
N ARG A 322 -41.11 58.61 -12.69
CA ARG A 322 -41.29 57.74 -13.85
C ARG A 322 -40.76 58.40 -15.11
N ALA A 323 -41.11 59.66 -15.34
CA ALA A 323 -40.69 60.34 -16.56
C ALA A 323 -39.20 60.64 -16.55
N LEU A 324 -38.60 60.74 -15.38
CA LEU A 324 -37.14 60.72 -15.29
C LEU A 324 -36.59 59.38 -15.73
N LYS A 325 -37.20 58.28 -15.29
CA LYS A 325 -36.75 56.96 -15.70
C LYS A 325 -37.12 56.62 -17.13
N GLN A 326 -38.01 57.40 -17.75
CA GLN A 326 -38.30 57.24 -19.17
C GLN A 326 -37.30 57.96 -20.07
N VAL A 327 -36.34 58.68 -19.49
CA VAL A 327 -35.40 59.44 -20.30
C VAL A 327 -34.39 58.51 -20.96
N GLN A 328 -34.30 58.57 -22.29
CA GLN A 328 -33.24 57.90 -23.04
C GLN A 328 -32.60 58.95 -23.94
N VAL A 329 -31.51 59.53 -23.47
CA VAL A 329 -30.76 60.53 -24.22
C VAL A 329 -29.31 60.10 -24.32
N GLU A 330 -28.61 60.67 -25.30
CA GLU A 330 -27.17 60.48 -25.39
C GLU A 330 -26.46 61.51 -24.52
N GLY A 331 -25.18 61.28 -24.28
CA GLY A 331 -24.42 62.20 -23.47
C GLY A 331 -22.94 61.94 -23.58
N LEU A 332 -22.20 62.50 -22.62
CA LEU A 332 -20.76 62.29 -22.56
C LEU A 332 -20.44 60.86 -22.17
N SER A 333 -21.33 60.20 -21.43
CA SER A 333 -21.19 58.80 -21.07
C SER A 333 -21.94 57.87 -22.02
N GLY A 334 -22.09 58.27 -23.28
CA GLY A 334 -22.83 57.44 -24.21
C GLY A 334 -24.33 57.55 -24.01
N ASN A 335 -25.02 56.45 -24.31
CA ASN A 335 -26.47 56.42 -24.14
C ASN A 335 -26.81 56.33 -22.66
N ILE A 336 -27.85 57.05 -22.26
CA ILE A 336 -28.29 57.11 -20.88
C ILE A 336 -29.70 56.54 -20.81
N LYS A 337 -29.81 55.27 -20.44
CA LYS A 337 -31.11 54.62 -20.28
C LYS A 337 -31.21 54.17 -18.83
N PHE A 338 -32.43 54.24 -18.29
CA PHE A 338 -32.67 53.94 -16.88
C PHE A 338 -33.55 52.71 -16.74
N ASP A 339 -33.41 52.04 -15.60
CA ASP A 339 -34.34 51.01 -15.21
C ASP A 339 -35.52 51.61 -14.45
N GLN A 340 -36.29 50.74 -13.81
CA GLN A 340 -37.34 51.22 -12.92
C GLN A 340 -36.81 51.50 -11.52
N ASN A 341 -35.52 51.30 -11.28
CA ASN A 341 -34.93 51.51 -9.97
C ASN A 341 -33.97 52.69 -9.93
N GLY A 342 -33.76 53.37 -11.05
CA GLY A 342 -32.84 54.49 -11.10
C GLY A 342 -31.44 54.16 -11.55
N LYS A 343 -31.13 52.88 -11.73
CA LYS A 343 -29.81 52.50 -12.18
C LYS A 343 -29.70 52.68 -13.69
N ARG A 344 -28.48 52.93 -14.15
CA ARG A 344 -28.30 53.19 -15.57
C ARG A 344 -28.11 51.89 -16.34
N ILE A 345 -28.71 51.85 -17.52
CA ILE A 345 -28.62 50.71 -18.43
C ILE A 345 -28.35 51.22 -19.83
N ASN A 346 -28.07 50.29 -20.74
CA ASN A 346 -27.71 50.51 -22.14
C ASN A 346 -26.53 51.49 -22.26
N TYR A 347 -25.54 51.34 -21.40
CA TYR A 347 -24.35 52.17 -21.43
C TYR A 347 -23.17 51.36 -21.96
N THR A 348 -21.99 51.97 -21.95
CA THR A 348 -20.78 51.36 -22.48
C THR A 348 -19.58 51.91 -21.73
N ILE A 349 -18.80 51.02 -21.11
CA ILE A 349 -17.61 51.40 -20.38
C ILE A 349 -16.40 51.10 -21.24
N ASN A 350 -15.55 52.11 -21.44
CA ASN A 350 -14.39 51.96 -22.30
C ASN A 350 -13.19 51.50 -21.49
N ILE A 351 -12.66 50.34 -21.84
CA ILE A 351 -11.46 49.82 -21.19
C ILE A 351 -10.25 50.56 -21.76
N MET A 352 -9.52 51.22 -20.87
CA MET A 352 -8.33 51.95 -21.26
C MET A 352 -7.10 51.31 -20.65
N GLU A 353 -5.99 51.35 -21.37
CA GLU A 353 -4.71 50.86 -20.86
C GLU A 353 -3.65 51.92 -21.04
N LEU A 354 -2.86 52.13 -19.98
CA LEU A 354 -1.74 53.05 -20.05
C LEU A 354 -0.60 52.39 -20.80
N LYS A 355 -0.14 53.07 -21.85
CA LYS A 355 0.97 52.57 -22.66
C LYS A 355 2.10 53.58 -22.61
N THR A 356 3.11 53.35 -23.45
CA THR A 356 4.24 54.27 -23.54
C THR A 356 3.81 55.62 -24.11
N ASN A 357 2.90 55.61 -25.09
CA ASN A 357 2.39 56.86 -25.65
C ASN A 357 1.26 57.46 -24.83
N GLY A 358 0.81 56.78 -23.76
CA GLY A 358 -0.25 57.28 -22.94
C GLY A 358 -1.38 56.28 -22.77
N PRO A 359 -2.59 56.78 -22.48
CA PRO A 359 -3.74 55.89 -22.38
C PRO A 359 -4.13 55.35 -23.75
N ARG A 360 -4.72 54.16 -23.74
CA ARG A 360 -5.03 53.48 -24.99
C ARG A 360 -6.21 52.55 -24.78
N LYS A 361 -7.20 52.67 -25.67
CA LYS A 361 -8.36 51.80 -25.64
C LYS A 361 -8.05 50.47 -26.33
N ILE A 362 -8.36 49.38 -25.64
CA ILE A 362 -8.29 48.05 -26.25
C ILE A 362 -9.67 47.53 -26.56
N GLY A 363 -10.71 48.20 -26.12
CA GLY A 363 -12.07 47.72 -26.32
C GLY A 363 -13.01 48.36 -25.34
N TYR A 364 -14.22 47.81 -25.29
CA TYR A 364 -15.31 48.37 -24.51
C TYR A 364 -16.12 47.26 -23.86
N TRP A 365 -16.78 47.61 -22.75
CA TRP A 365 -17.67 46.71 -22.04
C TRP A 365 -19.06 47.32 -21.97
N SER A 366 -20.08 46.49 -22.18
CA SER A 366 -21.45 46.89 -21.89
C SER A 366 -22.13 45.79 -21.10
N GLU A 367 -23.36 46.08 -20.67
CA GLU A 367 -24.00 45.33 -19.60
C GLU A 367 -24.39 43.90 -20.00
N VAL A 368 -24.92 43.71 -21.19
CA VAL A 368 -25.22 42.37 -21.71
C VAL A 368 -24.49 42.13 -23.02
N ASP A 369 -24.19 43.20 -23.74
CA ASP A 369 -23.22 43.14 -24.82
C ASP A 369 -21.81 43.31 -24.30
N LYS A 370 -21.22 42.26 -23.75
CA LYS A 370 -20.14 42.35 -22.76
C LYS A 370 -18.80 42.69 -23.43
N MET A 371 -17.72 42.54 -22.67
CA MET A 371 -16.41 43.09 -23.01
C MET A 371 -15.88 42.59 -24.35
N VAL A 372 -15.83 43.50 -25.31
CA VAL A 372 -15.39 43.20 -26.67
C VAL A 372 -14.10 43.96 -26.92
N LEU A 373 -13.02 43.24 -27.16
CA LEU A 373 -11.77 43.86 -27.56
C LEU A 373 -11.89 44.44 -28.97
N THR A 374 -11.25 45.58 -29.18
CA THR A 374 -11.34 46.29 -30.45
C THR A 374 -9.90 46.51 -30.92
N GLU A 375 -9.69 46.49 -32.21
CA GLU A 375 -8.34 46.11 -32.59
C GLU A 375 -7.70 46.86 -33.75
N ASP A 376 -8.50 47.25 -34.74
CA ASP A 376 -8.23 46.92 -36.14
C ASP A 376 -6.79 47.10 -36.61
N ASP A 377 -6.33 48.34 -36.81
CA ASP A 377 -4.94 48.76 -37.02
C ASP A 377 -4.22 48.14 -38.24
N THR A 378 -4.78 47.07 -38.80
CA THR A 378 -4.31 46.41 -40.01
C THR A 378 -5.51 45.99 -40.86
N SER A 379 -6.68 45.87 -40.22
CA SER A 379 -7.92 45.33 -40.78
C SER A 379 -7.74 43.90 -41.29
N GLY A 380 -6.91 43.13 -40.58
CA GLY A 380 -6.80 41.71 -40.84
C GLY A 380 -6.07 41.38 -42.13
N LEU A 381 -6.25 40.13 -42.59
CA LEU A 381 -5.90 39.58 -43.90
C LEU A 381 -4.39 39.41 -44.10
N GLU A 382 -3.58 39.86 -43.14
CA GLU A 382 -2.13 39.77 -43.26
C GLU A 382 -1.63 38.35 -43.03
N GLN A 383 -0.32 38.15 -43.19
CA GLN A 383 0.32 36.84 -43.11
C GLN A 383 0.33 36.25 -41.70
N LYS A 384 0.31 37.09 -40.66
CA LYS A 384 0.27 36.70 -39.25
C LYS A 384 1.40 35.74 -38.87
N THR A 385 2.64 36.25 -38.89
CA THR A 385 3.82 35.44 -38.58
C THR A 385 3.74 34.86 -37.18
N VAL A 386 3.72 33.54 -37.11
CA VAL A 386 3.40 32.81 -35.89
C VAL A 386 4.65 32.76 -35.02
N VAL A 387 4.52 33.43 -33.84
CA VAL A 387 5.64 33.49 -32.91
C VAL A 387 5.88 32.11 -32.30
N VAL A 388 7.05 31.54 -32.60
CA VAL A 388 7.40 30.21 -32.12
C VAL A 388 8.39 30.41 -30.98
N THR A 389 7.92 30.28 -29.74
CA THR A 389 8.82 30.32 -28.62
C THR A 389 9.56 29.00 -28.48
N THR A 390 10.81 29.09 -28.02
CA THR A 390 11.67 27.92 -27.90
C THR A 390 12.82 28.24 -26.96
N ILE A 391 13.63 27.22 -26.69
CA ILE A 391 14.82 27.34 -25.87
C ILE A 391 16.01 26.80 -26.65
N LEU A 392 17.16 27.45 -26.49
CA LEU A 392 18.40 27.02 -27.16
C LEU A 392 18.88 25.73 -26.52
N GLU A 393 18.58 24.61 -27.17
CA GLU A 393 19.00 23.30 -26.70
C GLU A 393 19.54 22.50 -27.88
N SER A 394 20.70 21.90 -27.70
CA SER A 394 21.23 21.01 -28.72
C SER A 394 20.61 19.63 -28.55
N PRO A 395 20.27 18.93 -29.65
CA PRO A 395 20.32 19.38 -31.04
C PRO A 395 18.97 19.87 -31.52
N TYR A 396 18.22 20.52 -30.65
CA TYR A 396 16.84 20.90 -30.98
C TYR A 396 16.79 22.31 -31.56
N VAL A 397 17.36 23.28 -30.85
CA VAL A 397 17.51 24.65 -31.34
C VAL A 397 18.93 25.10 -31.04
N MET A 398 19.71 25.39 -32.08
CA MET A 398 21.11 25.75 -31.93
C MET A 398 21.40 27.01 -32.72
N MET A 399 22.56 27.61 -32.43
CA MET A 399 22.99 28.78 -33.16
C MET A 399 23.89 28.39 -34.33
N LYS A 400 23.84 29.19 -35.40
CA LYS A 400 24.73 28.98 -36.52
C LYS A 400 26.14 29.44 -36.14
N LYS A 401 27.13 28.93 -36.89
CA LYS A 401 28.47 29.50 -36.79
C LYS A 401 28.52 30.89 -37.39
N ASN A 402 27.68 31.14 -38.41
CA ASN A 402 27.56 32.44 -39.06
C ASN A 402 26.15 32.99 -38.88
N HIS A 403 25.65 32.96 -37.64
CA HIS A 403 24.34 33.49 -37.33
C HIS A 403 24.29 35.00 -37.52
N GLU A 404 25.43 35.69 -37.38
CA GLU A 404 25.49 37.10 -37.72
C GLU A 404 25.36 37.31 -39.22
N MET A 405 25.80 36.33 -40.02
CA MET A 405 25.64 36.40 -41.47
C MET A 405 24.23 36.03 -41.91
N LEU A 406 23.42 35.49 -41.01
CA LEU A 406 22.05 35.12 -41.30
C LEU A 406 21.10 36.04 -40.53
N GLU A 407 19.81 35.89 -40.78
CA GLU A 407 18.80 36.77 -40.20
C GLU A 407 17.57 35.99 -39.80
N GLY A 408 17.11 36.25 -38.57
CA GLY A 408 15.83 35.76 -38.11
C GLY A 408 15.82 34.26 -37.88
N ASN A 409 14.94 33.58 -38.62
CA ASN A 409 14.78 32.15 -38.48
C ASN A 409 15.96 31.40 -39.08
N GLU A 410 16.72 32.05 -39.97
CA GLU A 410 17.90 31.42 -40.56
C GLU A 410 19.02 31.28 -39.54
N ARG A 411 19.02 32.12 -38.50
CA ARG A 411 20.09 32.12 -37.51
C ARG A 411 20.04 30.89 -36.61
N TYR A 412 18.93 30.17 -36.64
CA TYR A 412 18.69 29.07 -35.73
C TYR A 412 18.71 27.76 -36.51
N GLU A 413 19.04 26.68 -35.81
CA GLU A 413 19.14 25.37 -36.45
C GLU A 413 18.91 24.29 -35.41
N GLY A 414 18.51 23.12 -35.87
CA GLY A 414 18.34 22.00 -34.96
C GLY A 414 17.15 21.16 -35.34
N TYR A 415 16.80 20.26 -34.42
CA TYR A 415 15.73 19.30 -34.66
C TYR A 415 14.37 19.98 -34.70
N CYS A 416 14.09 20.83 -33.71
CA CYS A 416 12.80 21.51 -33.66
C CYS A 416 12.70 22.59 -34.72
N VAL A 417 13.84 23.04 -35.25
CA VAL A 417 13.85 24.08 -36.27
C VAL A 417 13.34 23.51 -37.59
N ASP A 418 13.76 22.29 -37.93
CA ASP A 418 13.24 21.65 -39.14
C ASP A 418 11.78 21.26 -38.96
N LEU A 419 11.38 20.97 -37.73
CA LEU A 419 9.98 20.69 -37.45
C LEU A 419 9.12 21.93 -37.66
N ALA A 420 9.67 23.11 -37.36
CA ALA A 420 8.94 24.35 -37.55
C ALA A 420 8.68 24.65 -39.02
N ALA A 421 9.56 24.17 -39.90
CA ALA A 421 9.31 24.29 -41.32
C ALA A 421 8.19 23.36 -41.76
N GLU A 422 8.08 22.20 -41.13
CA GLU A 422 7.13 21.19 -41.58
C GLU A 422 5.71 21.53 -41.16
N ILE A 423 5.55 22.19 -40.01
CA ILE A 423 4.23 22.66 -39.61
C ILE A 423 3.77 23.78 -40.52
N ALA A 424 4.71 24.64 -40.94
CA ALA A 424 4.40 25.67 -41.93
C ALA A 424 4.09 25.06 -43.29
N LYS A 425 4.74 23.94 -43.62
CA LYS A 425 4.37 23.21 -44.83
C LYS A 425 3.03 22.52 -44.66
N HIS A 426 2.67 22.18 -43.42
CA HIS A 426 1.40 21.52 -43.16
C HIS A 426 0.25 22.50 -42.99
N CYS A 427 0.46 23.56 -42.20
CA CYS A 427 -0.64 24.46 -41.85
C CYS A 427 -0.62 25.79 -42.59
N GLY A 428 0.43 26.10 -43.34
CA GLY A 428 0.44 27.28 -44.18
C GLY A 428 0.52 28.60 -43.44
N PHE A 429 1.67 28.89 -42.84
CA PHE A 429 1.84 30.12 -42.09
C PHE A 429 3.30 30.53 -42.11
N LYS A 430 3.54 31.83 -41.95
CA LYS A 430 4.88 32.31 -41.65
C LYS A 430 5.14 32.18 -40.16
N TYR A 431 6.42 32.08 -39.80
CA TYR A 431 6.75 31.75 -38.43
C TYR A 431 7.91 32.62 -37.97
N LYS A 432 7.98 32.81 -36.66
CA LYS A 432 9.08 33.55 -36.04
C LYS A 432 9.60 32.75 -34.87
N LEU A 433 10.80 32.20 -35.02
CA LEU A 433 11.44 31.49 -33.94
C LEU A 433 11.99 32.48 -32.92
N THR A 434 11.49 32.41 -31.70
CA THR A 434 11.93 33.33 -30.64
C THR A 434 12.49 32.51 -29.49
N ILE A 435 13.66 32.92 -29.01
CA ILE A 435 14.27 32.26 -27.86
C ILE A 435 13.59 32.78 -26.60
N VAL A 436 13.35 31.88 -25.64
CA VAL A 436 12.71 32.28 -24.39
C VAL A 436 13.66 33.17 -23.59
N GLY A 437 13.11 34.19 -22.95
CA GLY A 437 13.92 35.19 -22.28
C GLY A 437 14.59 34.69 -21.02
N ASP A 438 13.82 34.13 -20.09
CA ASP A 438 14.39 33.71 -18.81
C ASP A 438 15.17 32.40 -18.91
N GLY A 439 15.07 31.68 -20.02
CA GLY A 439 15.70 30.39 -20.16
C GLY A 439 14.97 29.27 -19.45
N LYS A 440 13.77 29.52 -18.94
CA LYS A 440 12.99 28.50 -18.26
C LYS A 440 12.11 27.74 -19.24
N TYR A 441 11.77 26.51 -18.88
CA TYR A 441 10.91 25.71 -19.74
C TYR A 441 9.44 26.06 -19.56
N GLY A 442 9.12 26.91 -18.61
CA GLY A 442 7.72 27.22 -18.40
C GLY A 442 7.17 26.54 -17.16
N ALA A 443 7.92 26.62 -16.07
CA ALA A 443 7.47 26.10 -14.80
C ALA A 443 6.43 27.04 -14.19
N ARG A 444 5.75 26.57 -13.15
CA ARG A 444 4.81 27.41 -12.43
C ARG A 444 5.46 27.86 -11.12
N ASP A 445 5.23 29.11 -10.75
CA ASP A 445 5.64 29.58 -9.44
C ASP A 445 4.74 28.95 -8.38
N ALA A 446 5.26 28.81 -7.17
CA ALA A 446 4.43 28.39 -6.05
C ALA A 446 3.96 29.56 -5.21
N ASP A 447 4.64 30.71 -5.30
CA ASP A 447 4.29 31.87 -4.50
C ASP A 447 3.32 32.76 -5.27
N THR A 448 3.75 33.28 -6.42
CA THR A 448 2.87 34.12 -7.21
C THR A 448 1.91 33.28 -8.04
N LYS A 449 2.21 31.99 -8.20
CA LYS A 449 1.52 31.07 -9.11
C LYS A 449 1.47 31.62 -10.53
N ILE A 450 2.59 32.22 -10.93
CA ILE A 450 2.77 32.77 -12.27
C ILE A 450 3.70 31.86 -13.05
N TRP A 451 3.24 31.40 -14.21
CA TRP A 451 4.08 30.61 -15.08
C TRP A 451 5.21 31.47 -15.64
N ASN A 452 6.42 31.00 -15.50
CA ASN A 452 7.55 31.63 -16.16
C ASN A 452 7.74 30.97 -17.52
N GLY A 453 8.90 31.21 -18.13
CA GLY A 453 9.37 30.46 -19.27
C GLY A 453 8.50 30.56 -20.52
N MET A 454 8.50 29.47 -21.26
CA MET A 454 7.74 29.41 -22.51
C MET A 454 6.25 29.35 -22.25
N VAL A 455 5.84 28.68 -21.17
CA VAL A 455 4.42 28.58 -20.82
C VAL A 455 3.89 29.96 -20.42
N GLY A 456 4.68 30.71 -19.65
CA GLY A 456 4.32 32.09 -19.36
C GLY A 456 4.30 32.97 -20.59
N GLU A 457 5.07 32.60 -21.62
CA GLU A 457 4.93 33.28 -22.90
C GLU A 457 3.71 32.78 -23.67
N LEU A 458 3.27 31.54 -23.43
CA LEU A 458 2.10 31.02 -24.12
C LEU A 458 0.80 31.41 -23.42
N VAL A 459 0.77 31.36 -22.10
CA VAL A 459 -0.44 31.68 -21.35
C VAL A 459 -0.76 33.17 -21.46
N TYR A 460 0.26 34.02 -21.32
CA TYR A 460 0.05 35.46 -21.21
C TYR A 460 0.03 36.14 -22.56
N GLY A 461 -0.16 35.40 -23.64
CA GLY A 461 -0.28 35.97 -24.97
C GLY A 461 1.01 36.45 -25.60
N LYS A 462 2.16 36.25 -24.93
CA LYS A 462 3.42 36.72 -25.48
C LYS A 462 3.86 35.88 -26.67
N ALA A 463 3.56 34.59 -26.66
CA ALA A 463 3.98 33.68 -27.72
C ALA A 463 2.77 33.09 -28.41
N ASP A 464 2.93 32.76 -29.69
CA ASP A 464 1.81 32.21 -30.45
C ASP A 464 1.77 30.69 -30.39
N ILE A 465 2.94 30.04 -30.38
CA ILE A 465 3.02 28.58 -30.37
C ILE A 465 4.39 28.22 -29.82
N ALA A 466 4.55 26.97 -29.36
CA ALA A 466 5.82 26.46 -28.89
C ALA A 466 6.20 25.22 -29.66
N ILE A 467 7.39 25.22 -30.25
CA ILE A 467 7.99 24.04 -30.86
C ILE A 467 9.33 23.84 -30.15
N ALA A 468 9.33 23.00 -29.12
CA ALA A 468 10.42 22.97 -28.17
C ALA A 468 10.38 21.66 -27.39
N PRO A 469 11.49 21.24 -26.79
CA PRO A 469 11.45 20.09 -25.89
C PRO A 469 10.71 20.40 -24.61
N LEU A 470 9.38 20.32 -24.65
CA LEU A 470 8.55 20.62 -23.50
C LEU A 470 7.93 19.32 -23.01
N THR A 471 8.26 18.94 -21.78
CA THR A 471 7.74 17.72 -21.20
C THR A 471 6.27 17.87 -20.86
N ILE A 472 5.45 16.99 -21.39
CA ILE A 472 4.01 17.03 -21.16
C ILE A 472 3.72 16.54 -19.75
N THR A 473 3.23 17.43 -18.90
CA THR A 473 2.85 17.07 -17.54
C THR A 473 1.37 17.35 -17.36
N LEU A 474 0.88 17.07 -16.15
CA LEU A 474 -0.52 17.34 -15.84
C LEU A 474 -0.78 18.83 -15.67
N VAL A 475 0.05 19.50 -14.88
CA VAL A 475 -0.19 20.90 -14.54
C VAL A 475 0.04 21.83 -15.71
N ARG A 476 0.83 21.41 -16.70
CA ARG A 476 1.01 22.20 -17.90
C ARG A 476 -0.21 22.16 -18.81
N GLU A 477 -0.90 21.01 -18.88
CA GLU A 477 -2.11 20.93 -19.68
C GLU A 477 -3.28 21.65 -19.00
N GLU A 478 -3.14 21.94 -17.71
CA GLU A 478 -4.18 22.69 -16.99
C GLU A 478 -4.31 24.12 -17.48
N VAL A 479 -3.28 24.66 -18.14
CA VAL A 479 -3.33 26.02 -18.63
C VAL A 479 -3.21 26.13 -20.14
N ILE A 480 -2.55 25.20 -20.83
CA ILE A 480 -2.41 25.24 -22.28
C ILE A 480 -2.76 23.87 -22.84
N ASP A 481 -2.64 23.74 -24.15
CA ASP A 481 -3.02 22.51 -24.84
C ASP A 481 -1.83 21.95 -25.60
N PHE A 482 -1.41 20.75 -25.22
CA PHE A 482 -0.40 20.03 -25.99
C PHE A 482 -1.04 19.33 -27.18
N SER A 483 -0.22 19.04 -28.18
CA SER A 483 -0.59 18.08 -29.20
C SER A 483 -0.25 16.67 -28.72
N LYS A 484 -0.40 15.71 -29.61
CA LYS A 484 0.10 14.37 -29.31
C LYS A 484 1.62 14.40 -29.29
N PRO A 485 2.27 13.55 -28.48
CA PRO A 485 3.72 13.59 -28.38
C PRO A 485 4.39 13.11 -29.66
N PHE A 486 5.43 13.83 -30.06
CA PHE A 486 6.24 13.46 -31.21
C PHE A 486 7.47 12.66 -30.82
N MET A 487 7.78 12.57 -29.53
CA MET A 487 9.00 11.92 -29.11
C MET A 487 8.84 11.35 -27.72
N SER A 488 8.63 10.04 -27.63
CA SER A 488 8.60 9.37 -26.35
C SER A 488 10.01 9.26 -25.79
N LEU A 489 10.11 9.32 -24.46
CA LEU A 489 11.41 9.28 -23.80
C LEU A 489 11.19 8.85 -22.36
N GLY A 490 12.29 8.77 -21.63
CA GLY A 490 12.26 8.45 -20.21
C GLY A 490 13.63 8.65 -19.62
N ILE A 491 13.70 8.43 -18.31
CA ILE A 491 14.98 8.55 -17.61
C ILE A 491 15.86 7.37 -18.02
N SER A 492 17.09 7.69 -18.41
CA SER A 492 18.03 6.69 -18.90
C SER A 492 19.29 6.73 -18.07
N ILE A 493 20.06 5.65 -18.15
CA ILE A 493 21.25 5.47 -17.31
C ILE A 493 22.47 5.74 -18.18
N MET A 494 23.11 6.88 -17.97
CA MET A 494 24.40 7.15 -18.57
C MET A 494 25.52 6.65 -17.67
N ILE A 495 26.30 5.70 -18.18
CA ILE A 495 27.51 5.24 -17.52
C ILE A 495 28.67 5.41 -18.49
N LYS A 496 29.87 5.17 -17.98
CA LYS A 496 31.06 5.20 -18.82
C LYS A 496 31.02 4.02 -19.79
N LYS A 497 31.36 4.43 -21.02
CA LYS A 497 31.61 3.40 -22.01
C LYS A 497 32.81 2.57 -21.56
N PRO A 498 32.80 1.25 -21.77
CA PRO A 498 33.92 0.42 -21.32
C PRO A 498 35.22 0.79 -22.01
N GLN A 499 36.22 1.09 -21.18
CA GLN A 499 37.44 1.72 -21.64
C GLN A 499 38.29 0.75 -22.45
N LYS A 500 39.06 1.31 -23.37
CA LYS A 500 39.98 0.56 -24.22
C LYS A 500 41.36 0.92 -23.70
N SER A 501 41.77 0.24 -22.63
CA SER A 501 43.07 0.46 -21.99
C SER A 501 43.82 -0.86 -22.09
N LYS A 502 44.43 -1.08 -23.24
CA LYS A 502 45.12 -2.34 -23.46
C LYS A 502 46.53 -2.26 -22.92
N PRO A 503 46.88 -3.11 -21.95
CA PRO A 503 48.00 -2.81 -21.06
C PRO A 503 49.33 -3.28 -21.62
N GLY A 504 50.38 -2.61 -21.25
CA GLY A 504 51.64 -2.67 -21.97
C GLY A 504 52.77 -3.37 -21.24
N VAL A 505 53.94 -2.70 -21.19
CA VAL A 505 55.20 -3.33 -20.79
C VAL A 505 55.22 -3.65 -19.31
N PHE A 506 55.11 -2.62 -18.45
CA PHE A 506 55.16 -2.84 -17.01
C PHE A 506 53.90 -3.52 -16.49
N SER A 507 52.84 -3.54 -17.28
CA SER A 507 51.55 -4.06 -16.83
C SER A 507 51.45 -5.58 -17.00
N PHE A 508 52.36 -6.17 -17.78
CA PHE A 508 52.44 -7.62 -17.82
C PHE A 508 52.92 -8.19 -16.49
N LEU A 509 53.75 -7.43 -15.78
CA LEU A 509 54.40 -7.86 -14.55
C LEU A 509 53.49 -7.71 -13.34
N ASP A 510 52.17 -7.60 -13.52
CA ASP A 510 51.24 -7.41 -12.41
C ASP A 510 51.13 -8.59 -11.45
N PRO A 511 50.90 -9.86 -11.87
CA PRO A 511 50.56 -10.89 -10.86
C PRO A 511 51.69 -11.29 -9.93
N LEU A 512 52.91 -10.84 -10.20
CA LEU A 512 54.05 -11.09 -9.33
C LEU A 512 54.74 -9.77 -9.05
N ALA A 513 54.92 -9.43 -7.77
CA ALA A 513 55.33 -8.09 -7.40
C ALA A 513 56.80 -7.84 -7.72
N TYR A 514 57.15 -6.54 -7.77
CA TYR A 514 58.46 -6.13 -8.28
C TYR A 514 59.59 -6.56 -7.34
N GLU A 515 59.32 -6.63 -6.04
CA GLU A 515 60.31 -7.20 -5.13
C GLU A 515 60.46 -8.69 -5.36
N ILE A 516 59.39 -9.36 -5.74
CA ILE A 516 59.45 -10.79 -5.99
C ILE A 516 60.13 -11.05 -7.34
N TRP A 517 60.06 -10.11 -8.28
CA TRP A 517 60.81 -10.24 -9.53
C TRP A 517 62.31 -10.18 -9.28
N MET A 518 62.74 -9.41 -8.28
CA MET A 518 64.16 -9.28 -8.00
C MET A 518 64.66 -10.46 -7.18
N CYS A 519 63.84 -10.95 -6.25
CA CYS A 519 64.27 -12.00 -5.34
C CYS A 519 64.22 -13.37 -6.00
N ILE A 520 63.44 -13.51 -7.07
CA ILE A 520 63.45 -14.79 -7.80
C ILE A 520 64.74 -14.92 -8.60
N VAL A 521 65.39 -13.80 -8.92
CA VAL A 521 66.63 -13.83 -9.69
C VAL A 521 67.82 -13.84 -8.76
N PHE A 522 67.66 -13.26 -7.56
CA PHE A 522 68.74 -13.24 -6.58
C PHE A 522 69.00 -14.64 -6.01
N ALA A 523 67.95 -15.37 -5.62
CA ALA A 523 68.13 -16.73 -5.14
C ALA A 523 68.41 -17.71 -6.26
N TYR A 524 68.22 -17.27 -7.51
CA TYR A 524 68.52 -18.11 -8.67
C TYR A 524 70.01 -18.36 -8.80
N ILE A 525 70.84 -17.32 -8.67
CA ILE A 525 72.27 -17.47 -8.89
C ILE A 525 72.96 -18.09 -7.68
N GLY A 526 72.29 -18.08 -6.52
CA GLY A 526 72.87 -18.71 -5.34
C GLY A 526 72.87 -20.22 -5.39
N VAL A 527 72.05 -20.81 -6.26
CA VAL A 527 71.96 -22.26 -6.37
C VAL A 527 73.05 -22.80 -7.29
N SER A 528 73.40 -22.04 -8.33
CA SER A 528 74.23 -22.57 -9.41
C SER A 528 75.69 -22.73 -9.01
N VAL A 529 76.11 -22.09 -7.92
CA VAL A 529 77.50 -22.21 -7.49
C VAL A 529 77.75 -23.57 -6.83
N VAL A 530 76.68 -24.22 -6.36
CA VAL A 530 76.83 -25.48 -5.65
C VAL A 530 77.14 -26.62 -6.62
N LEU A 531 76.54 -26.59 -7.81
CA LEU A 531 76.71 -27.67 -8.77
C LEU A 531 78.05 -27.61 -9.48
N PHE A 532 78.80 -26.51 -9.32
CA PHE A 532 80.13 -26.42 -9.90
C PHE A 532 81.12 -27.31 -9.19
N LEU A 533 80.87 -27.64 -7.93
CA LEU A 533 81.76 -28.52 -7.17
C LEU A 533 81.55 -29.99 -7.50
N VAL A 534 80.51 -30.31 -8.29
CA VAL A 534 80.26 -31.71 -8.63
C VAL A 534 81.22 -32.19 -9.71
N SER A 535 81.17 -31.56 -10.89
CA SER A 535 82.02 -31.97 -12.01
C SER A 535 83.40 -31.33 -11.90
N ILE A 564 79.48 -22.14 -11.45
CA ILE A 564 80.13 -20.84 -11.51
C ILE A 564 80.33 -20.42 -12.95
N PHE A 565 80.79 -21.35 -13.78
CA PHE A 565 81.01 -21.10 -15.20
C PHE A 565 80.07 -21.92 -16.08
N ASN A 566 79.82 -23.18 -15.73
CA ASN A 566 78.95 -24.02 -16.53
C ASN A 566 77.52 -24.05 -15.97
N SER A 567 77.39 -24.19 -14.65
CA SER A 567 76.10 -24.46 -14.03
C SER A 567 75.18 -23.24 -13.97
N LEU A 568 75.66 -22.08 -14.45
CA LEU A 568 74.78 -20.92 -14.62
C LEU A 568 73.68 -21.22 -15.63
N TRP A 569 74.01 -21.96 -16.69
CA TRP A 569 72.97 -22.39 -17.62
C TRP A 569 72.28 -23.66 -17.12
N PHE A 570 72.95 -24.45 -16.29
CA PHE A 570 72.28 -25.62 -15.73
C PHE A 570 71.34 -25.23 -14.60
N SER A 571 71.49 -24.01 -14.08
CA SER A 571 70.43 -23.41 -13.28
C SER A 571 69.25 -22.98 -14.14
N LEU A 572 69.51 -22.63 -15.41
CA LEU A 572 68.42 -22.43 -16.35
C LEU A 572 67.84 -23.76 -16.81
N GLY A 573 68.65 -24.83 -16.74
CA GLY A 573 68.10 -26.17 -16.91
C GLY A 573 67.15 -26.55 -15.80
N ALA A 574 67.36 -26.01 -14.60
CA ALA A 574 66.39 -26.14 -13.52
C ALA A 574 65.58 -24.87 -13.30
N PHE A 575 65.43 -24.02 -14.32
CA PHE A 575 64.70 -22.77 -14.13
C PHE A 575 63.20 -23.02 -14.07
N MET A 576 62.59 -23.51 -15.15
CA MET A 576 61.25 -24.07 -15.03
C MET A 576 61.20 -25.50 -15.54
N GLN A 577 61.54 -25.64 -16.81
CA GLN A 577 61.51 -26.86 -17.62
C GLN A 577 62.89 -27.14 -18.20
N GLN A 578 62.95 -27.98 -19.24
CA GLN A 578 64.17 -28.32 -19.99
C GLN A 578 65.19 -29.01 -19.09
N GLY A 579 64.87 -30.25 -18.71
CA GLY A 579 65.73 -31.04 -17.83
C GLY A 579 67.17 -31.14 -18.30
N CYS A 580 68.11 -30.69 -17.47
CA CYS A 580 69.47 -30.47 -17.89
C CYS A 580 70.25 -31.78 -18.01
N ASP A 581 71.45 -31.69 -18.58
CA ASP A 581 72.21 -32.89 -18.91
C ASP A 581 73.15 -33.30 -17.77
N ILE A 582 73.72 -32.35 -17.04
CA ILE A 582 74.51 -32.69 -15.87
C ILE A 582 73.57 -33.17 -14.77
N SER A 583 73.77 -34.40 -14.33
CA SER A 583 72.95 -35.00 -13.28
C SER A 583 73.86 -35.36 -12.10
N PRO A 584 73.86 -34.55 -11.04
CA PRO A 584 74.59 -34.94 -9.82
C PRO A 584 73.87 -36.08 -9.12
N ARG A 585 74.18 -37.30 -9.56
CA ARG A 585 73.38 -38.53 -9.47
C ARG A 585 72.73 -38.78 -8.12
N SER A 586 73.50 -38.97 -7.05
CA SER A 586 72.89 -39.30 -5.77
C SER A 586 73.56 -38.61 -4.59
N LEU A 587 74.41 -37.61 -4.87
CA LEU A 587 75.06 -36.87 -3.80
C LEU A 587 74.23 -35.63 -3.45
N SER A 588 74.83 -34.69 -2.72
CA SER A 588 74.11 -33.52 -2.23
C SER A 588 73.61 -32.62 -3.35
N GLY A 589 74.24 -32.68 -4.53
CA GLY A 589 73.76 -31.90 -5.65
C GLY A 589 72.43 -32.39 -6.20
N ARG A 590 72.09 -33.65 -5.94
CA ARG A 590 70.75 -34.14 -6.25
C ARG A 590 69.71 -33.46 -5.37
N ILE A 591 70.08 -33.15 -4.13
CA ILE A 591 69.17 -32.42 -3.24
C ILE A 591 69.09 -30.96 -3.66
N VAL A 592 70.24 -30.36 -4.00
CA VAL A 592 70.27 -28.98 -4.48
C VAL A 592 69.56 -28.87 -5.82
N GLY A 593 69.71 -29.88 -6.67
CA GLY A 593 69.02 -29.87 -7.94
C GLY A 593 67.54 -30.19 -7.82
N GLY A 594 67.11 -30.69 -6.67
CA GLY A 594 65.71 -31.05 -6.50
C GLY A 594 64.88 -29.96 -5.85
N VAL A 595 65.46 -29.24 -4.89
CA VAL A 595 64.70 -28.30 -4.08
C VAL A 595 64.36 -27.04 -4.87
N TRP A 596 65.35 -26.47 -5.57
CA TRP A 596 65.09 -25.30 -6.41
C TRP A 596 64.15 -25.66 -7.56
N TRP A 597 64.30 -26.86 -8.10
CA TRP A 597 63.33 -27.38 -9.05
C TRP A 597 61.95 -27.53 -8.43
N PHE A 598 61.89 -27.95 -7.16
CA PHE A 598 60.62 -27.99 -6.46
C PHE A 598 60.11 -26.59 -6.16
N PHE A 599 61.04 -25.65 -5.93
CA PHE A 599 60.68 -24.28 -5.59
C PHE A 599 60.02 -23.55 -6.75
N THR A 600 60.48 -23.82 -7.97
CA THR A 600 60.05 -23.02 -9.10
C THR A 600 58.72 -23.51 -9.67
N LEU A 601 58.34 -24.76 -9.43
CA LEU A 601 57.06 -25.26 -9.91
C LEU A 601 55.93 -24.73 -9.05
N ILE A 602 56.25 -24.28 -7.84
CA ILE A 602 55.28 -23.62 -6.98
C ILE A 602 54.83 -22.31 -7.59
N ILE A 603 55.78 -21.52 -8.10
CA ILE A 603 55.53 -20.13 -8.45
C ILE A 603 54.68 -20.02 -9.70
N ILE A 604 54.96 -21.06 -10.39
CA ILE A 604 54.34 -20.95 -11.71
C ILE A 604 52.94 -21.52 -11.71
N SER A 605 52.67 -22.52 -10.86
CA SER A 605 51.31 -23.04 -10.74
C SER A 605 50.41 -22.01 -10.07
N SER A 606 50.95 -21.28 -9.09
CA SER A 606 50.19 -20.20 -8.47
C SER A 606 50.03 -19.03 -9.42
N TYR A 607 50.99 -18.82 -10.31
CA TYR A 607 50.86 -17.77 -11.32
C TYR A 607 49.73 -18.09 -12.28
N THR A 608 49.53 -19.38 -12.57
CA THR A 608 48.43 -19.78 -13.43
C THR A 608 47.09 -19.58 -12.75
N ALA A 609 47.01 -19.92 -11.47
CA ALA A 609 45.74 -19.83 -10.75
C ALA A 609 45.39 -18.38 -10.44
N ASN A 610 46.40 -17.53 -10.26
CA ASN A 610 46.13 -16.11 -10.07
C ASN A 610 45.61 -15.48 -11.35
N LEU A 611 46.21 -15.84 -12.48
CA LEU A 611 45.75 -15.31 -13.76
C LEU A 611 44.39 -15.88 -14.13
N ALA A 612 44.12 -17.12 -13.74
CA ALA A 612 42.79 -17.69 -13.91
C ALA A 612 41.78 -16.99 -13.02
N ALA A 613 42.22 -16.53 -11.84
CA ALA A 613 41.35 -15.74 -10.99
C ALA A 613 41.13 -14.35 -11.55
N PHE A 614 42.05 -13.90 -12.41
CA PHE A 614 41.90 -12.59 -13.03
C PHE A 614 40.87 -12.61 -14.14
N LEU A 615 41.09 -13.46 -15.15
CA LEU A 615 40.31 -13.39 -16.39
C LEU A 615 38.89 -13.88 -16.18
N THR A 616 38.67 -14.73 -15.19
CA THR A 616 37.32 -15.20 -14.90
C THR A 616 36.48 -14.09 -14.30
N VAL A 617 36.96 -13.50 -13.19
CA VAL A 617 36.25 -12.43 -12.49
C VAL A 617 36.12 -11.21 -13.40
N GLU A 618 37.11 -10.97 -14.27
CA GLU A 618 36.98 -9.94 -15.29
C GLU A 618 35.82 -10.23 -16.24
N ARG A 619 35.65 -11.48 -16.63
CA ARG A 619 34.50 -11.86 -17.44
C ARG A 619 33.27 -12.19 -16.62
N MET A 620 33.41 -12.45 -15.31
CA MET A 620 32.24 -12.63 -14.46
C MET A 620 31.48 -11.32 -14.26
N VAL A 621 32.17 -10.18 -14.29
CA VAL A 621 31.51 -8.92 -14.07
C VAL A 621 30.70 -8.54 -15.30
N SER A 622 29.41 -8.39 -15.13
CA SER A 622 28.52 -7.92 -16.19
C SER A 622 28.39 -6.41 -16.04
N PRO A 623 28.38 -5.65 -17.13
CA PRO A 623 27.96 -4.25 -17.04
C PRO A 623 26.49 -4.18 -16.65
N ILE A 624 26.16 -3.17 -15.86
CA ILE A 624 24.79 -2.99 -15.41
C ILE A 624 23.93 -2.50 -16.57
N GLU A 625 22.70 -3.02 -16.64
CA GLU A 625 21.77 -2.51 -17.64
C GLU A 625 20.55 -1.90 -17.00
N SER A 626 19.98 -2.51 -15.94
CA SER A 626 18.80 -1.92 -15.32
C SER A 626 19.18 -1.13 -14.08
N ALA A 627 18.25 -0.30 -13.63
CA ALA A 627 18.45 0.45 -12.39
C ALA A 627 18.22 -0.42 -11.16
N GLU A 628 17.63 -1.61 -11.34
CA GLU A 628 17.50 -2.56 -10.25
C GLU A 628 18.87 -3.07 -9.80
N ASP A 629 19.84 -3.07 -10.71
CA ASP A 629 21.22 -3.33 -10.36
C ASP A 629 21.77 -2.27 -9.41
N LEU A 630 21.36 -1.01 -9.61
CA LEU A 630 21.80 0.05 -8.73
C LEU A 630 21.15 -0.06 -7.35
N SER A 631 19.96 -0.65 -7.28
CA SER A 631 19.39 -1.02 -5.99
C SER A 631 20.06 -2.26 -5.43
N LYS A 632 20.76 -3.01 -6.28
CA LYS A 632 21.43 -4.24 -5.86
C LYS A 632 22.89 -4.00 -5.52
N GLN A 633 23.60 -3.18 -6.29
CA GLN A 633 24.99 -2.90 -6.00
C GLN A 633 25.11 -1.57 -5.30
N THR A 634 26.31 -1.29 -4.78
CA THR A 634 26.61 -0.03 -4.14
C THR A 634 27.98 0.51 -4.52
N GLU A 635 28.74 -0.22 -5.34
CA GLU A 635 30.09 0.24 -5.68
C GLU A 635 30.07 1.37 -6.69
N ILE A 636 29.20 1.30 -7.68
CA ILE A 636 29.04 2.37 -8.66
C ILE A 636 27.96 3.30 -8.16
N ALA A 637 28.33 4.55 -7.90
CA ALA A 637 27.35 5.54 -7.46
C ALA A 637 26.52 6.01 -8.66
N TYR A 638 25.47 6.77 -8.35
CA TYR A 638 24.52 7.20 -9.36
C TYR A 638 23.75 8.39 -8.82
N GLY A 639 23.47 9.34 -9.68
CA GLY A 639 22.76 10.52 -9.25
C GLY A 639 22.00 11.16 -10.39
N THR A 640 21.25 12.20 -10.03
CA THR A 640 20.52 13.04 -10.97
C THR A 640 21.01 14.47 -10.81
N LEU A 641 20.33 15.40 -11.48
CA LEU A 641 20.62 16.80 -11.29
C LEU A 641 20.08 17.24 -9.92
N ASP A 642 20.70 18.28 -9.35
CA ASP A 642 20.34 18.72 -8.01
C ASP A 642 18.96 19.36 -7.94
N SER A 643 18.37 19.69 -9.08
CA SER A 643 17.02 20.25 -9.14
C SER A 643 16.39 19.85 -10.48
N GLY A 644 15.13 19.43 -10.42
CA GLY A 644 14.43 19.06 -11.63
C GLY A 644 13.38 18.01 -11.35
N SER A 645 12.61 17.69 -12.40
CA SER A 645 11.55 16.70 -12.29
C SER A 645 12.11 15.30 -12.12
N THR A 646 13.31 15.05 -12.65
CA THR A 646 13.94 13.74 -12.53
C THR A 646 14.29 13.43 -11.08
N LYS A 647 14.91 14.39 -10.39
CA LYS A 647 15.13 14.26 -8.95
C LYS A 647 13.80 14.19 -8.21
N GLU A 648 12.82 14.98 -8.65
CA GLU A 648 11.49 14.95 -8.08
C GLU A 648 10.81 13.61 -8.31
N PHE A 649 11.13 12.94 -9.42
CA PHE A 649 10.52 11.65 -9.75
C PHE A 649 10.88 10.58 -8.73
N PHE A 650 12.18 10.48 -8.39
CA PHE A 650 12.59 9.51 -7.38
C PHE A 650 12.10 9.91 -6.00
N ARG A 651 11.98 11.23 -5.76
CA ARG A 651 11.43 11.72 -4.52
C ARG A 651 9.96 11.36 -4.36
N ARG A 652 9.25 11.22 -5.48
CA ARG A 652 7.83 10.97 -5.48
C ARG A 652 7.47 9.49 -5.66
N SER A 653 8.36 8.70 -6.28
CA SER A 653 8.01 7.36 -6.74
C SER A 653 7.74 6.41 -5.58
N LYS A 654 6.77 5.52 -5.79
CA LYS A 654 6.36 4.55 -4.79
C LYS A 654 6.85 3.15 -5.10
N ILE A 655 7.42 2.93 -6.29
CA ILE A 655 8.02 1.64 -6.62
C ILE A 655 9.27 1.45 -5.77
N ALA A 656 9.41 0.25 -5.19
CA ALA A 656 10.40 0.02 -4.15
C ALA A 656 11.82 0.07 -4.69
N VAL A 657 12.01 -0.22 -5.98
CA VAL A 657 13.33 -0.06 -6.59
C VAL A 657 13.68 1.42 -6.69
N PHE A 658 12.76 2.22 -7.21
CA PHE A 658 12.99 3.66 -7.32
C PHE A 658 13.02 4.33 -5.96
N ASP A 659 12.31 3.77 -4.98
CA ASP A 659 12.32 4.33 -3.64
C ASP A 659 13.66 4.04 -2.97
N LYS A 660 14.21 2.85 -3.18
CA LYS A 660 15.51 2.49 -2.61
C LYS A 660 16.63 3.31 -3.23
N MET A 661 16.52 3.60 -4.53
CA MET A 661 17.49 4.47 -5.18
C MET A 661 17.45 5.87 -4.60
N TRP A 662 16.25 6.39 -4.36
CA TRP A 662 16.11 7.69 -3.71
C TRP A 662 16.55 7.64 -2.26
N THR A 663 16.35 6.51 -1.59
CA THR A 663 16.85 6.32 -0.24
C THR A 663 18.38 6.36 -0.23
N TYR A 664 19.00 5.78 -1.25
CA TYR A 664 20.45 5.83 -1.39
C TYR A 664 20.92 7.24 -1.70
N MET A 665 20.24 7.92 -2.63
CA MET A 665 20.75 9.20 -3.11
C MET A 665 20.54 10.31 -2.08
N ARG A 666 19.51 10.21 -1.25
CA ARG A 666 19.39 11.16 -0.14
C ARG A 666 20.40 10.85 0.96
N SER A 667 20.89 9.61 1.00
CA SER A 667 21.94 9.23 1.93
C SER A 667 23.31 9.21 1.28
N ALA A 668 23.41 9.61 0.02
CA ALA A 668 24.68 9.58 -0.69
C ALA A 668 25.60 10.69 -0.21
N GLU A 669 26.65 10.31 0.50
CA GLU A 669 27.68 11.22 0.95
C GLU A 669 29.03 10.74 0.46
N PRO A 670 29.71 11.49 -0.41
CA PRO A 670 29.43 12.82 -0.99
C PRO A 670 28.27 12.86 -1.97
N SER A 671 27.74 14.06 -2.22
CA SER A 671 26.47 14.20 -2.92
C SER A 671 26.61 13.84 -4.39
N VAL A 672 25.81 12.86 -4.82
CA VAL A 672 25.74 12.49 -6.23
C VAL A 672 25.02 13.53 -7.08
N PHE A 673 24.30 14.45 -6.45
CA PHE A 673 23.55 15.44 -7.21
C PHE A 673 24.47 16.54 -7.72
N VAL A 674 24.53 16.66 -9.04
CA VAL A 674 25.39 17.64 -9.70
C VAL A 674 24.57 18.89 -9.98
N ARG A 675 25.26 19.99 -10.26
CA ARG A 675 24.57 21.27 -10.37
C ARG A 675 24.20 21.59 -11.81
N THR A 676 25.05 21.25 -12.77
CA THR A 676 24.71 21.35 -14.17
C THR A 676 24.73 19.95 -14.78
N THR A 677 24.13 19.82 -15.95
CA THR A 677 24.11 18.53 -16.64
C THR A 677 25.52 18.15 -17.11
N ALA A 678 26.28 19.14 -17.57
CA ALA A 678 27.66 18.88 -18.01
C ALA A 678 28.56 18.53 -16.83
N GLU A 679 28.20 18.99 -15.62
CA GLU A 679 28.88 18.51 -14.42
C GLU A 679 28.61 17.03 -14.20
N GLY A 680 27.38 16.59 -14.48
CA GLY A 680 27.09 15.17 -14.41
C GLY A 680 27.78 14.39 -15.52
N VAL A 681 28.08 15.06 -16.64
CA VAL A 681 28.85 14.42 -17.69
C VAL A 681 30.29 14.18 -17.24
N ALA A 682 30.92 15.23 -16.68
CA ALA A 682 32.32 15.13 -16.30
C ALA A 682 32.52 14.24 -15.09
N ARG A 683 31.57 14.26 -14.15
CA ARG A 683 31.72 13.47 -12.92
C ARG A 683 31.65 11.97 -13.21
N VAL A 684 30.89 11.56 -14.21
CA VAL A 684 30.96 10.19 -14.72
C VAL A 684 32.31 9.94 -15.38
N ARG A 685 32.77 10.90 -16.18
CA ARG A 685 34.04 10.74 -16.91
C ARG A 685 35.23 10.72 -15.96
N LYS A 686 35.19 11.51 -14.89
CA LYS A 686 36.34 11.58 -13.99
C LYS A 686 36.36 10.42 -13.00
N SER A 687 35.19 9.92 -12.60
CA SER A 687 35.16 8.84 -11.62
C SER A 687 35.50 7.49 -12.23
N LYS A 688 35.59 7.41 -13.55
CA LYS A 688 35.96 6.20 -14.31
C LYS A 688 35.02 5.03 -14.03
N GLY A 689 33.75 5.23 -14.38
CA GLY A 689 32.78 4.16 -14.37
C GLY A 689 32.15 3.84 -13.03
N LYS A 690 32.73 4.30 -11.93
CA LYS A 690 32.14 4.02 -10.63
C LYS A 690 31.18 5.12 -10.18
N TYR A 691 30.80 6.01 -11.08
CA TYR A 691 29.69 6.93 -10.86
C TYR A 691 28.83 6.94 -12.11
N ALA A 692 27.55 6.65 -11.92
CA ALA A 692 26.59 6.70 -13.02
C ALA A 692 25.77 7.99 -12.91
N TYR A 693 24.94 8.21 -13.92
CA TYR A 693 24.13 9.43 -13.95
C TYR A 693 22.83 9.15 -14.70
N LEU A 694 21.77 9.81 -14.25
CA LEU A 694 20.43 9.60 -14.77
C LEU A 694 19.96 10.85 -15.50
N LEU A 695 19.63 10.71 -16.78
CA LEU A 695 19.26 11.89 -17.56
C LEU A 695 18.30 11.45 -18.65
N GLU A 696 17.87 12.43 -19.46
CA GLU A 696 16.84 12.19 -20.47
C GLU A 696 17.44 11.45 -21.66
N SER A 697 16.75 10.41 -22.11
CA SER A 697 17.31 9.42 -23.03
C SER A 697 17.66 10.01 -24.39
N THR A 698 16.90 11.00 -24.84
CA THR A 698 17.20 11.61 -26.13
C THR A 698 18.42 12.50 -26.04
N MET A 699 18.60 13.17 -24.89
CA MET A 699 19.84 13.88 -24.63
C MET A 699 20.97 12.90 -24.37
N ASN A 700 20.64 11.74 -23.78
CA ASN A 700 21.64 10.71 -23.53
C ASN A 700 22.12 10.10 -24.84
N GLU A 701 21.26 10.07 -25.86
CA GLU A 701 21.72 9.76 -27.21
C GLU A 701 22.75 10.77 -27.70
N TYR A 702 22.43 12.06 -27.55
CA TYR A 702 23.22 13.09 -28.20
C TYR A 702 24.57 13.29 -27.53
N ILE A 703 24.63 13.20 -26.20
CA ILE A 703 25.90 13.37 -25.50
C ILE A 703 26.82 12.18 -25.75
N GLU A 704 26.23 10.98 -25.92
CA GLU A 704 27.01 9.81 -26.30
C GLU A 704 27.59 9.97 -27.70
N GLN A 705 26.91 10.74 -28.56
CA GLN A 705 27.46 11.06 -29.87
C GLN A 705 28.57 12.10 -29.79
N ARG A 706 28.53 12.99 -28.81
CA ARG A 706 29.54 14.03 -28.70
C ARG A 706 30.83 13.47 -28.12
N LYS A 707 31.95 13.87 -28.72
CA LYS A 707 33.26 13.40 -28.28
C LYS A 707 33.60 13.99 -26.91
N PRO A 708 34.43 13.30 -26.09
CA PRO A 708 35.22 12.07 -26.22
C PRO A 708 34.44 10.75 -26.36
N CYS A 709 33.11 10.79 -26.19
CA CYS A 709 32.21 9.65 -26.35
C CYS A 709 32.52 8.53 -25.35
N ASP A 710 33.17 8.88 -24.24
CA ASP A 710 33.59 7.89 -23.25
C ASP A 710 32.45 7.46 -22.34
N THR A 711 31.29 8.08 -22.45
CA THR A 711 30.10 7.62 -21.76
C THR A 711 29.20 6.88 -22.73
N MET A 712 28.21 6.17 -22.18
CA MET A 712 27.26 5.47 -23.03
C MET A 712 25.95 5.30 -22.29
N LYS A 713 24.88 5.07 -23.06
CA LYS A 713 23.57 4.80 -22.49
C LYS A 713 23.32 3.30 -22.41
N VAL A 714 22.91 2.85 -21.23
CA VAL A 714 22.60 1.44 -21.01
C VAL A 714 21.16 1.32 -20.55
N GLY A 715 20.54 0.18 -20.83
CA GLY A 715 19.21 -0.11 -20.38
C GLY A 715 18.13 0.67 -21.11
N GLY A 716 16.89 0.33 -20.78
CA GLY A 716 15.74 1.05 -21.30
C GLY A 716 15.40 2.26 -20.46
N ASN A 717 14.25 2.84 -20.78
CA ASN A 717 13.77 3.98 -20.01
C ASN A 717 13.24 3.52 -18.66
N LEU A 718 13.35 4.40 -17.66
CA LEU A 718 12.76 4.11 -16.37
C LEU A 718 11.28 4.45 -16.35
N ASP A 719 10.85 5.36 -17.21
CA ASP A 719 9.46 5.76 -17.26
C ASP A 719 9.12 6.23 -18.67
N SER A 720 7.90 6.70 -18.84
CA SER A 720 7.46 7.21 -20.13
C SER A 720 7.20 8.70 -20.04
N LYS A 721 7.96 9.48 -20.79
CA LYS A 721 7.70 10.91 -20.93
C LYS A 721 7.72 11.27 -22.41
N GLY A 722 6.96 12.29 -22.76
CA GLY A 722 6.86 12.66 -24.16
C GLY A 722 6.99 14.13 -24.40
N TYR A 723 7.82 14.50 -25.38
CA TYR A 723 7.82 15.88 -25.86
C TYR A 723 6.71 16.05 -26.87
N GLY A 724 5.93 17.12 -26.70
CA GLY A 724 4.80 17.36 -27.57
C GLY A 724 4.64 18.83 -27.84
N ILE A 725 4.13 19.15 -29.02
CA ILE A 725 3.95 20.54 -29.42
C ILE A 725 2.79 21.14 -28.65
N ALA A 726 3.04 22.31 -28.05
CA ALA A 726 2.06 22.97 -27.21
C ALA A 726 1.57 24.24 -27.89
N THR A 727 0.28 24.52 -27.74
CA THR A 727 -0.35 25.75 -28.17
C THR A 727 -1.04 26.36 -26.96
N PRO A 728 -1.27 27.68 -26.97
CA PRO A 728 -2.14 28.27 -25.94
C PRO A 728 -3.55 27.70 -26.03
N LYS A 729 -4.19 27.60 -24.86
CA LYS A 729 -5.45 26.87 -24.76
C LYS A 729 -6.58 27.60 -25.46
N GLY A 730 -7.25 26.90 -26.36
CA GLY A 730 -8.31 27.50 -27.15
C GLY A 730 -7.86 28.12 -28.44
N SER A 731 -6.61 27.97 -28.84
CA SER A 731 -6.14 28.54 -30.09
C SER A 731 -6.67 27.75 -31.27
N SER A 732 -6.86 28.45 -32.40
CA SER A 732 -7.37 27.81 -33.60
C SER A 732 -6.32 26.91 -34.24
N LEU A 733 -5.04 27.21 -34.02
CA LEU A 733 -3.99 26.44 -34.66
C LEU A 733 -3.82 25.06 -34.03
N GLY A 734 -4.30 24.87 -32.80
CA GLY A 734 -4.07 23.67 -32.02
C GLY A 734 -4.49 22.35 -32.63
N THR A 735 -5.59 22.34 -33.37
CA THR A 735 -6.07 21.07 -33.92
C THR A 735 -5.32 20.63 -35.18
N PRO A 736 -5.06 21.46 -36.21
CA PRO A 736 -4.29 20.93 -37.36
C PRO A 736 -2.82 20.70 -37.03
N VAL A 737 -2.27 21.43 -36.06
CA VAL A 737 -0.93 21.14 -35.59
C VAL A 737 -0.89 19.77 -34.91
N ASN A 738 -1.94 19.45 -34.16
CA ASN A 738 -2.04 18.12 -33.55
C ASN A 738 -2.21 17.04 -34.61
N LEU A 739 -2.90 17.37 -35.71
CA LEU A 739 -2.96 16.45 -36.83
C LEU A 739 -1.64 16.39 -37.57
N ALA A 740 -0.85 17.46 -37.53
CA ALA A 740 0.44 17.47 -38.21
C ALA A 740 1.43 16.57 -37.51
N VAL A 741 1.31 16.41 -36.19
CA VAL A 741 2.17 15.50 -35.45
C VAL A 741 1.88 14.07 -35.85
N LEU A 742 0.59 13.72 -35.96
CA LEU A 742 0.21 12.38 -36.34
C LEU A 742 0.46 12.11 -37.82
N LYS A 743 0.71 13.15 -38.61
CA LYS A 743 1.10 12.95 -40.00
C LYS A 743 2.59 12.68 -40.12
N LEU A 744 3.42 13.47 -39.43
CA LEU A 744 4.86 13.36 -39.58
C LEU A 744 5.40 12.13 -38.86
N SER A 745 4.80 11.77 -37.72
CA SER A 745 5.17 10.54 -37.04
C SER A 745 4.77 9.32 -37.86
N GLU A 746 3.67 9.44 -38.60
CA GLU A 746 3.24 8.35 -39.48
C GLU A 746 4.20 8.15 -40.63
N GLN A 747 4.77 9.24 -41.15
CA GLN A 747 5.65 9.13 -42.31
C GLN A 747 7.11 8.96 -41.94
N GLY A 748 7.46 9.01 -40.66
CA GLY A 748 8.83 8.83 -40.24
C GLY A 748 9.76 9.96 -40.58
N VAL A 749 9.22 11.12 -40.95
CA VAL A 749 10.07 12.28 -41.24
C VAL A 749 10.71 12.78 -39.95
N LEU A 750 9.99 12.65 -38.83
CA LEU A 750 10.57 12.89 -37.52
C LEU A 750 11.75 11.97 -37.25
N ASP A 751 11.60 10.68 -37.60
CA ASP A 751 12.69 9.73 -37.42
C ASP A 751 13.82 9.99 -38.40
N LYS A 752 13.49 10.52 -39.58
CA LYS A 752 14.52 10.94 -40.53
C LYS A 752 15.29 12.14 -39.98
N LEU A 753 14.58 13.07 -39.34
CA LEU A 753 15.26 14.17 -38.68
C LEU A 753 15.93 13.72 -37.40
N LYS A 754 15.43 12.66 -36.77
CA LYS A 754 16.13 12.08 -35.64
C LYS A 754 17.42 11.42 -36.08
N ASN A 755 17.40 10.78 -37.26
CA ASN A 755 18.63 10.31 -37.87
C ASN A 755 19.53 11.46 -38.27
N LYS A 756 18.94 12.60 -38.65
CA LYS A 756 19.72 13.78 -38.98
C LYS A 756 20.35 14.39 -37.74
N TRP A 757 19.53 14.72 -36.75
CA TRP A 757 20.04 15.56 -35.67
C TRP A 757 20.65 14.76 -34.53
N TRP A 758 20.68 13.43 -34.63
CA TRP A 758 21.45 12.64 -33.67
C TRP A 758 22.54 11.82 -34.33
N TYR A 759 22.43 11.52 -35.63
CA TYR A 759 23.40 10.61 -36.22
C TYR A 759 24.06 11.21 -37.46
N ASP A 760 23.39 12.11 -38.16
CA ASP A 760 24.12 12.91 -39.13
C ASP A 760 24.80 14.08 -38.45
N LYS A 761 24.35 14.43 -37.25
CA LYS A 761 25.06 15.37 -36.39
C LYS A 761 25.94 14.66 -35.37
N GLY A 762 25.80 13.34 -35.23
CA GLY A 762 26.60 12.61 -34.27
C GLY A 762 28.05 12.47 -34.71
N GLU A 763 28.97 12.87 -33.82
CA GLU A 763 30.39 12.79 -34.12
C GLU A 763 30.91 11.37 -34.12
N CYS A 764 30.64 10.60 -33.07
CA CYS A 764 31.06 9.19 -33.01
C CYS A 764 30.03 8.30 -33.69
N GLY A 765 29.90 8.42 -35.01
CA GLY A 765 29.19 7.46 -35.81
C GLY A 765 27.71 7.75 -36.04
N ALA A 766 27.13 6.93 -36.91
CA ALA A 766 25.69 6.76 -37.00
C ALA A 766 25.36 5.29 -36.74
N LYS A 767 26.20 4.41 -37.26
CA LYS A 767 26.13 2.98 -36.98
C LYS A 767 27.38 2.48 -36.26
N ASP A 768 28.31 3.38 -35.93
CA ASP A 768 29.58 2.97 -35.33
C ASP A 768 29.43 2.61 -33.85
N SER A 769 28.25 2.82 -33.27
CA SER A 769 27.98 2.33 -31.92
C SER A 769 28.03 0.81 -31.86
N GLY A 770 27.62 0.14 -32.92
CA GLY A 770 27.73 -1.30 -33.02
C GLY A 770 29.07 -1.82 -33.49
N SER A 771 30.11 -0.98 -33.48
CA SER A 771 31.44 -1.41 -33.87
C SER A 771 32.30 -1.82 -32.69
N LYS A 772 31.85 -1.60 -31.46
CA LYS A 772 32.59 -2.07 -30.29
C LYS A 772 32.40 -3.57 -30.06
N GLU A 773 33.48 -4.34 -30.21
CA GLU A 773 33.45 -5.80 -30.10
C GLU A 773 33.08 -6.25 -28.69
N LYS A 774 32.19 -7.23 -28.59
CA LYS A 774 31.42 -7.46 -27.38
C LYS A 774 32.20 -8.20 -26.29
N THR A 775 32.55 -9.46 -26.54
CA THR A 775 33.20 -10.33 -25.56
C THR A 775 34.34 -11.14 -26.16
N SER A 776 35.25 -10.50 -26.89
CA SER A 776 36.29 -11.20 -27.67
C SER A 776 37.41 -11.65 -26.74
N ALA A 777 38.53 -12.15 -27.29
CA ALA A 777 39.52 -12.87 -26.50
C ALA A 777 40.71 -12.00 -26.15
N LEU A 778 41.77 -12.65 -25.63
CA LEU A 778 42.96 -12.01 -25.08
C LEU A 778 43.70 -11.21 -26.15
N SER A 779 44.19 -10.03 -25.77
CA SER A 779 44.79 -9.11 -26.72
C SER A 779 46.25 -9.45 -26.96
N LEU A 780 46.73 -9.10 -28.15
CA LEU A 780 48.16 -9.18 -28.46
C LEU A 780 48.97 -8.23 -27.60
N SER A 781 48.38 -7.11 -27.20
CA SER A 781 49.06 -6.11 -26.38
C SER A 781 49.35 -6.64 -24.98
N ASN A 782 48.58 -7.64 -24.52
CA ASN A 782 48.91 -8.35 -23.29
C ASN A 782 50.27 -9.03 -23.39
N VAL A 783 50.66 -9.41 -24.61
CA VAL A 783 51.93 -10.08 -24.81
C VAL A 783 52.90 -9.15 -25.58
N ALA A 784 52.60 -7.77 -25.59
CA ALA A 784 53.52 -6.89 -26.32
C ALA A 784 54.67 -6.42 -25.44
N GLY A 785 54.47 -6.42 -24.12
CA GLY A 785 55.56 -6.11 -23.21
C GLY A 785 56.60 -7.21 -23.12
N VAL A 786 56.25 -8.41 -23.57
CA VAL A 786 57.21 -9.51 -23.58
C VAL A 786 57.91 -9.57 -24.94
N PHE A 787 57.40 -8.86 -25.94
CA PHE A 787 58.07 -8.79 -27.24
C PHE A 787 59.37 -8.01 -27.18
N TYR A 788 59.43 -6.97 -26.35
CA TYR A 788 60.63 -6.14 -26.30
C TYR A 788 61.74 -6.84 -25.53
N ILE A 789 61.38 -7.77 -24.63
CA ILE A 789 62.40 -8.59 -23.98
C ILE A 789 62.66 -9.83 -24.82
N LEU A 790 61.76 -10.14 -25.77
CA LEU A 790 62.03 -11.19 -26.74
C LEU A 790 63.05 -10.73 -27.77
N VAL A 791 62.74 -9.64 -28.47
CA VAL A 791 63.63 -9.13 -29.51
C VAL A 791 64.88 -8.52 -28.89
N GLY A 792 64.74 -7.87 -27.73
CA GLY A 792 65.88 -7.27 -27.06
C GLY A 792 66.87 -8.29 -26.53
N GLY A 793 66.38 -9.49 -26.19
CA GLY A 793 67.30 -10.57 -25.85
C GLY A 793 68.01 -11.14 -27.06
N LEU A 794 67.39 -11.01 -28.24
CA LEU A 794 68.03 -11.49 -29.46
C LEU A 794 69.13 -10.55 -29.92
N GLY A 795 68.85 -9.25 -29.92
CA GLY A 795 69.85 -8.28 -30.38
C GLY A 795 71.01 -8.13 -29.40
N LEU A 796 70.75 -8.39 -28.11
CA LEU A 796 71.84 -8.41 -27.15
C LEU A 796 72.71 -9.65 -27.34
N ALA A 797 72.12 -10.75 -27.82
CA ALA A 797 72.88 -11.97 -28.05
C ALA A 797 73.74 -11.86 -29.31
N MET A 798 73.31 -11.04 -30.27
CA MET A 798 74.08 -10.87 -31.50
C MET A 798 75.36 -10.07 -31.25
N LEU A 799 75.38 -9.26 -30.19
CA LEU A 799 76.62 -8.63 -29.77
C LEU A 799 77.58 -9.66 -29.20
N VAL A 800 77.05 -10.66 -28.49
CA VAL A 800 77.88 -11.65 -27.81
C VAL A 800 78.54 -12.59 -28.82
N ALA A 801 77.80 -12.96 -29.87
CA ALA A 801 78.32 -13.91 -30.84
C ALA A 801 79.43 -13.31 -31.69
N LEU A 802 79.31 -12.02 -32.02
CA LEU A 802 80.30 -11.39 -32.89
C LEU A 802 81.60 -11.08 -32.14
N ILE A 803 81.52 -10.78 -30.85
CA ILE A 803 82.75 -10.51 -30.11
C ILE A 803 83.46 -11.82 -29.77
N GLU A 804 82.72 -12.90 -29.54
CA GLU A 804 83.34 -14.19 -29.27
C GLU A 804 83.93 -14.80 -30.53
N PHE A 805 83.52 -14.31 -31.70
CA PHE A 805 84.25 -14.60 -32.94
C PHE A 805 85.59 -13.89 -32.97
N CYS A 806 85.75 -12.82 -32.18
CA CYS A 806 87.04 -12.16 -32.06
C CYS A 806 87.78 -12.59 -30.81
N TYR A 807 87.09 -13.17 -29.82
CA TYR A 807 87.80 -13.79 -28.71
C TYR A 807 88.43 -15.12 -29.10
N LYS A 808 87.99 -15.71 -30.21
CA LYS A 808 88.65 -16.90 -30.73
C LYS A 808 89.79 -16.54 -31.68
N SER A 809 90.55 -15.51 -31.31
CA SER A 809 91.99 -15.55 -31.49
C SER A 809 92.70 -15.91 -30.19
N ARG A 810 92.10 -15.57 -29.05
CA ARG A 810 92.56 -16.04 -27.75
C ARG A 810 92.14 -17.47 -27.47
N ALA A 811 91.03 -17.92 -28.02
CA ALA A 811 90.55 -19.28 -27.83
C ALA A 811 90.43 -19.99 -29.17
N LYS A 821 101.10 -16.69 -11.29
CA LYS A 821 100.27 -16.86 -10.11
C LYS A 821 99.30 -15.69 -9.95
N THR A 822 99.20 -14.86 -10.97
CA THR A 822 98.30 -13.72 -10.90
C THR A 822 96.86 -14.11 -11.22
N SER A 823 96.64 -15.36 -11.65
CA SER A 823 95.29 -15.81 -11.97
C SER A 823 94.51 -16.16 -10.71
N ARG A 824 95.02 -17.11 -9.93
CA ARG A 824 94.26 -17.59 -8.77
C ARG A 824 94.35 -16.62 -7.60
N ARG A 825 95.38 -15.77 -7.57
CA ARG A 825 95.54 -14.86 -6.43
C ARG A 825 94.74 -13.58 -6.63
N GLY A 826 94.78 -13.01 -7.84
CA GLY A 826 94.11 -11.75 -8.08
C GLY A 826 92.59 -11.89 -8.10
N ARG A 827 92.10 -13.09 -8.41
CA ARG A 827 90.67 -13.34 -8.33
C ARG A 827 90.22 -13.61 -6.90
N ALA A 828 91.12 -14.19 -6.08
CA ALA A 828 90.78 -14.46 -4.69
C ALA A 828 90.81 -13.18 -3.87
N LEU A 829 91.72 -12.25 -4.21
CA LEU A 829 91.74 -10.95 -3.55
C LEU A 829 90.52 -10.12 -3.91
N LEU A 830 89.98 -10.32 -5.11
CA LEU A 830 88.72 -9.67 -5.48
C LEU A 830 87.56 -10.24 -4.67
N ALA A 831 87.63 -11.54 -4.34
CA ALA A 831 86.61 -12.15 -3.49
C ALA A 831 86.67 -11.58 -2.08
N VAL A 832 87.86 -11.21 -1.61
CA VAL A 832 87.96 -10.47 -0.37
C VAL A 832 87.43 -9.05 -0.57
N ALA A 833 87.68 -8.47 -1.74
CA ALA A 833 87.29 -7.08 -2.00
C ALA A 833 85.79 -6.94 -2.15
N LEU A 834 85.12 -7.96 -2.67
CA LEU A 834 83.66 -7.91 -2.77
C LEU A 834 83.01 -8.14 -1.41
N ASN A 835 83.67 -8.87 -0.51
CA ASN A 835 83.14 -9.05 0.84
C ASN A 835 83.23 -7.76 1.64
N LEU A 836 84.23 -6.92 1.32
CA LEU A 836 84.35 -5.62 1.99
C LEU A 836 83.21 -4.70 1.63
N LEU A 837 82.79 -4.71 0.36
CA LEU A 837 81.58 -3.98 -0.02
C LEU A 837 80.35 -4.63 0.59
N ALA A 838 80.35 -5.96 0.68
CA ALA A 838 79.22 -6.69 1.28
C ALA A 838 79.07 -6.36 2.75
N LEU A 839 80.18 -6.03 3.43
CA LEU A 839 80.11 -5.57 4.80
C LEU A 839 79.51 -4.16 4.89
N LEU A 840 79.83 -3.30 3.92
CA LEU A 840 79.42 -1.90 4.03
C LEU A 840 77.95 -1.71 3.70
N PHE A 841 77.41 -2.46 2.74
CA PHE A 841 75.98 -2.35 2.47
C PHE A 841 75.17 -3.07 3.53
N ALA A 842 75.79 -4.00 4.26
CA ALA A 842 75.15 -4.58 5.44
C ALA A 842 74.94 -3.54 6.53
N THR A 843 75.96 -2.71 6.76
CA THR A 843 75.83 -1.64 7.74
C THR A 843 74.99 -0.49 7.21
N THR A 844 74.82 -0.41 5.89
CA THR A 844 74.05 0.68 5.30
C THR A 844 72.57 0.53 5.60
N ALA A 845 72.01 -0.66 5.38
CA ALA A 845 70.62 -0.90 5.74
C ALA A 845 70.47 -1.26 7.21
N PHE A 846 71.56 -1.35 7.97
CA PHE A 846 71.47 -1.51 9.41
C PHE A 846 70.86 -0.28 10.06
N LEU A 847 71.09 0.90 9.48
CA LEU A 847 70.30 2.11 9.75
C LEU A 847 69.94 2.73 8.40
N THR A 848 68.73 2.41 7.93
CA THR A 848 68.21 3.05 6.73
C THR A 848 67.86 4.51 7.02
N THR A 849 68.25 5.40 6.10
CA THR A 849 67.92 6.82 6.22
C THR A 849 66.42 7.05 6.26
N TYR A 850 65.67 6.47 5.31
CA TYR A 850 64.22 6.37 5.43
C TYR A 850 63.78 5.18 4.59
N TRP A 851 63.08 4.23 5.22
CA TRP A 851 62.59 3.05 4.53
C TRP A 851 61.48 3.39 3.55
N CYS A 852 60.53 4.23 3.94
CA CYS A 852 59.44 4.63 3.06
C CYS A 852 59.15 6.09 3.27
N GLN A 853 58.83 6.77 2.17
CA GLN A 853 58.23 8.09 2.25
C GLN A 853 56.79 7.94 2.70
N GLY A 854 56.59 8.02 4.03
CA GLY A 854 55.28 7.77 4.59
C GLY A 854 54.36 8.95 4.41
N THR A 855 53.42 8.84 3.49
CA THR A 855 52.60 9.97 3.10
C THR A 855 51.18 9.79 3.59
N GLN A 856 50.73 10.76 4.39
CA GLN A 856 49.35 10.90 4.82
C GLN A 856 48.88 12.31 4.47
N ARG A 857 49.11 12.68 3.20
CA ARG A 857 48.87 14.03 2.71
C ARG A 857 47.36 14.29 2.65
N VAL A 858 46.82 14.73 3.78
CA VAL A 858 45.39 15.06 3.83
C VAL A 858 45.17 16.44 3.24
N PRO A 859 44.25 16.62 2.28
CA PRO A 859 44.00 17.95 1.70
C PRO A 859 43.24 18.85 2.67
N PHE A 905 42.47 18.05 7.41
CA PHE A 905 43.72 18.22 8.12
C PHE A 905 44.77 18.87 7.22
N GLN A 906 45.96 18.29 7.19
CA GLN A 906 47.05 18.84 6.40
C GLN A 906 47.96 17.71 5.96
N LEU A 907 49.06 18.08 5.29
CA LEU A 907 49.90 17.10 4.63
C LEU A 907 50.88 16.48 5.61
N ARG A 908 51.18 15.19 5.43
CA ARG A 908 52.07 14.47 6.32
C ARG A 908 53.09 13.68 5.51
N ARG A 909 54.37 13.81 5.90
CA ARG A 909 55.48 13.17 5.20
C ARG A 909 56.35 12.44 6.24
N PHE A 910 56.01 11.18 6.51
CA PHE A 910 56.88 10.36 7.34
C PHE A 910 58.07 9.90 6.51
N HIS A 911 59.26 9.95 7.11
CA HIS A 911 60.44 9.40 6.47
C HIS A 911 61.08 8.45 7.49
N THR A 912 60.52 7.26 7.58
CA THR A 912 60.82 6.33 8.66
C THR A 912 61.93 5.42 8.18
N GLY A 913 62.98 5.27 8.98
CA GLY A 913 64.07 4.37 8.62
C GLY A 913 63.69 2.91 8.81
N ILE A 914 64.73 2.08 8.98
CA ILE A 914 64.46 0.65 9.17
C ILE A 914 64.07 0.39 10.63
N TRP A 915 64.66 1.10 11.58
CA TRP A 915 64.31 0.97 12.99
C TRP A 915 63.77 2.27 13.55
N TYR A 916 64.49 3.38 13.39
CA TYR A 916 63.98 4.67 13.82
C TYR A 916 62.94 5.17 12.84
N SER A 917 61.77 5.54 13.36
CA SER A 917 60.68 6.07 12.55
C SER A 917 60.74 7.59 12.62
N CYS A 918 61.52 8.18 11.71
CA CYS A 918 61.57 9.63 11.66
C CYS A 918 60.33 10.17 10.95
N GLU A 919 59.96 11.41 11.28
CA GLU A 919 58.80 12.04 10.67
C GLU A 919 59.11 13.49 10.35
N GLU A 920 58.63 13.94 9.19
CA GLU A 920 59.01 15.26 8.70
C GLU A 920 57.90 15.89 7.87
N GLY A 926 60.75 21.87 11.56
CA GLY A 926 60.15 20.97 10.59
C GLY A 926 60.72 19.57 10.65
N GLU A 927 62.02 19.46 10.88
CA GLU A 927 62.67 18.16 10.98
C GLU A 927 62.40 17.55 12.35
N LYS A 928 62.22 16.23 12.37
CA LYS A 928 61.95 15.48 13.59
C LYS A 928 62.32 14.03 13.33
N CYS A 929 62.67 13.30 14.39
CA CYS A 929 62.87 11.87 14.27
C CYS A 929 62.57 11.16 15.59
N ARG A 930 61.91 10.01 15.48
CA ARG A 930 61.56 9.19 16.63
C ARG A 930 61.96 7.76 16.35
N SER A 931 61.83 6.90 17.36
CA SER A 931 62.14 5.49 17.20
C SER A 931 60.97 4.69 16.65
N PHE A 932 59.89 4.62 17.44
CA PHE A 932 58.71 3.77 17.18
C PHE A 932 59.08 2.33 16.83
N ILE A 933 60.06 1.76 17.53
CA ILE A 933 60.50 0.42 17.20
C ILE A 933 59.57 -0.59 17.88
N ASP A 934 59.46 -1.78 17.30
CA ASP A 934 58.77 -2.95 17.85
C ASP A 934 57.29 -2.69 18.10
N LEU A 935 56.51 -2.54 17.03
CA LEU A 935 55.06 -2.39 17.10
C LEU A 935 54.41 -3.73 17.50
N ALA A 936 53.09 -3.71 17.61
CA ALA A 936 52.26 -4.89 17.78
C ALA A 936 52.29 -5.73 16.50
N PRO A 937 51.86 -7.02 16.56
CA PRO A 937 51.47 -7.98 17.61
C PRO A 937 52.57 -8.94 18.06
N ALA A 938 52.28 -9.71 19.11
CA ALA A 938 53.26 -10.52 19.82
C ALA A 938 53.80 -11.69 19.00
N SER A 939 52.94 -12.32 18.20
CA SER A 939 53.44 -13.35 17.28
C SER A 939 54.31 -12.75 16.21
N GLU A 940 53.98 -11.54 15.76
CA GLU A 940 54.83 -10.78 14.87
C GLU A 940 56.06 -10.24 15.60
N LYS A 941 55.96 -10.04 16.91
CA LYS A 941 57.15 -9.67 17.69
C LYS A 941 58.18 -10.79 17.71
N GLY A 942 57.72 -12.03 17.89
CA GLY A 942 58.65 -13.15 17.88
C GLY A 942 59.25 -13.38 16.51
N VAL A 943 58.55 -12.95 15.46
CA VAL A 943 59.17 -12.86 14.15
C VAL A 943 60.24 -11.77 14.13
N LEU A 944 59.95 -10.63 14.76
CA LEU A 944 60.94 -9.55 14.82
C LEU A 944 62.11 -9.89 15.73
N TRP A 945 61.88 -10.64 16.80
CA TRP A 945 63.00 -11.15 17.59
C TRP A 945 63.80 -12.17 16.77
N LEU A 946 63.12 -12.94 15.93
CA LEU A 946 63.82 -13.83 15.01
C LEU A 946 64.43 -13.05 13.86
N SER A 947 63.90 -11.86 13.57
CA SER A 947 64.46 -11.02 12.52
C SER A 947 65.82 -10.46 12.93
N VAL A 948 65.97 -10.12 14.21
CA VAL A 948 67.24 -9.62 14.72
C VAL A 948 68.31 -10.72 14.69
N VAL A 949 67.89 -11.96 14.90
CA VAL A 949 68.82 -13.10 14.87
C VAL A 949 69.40 -13.28 13.47
N SER A 950 68.56 -13.19 12.45
CA SER A 950 69.04 -13.35 11.08
C SER A 950 69.83 -12.14 10.60
N GLU A 951 69.64 -10.98 11.22
CA GLU A 951 70.48 -9.82 10.90
C GLU A 951 71.89 -10.00 11.45
N VAL A 952 71.99 -10.49 12.69
CA VAL A 952 73.29 -10.58 13.35
C VAL A 952 74.09 -11.75 12.81
N LEU A 953 73.42 -12.88 12.55
CA LEU A 953 74.09 -14.04 11.97
C LEU A 953 74.53 -13.77 10.53
N TYR A 954 73.89 -12.82 9.85
CA TYR A 954 74.38 -12.36 8.56
C TYR A 954 75.74 -11.69 8.71
N ILE A 955 75.85 -10.76 9.66
CA ILE A 955 77.05 -9.95 9.78
C ILE A 955 78.17 -10.73 10.47
N LEU A 956 77.83 -11.60 11.42
CA LEU A 956 78.86 -12.36 12.13
C LEU A 956 79.53 -13.39 11.23
N LEU A 957 78.76 -14.04 10.35
CA LEU A 957 79.38 -15.02 9.46
C LEU A 957 80.12 -14.35 8.31
N LEU A 958 79.90 -13.06 8.11
CA LEU A 958 80.82 -12.29 7.28
C LEU A 958 82.19 -12.20 7.95
N VAL A 959 82.21 -11.88 9.25
CA VAL A 959 83.44 -11.65 9.98
C VAL A 959 84.22 -12.95 10.14
N VAL A 960 83.51 -14.08 10.30
CA VAL A 960 84.14 -15.39 10.24
C VAL A 960 84.73 -15.63 8.85
N GLY A 961 84.04 -15.14 7.82
CA GLY A 961 84.57 -15.24 6.47
C GLY A 961 85.72 -14.29 6.22
N PHE A 962 85.76 -13.16 6.94
CA PHE A 962 86.91 -12.27 6.81
C PHE A 962 88.15 -12.87 7.47
N SER A 963 87.98 -13.54 8.61
CA SER A 963 89.13 -14.00 9.39
C SER A 963 89.86 -15.14 8.71
N LEU A 964 89.11 -16.05 8.09
CA LEU A 964 89.73 -17.15 7.37
C LEU A 964 90.39 -16.69 6.07
N MET A 965 89.87 -15.62 5.46
CA MET A 965 90.53 -15.07 4.28
C MET A 965 91.74 -14.23 4.66
N CYS A 966 91.83 -13.77 5.91
CA CYS A 966 93.05 -13.15 6.38
C CYS A 966 94.14 -14.19 6.66
N LEU A 967 93.73 -15.43 6.93
CA LEU A 967 94.70 -16.53 6.95
C LEU A 967 95.26 -16.79 5.56
N GLU A 968 94.43 -16.64 4.52
CA GLU A 968 94.91 -16.69 3.15
C GLU A 968 95.88 -15.56 2.86
N LEU A 969 95.67 -14.40 3.48
CA LEU A 969 96.65 -13.31 3.38
C LEU A 969 97.96 -13.67 4.06
N LEU A 970 97.89 -14.44 5.15
CA LEU A 970 99.11 -15.02 5.71
C LEU A 970 99.69 -16.09 4.80
N HIS A 971 98.82 -16.85 4.12
CA HIS A 971 99.28 -17.74 3.06
C HIS A 971 99.75 -16.99 1.82
N SER A 972 99.32 -15.74 1.63
CA SER A 972 99.80 -14.91 0.55
C SER A 972 101.05 -14.12 0.94
N SER A 973 101.46 -14.17 2.20
CA SER A 973 102.64 -13.44 2.66
C SER A 973 103.92 -14.18 2.29
N ASP A 977 97.40 -25.93 4.97
CA ASP A 977 96.02 -25.65 4.63
C ASP A 977 95.92 -24.79 3.38
N GLY A 978 95.35 -23.59 3.51
CA GLY A 978 95.21 -22.69 2.38
C GLY A 978 93.83 -22.70 1.77
N LEU A 979 93.67 -23.39 0.65
CA LEU A 979 92.37 -23.51 0.01
C LEU A 979 91.42 -24.41 0.79
N LYS A 980 91.97 -25.27 1.66
CA LYS A 980 91.12 -26.12 2.50
C LYS A 980 90.35 -25.29 3.52
N LEU A 981 90.98 -24.26 4.08
CA LEU A 981 90.27 -23.33 4.94
C LEU A 981 89.45 -22.33 4.13
N ASN A 982 89.86 -22.04 2.89
CA ASN A 982 89.05 -21.21 2.01
C ASN A 982 87.80 -21.95 1.55
N ALA A 983 87.89 -23.28 1.48
CA ALA A 983 86.68 -24.08 1.27
C ALA A 983 85.77 -24.04 2.50
N PHE A 984 86.37 -23.93 3.69
CA PHE A 984 85.58 -23.76 4.90
C PHE A 984 85.07 -22.33 5.01
N ALA A 985 85.83 -21.37 4.48
CA ALA A 985 85.40 -19.97 4.50
C ALA A 985 84.26 -19.72 3.53
N ALA A 986 84.20 -20.48 2.43
CA ALA A 986 83.12 -20.32 1.46
C ALA A 986 81.81 -20.89 2.00
N VAL A 987 81.88 -21.76 3.00
CA VAL A 987 80.67 -22.30 3.63
C VAL A 987 79.94 -21.21 4.40
N PHE A 988 80.65 -20.51 5.29
CA PHE A 988 79.99 -19.59 6.20
C PHE A 988 79.58 -18.29 5.51
N THR A 989 80.25 -17.92 4.42
CA THR A 989 79.85 -16.72 3.69
C THR A 989 78.56 -16.95 2.91
N VAL A 990 78.34 -18.17 2.44
CA VAL A 990 77.03 -18.51 1.87
C VAL A 990 76.00 -18.62 2.97
N LEU A 991 76.38 -19.22 4.11
CA LEU A 991 75.46 -19.31 5.25
C LEU A 991 75.22 -17.94 5.88
N SER A 992 76.13 -16.98 5.66
CA SER A 992 75.83 -15.59 5.98
C SER A 992 74.68 -15.07 5.12
N GLY A 993 74.88 -15.07 3.80
CA GLY A 993 73.96 -14.39 2.91
C GLY A 993 72.59 -15.04 2.77
N LEU A 994 72.51 -16.36 2.99
CA LEU A 994 71.22 -17.02 3.00
C LEU A 994 70.39 -16.60 4.22
N LEU A 995 71.04 -16.44 5.37
CA LEU A 995 70.36 -15.89 6.52
C LEU A 995 70.05 -14.41 6.33
N GLY A 996 70.80 -13.73 5.46
CA GLY A 996 70.38 -12.41 5.02
C GLY A 996 69.17 -12.48 4.11
N MET A 997 69.13 -13.48 3.23
CA MET A 997 67.94 -13.72 2.42
C MET A 997 66.75 -14.14 3.28
N VAL A 998 67.02 -14.78 4.42
CA VAL A 998 66.01 -14.84 5.46
C VAL A 998 65.69 -13.44 5.95
N ALA A 999 66.71 -12.69 6.36
CA ALA A 999 66.54 -11.41 7.04
C ALA A 999 65.91 -10.34 6.14
N HIS A 1000 66.21 -10.38 4.84
CA HIS A 1000 65.54 -9.47 3.92
C HIS A 1000 64.07 -9.81 3.76
N MET A 1001 63.71 -11.08 3.99
CA MET A 1001 62.31 -11.48 3.91
C MET A 1001 61.64 -11.41 5.28
N MET A 1002 62.43 -11.36 6.35
CA MET A 1002 61.83 -11.21 7.67
C MET A 1002 61.22 -9.82 7.84
N TYR A 1003 61.94 -8.79 7.38
CA TYR A 1003 61.51 -7.43 7.68
C TYR A 1003 60.37 -6.98 6.75
N THR A 1004 60.48 -7.28 5.45
CA THR A 1004 59.55 -6.71 4.49
C THR A 1004 58.20 -7.39 4.51
N GLN A 1005 58.18 -8.70 4.80
CA GLN A 1005 56.93 -9.38 5.09
C GLN A 1005 56.28 -8.79 6.34
N VAL A 1006 57.07 -8.59 7.39
CA VAL A 1006 56.60 -7.85 8.56
C VAL A 1006 56.20 -6.43 8.20
N PHE A 1007 56.97 -5.77 7.34
CA PHE A 1007 56.59 -4.43 6.94
C PHE A 1007 55.35 -4.45 6.06
N GLN A 1008 55.14 -5.55 5.34
CA GLN A 1008 53.84 -5.77 4.71
C GLN A 1008 52.77 -6.07 5.76
N VAL A 1009 53.13 -6.79 6.82
CA VAL A 1009 52.18 -7.11 7.89
C VAL A 1009 51.79 -5.85 8.65
N THR A 1010 52.74 -4.95 8.90
CA THR A 1010 52.42 -3.71 9.61
C THR A 1010 51.48 -2.81 8.81
N VAL A 1011 51.61 -2.81 7.48
CA VAL A 1011 50.65 -2.08 6.65
C VAL A 1011 49.27 -2.73 6.74
N SER A 1012 49.22 -4.05 6.91
CA SER A 1012 47.95 -4.72 7.14
C SER A 1012 47.36 -4.38 8.51
N LEU A 1013 48.21 -4.01 9.47
CA LEU A 1013 47.71 -3.42 10.71
C LEU A 1013 47.19 -2.00 10.55
N GLY A 1014 47.56 -1.30 9.48
CA GLY A 1014 47.29 0.11 9.43
C GLY A 1014 48.19 0.84 10.39
N PRO A 1015 49.51 1.01 10.00
CA PRO A 1015 50.56 1.48 10.92
C PRO A 1015 50.22 2.75 11.64
N GLU A 1016 50.12 2.63 12.97
CA GLU A 1016 49.14 3.27 13.86
C GLU A 1016 48.72 4.67 13.43
N ASP A 1017 49.69 5.52 13.08
CA ASP A 1017 49.40 6.83 12.52
C ASP A 1017 50.37 7.19 11.40
N TRP A 1018 51.13 6.22 10.89
CA TRP A 1018 52.25 6.52 10.00
C TRP A 1018 52.23 5.67 8.74
N ARG A 1019 51.04 5.44 8.19
CA ARG A 1019 50.92 4.60 6.99
C ARG A 1019 51.38 5.38 5.77
N PRO A 1020 52.04 4.73 4.81
CA PRO A 1020 52.40 5.43 3.57
C PRO A 1020 51.37 5.23 2.48
N HIS A 1021 51.15 6.29 1.72
CA HIS A 1021 50.43 6.20 0.46
C HIS A 1021 51.39 6.33 -0.72
N SER A 1022 52.63 6.71 -0.46
CA SER A 1022 53.74 6.55 -1.40
C SER A 1022 54.59 5.36 -0.99
N TRP A 1023 53.94 4.26 -0.59
CA TRP A 1023 54.56 3.06 -0.04
C TRP A 1023 55.57 2.46 -1.00
N ASP A 1024 56.86 2.62 -0.66
CA ASP A 1024 57.97 2.42 -1.57
C ASP A 1024 59.23 2.27 -0.74
N TYR A 1025 59.87 1.11 -0.85
CA TYR A 1025 61.09 0.82 -0.10
C TYR A 1025 62.22 1.76 -0.50
N GLY A 1026 62.93 2.26 0.50
CA GLY A 1026 63.94 3.28 0.29
C GLY A 1026 65.23 2.95 1.00
N TRP A 1027 66.26 3.76 0.74
CA TRP A 1027 67.13 3.53 -0.42
C TRP A 1027 68.20 2.50 -0.14
N SER A 1028 68.36 2.12 1.13
CA SER A 1028 69.44 1.20 1.49
C SER A 1028 69.01 -0.25 1.33
N PHE A 1029 67.72 -0.50 1.12
CA PHE A 1029 67.25 -1.87 0.94
C PHE A 1029 67.61 -2.38 -0.45
N CYS A 1030 67.66 -1.49 -1.44
CA CYS A 1030 68.26 -1.84 -2.72
C CYS A 1030 69.76 -2.02 -2.58
N LEU A 1031 70.36 -1.34 -1.59
CA LEU A 1031 71.81 -1.44 -1.41
C LEU A 1031 72.20 -2.75 -0.73
N ALA A 1032 71.47 -3.17 0.30
CA ALA A 1032 71.83 -4.40 1.00
C ALA A 1032 71.38 -5.63 0.21
N TRP A 1033 70.55 -5.43 -0.81
CA TRP A 1033 70.44 -6.42 -1.88
C TRP A 1033 71.79 -6.72 -2.51
N GLY A 1034 72.54 -5.66 -2.84
CA GLY A 1034 73.81 -5.85 -3.53
C GLY A 1034 74.89 -6.39 -2.62
N SER A 1035 74.67 -6.32 -1.30
CA SER A 1035 75.61 -6.95 -0.37
C SER A 1035 75.55 -8.47 -0.50
N PHE A 1036 74.37 -9.03 -0.78
CA PHE A 1036 74.23 -10.47 -0.94
C PHE A 1036 74.90 -10.96 -2.21
N THR A 1037 74.72 -10.22 -3.31
CA THR A 1037 75.34 -10.66 -4.56
C THR A 1037 76.83 -10.43 -4.56
N CYS A 1038 77.33 -9.54 -3.70
CA CYS A 1038 78.77 -9.46 -3.49
C CYS A 1038 79.27 -10.61 -2.62
N CYS A 1039 78.39 -11.17 -1.77
CA CYS A 1039 78.77 -12.38 -1.04
C CYS A 1039 78.85 -13.59 -1.97
N MET A 1040 78.08 -13.57 -3.06
CA MET A 1040 78.03 -14.73 -3.93
C MET A 1040 78.97 -14.59 -5.12
N ALA A 1041 79.21 -13.36 -5.57
CA ALA A 1041 80.23 -13.16 -6.60
C ALA A 1041 81.63 -13.38 -6.04
N ALA A 1042 81.79 -13.18 -4.73
CA ALA A 1042 83.00 -13.62 -4.06
C ALA A 1042 83.09 -15.14 -4.04
N SER A 1043 81.95 -15.82 -4.01
CA SER A 1043 81.95 -17.27 -3.89
C SER A 1043 82.24 -17.94 -5.22
N VAL A 1044 81.73 -17.38 -6.33
CA VAL A 1044 81.87 -18.04 -7.62
C VAL A 1044 83.30 -17.96 -8.14
N THR A 1045 84.10 -17.04 -7.59
CA THR A 1045 85.49 -16.93 -8.02
C THR A 1045 86.47 -17.53 -7.02
N THR A 1046 86.03 -17.77 -5.77
CA THR A 1046 86.91 -18.45 -4.83
C THR A 1046 86.80 -19.96 -4.95
N LEU A 1047 85.74 -20.45 -5.61
CA LEU A 1047 85.72 -21.85 -6.01
C LEU A 1047 86.31 -22.02 -7.40
N ASN A 1048 86.52 -20.92 -8.12
CA ASN A 1048 87.28 -20.96 -9.36
C ASN A 1048 88.76 -21.18 -9.06
N SER A 1049 89.25 -20.63 -7.95
CA SER A 1049 90.60 -20.88 -7.49
C SER A 1049 90.73 -22.20 -6.74
N TYR A 1050 89.61 -22.81 -6.36
CA TYR A 1050 89.60 -24.13 -5.74
C TYR A 1050 89.82 -25.25 -6.75
N THR A 1051 89.70 -24.95 -8.05
CA THR A 1051 89.92 -25.96 -9.09
C THR A 1051 91.38 -26.36 -9.19
N LYS A 1052 92.29 -25.47 -8.82
CA LYS A 1052 93.72 -25.76 -8.88
C LYS A 1052 94.17 -26.50 -7.62
N ASN B 1 -36.59 63.90 41.25
CA ASN B 1 -36.72 64.68 40.03
C ASN B 1 -36.97 63.79 38.82
N SER B 2 -38.10 64.00 38.16
CA SER B 2 -38.44 63.20 36.99
C SER B 2 -37.53 63.55 35.82
N ILE B 3 -36.85 62.55 35.29
CA ILE B 3 -35.83 62.74 34.27
C ILE B 3 -36.32 62.18 32.95
N GLN B 4 -36.55 63.05 31.98
CA GLN B 4 -37.00 62.59 30.66
C GLN B 4 -35.85 61.96 29.91
N ILE B 5 -36.08 60.75 29.41
CA ILE B 5 -35.08 59.99 28.66
C ILE B 5 -35.70 59.52 27.36
N GLY B 6 -34.84 59.09 26.44
CA GLY B 6 -35.29 58.57 25.16
C GLY B 6 -35.85 57.17 25.28
N GLY B 7 -36.75 56.82 24.38
CA GLY B 7 -37.46 55.56 24.46
C GLY B 7 -37.60 54.83 23.14
N LEU B 8 -36.59 54.90 22.27
CA LEU B 8 -36.62 54.21 20.99
C LEU B 8 -36.60 52.70 21.20
N PHE B 9 -37.55 52.03 20.54
CA PHE B 9 -37.60 50.57 20.52
C PHE B 9 -38.13 50.11 19.18
N PRO B 10 -37.42 49.22 18.50
CA PRO B 10 -37.99 48.62 17.28
C PRO B 10 -39.17 47.73 17.61
N ARG B 11 -40.04 47.56 16.62
CA ARG B 11 -41.26 46.81 16.83
C ARG B 11 -40.97 45.31 16.79
N GLY B 12 -41.50 44.60 17.78
CA GLY B 12 -41.23 43.18 17.94
C GLY B 12 -40.10 42.85 18.88
N ALA B 13 -39.36 43.84 19.36
CA ALA B 13 -38.26 43.60 20.30
C ALA B 13 -38.69 43.98 21.70
N ASP B 14 -39.95 43.64 22.02
CA ASP B 14 -40.54 44.10 23.27
C ASP B 14 -40.07 43.29 24.46
N GLN B 15 -39.42 42.14 24.23
CA GLN B 15 -38.80 41.41 25.33
C GLN B 15 -37.65 42.21 25.92
N GLU B 16 -36.89 42.90 25.07
CA GLU B 16 -35.94 43.89 25.54
C GLU B 16 -36.63 45.05 26.23
N TYR B 17 -37.76 45.49 25.67
CA TYR B 17 -38.56 46.52 26.32
C TYR B 17 -39.20 46.01 27.60
N SER B 18 -39.53 44.72 27.65
CA SER B 18 -39.93 44.10 28.92
C SER B 18 -38.79 44.12 29.93
N ALA B 19 -37.58 43.80 29.46
CA ALA B 19 -36.40 43.89 30.32
C ALA B 19 -36.08 45.33 30.67
N PHE B 20 -36.47 46.27 29.82
CA PHE B 20 -36.33 47.68 30.16
C PHE B 20 -37.26 48.07 31.30
N ARG B 21 -38.49 47.53 31.28
CA ARG B 21 -39.45 47.87 32.32
C ARG B 21 -39.10 47.23 33.65
N VAL B 22 -38.40 46.09 33.61
CA VAL B 22 -37.88 45.49 34.83
C VAL B 22 -36.82 46.38 35.45
N GLY B 23 -35.95 46.95 34.62
CA GLY B 23 -34.97 47.90 35.12
C GLY B 23 -35.60 49.17 35.65
N MET B 24 -36.73 49.58 35.05
CA MET B 24 -37.48 50.71 35.59
C MET B 24 -38.12 50.36 36.93
N VAL B 25 -38.43 49.09 37.16
CA VAL B 25 -38.88 48.66 38.48
C VAL B 25 -37.70 48.50 39.43
N GLN B 26 -36.63 47.85 38.97
CA GLN B 26 -35.53 47.49 39.86
C GLN B 26 -34.69 48.69 40.27
N PHE B 27 -34.47 49.63 39.36
CA PHE B 27 -33.51 50.69 39.60
C PHE B 27 -34.16 52.05 39.83
N SER B 28 -35.47 52.08 40.09
CA SER B 28 -36.12 53.33 40.45
C SER B 28 -35.78 53.70 41.89
N THR B 29 -35.03 54.79 42.05
CA THR B 29 -34.65 55.25 43.37
C THR B 29 -35.62 56.33 43.83
N SER B 30 -35.54 56.67 45.11
CA SER B 30 -36.43 57.70 45.64
C SER B 30 -35.94 59.10 45.29
N GLU B 31 -34.67 59.22 44.89
CA GLU B 31 -34.14 60.52 44.47
C GLU B 31 -34.75 60.95 43.14
N PHE B 32 -34.84 60.02 42.18
CA PHE B 32 -35.28 60.37 40.84
C PHE B 32 -35.92 59.15 40.20
N ARG B 33 -36.89 59.41 39.33
CA ARG B 33 -37.54 58.37 38.55
C ARG B 33 -37.56 58.81 37.09
N LEU B 34 -36.99 57.96 36.23
CA LEU B 34 -36.76 58.33 34.84
C LEU B 34 -38.07 58.32 34.07
N THR B 35 -38.14 59.16 33.04
CA THR B 35 -39.36 59.36 32.26
C THR B 35 -39.11 58.93 30.83
N PRO B 36 -39.49 57.71 30.46
CA PRO B 36 -39.29 57.25 29.09
C PRO B 36 -40.30 57.86 28.14
N HIS B 37 -39.85 58.14 26.92
CA HIS B 37 -40.72 58.54 25.84
C HIS B 37 -40.75 57.42 24.81
N ILE B 38 -41.59 56.41 25.07
CA ILE B 38 -41.49 55.15 24.36
C ILE B 38 -42.07 55.27 22.96
N ASP B 39 -41.26 54.95 21.96
CA ASP B 39 -41.65 55.04 20.56
C ASP B 39 -41.34 53.72 19.87
N ASN B 40 -42.39 52.94 19.62
CA ASN B 40 -42.27 51.65 18.95
C ASN B 40 -42.35 51.85 17.45
N LEU B 41 -41.22 52.17 16.84
CA LEU B 41 -41.17 52.52 15.43
C LEU B 41 -40.14 51.67 14.69
N GLU B 42 -40.13 51.82 13.37
CA GLU B 42 -39.20 51.10 12.52
C GLU B 42 -37.80 51.69 12.69
N VAL B 43 -36.79 50.83 12.59
CA VAL B 43 -35.41 51.27 12.78
C VAL B 43 -34.68 51.41 11.45
N ALA B 44 -35.18 50.77 10.39
CA ALA B 44 -34.50 50.85 9.11
C ALA B 44 -34.76 52.19 8.41
N ASN B 45 -35.95 52.76 8.60
CA ASN B 45 -36.30 54.04 8.00
C ASN B 45 -35.77 55.14 8.91
N SER B 46 -34.73 55.84 8.44
CA SER B 46 -34.16 56.93 9.23
C SER B 46 -35.10 58.12 9.30
N PHE B 47 -35.98 58.28 8.31
CA PHE B 47 -37.07 59.25 8.41
C PHE B 47 -37.96 58.94 9.60
N ALA B 48 -38.27 57.65 9.81
CA ALA B 48 -39.01 57.26 10.99
C ALA B 48 -38.17 57.41 12.26
N VAL B 49 -36.85 57.25 12.13
CA VAL B 49 -35.97 57.45 13.27
C VAL B 49 -35.91 58.92 13.64
N THR B 50 -35.70 59.79 12.66
CA THR B 50 -35.45 61.20 12.92
C THR B 50 -36.68 61.91 13.46
N ASN B 51 -37.86 61.51 12.99
CA ASN B 51 -39.10 62.10 13.50
C ASN B 51 -39.33 61.70 14.95
N ALA B 52 -39.03 60.45 15.30
CA ALA B 52 -39.04 60.06 16.70
C ALA B 52 -37.88 60.68 17.47
N PHE B 53 -36.77 60.93 16.78
CA PHE B 53 -35.63 61.58 17.41
C PHE B 53 -35.93 63.03 17.73
N CYS B 54 -36.41 63.78 16.72
CA CYS B 54 -36.62 65.21 16.90
C CYS B 54 -37.80 65.53 17.80
N SER B 55 -38.77 64.59 17.90
CA SER B 55 -39.81 64.74 18.89
C SER B 55 -39.26 64.59 20.30
N GLN B 56 -38.40 63.58 20.51
CA GLN B 56 -37.73 63.47 21.79
C GLN B 56 -36.66 64.53 21.97
N PHE B 57 -36.11 65.04 20.88
CA PHE B 57 -35.26 66.23 20.98
C PHE B 57 -36.09 67.45 21.34
N SER B 58 -37.36 67.48 20.90
CA SER B 58 -38.25 68.54 21.33
C SER B 58 -38.65 68.37 22.80
N ARG B 59 -38.62 67.13 23.29
CA ARG B 59 -38.80 66.90 24.72
C ARG B 59 -37.65 67.43 25.55
N GLY B 60 -36.46 67.53 24.97
CA GLY B 60 -35.30 67.90 25.75
C GLY B 60 -34.83 66.80 26.67
N VAL B 61 -34.86 65.55 26.22
CA VAL B 61 -34.43 64.44 27.05
C VAL B 61 -32.91 64.47 27.20
N TYR B 62 -32.42 63.75 28.21
CA TYR B 62 -31.01 63.88 28.57
C TYR B 62 -30.17 62.68 28.14
N ALA B 63 -30.81 61.54 27.89
CA ALA B 63 -30.12 60.35 27.42
C ALA B 63 -31.12 59.50 26.67
N ILE B 64 -30.72 59.03 25.49
CA ILE B 64 -31.64 58.32 24.61
C ILE B 64 -31.19 56.88 24.52
N PHE B 65 -32.14 55.97 24.68
CA PHE B 65 -31.88 54.55 24.56
C PHE B 65 -32.62 54.01 23.34
N GLY B 66 -31.97 53.08 22.65
CA GLY B 66 -32.58 52.46 21.50
C GLY B 66 -31.63 51.48 20.85
N PHE B 67 -32.06 50.98 19.70
CA PHE B 67 -31.22 50.16 18.84
C PHE B 67 -30.90 51.00 17.60
N TYR B 68 -30.03 50.46 16.74
CA TYR B 68 -29.94 51.07 15.42
C TYR B 68 -29.69 50.02 14.35
N ASP B 69 -30.17 50.32 13.16
CA ASP B 69 -29.79 49.65 11.94
C ASP B 69 -28.42 50.15 11.51
N LYS B 70 -27.79 49.42 10.58
CA LYS B 70 -26.61 49.95 9.90
C LYS B 70 -26.98 51.09 8.97
N LYS B 71 -28.27 51.24 8.64
CA LYS B 71 -28.73 52.43 7.96
C LYS B 71 -28.87 53.60 8.92
N SER B 72 -29.50 53.37 10.07
CA SER B 72 -29.78 54.44 11.02
C SER B 72 -28.59 54.82 11.88
N VAL B 73 -27.46 54.14 11.75
CA VAL B 73 -26.30 54.48 12.58
C VAL B 73 -25.68 55.80 12.14
N ASN B 74 -25.66 56.05 10.83
CA ASN B 74 -25.08 57.29 10.34
C ASN B 74 -26.03 58.45 10.55
N THR B 75 -27.29 58.17 10.83
CA THR B 75 -28.19 59.20 11.33
C THR B 75 -27.84 59.56 12.77
N ILE B 76 -27.75 58.57 13.65
CA ILE B 76 -27.58 58.83 15.07
C ILE B 76 -26.19 59.40 15.36
N THR B 77 -25.16 58.88 14.69
CA THR B 77 -23.81 59.41 14.87
C THR B 77 -23.68 60.83 14.34
N SER B 78 -24.50 61.21 13.35
CA SER B 78 -24.46 62.59 12.88
C SER B 78 -25.17 63.52 13.85
N PHE B 79 -26.39 63.15 14.25
CA PHE B 79 -27.19 64.04 15.10
C PHE B 79 -26.64 64.10 16.53
N CYS B 80 -26.47 62.95 17.18
CA CYS B 80 -26.01 62.93 18.57
C CYS B 80 -24.58 63.43 18.72
N GLY B 81 -23.73 63.21 17.71
CA GLY B 81 -22.42 63.83 17.72
C GLY B 81 -22.45 65.33 17.56
N THR B 82 -23.54 65.87 17.00
CA THR B 82 -23.68 67.31 16.84
C THR B 82 -24.62 67.92 17.88
N LEU B 83 -25.77 67.29 18.12
CA LEU B 83 -26.75 67.86 19.04
C LEU B 83 -26.40 67.61 20.50
N HIS B 84 -25.27 66.96 20.78
CA HIS B 84 -24.66 66.86 22.11
C HIS B 84 -25.56 66.11 23.09
N VAL B 85 -26.26 65.10 22.60
CA VAL B 85 -27.12 64.26 23.43
C VAL B 85 -26.54 62.85 23.40
N SER B 86 -26.26 62.30 24.58
CA SER B 86 -25.67 60.97 24.65
C SER B 86 -26.71 59.90 24.31
N PHE B 87 -26.26 58.88 23.60
CA PHE B 87 -27.14 57.80 23.14
C PHE B 87 -26.61 56.48 23.68
N ILE B 88 -27.53 55.63 24.13
CA ILE B 88 -27.18 54.35 24.73
C ILE B 88 -27.80 53.23 23.90
N THR B 89 -27.02 52.22 23.58
CA THR B 89 -27.48 51.15 22.71
C THR B 89 -26.82 49.82 23.05
N PRO B 90 -27.53 48.71 22.81
CA PRO B 90 -26.86 47.40 22.78
C PRO B 90 -26.46 46.95 21.38
N SER B 91 -26.54 47.82 20.38
CA SER B 91 -26.30 47.39 19.00
C SER B 91 -24.81 47.21 18.72
N PHE B 92 -24.50 46.82 17.50
CA PHE B 92 -23.11 46.59 17.10
C PHE B 92 -22.34 47.90 17.09
N PRO B 93 -21.11 47.92 17.61
CA PRO B 93 -20.42 49.20 17.82
C PRO B 93 -20.02 49.92 16.54
N THR B 94 -19.97 51.24 16.62
CA THR B 94 -19.57 52.05 15.48
C THR B 94 -18.07 51.96 15.23
N ASP B 95 -17.70 52.04 13.96
CA ASP B 95 -16.28 52.11 13.64
C ASP B 95 -15.67 53.43 14.05
N GLY B 96 -16.29 54.54 13.67
CA GLY B 96 -15.77 55.84 14.03
C GLY B 96 -16.05 56.15 15.49
N THR B 97 -15.04 56.71 16.15
CA THR B 97 -15.15 57.07 17.56
C THR B 97 -16.01 58.32 17.70
N HIS B 98 -17.32 58.13 17.65
CA HIS B 98 -18.24 59.25 17.65
C HIS B 98 -18.54 59.66 19.09
N PRO B 99 -18.52 60.96 19.38
CA PRO B 99 -18.93 61.41 20.72
C PRO B 99 -20.42 61.21 20.94
N PHE B 100 -20.80 61.20 22.22
CA PHE B 100 -22.18 61.06 22.71
C PHE B 100 -22.81 59.74 22.26
N VAL B 101 -21.97 58.71 22.11
CA VAL B 101 -22.42 57.38 21.70
C VAL B 101 -21.92 56.40 22.74
N ILE B 102 -22.81 55.91 23.58
CA ILE B 102 -22.50 54.86 24.52
C ILE B 102 -23.11 53.56 24.00
N GLN B 103 -22.35 52.48 24.05
CA GLN B 103 -22.80 51.26 23.39
C GLN B 103 -22.48 50.05 24.24
N MET B 104 -23.50 49.23 24.50
CA MET B 104 -23.43 48.15 25.49
C MET B 104 -22.85 46.86 24.95
N ARG B 105 -22.61 46.74 23.65
CA ARG B 105 -22.18 45.47 23.09
C ARG B 105 -20.66 45.47 23.04
N PRO B 106 -19.98 44.57 23.75
CA PRO B 106 -18.51 44.54 23.66
C PRO B 106 -18.04 43.99 22.33
N ASP B 107 -16.83 44.38 21.94
CA ASP B 107 -16.30 43.93 20.66
C ASP B 107 -15.92 42.45 20.73
N LEU B 108 -16.18 41.74 19.64
CA LEU B 108 -16.07 40.30 19.61
C LEU B 108 -14.93 39.81 18.73
N LYS B 109 -14.38 40.68 17.87
CA LYS B 109 -13.38 40.26 16.90
C LYS B 109 -12.06 39.91 17.57
N GLY B 110 -11.79 40.48 18.74
CA GLY B 110 -10.60 40.08 19.48
C GLY B 110 -10.70 38.68 20.03
N ALA B 111 -11.88 38.31 20.53
CA ALA B 111 -12.10 36.93 20.95
C ALA B 111 -12.19 36.01 19.75
N LEU B 112 -12.73 36.51 18.63
CA LEU B 112 -12.99 35.66 17.48
C LEU B 112 -11.70 35.29 16.76
N LEU B 113 -10.82 36.27 16.55
CA LEU B 113 -9.53 35.98 15.93
C LEU B 113 -8.66 35.15 16.86
N SER B 114 -8.82 35.32 18.17
CA SER B 114 -8.12 34.48 19.13
C SER B 114 -8.67 33.06 19.10
N LEU B 115 -9.95 32.91 18.76
CA LEU B 115 -10.55 31.58 18.74
C LEU B 115 -10.07 30.77 17.54
N ILE B 116 -9.90 31.44 16.40
CA ILE B 116 -9.39 30.76 15.21
C ILE B 116 -7.94 30.35 15.41
N GLU B 117 -7.17 31.20 16.10
CA GLU B 117 -5.81 30.84 16.47
C GLU B 117 -5.78 29.69 17.46
N TYR B 118 -6.81 29.58 18.30
CA TYR B 118 -6.92 28.40 19.16
C TYR B 118 -7.21 27.15 18.37
N TYR B 119 -8.21 27.19 17.50
CA TYR B 119 -8.53 26.05 16.64
C TYR B 119 -7.55 25.87 15.50
N GLN B 120 -6.67 26.86 15.29
CA GLN B 120 -5.51 26.75 14.38
C GLN B 120 -5.96 26.54 12.93
N TRP B 121 -6.95 27.30 12.50
CA TRP B 121 -7.51 27.11 11.17
C TRP B 121 -6.69 27.85 10.12
N ASP B 122 -6.74 27.32 8.90
CA ASP B 122 -5.98 27.84 7.77
C ASP B 122 -6.87 28.18 6.58
N LYS B 123 -7.96 27.45 6.39
CA LYS B 123 -8.93 27.74 5.36
C LYS B 123 -10.31 27.39 5.90
N PHE B 124 -11.24 28.34 5.79
CA PHE B 124 -12.55 28.18 6.40
C PHE B 124 -13.54 29.11 5.72
N ALA B 125 -14.79 28.66 5.67
CA ALA B 125 -15.85 29.51 5.15
C ALA B 125 -16.25 30.53 6.20
N TYR B 126 -16.75 31.67 5.71
CA TYR B 126 -17.20 32.76 6.58
C TYR B 126 -18.51 33.28 6.04
N LEU B 127 -19.62 32.70 6.51
CA LEU B 127 -20.92 33.24 6.17
C LEU B 127 -21.29 34.34 7.14
N TYR B 128 -21.74 35.46 6.59
CA TYR B 128 -21.96 36.65 7.40
C TYR B 128 -23.22 37.35 6.93
N ASP B 129 -23.93 37.92 7.90
CA ASP B 129 -25.01 38.84 7.60
C ASP B 129 -24.41 40.22 7.40
N SER B 130 -24.88 40.92 6.37
CA SER B 130 -24.35 42.25 6.10
C SER B 130 -24.96 43.30 7.03
N ASP B 131 -26.01 42.94 7.76
CA ASP B 131 -26.84 43.93 8.45
C ASP B 131 -26.13 44.56 9.64
N ARG B 132 -25.21 43.85 10.27
CA ARG B 132 -24.45 44.41 11.38
C ARG B 132 -23.14 45.03 10.96
N GLY B 133 -23.06 45.56 9.74
CA GLY B 133 -21.81 46.06 9.25
C GLY B 133 -20.90 44.95 8.78
N LEU B 134 -19.73 45.33 8.28
CA LEU B 134 -18.75 44.38 7.76
C LEU B 134 -17.41 44.49 8.48
N SER B 135 -17.43 44.98 9.72
CA SER B 135 -16.18 45.24 10.43
C SER B 135 -15.49 43.94 10.84
N THR B 136 -16.27 42.95 11.27
CA THR B 136 -15.71 41.64 11.58
C THR B 136 -15.20 40.96 10.33
N LEU B 137 -15.85 41.20 9.19
CA LEU B 137 -15.30 40.75 7.91
C LEU B 137 -13.99 41.47 7.61
N GLN B 138 -13.93 42.76 7.89
CA GLN B 138 -12.67 43.49 7.78
C GLN B 138 -11.66 43.01 8.81
N ALA B 139 -12.14 42.54 9.95
CA ALA B 139 -11.24 42.05 11.00
C ALA B 139 -10.58 40.75 10.58
N VAL B 140 -11.36 39.83 9.99
CA VAL B 140 -10.78 38.53 9.68
C VAL B 140 -9.94 38.61 8.42
N LEU B 141 -10.24 39.51 7.50
CA LEU B 141 -9.49 39.59 6.24
C LEU B 141 -8.13 40.25 6.45
N ASP B 142 -8.03 41.17 7.40
CA ASP B 142 -6.73 41.76 7.70
C ASP B 142 -5.83 40.75 8.39
N SER B 143 -6.41 39.84 9.16
CA SER B 143 -5.63 38.75 9.73
C SER B 143 -5.48 37.60 8.76
N ALA B 144 -6.31 37.55 7.71
CA ALA B 144 -6.21 36.47 6.73
C ALA B 144 -4.92 36.56 5.93
N ALA B 145 -4.54 37.76 5.48
CA ALA B 145 -3.25 37.93 4.84
C ALA B 145 -2.13 37.79 5.85
N GLU B 146 -2.37 38.21 7.09
CA GLU B 146 -1.35 38.16 8.13
C GLU B 146 -1.07 36.75 8.59
N LYS B 147 -2.10 35.97 8.89
CA LYS B 147 -1.94 34.61 9.37
C LYS B 147 -2.05 33.57 8.27
N LYS B 148 -1.99 34.00 7.00
CA LYS B 148 -2.05 33.15 5.81
C LYS B 148 -3.30 32.29 5.77
N TRP B 149 -4.46 32.96 5.77
CA TRP B 149 -5.73 32.27 5.84
C TRP B 149 -6.50 32.43 4.53
N GLN B 150 -7.06 31.32 4.05
CA GLN B 150 -7.84 31.31 2.82
C GLN B 150 -9.32 31.38 3.17
N VAL B 151 -9.76 32.57 3.59
CA VAL B 151 -11.13 32.73 4.05
C VAL B 151 -12.07 32.77 2.86
N THR B 152 -13.13 31.96 2.92
CA THR B 152 -14.17 31.94 1.89
C THR B 152 -15.36 32.70 2.47
N ALA B 153 -15.43 33.99 2.15
CA ALA B 153 -16.47 34.83 2.72
C ALA B 153 -17.59 35.05 1.72
N ILE B 154 -18.80 34.69 2.13
CA ILE B 154 -19.99 34.82 1.29
C ILE B 154 -21.08 35.49 2.11
N ASN B 155 -21.62 36.60 1.60
CA ASN B 155 -22.74 37.27 2.25
C ASN B 155 -23.98 36.41 2.12
N VAL B 156 -24.82 36.46 3.16
CA VAL B 156 -26.02 35.63 3.18
C VAL B 156 -27.24 36.54 3.34
N GLY B 157 -27.02 37.80 3.68
CA GLY B 157 -28.11 38.74 3.83
C GLY B 157 -28.76 39.18 2.53
N ASN B 158 -28.15 38.84 1.39
CA ASN B 158 -28.71 39.23 0.11
C ASN B 158 -29.91 38.38 -0.28
N ILE B 159 -30.08 37.23 0.38
CA ILE B 159 -31.15 36.31 -0.01
C ILE B 159 -32.48 36.80 0.54
N ASN B 160 -33.46 36.95 -0.34
CA ASN B 160 -34.82 37.28 0.07
C ASN B 160 -35.47 36.11 0.80
N ASN B 161 -36.47 36.43 1.60
CA ASN B 161 -37.06 35.42 2.48
C ASN B 161 -38.02 34.49 1.77
N ASP B 162 -38.39 34.80 0.52
CA ASP B 162 -39.39 33.99 -0.17
C ASP B 162 -38.81 32.69 -0.69
N LYS B 163 -37.57 32.71 -1.18
CA LYS B 163 -36.92 31.53 -1.72
C LYS B 163 -35.60 31.24 -1.02
N LYS B 164 -35.55 31.43 0.30
CA LYS B 164 -34.37 31.08 1.08
C LYS B 164 -34.41 29.60 1.49
N ASP B 165 -34.66 28.75 0.51
CA ASP B 165 -34.65 27.31 0.73
C ASP B 165 -33.83 26.64 -0.37
N GLU B 166 -33.95 27.19 -1.59
CA GLU B 166 -33.20 26.67 -2.72
C GLU B 166 -31.81 27.28 -2.78
N THR B 167 -31.66 28.50 -2.30
CA THR B 167 -30.39 29.21 -2.41
C THR B 167 -29.34 28.59 -1.50
N TYR B 168 -29.75 28.12 -0.32
CA TYR B 168 -28.81 27.49 0.60
C TYR B 168 -28.31 26.15 0.07
N ARG B 169 -29.20 25.38 -0.55
CA ARG B 169 -28.78 24.14 -1.20
C ARG B 169 -27.82 24.41 -2.35
N SER B 170 -28.02 25.53 -3.05
CA SER B 170 -27.00 25.99 -3.97
C SER B 170 -25.75 26.44 -3.24
N LEU B 171 -25.92 27.06 -2.07
CA LEU B 171 -24.80 27.68 -1.37
C LEU B 171 -23.88 26.64 -0.75
N PHE B 172 -24.45 25.67 -0.03
CA PHE B 172 -23.63 24.68 0.65
C PHE B 172 -22.96 23.72 -0.33
N GLN B 173 -23.59 23.46 -1.47
CA GLN B 173 -22.92 22.69 -2.51
C GLN B 173 -21.76 23.46 -3.11
N ASP B 174 -21.88 24.78 -3.19
CA ASP B 174 -20.72 25.60 -3.56
C ASP B 174 -19.66 25.59 -2.48
N LEU B 175 -20.07 25.46 -1.22
CA LEU B 175 -19.11 25.20 -0.16
C LEU B 175 -18.51 23.81 -0.29
N GLU B 176 -19.32 22.85 -0.75
CA GLU B 176 -18.79 21.50 -0.96
C GLU B 176 -18.11 21.35 -2.32
N LEU B 177 -18.09 22.41 -3.13
CA LEU B 177 -17.14 22.43 -4.24
C LEU B 177 -15.71 22.52 -3.73
N LYS B 178 -15.52 23.16 -2.58
CA LYS B 178 -14.23 23.19 -1.90
C LYS B 178 -14.25 22.39 -0.61
N LYS B 179 -15.42 21.86 -0.23
CA LYS B 179 -15.59 20.92 0.90
C LYS B 179 -15.14 21.54 2.23
N GLU B 180 -15.79 22.64 2.60
CA GLU B 180 -15.44 23.31 3.84
C GLU B 180 -15.99 22.54 5.04
N ARG B 181 -15.10 22.05 5.88
CA ARG B 181 -15.47 21.45 7.15
C ARG B 181 -15.43 22.46 8.29
N ARG B 182 -15.19 23.73 7.98
CA ARG B 182 -14.93 24.76 8.97
C ARG B 182 -15.72 26.00 8.57
N VAL B 183 -16.83 26.22 9.24
CA VAL B 183 -17.76 27.29 8.88
C VAL B 183 -17.90 28.24 10.05
N ILE B 184 -17.73 29.53 9.80
CA ILE B 184 -18.01 30.56 10.79
C ILE B 184 -19.25 31.32 10.32
N LEU B 185 -20.36 31.12 11.03
CA LEU B 185 -21.57 31.88 10.76
C LEU B 185 -21.55 33.18 11.54
N ASP B 186 -22.20 34.20 10.98
CA ASP B 186 -22.32 35.49 11.64
C ASP B 186 -23.68 36.07 11.25
N CYS B 187 -24.69 35.81 12.07
CA CYS B 187 -26.06 36.21 11.76
C CYS B 187 -26.81 36.51 13.06
N GLU B 188 -27.99 37.08 12.89
CA GLU B 188 -28.94 37.17 14.00
C GLU B 188 -29.51 35.79 14.30
N ARG B 189 -30.03 35.64 15.53
CA ARG B 189 -30.46 34.33 16.01
C ARG B 189 -31.64 33.77 15.22
N ASP B 190 -32.40 34.63 14.55
CA ASP B 190 -33.33 34.16 13.53
C ASP B 190 -32.57 33.61 12.34
N LYS B 191 -31.70 34.43 11.74
CA LYS B 191 -30.93 33.99 10.58
C LYS B 191 -29.87 32.97 10.93
N VAL B 192 -29.47 32.88 12.20
CA VAL B 192 -28.70 31.73 12.65
C VAL B 192 -29.55 30.47 12.54
N ASN B 193 -30.73 30.49 13.16
CA ASN B 193 -31.57 29.29 13.21
C ASN B 193 -32.16 28.96 11.84
N ASP B 194 -32.22 29.94 10.94
CA ASP B 194 -32.58 29.65 9.56
C ASP B 194 -31.52 28.79 8.89
N ILE B 195 -30.26 29.22 8.97
CA ILE B 195 -29.17 28.50 8.32
C ILE B 195 -28.88 27.19 9.03
N VAL B 196 -29.08 27.15 10.36
CA VAL B 196 -28.96 25.91 11.11
C VAL B 196 -29.95 24.87 10.60
N ASP B 197 -31.19 25.29 10.35
CA ASP B 197 -32.17 24.39 9.76
C ASP B 197 -31.81 24.02 8.33
N GLN B 198 -31.06 24.88 7.64
CA GLN B 198 -30.58 24.51 6.31
C GLN B 198 -29.44 23.50 6.40
N VAL B 199 -28.62 23.57 7.45
CA VAL B 199 -27.59 22.56 7.66
C VAL B 199 -28.23 21.22 8.01
N ILE B 200 -29.33 21.26 8.76
CA ILE B 200 -30.05 20.05 9.10
C ILE B 200 -30.83 19.55 7.90
N THR B 201 -31.22 20.46 7.00
CA THR B 201 -31.84 20.07 5.74
C THR B 201 -30.89 19.28 4.86
N ILE B 202 -29.68 19.82 4.63
CA ILE B 202 -28.68 19.09 3.88
C ILE B 202 -28.02 18.00 4.72
N GLY B 203 -28.22 18.02 6.04
CA GLY B 203 -27.70 16.98 6.89
C GLY B 203 -26.20 17.03 7.14
N LYS B 204 -25.51 18.09 6.69
CA LYS B 204 -24.06 18.16 6.85
C LYS B 204 -23.66 18.76 8.19
N HIS B 205 -24.25 18.23 9.25
CA HIS B 205 -23.92 18.54 10.63
C HIS B 205 -23.38 17.32 11.34
N VAL B 206 -22.87 16.35 10.57
CA VAL B 206 -22.23 15.17 11.11
C VAL B 206 -20.83 15.52 11.59
N LYS B 207 -20.20 14.58 12.27
CA LYS B 207 -18.85 14.77 12.79
C LYS B 207 -17.86 14.95 11.65
N GLY B 208 -16.92 15.87 11.84
CA GLY B 208 -16.03 16.33 10.79
C GLY B 208 -16.23 17.79 10.46
N TYR B 209 -17.48 18.25 10.43
CA TYR B 209 -17.77 19.67 10.26
C TYR B 209 -17.54 20.40 11.57
N HIS B 210 -17.22 21.68 11.47
CA HIS B 210 -17.12 22.53 12.64
C HIS B 210 -17.86 23.83 12.37
N TYR B 211 -18.56 24.33 13.38
CA TYR B 211 -19.36 25.53 13.22
C TYR B 211 -19.07 26.50 14.35
N ILE B 212 -18.81 27.76 13.97
CA ILE B 212 -18.59 28.82 14.94
C ILE B 212 -19.65 29.90 14.74
N ILE B 213 -20.37 30.22 15.82
CA ILE B 213 -21.41 31.23 15.76
C ILE B 213 -20.84 32.52 16.33
N ALA B 214 -21.03 33.61 15.61
CA ALA B 214 -20.31 34.85 15.92
C ALA B 214 -21.22 35.94 16.45
N ASN B 215 -22.12 35.59 17.36
CA ASN B 215 -22.85 36.58 18.13
C ASN B 215 -22.76 36.20 19.60
N LEU B 216 -23.24 37.10 20.46
CA LEU B 216 -23.21 36.82 21.88
C LEU B 216 -24.30 35.85 22.29
N GLY B 217 -25.31 35.65 21.43
CA GLY B 217 -26.39 34.74 21.74
C GLY B 217 -26.11 33.31 21.35
N PHE B 218 -25.07 32.72 21.94
CA PHE B 218 -24.84 31.29 21.75
C PHE B 218 -25.95 30.46 22.36
N THR B 219 -26.44 30.85 23.54
CA THR B 219 -27.53 30.14 24.17
C THR B 219 -28.87 30.50 23.53
N ASP B 220 -28.93 31.59 22.76
CA ASP B 220 -30.19 32.03 22.20
C ASP B 220 -30.61 31.21 20.98
N GLY B 221 -29.72 30.38 20.45
CA GLY B 221 -30.05 29.58 19.29
C GLY B 221 -30.76 28.29 19.66
N ASP B 222 -30.96 27.45 18.64
CA ASP B 222 -31.54 26.13 18.82
C ASP B 222 -30.41 25.14 19.07
N LEU B 223 -30.03 24.99 20.33
CA LEU B 223 -28.90 24.14 20.68
C LEU B 223 -29.24 22.67 20.61
N LEU B 224 -30.50 22.32 20.90
CA LEU B 224 -30.87 20.92 21.05
C LEU B 224 -30.92 20.20 19.71
N LYS B 225 -31.23 20.93 18.64
CA LYS B 225 -31.50 20.30 17.37
C LYS B 225 -30.23 19.81 16.68
N ILE B 226 -29.08 20.40 17.03
CA ILE B 226 -27.78 19.90 16.62
C ILE B 226 -26.88 19.64 17.82
N GLN B 227 -27.47 19.41 18.99
CA GLN B 227 -26.71 18.89 20.12
C GLN B 227 -26.19 17.49 19.82
N PHE B 228 -26.96 16.69 19.09
CA PHE B 228 -26.63 15.30 18.81
C PHE B 228 -26.39 15.06 17.33
N GLY B 229 -26.22 16.12 16.54
CA GLY B 229 -26.07 15.94 15.11
C GLY B 229 -24.71 15.43 14.69
N GLY B 230 -23.67 15.73 15.46
CA GLY B 230 -22.34 15.23 15.20
C GLY B 230 -21.28 16.29 15.05
N ALA B 231 -21.58 17.42 14.39
CA ALA B 231 -20.57 18.44 14.18
C ALA B 231 -20.28 19.20 15.46
N GLU B 232 -19.12 19.84 15.50
CA GLU B 232 -18.71 20.56 16.69
C GLU B 232 -19.10 22.04 16.58
N VAL B 233 -19.84 22.52 17.57
CA VAL B 233 -20.34 23.88 17.58
C VAL B 233 -19.74 24.60 18.77
N SER B 234 -19.09 25.73 18.50
CA SER B 234 -18.45 26.53 19.52
C SER B 234 -18.84 27.98 19.30
N GLY B 235 -19.14 28.70 20.38
CA GLY B 235 -19.61 30.06 20.21
C GLY B 235 -19.24 30.94 21.39
N PHE B 236 -19.85 32.12 21.40
CA PHE B 236 -19.60 33.11 22.43
C PHE B 236 -20.89 33.44 23.15
N GLN B 237 -20.86 33.38 24.48
CA GLN B 237 -21.99 33.80 25.29
C GLN B 237 -21.50 34.79 26.33
N ILE B 238 -22.17 35.93 26.41
CA ILE B 238 -21.85 36.95 27.41
C ILE B 238 -22.70 36.77 28.66
N VAL B 239 -23.85 36.11 28.53
CA VAL B 239 -24.77 35.95 29.66
C VAL B 239 -24.39 34.64 30.34
N ASP B 240 -23.55 34.76 31.36
CA ASP B 240 -23.14 33.59 32.13
C ASP B 240 -24.22 33.23 33.13
N TYR B 241 -24.96 32.16 32.84
CA TYR B 241 -26.07 31.75 33.69
C TYR B 241 -25.60 31.13 35.01
N ASP B 242 -24.30 30.86 35.14
CA ASP B 242 -23.78 30.22 36.34
C ASP B 242 -23.72 31.18 37.53
N ASP B 243 -23.68 32.48 37.28
CA ASP B 243 -23.56 33.44 38.37
C ASP B 243 -24.87 33.57 39.13
N SER B 244 -24.75 33.67 40.46
CA SER B 244 -25.94 33.84 41.30
C SER B 244 -26.58 35.20 41.08
N LEU B 245 -25.77 36.23 40.81
CA LEU B 245 -26.30 37.54 40.45
C LEU B 245 -27.10 37.46 39.15
N VAL B 246 -26.66 36.62 38.22
CA VAL B 246 -27.45 36.34 37.04
C VAL B 246 -28.62 35.44 37.41
N SER B 247 -28.41 34.47 38.30
CA SER B 247 -29.45 33.51 38.64
C SER B 247 -30.58 34.15 39.42
N LYS B 248 -30.27 35.03 40.38
CA LYS B 248 -31.30 35.73 41.12
C LYS B 248 -32.11 36.66 40.23
N PHE B 249 -31.50 37.17 39.15
CA PHE B 249 -32.27 37.85 38.13
C PHE B 249 -33.24 36.87 37.45
N ILE B 250 -32.74 35.70 37.04
CA ILE B 250 -33.57 34.69 36.37
C ILE B 250 -34.62 34.14 37.33
N GLU B 251 -34.29 34.07 38.63
CA GLU B 251 -35.29 33.76 39.65
C GLU B 251 -36.41 34.79 39.68
N ARG B 252 -36.10 36.04 39.33
CA ARG B 252 -37.11 37.08 39.19
C ARG B 252 -37.62 37.20 37.76
N TRP B 253 -36.76 36.91 36.77
CA TRP B 253 -37.15 37.04 35.36
C TRP B 253 -38.17 35.99 34.96
N SER B 254 -37.89 34.72 35.28
CA SER B 254 -38.74 33.63 34.84
C SER B 254 -40.09 33.62 35.56
N THR B 255 -40.16 34.24 36.75
CA THR B 255 -41.41 34.29 37.48
C THR B 255 -42.28 35.46 37.05
N LEU B 256 -41.85 36.24 36.06
CA LEU B 256 -42.68 37.32 35.54
C LEU B 256 -43.84 36.76 34.72
N GLU B 257 -44.87 37.58 34.55
CA GLU B 257 -45.97 37.21 33.68
C GLU B 257 -45.54 37.27 32.22
N GLU B 258 -45.78 36.17 31.50
CA GLU B 258 -45.45 36.12 30.09
C GLU B 258 -46.42 36.95 29.25
N LYS B 259 -47.67 37.09 29.71
CA LYS B 259 -48.63 37.90 28.97
C LYS B 259 -48.34 39.39 29.12
N GLU B 260 -48.08 39.85 30.34
CA GLU B 260 -47.71 41.24 30.57
C GLU B 260 -46.34 41.57 30.00
N TYR B 261 -45.37 40.68 30.22
CA TYR B 261 -44.01 40.86 29.72
C TYR B 261 -43.73 39.73 28.75
N PRO B 262 -43.87 39.96 27.44
CA PRO B 262 -43.63 38.89 26.47
C PRO B 262 -42.16 38.50 26.40
N GLY B 263 -41.92 37.19 26.49
CA GLY B 263 -40.57 36.66 26.51
C GLY B 263 -39.91 36.65 27.86
N ALA B 264 -40.65 36.86 28.94
CA ALA B 264 -40.05 36.93 30.27
C ALA B 264 -40.03 35.60 31.00
N HIS B 265 -41.08 34.79 30.85
CA HIS B 265 -41.29 33.62 31.72
C HIS B 265 -40.30 32.50 31.40
N THR B 266 -39.67 32.58 30.23
CA THR B 266 -38.65 31.62 29.84
C THR B 266 -37.41 31.78 30.70
N ALA B 267 -36.76 30.67 31.03
CA ALA B 267 -35.57 30.71 31.86
C ALA B 267 -34.38 31.29 31.09
N THR B 268 -34.40 31.17 29.77
CA THR B 268 -33.39 31.80 28.94
C THR B 268 -33.75 33.27 28.71
N ILE B 269 -32.78 34.01 28.18
CA ILE B 269 -32.95 35.43 27.89
C ILE B 269 -31.95 35.82 26.81
N LYS B 270 -32.37 36.72 25.92
CA LYS B 270 -31.46 37.25 24.93
C LYS B 270 -30.42 38.14 25.59
N TYR B 271 -29.23 38.22 24.97
CA TYR B 271 -28.19 39.11 25.47
C TYR B 271 -28.57 40.56 25.26
N THR B 272 -29.37 40.84 24.23
CA THR B 272 -29.86 42.20 24.00
C THR B 272 -30.79 42.62 25.13
N SER B 273 -31.60 41.69 25.63
CA SER B 273 -32.42 41.99 26.80
C SER B 273 -31.55 42.13 28.05
N ALA B 274 -30.45 41.39 28.10
CA ALA B 274 -29.54 41.51 29.24
C ALA B 274 -28.81 42.85 29.22
N LEU B 275 -28.39 43.29 28.03
CA LEU B 275 -27.74 44.59 27.94
C LEU B 275 -28.72 45.74 28.12
N THR B 276 -30.00 45.51 27.83
CA THR B 276 -31.01 46.53 28.09
C THR B 276 -31.22 46.70 29.58
N TYR B 277 -31.29 45.60 30.33
CA TYR B 277 -31.40 45.66 31.78
C TYR B 277 -30.14 46.25 32.41
N ASP B 278 -28.97 45.94 31.85
CA ASP B 278 -27.73 46.49 32.36
C ASP B 278 -27.59 47.97 32.03
N ALA B 279 -28.23 48.44 30.96
CA ALA B 279 -28.13 49.85 30.59
C ALA B 279 -28.86 50.73 31.58
N VAL B 280 -29.97 50.23 32.14
CA VAL B 280 -30.71 50.97 33.16
C VAL B 280 -29.86 51.09 34.43
N GLN B 281 -29.10 50.05 34.73
CA GLN B 281 -28.16 50.08 35.86
C GLN B 281 -27.09 51.14 35.66
N VAL B 282 -26.64 51.33 34.43
CA VAL B 282 -25.65 52.37 34.14
C VAL B 282 -26.31 53.75 34.18
N MET B 283 -27.50 53.87 33.61
CA MET B 283 -28.17 55.16 33.53
C MET B 283 -28.66 55.64 34.89
N THR B 284 -29.04 54.71 35.77
CA THR B 284 -29.40 55.09 37.13
C THR B 284 -28.19 55.56 37.91
N GLU B 285 -27.09 54.81 37.84
CA GLU B 285 -25.88 55.15 38.56
C GLU B 285 -25.26 56.44 38.04
N ALA B 286 -25.50 56.78 36.77
CA ALA B 286 -25.07 58.08 36.25
C ALA B 286 -25.81 59.21 36.94
N PHE B 287 -27.15 59.17 36.92
CA PHE B 287 -27.92 60.23 37.56
C PHE B 287 -27.90 60.11 39.08
N ARG B 288 -27.47 58.97 39.63
CA ARG B 288 -27.12 58.94 41.04
C ARG B 288 -25.84 59.71 41.30
N ASN B 289 -24.94 59.75 40.30
CA ASN B 289 -23.71 60.50 40.47
C ASN B 289 -23.88 61.97 40.09
N LEU B 290 -24.72 62.25 39.08
CA LEU B 290 -25.05 63.64 38.76
C LEU B 290 -25.82 64.31 39.89
N ARG B 291 -26.62 63.55 40.62
CA ARG B 291 -27.28 64.13 41.79
C ARG B 291 -26.29 64.34 42.93
N LYS B 292 -25.23 63.53 42.97
CA LYS B 292 -24.16 63.78 43.93
C LYS B 292 -23.24 64.90 43.47
N GLN B 293 -22.92 64.95 42.17
CA GLN B 293 -22.14 66.04 41.63
C GLN B 293 -22.94 67.33 41.53
N ARG B 294 -24.28 67.23 41.58
CA ARG B 294 -25.20 68.36 41.71
C ARG B 294 -25.13 69.32 40.53
N ILE B 295 -24.81 68.80 39.35
CA ILE B 295 -24.79 69.59 38.14
C ILE B 295 -26.21 69.62 37.61
N GLU B 296 -26.91 70.72 37.88
CA GLU B 296 -28.33 70.78 37.56
C GLU B 296 -28.52 71.05 36.07
N ILE B 297 -29.32 70.20 35.44
CA ILE B 297 -29.50 70.19 34.00
C ILE B 297 -30.95 70.46 33.60
N SER B 298 -31.67 71.30 34.36
CA SER B 298 -33.11 71.43 34.21
C SER B 298 -33.48 72.08 32.89
N ARG B 299 -33.78 71.23 31.90
CA ARG B 299 -34.13 71.71 30.57
C ARG B 299 -35.59 71.41 30.28
N ARG B 300 -36.28 72.43 29.78
CA ARG B 300 -37.54 72.24 29.07
C ARG B 300 -37.23 71.97 27.60
N GLY B 301 -38.24 72.07 26.73
CA GLY B 301 -37.96 72.00 25.31
C GLY B 301 -37.25 73.21 24.73
N ASN B 302 -36.09 73.57 25.28
CA ASN B 302 -35.25 74.63 24.73
C ASN B 302 -34.47 74.10 23.54
N ALA B 303 -34.26 72.78 23.54
CA ALA B 303 -33.70 72.12 22.36
C ALA B 303 -34.66 72.21 21.18
N GLY B 304 -35.89 71.75 21.35
CA GLY B 304 -36.97 72.04 20.43
C GLY B 304 -36.80 71.44 19.05
N ASP B 305 -36.70 72.33 18.07
CA ASP B 305 -36.49 71.91 16.69
C ASP B 305 -35.06 71.44 16.49
N CYS B 306 -34.92 70.27 15.86
CA CYS B 306 -33.63 69.79 15.39
C CYS B 306 -33.20 70.44 14.09
N LEU B 307 -34.09 71.17 13.43
CA LEU B 307 -33.77 71.89 12.20
C LEU B 307 -33.30 73.31 12.46
N ALA B 308 -32.91 73.62 13.70
CA ALA B 308 -32.37 74.94 13.99
C ALA B 308 -31.04 75.12 13.27
N ASN B 309 -30.92 76.21 12.53
CA ASN B 309 -29.81 76.41 11.62
C ASN B 309 -29.04 77.66 12.00
N PRO B 310 -27.86 77.53 12.64
CA PRO B 310 -27.32 76.29 13.20
C PRO B 310 -27.85 76.03 14.61
N ALA B 311 -28.06 74.76 14.95
CA ALA B 311 -28.49 74.40 16.30
C ALA B 311 -27.28 74.38 17.23
N VAL B 312 -27.31 75.25 18.23
CA VAL B 312 -26.27 75.24 19.26
C VAL B 312 -26.81 74.57 20.52
N PRO B 313 -26.24 73.43 20.92
CA PRO B 313 -26.83 72.69 22.04
C PRO B 313 -26.27 73.17 23.37
N TRP B 314 -27.02 72.90 24.43
CA TRP B 314 -26.57 73.19 25.78
C TRP B 314 -25.44 72.23 26.16
N GLY B 315 -24.30 72.80 26.52
CA GLY B 315 -23.08 72.02 26.66
C GLY B 315 -22.92 71.28 27.97
N GLN B 316 -23.94 71.25 28.81
CA GLN B 316 -23.87 70.45 30.03
C GLN B 316 -23.98 68.97 29.73
N GLY B 317 -24.48 68.61 28.55
CA GLY B 317 -24.52 67.22 28.14
C GLY B 317 -23.15 66.61 27.90
N VAL B 318 -22.13 67.45 27.70
CA VAL B 318 -20.77 66.97 27.53
C VAL B 318 -20.28 66.32 28.83
N GLU B 319 -20.54 66.96 29.97
CA GLU B 319 -20.18 66.36 31.25
C GLU B 319 -21.07 65.17 31.57
N ILE B 320 -22.33 65.20 31.10
CA ILE B 320 -23.21 64.04 31.19
C ILE B 320 -22.63 62.88 30.41
N GLU B 321 -22.07 63.16 29.23
CA GLU B 321 -21.34 62.14 28.46
C GLU B 321 -20.11 61.66 29.22
N ARG B 322 -19.42 62.58 29.92
CA ARG B 322 -18.24 62.20 30.67
C ARG B 322 -18.60 61.34 31.87
N ALA B 323 -19.61 61.75 32.64
CA ALA B 323 -19.98 60.99 33.83
C ALA B 323 -20.63 59.67 33.49
N LEU B 324 -21.22 59.56 32.30
CA LEU B 324 -21.59 58.24 31.77
C LEU B 324 -20.36 57.39 31.52
N LYS B 325 -19.32 57.98 30.92
CA LYS B 325 -18.09 57.23 30.66
C LYS B 325 -17.27 57.01 31.92
N GLN B 326 -17.58 57.70 33.02
CA GLN B 326 -16.95 57.43 34.30
C GLN B 326 -17.60 56.27 35.05
N VAL B 327 -18.67 55.69 34.51
CA VAL B 327 -19.37 54.62 35.22
C VAL B 327 -18.57 53.34 35.16
N GLN B 328 -18.26 52.78 36.33
CA GLN B 328 -17.68 51.44 36.43
C GLN B 328 -18.54 50.64 37.41
N VAL B 329 -19.48 49.89 36.87
CA VAL B 329 -20.38 49.06 37.68
C VAL B 329 -20.31 47.64 37.18
N GLU B 330 -20.73 46.70 38.03
CA GLU B 330 -20.88 45.32 37.61
C GLU B 330 -22.26 45.12 37.01
N GLY B 331 -22.43 44.00 36.33
CA GLY B 331 -23.71 43.71 35.71
C GLY B 331 -23.80 42.28 35.26
N LEU B 332 -24.79 42.02 34.40
CA LEU B 332 -24.96 40.68 33.84
C LEU B 332 -23.84 40.34 32.87
N SER B 333 -23.22 41.35 32.27
CA SER B 333 -22.07 41.17 31.39
C SER B 333 -20.75 41.40 32.13
N GLY B 334 -20.71 41.13 33.42
CA GLY B 334 -19.49 41.35 34.18
C GLY B 334 -19.28 42.83 34.48
N ASN B 335 -18.01 43.21 34.57
CA ASN B 335 -17.65 44.59 34.83
C ASN B 335 -17.93 45.44 33.60
N ILE B 336 -18.45 46.65 33.82
CA ILE B 336 -18.81 47.56 32.75
C ILE B 336 -17.96 48.81 32.91
N LYS B 337 -16.86 48.88 32.16
CA LYS B 337 -15.99 50.05 32.17
C LYS B 337 -15.97 50.63 30.77
N PHE B 338 -15.89 51.95 30.67
CA PHE B 338 -15.97 52.65 29.39
C PHE B 338 -14.65 53.35 29.09
N ASP B 339 -14.41 53.55 27.80
CA ASP B 339 -13.33 54.42 27.37
C ASP B 339 -13.82 55.86 27.27
N GLN B 340 -13.01 56.70 26.61
CA GLN B 340 -13.46 58.05 26.31
C GLN B 340 -14.26 58.12 25.02
N ASN B 341 -14.47 56.98 24.36
CA ASN B 341 -15.19 56.95 23.10
C ASN B 341 -16.52 56.22 23.20
N GLY B 342 -16.89 55.72 24.36
CA GLY B 342 -18.13 55.00 24.54
C GLY B 342 -18.04 53.51 24.39
N LYS B 343 -16.88 52.98 24.01
CA LYS B 343 -16.72 51.55 23.86
C LYS B 343 -16.47 50.92 25.23
N ARG B 344 -16.88 49.67 25.36
CA ARG B 344 -16.75 49.00 26.65
C ARG B 344 -15.36 48.39 26.81
N ILE B 345 -14.83 48.50 28.03
CA ILE B 345 -13.54 47.93 28.38
C ILE B 345 -13.67 47.23 29.73
N ASN B 346 -12.59 46.53 30.10
CA ASN B 346 -12.49 45.70 31.32
C ASN B 346 -13.66 44.71 31.42
N TYR B 347 -14.00 44.09 30.30
CA TYR B 347 -15.06 43.09 30.27
C TYR B 347 -14.45 41.70 30.10
N THR B 348 -15.31 40.70 29.96
CA THR B 348 -14.89 39.31 29.83
C THR B 348 -15.91 38.55 29.01
N ILE B 349 -15.46 37.95 27.91
CA ILE B 349 -16.32 37.17 27.03
C ILE B 349 -16.09 35.70 27.33
N ASN B 350 -17.17 34.98 27.62
CA ASN B 350 -17.07 33.57 27.97
C ASN B 350 -17.19 32.70 26.73
N ILE B 351 -16.13 31.93 26.46
CA ILE B 351 -16.15 30.99 25.33
C ILE B 351 -16.96 29.77 25.74
N MET B 352 -18.02 29.51 24.98
CA MET B 352 -18.88 28.36 25.23
C MET B 352 -18.75 27.38 24.08
N GLU B 353 -18.87 26.09 24.41
CA GLU B 353 -18.87 25.05 23.40
C GLU B 353 -20.07 24.14 23.61
N LEU B 354 -20.76 23.82 22.52
CA LEU B 354 -21.87 22.89 22.57
C LEU B 354 -21.33 21.47 22.65
N LYS B 355 -21.76 20.76 23.69
CA LYS B 355 -21.34 19.37 23.89
C LYS B 355 -22.57 18.47 23.87
N THR B 356 -22.35 17.20 24.23
CA THR B 356 -23.46 16.26 24.30
C THR B 356 -24.43 16.62 25.42
N ASN B 357 -23.91 17.09 26.56
CA ASN B 357 -24.77 17.52 27.66
C ASN B 357 -25.28 18.95 27.48
N GLY B 358 -24.85 19.66 26.43
CA GLY B 358 -25.31 21.00 26.19
C GLY B 358 -24.15 21.97 26.04
N PRO B 359 -24.40 23.25 26.32
CA PRO B 359 -23.31 24.23 26.26
C PRO B 359 -22.32 24.02 27.39
N ARG B 360 -21.08 24.42 27.13
CA ARG B 360 -20.00 24.15 28.08
C ARG B 360 -18.92 25.20 27.92
N LYS B 361 -18.52 25.80 29.04
CA LYS B 361 -17.44 26.76 29.06
C LYS B 361 -16.09 26.06 29.09
N ILE B 362 -15.21 26.45 28.18
CA ILE B 362 -13.83 25.99 28.22
C ILE B 362 -12.89 27.08 28.71
N GLY B 363 -13.39 28.29 28.88
CA GLY B 363 -12.56 29.40 29.29
C GLY B 363 -13.20 30.72 28.94
N TYR B 364 -12.40 31.77 29.06
CA TYR B 364 -12.89 33.13 28.91
C TYR B 364 -11.86 33.98 28.17
N TRP B 365 -12.34 35.03 27.52
CA TRP B 365 -11.49 35.99 26.83
C TRP B 365 -11.73 37.38 27.41
N SER B 366 -10.65 38.14 27.61
CA SER B 366 -10.77 39.55 27.90
C SER B 366 -9.81 40.33 27.01
N GLU B 367 -9.91 41.66 27.11
CA GLU B 367 -9.36 42.55 26.08
C GLU B 367 -7.84 42.57 26.04
N VAL B 368 -7.17 42.60 27.19
CA VAL B 368 -5.72 42.50 27.25
C VAL B 368 -5.28 41.33 28.10
N ASP B 369 -6.13 40.92 29.03
CA ASP B 369 -6.00 39.63 29.68
C ASP B 369 -6.67 38.54 28.85
N LYS B 370 -6.00 38.06 27.81
CA LYS B 370 -6.64 37.44 26.64
C LYS B 370 -7.09 36.01 26.95
N MET B 371 -7.44 35.26 25.89
CA MET B 371 -8.18 34.01 26.01
C MET B 371 -7.45 32.97 26.84
N VAL B 372 -8.02 32.69 28.01
CA VAL B 372 -7.45 31.74 28.96
C VAL B 372 -8.41 30.56 29.08
N LEU B 373 -7.93 29.38 28.71
CA LEU B 373 -8.71 28.17 28.91
C LEU B 373 -8.79 27.84 30.39
N THR B 374 -9.94 27.32 30.80
CA THR B 374 -10.22 27.04 32.20
C THR B 374 -10.63 25.56 32.26
N GLU B 375 -10.86 25.09 33.51
CA GLU B 375 -10.91 23.72 34.03
C GLU B 375 -11.37 22.64 33.07
N ASP B 376 -10.68 21.48 33.13
CA ASP B 376 -10.62 20.53 32.02
C ASP B 376 -11.16 19.14 32.37
N ASP B 377 -12.06 19.00 33.34
CA ASP B 377 -12.67 17.70 33.62
C ASP B 377 -13.71 17.36 32.56
N THR B 378 -13.23 16.77 31.48
CA THR B 378 -14.09 16.32 30.38
C THR B 378 -14.55 14.89 30.64
N SER B 379 -15.48 14.76 31.59
CA SER B 379 -16.05 13.46 31.90
C SER B 379 -16.89 12.93 30.75
N GLY B 380 -17.61 13.82 30.07
CA GLY B 380 -18.21 13.44 28.81
C GLY B 380 -17.14 13.22 27.74
N LEU B 381 -17.38 12.19 26.92
CA LEU B 381 -16.43 11.69 25.92
C LEU B 381 -15.09 11.35 26.56
N GLU B 382 -15.11 10.32 27.42
CA GLU B 382 -13.94 9.95 28.21
C GLU B 382 -12.90 9.29 27.32
N GLN B 383 -12.09 10.11 26.66
CA GLN B 383 -10.99 9.67 25.81
C GLN B 383 -9.64 10.00 26.43
N LYS B 384 -9.50 11.23 26.95
CA LYS B 384 -8.41 11.77 27.79
C LYS B 384 -6.99 11.31 27.47
N THR B 385 -6.58 11.51 26.20
CA THR B 385 -5.21 11.64 25.67
C THR B 385 -4.16 10.74 26.33
N VAL B 386 -4.32 9.42 26.11
CA VAL B 386 -3.73 8.36 26.94
C VAL B 386 -2.21 8.47 27.03
N VAL B 387 -1.72 8.58 28.27
CA VAL B 387 -0.30 8.84 28.49
C VAL B 387 0.50 7.58 28.20
N VAL B 388 1.35 7.65 27.18
CA VAL B 388 2.16 6.52 26.75
C VAL B 388 3.57 6.77 27.26
N THR B 389 3.95 6.11 28.34
CA THR B 389 5.32 6.21 28.80
C THR B 389 6.23 5.35 27.94
N THR B 390 7.46 5.80 27.76
CA THR B 390 8.43 5.12 26.92
C THR B 390 9.83 5.61 27.25
N ILE B 391 10.81 4.98 26.61
CA ILE B 391 12.21 5.36 26.74
C ILE B 391 12.78 5.61 25.35
N LEU B 392 13.66 6.61 25.26
CA LEU B 392 14.32 6.94 23.99
C LEU B 392 15.31 5.84 23.64
N GLU B 393 14.91 4.94 22.76
CA GLU B 393 15.76 3.85 22.31
C GLU B 393 15.63 3.73 20.80
N SER B 394 16.76 3.64 20.12
CA SER B 394 16.74 3.39 18.69
C SER B 394 16.60 1.89 18.45
N PRO B 395 15.83 1.47 17.45
CA PRO B 395 14.96 2.27 16.58
C PRO B 395 13.52 2.27 17.06
N TYR B 396 13.33 2.26 18.37
CA TYR B 396 11.98 2.12 18.93
C TYR B 396 11.33 3.47 19.17
N VAL B 397 12.02 4.35 19.91
CA VAL B 397 11.60 5.72 20.11
C VAL B 397 12.81 6.62 19.92
N MET B 398 12.75 7.49 18.91
CA MET B 398 13.88 8.35 18.57
C MET B 398 13.41 9.79 18.43
N MET B 399 14.37 10.70 18.39
CA MET B 399 14.07 12.11 18.19
C MET B 399 14.16 12.48 16.72
N LYS B 400 13.35 13.44 16.31
CA LYS B 400 13.43 13.97 14.97
C LYS B 400 14.67 14.85 14.82
N LYS B 401 15.10 15.03 13.58
CA LYS B 401 16.10 16.05 13.30
C LYS B 401 15.53 17.45 13.48
N ASN B 402 14.24 17.60 13.22
CA ASN B 402 13.51 18.85 13.39
C ASN B 402 12.40 18.69 14.43
N HIS B 403 12.76 18.09 15.57
CA HIS B 403 11.80 17.92 16.66
C HIS B 403 11.37 19.25 17.25
N GLU B 404 12.22 20.27 17.16
CA GLU B 404 11.81 21.62 17.54
C GLU B 404 10.78 22.18 16.56
N MET B 405 10.84 21.75 15.30
CA MET B 405 9.85 22.16 14.32
C MET B 405 8.54 21.37 14.45
N LEU B 406 8.54 20.31 15.24
CA LEU B 406 7.36 19.50 15.47
C LEU B 406 6.91 19.67 16.92
N GLU B 407 5.75 19.09 17.23
CA GLU B 407 5.15 19.27 18.55
C GLU B 407 4.55 17.95 19.05
N GLY B 408 4.87 17.63 20.30
CA GLY B 408 4.23 16.54 21.01
C GLY B 408 4.63 15.17 20.48
N ASN B 409 3.63 14.44 20.01
CA ASN B 409 3.86 13.09 19.50
C ASN B 409 4.57 13.12 18.15
N GLU B 410 4.52 14.25 17.45
CA GLU B 410 5.22 14.37 16.18
C GLU B 410 6.73 14.42 16.37
N ARG B 411 7.19 14.85 17.55
CA ARG B 411 8.61 15.01 17.81
C ARG B 411 9.33 13.67 17.93
N TYR B 412 8.57 12.60 18.07
CA TYR B 412 9.13 11.28 18.34
C TYR B 412 8.92 10.39 17.14
N GLU B 413 9.79 9.39 17.00
CA GLU B 413 9.73 8.49 15.85
C GLU B 413 10.37 7.17 16.25
N GLY B 414 10.00 6.12 15.52
CA GLY B 414 10.61 4.83 15.76
C GLY B 414 9.61 3.71 15.62
N TYR B 415 10.05 2.53 16.04
CA TYR B 415 9.24 1.32 15.90
C TYR B 415 8.01 1.35 16.80
N CYS B 416 8.22 1.68 18.08
CA CYS B 416 7.10 1.71 19.02
C CYS B 416 6.21 2.91 18.78
N VAL B 417 6.71 3.92 18.08
CA VAL B 417 5.92 5.11 17.80
C VAL B 417 4.85 4.80 16.75
N ASP B 418 5.21 4.01 15.73
CA ASP B 418 4.20 3.59 14.75
C ASP B 418 3.23 2.60 15.36
N LEU B 419 3.69 1.82 16.34
CA LEU B 419 2.81 0.91 17.06
C LEU B 419 1.79 1.69 17.88
N ALA B 420 2.17 2.85 18.41
CA ALA B 420 1.26 3.66 19.19
C ALA B 420 0.13 4.23 18.33
N ALA B 421 0.40 4.45 17.04
CA ALA B 421 -0.66 4.85 16.13
C ALA B 421 -1.63 3.71 15.88
N GLU B 422 -1.13 2.47 15.86
CA GLU B 422 -1.95 1.34 15.48
C GLU B 422 -2.88 0.92 16.60
N ILE B 423 -2.46 1.10 17.85
CA ILE B 423 -3.35 0.83 18.97
C ILE B 423 -4.46 1.86 19.02
N ALA B 424 -4.12 3.12 18.68
CA ALA B 424 -5.14 4.16 18.55
C ALA B 424 -6.07 3.89 17.39
N LYS B 425 -5.55 3.30 16.31
CA LYS B 425 -6.42 2.87 15.22
C LYS B 425 -7.25 1.65 15.64
N HIS B 426 -6.73 0.86 16.57
CA HIS B 426 -7.46 -0.33 17.04
C HIS B 426 -8.43 0.00 18.15
N CYS B 427 -8.01 0.78 19.15
CA CYS B 427 -8.82 0.99 20.34
C CYS B 427 -9.49 2.35 20.40
N GLY B 428 -9.17 3.27 19.50
CA GLY B 428 -9.88 4.54 19.42
C GLY B 428 -9.62 5.50 20.57
N PHE B 429 -8.41 6.05 20.63
CA PHE B 429 -8.07 6.97 21.71
C PHE B 429 -7.01 7.95 21.22
N LYS B 430 -6.97 9.12 21.84
CA LYS B 430 -5.83 10.00 21.68
C LYS B 430 -4.72 9.57 22.63
N TYR B 431 -3.49 9.91 22.28
CA TYR B 431 -2.35 9.38 23.00
C TYR B 431 -1.33 10.48 23.23
N LYS B 432 -0.55 10.31 24.29
CA LYS B 432 0.55 11.22 24.60
C LYS B 432 1.80 10.41 24.87
N LEU B 433 2.75 10.49 23.95
CA LEU B 433 4.03 9.83 24.14
C LEU B 433 4.88 10.63 25.12
N THR B 434 5.21 10.00 26.25
CA THR B 434 6.01 10.67 27.27
C THR B 434 7.28 9.87 27.51
N ILE B 435 8.41 10.57 27.53
CA ILE B 435 9.68 9.94 27.81
C ILE B 435 9.79 9.74 29.32
N VAL B 436 10.34 8.59 29.73
CA VAL B 436 10.50 8.32 31.15
C VAL B 436 11.56 9.24 31.74
N GLY B 437 11.31 9.71 32.97
CA GLY B 437 12.15 10.71 33.58
C GLY B 437 13.53 10.22 33.98
N ASP B 438 13.58 9.13 34.77
CA ASP B 438 14.84 8.65 35.27
C ASP B 438 15.65 7.87 34.23
N GLY B 439 15.04 7.53 33.10
CA GLY B 439 15.70 6.71 32.10
C GLY B 439 15.75 5.24 32.44
N LYS B 440 15.06 4.81 33.48
CA LYS B 440 15.04 3.41 33.87
C LYS B 440 13.90 2.68 33.17
N TYR B 441 14.08 1.36 33.02
CA TYR B 441 13.04 0.56 32.38
C TYR B 441 11.93 0.19 33.35
N GLY B 442 12.08 0.53 34.63
CA GLY B 442 11.05 0.14 35.56
C GLY B 442 11.46 -1.03 36.43
N ALA B 443 12.69 -0.95 36.95
CA ALA B 443 13.18 -1.96 37.88
C ALA B 443 12.54 -1.75 39.24
N ARG B 444 12.71 -2.74 40.11
CA ARG B 444 12.24 -2.62 41.48
C ARG B 444 13.43 -2.34 42.38
N ASP B 445 13.25 -1.46 43.36
CA ASP B 445 14.25 -1.26 44.40
C ASP B 445 14.28 -2.48 45.30
N ALA B 446 15.44 -2.73 45.92
CA ALA B 446 15.51 -3.76 46.94
C ALA B 446 15.43 -3.19 48.34
N ASP B 447 15.70 -1.89 48.50
CA ASP B 447 15.67 -1.26 49.82
C ASP B 447 14.29 -0.68 50.10
N THR B 448 13.86 0.28 49.28
CA THR B 448 12.54 0.85 49.47
C THR B 448 11.45 -0.02 48.89
N LYS B 449 11.83 -0.97 48.02
CA LYS B 449 10.92 -1.79 47.21
C LYS B 449 9.95 -0.92 46.42
N ILE B 450 10.48 0.17 45.88
CA ILE B 450 9.72 1.10 45.07
C ILE B 450 10.17 0.93 43.62
N TRP B 451 9.22 0.67 42.74
CA TRP B 451 9.50 0.60 41.32
C TRP B 451 9.89 1.96 40.79
N ASN B 452 11.04 2.02 40.12
CA ASN B 452 11.42 3.23 39.41
C ASN B 452 10.89 3.14 37.99
N GLY B 453 11.39 4.00 37.11
CA GLY B 453 11.22 3.87 35.68
C GLY B 453 9.80 3.96 35.18
N MET B 454 9.55 3.23 34.10
CA MET B 454 8.24 3.21 33.48
C MET B 454 7.23 2.47 34.33
N VAL B 455 7.66 1.41 35.01
CA VAL B 455 6.77 0.64 35.88
C VAL B 455 6.33 1.48 37.06
N GLY B 456 7.27 2.24 37.64
CA GLY B 456 6.90 3.20 38.68
C GLY B 456 6.00 4.30 38.17
N GLU B 457 6.06 4.60 36.88
CA GLU B 457 5.07 5.48 36.28
C GLU B 457 3.76 4.77 36.02
N LEU B 458 3.78 3.45 35.82
CA LEU B 458 2.56 2.71 35.59
C LEU B 458 1.86 2.31 36.89
N VAL B 459 2.64 1.87 37.88
CA VAL B 459 2.05 1.43 39.15
C VAL B 459 1.47 2.60 39.90
N TYR B 460 2.19 3.72 39.96
CA TYR B 460 1.83 4.84 40.81
C TYR B 460 0.89 5.82 40.12
N GLY B 461 0.25 5.41 39.03
CA GLY B 461 -0.74 6.22 38.36
C GLY B 461 -0.19 7.36 37.52
N LYS B 462 1.15 7.48 37.42
CA LYS B 462 1.73 8.56 36.64
C LYS B 462 1.53 8.37 35.15
N ALA B 463 1.54 7.13 34.68
CA ALA B 463 1.42 6.82 33.27
C ALA B 463 0.16 6.00 33.02
N ASP B 464 -0.41 6.16 31.83
CA ASP B 464 -1.63 5.43 31.50
C ASP B 464 -1.34 4.08 30.85
N ILE B 465 -0.30 4.01 30.02
CA ILE B 465 0.05 2.79 29.30
C ILE B 465 1.52 2.89 28.91
N ALA B 466 2.13 1.74 28.60
CA ALA B 466 3.51 1.70 28.14
C ALA B 466 3.59 1.00 26.80
N ILE B 467 4.18 1.68 25.81
CA ILE B 467 4.51 1.09 24.53
C ILE B 467 6.02 1.26 24.36
N ALA B 468 6.78 0.24 24.74
CA ALA B 468 8.21 0.41 24.95
C ALA B 468 8.87 -0.97 24.94
N PRO B 469 10.17 -1.03 24.69
CA PRO B 469 10.89 -2.30 24.84
C PRO B 469 11.00 -2.71 26.30
N LEU B 470 9.94 -3.32 26.82
CA LEU B 470 9.92 -3.74 28.21
C LEU B 470 9.96 -5.26 28.26
N THR B 471 11.02 -5.80 28.86
CA THR B 471 11.17 -7.24 28.95
C THR B 471 10.19 -7.81 29.96
N ILE B 472 9.40 -8.76 29.51
CA ILE B 472 8.39 -9.40 30.36
C ILE B 472 9.09 -10.35 31.32
N THR B 473 9.04 -10.03 32.61
CA THR B 473 9.60 -10.88 33.64
C THR B 473 8.49 -11.32 34.57
N LEU B 474 8.87 -12.10 35.59
CA LEU B 474 7.90 -12.55 36.58
C LEU B 474 7.52 -11.42 37.53
N VAL B 475 8.51 -10.72 38.07
CA VAL B 475 8.26 -9.72 39.10
C VAL B 475 7.58 -8.48 38.54
N ARG B 476 7.70 -8.23 37.24
CA ARG B 476 6.98 -7.13 36.63
C ARG B 476 5.51 -7.42 36.47
N GLU B 477 5.14 -8.67 36.19
CA GLU B 477 3.72 -9.03 36.10
C GLU B 477 3.08 -9.08 37.48
N GLU B 478 3.89 -9.15 38.53
CA GLU B 478 3.36 -9.14 39.90
C GLU B 478 2.71 -7.82 40.27
N VAL B 479 3.02 -6.74 39.55
CA VAL B 479 2.44 -5.43 39.85
C VAL B 479 1.62 -4.86 38.70
N ILE B 480 1.91 -5.19 37.44
CA ILE B 480 1.16 -4.69 36.31
C ILE B 480 0.82 -5.85 35.39
N ASP B 481 0.15 -5.54 34.29
CA ASP B 481 -0.32 -6.56 33.36
C ASP B 481 0.28 -6.33 31.98
N PHE B 482 1.05 -7.30 31.51
CA PHE B 482 1.51 -7.27 30.13
C PHE B 482 0.44 -7.80 29.19
N SER B 483 0.56 -7.42 27.93
CA SER B 483 -0.16 -8.11 26.87
C SER B 483 0.65 -9.31 26.41
N LYS B 484 0.19 -9.96 25.34
CA LYS B 484 1.00 -10.99 24.72
C LYS B 484 2.21 -10.34 24.06
N PRO B 485 3.35 -11.03 23.99
CA PRO B 485 4.55 -10.42 23.41
C PRO B 485 4.42 -10.19 21.92
N PHE B 486 4.86 -9.02 21.48
CA PHE B 486 4.89 -8.68 20.07
C PHE B 486 6.23 -8.96 19.43
N MET B 487 7.26 -9.26 20.22
CA MET B 487 8.59 -9.44 19.67
C MET B 487 9.39 -10.40 20.52
N SER B 488 9.51 -11.64 20.07
CA SER B 488 10.37 -12.60 20.75
C SER B 488 11.82 -12.27 20.47
N LEU B 489 12.68 -12.55 21.45
CA LEU B 489 14.09 -12.24 21.35
C LEU B 489 14.85 -13.11 22.33
N GLY B 490 16.16 -12.93 22.34
CA GLY B 490 17.03 -13.62 23.28
C GLY B 490 18.42 -13.05 23.19
N ILE B 491 19.29 -13.58 24.05
CA ILE B 491 20.68 -13.15 24.05
C ILE B 491 21.36 -13.67 22.79
N SER B 492 22.03 -12.77 22.07
CA SER B 492 22.66 -13.11 20.81
C SER B 492 24.15 -12.79 20.89
N ILE B 493 24.90 -13.37 19.97
CA ILE B 493 26.36 -13.27 19.97
C ILE B 493 26.76 -12.27 18.88
N MET B 494 27.17 -11.08 19.30
CA MET B 494 27.79 -10.13 18.37
C MET B 494 29.29 -10.36 18.32
N ILE B 495 29.78 -10.71 17.13
CA ILE B 495 31.21 -10.80 16.87
C ILE B 495 31.51 -9.89 15.69
N LYS B 496 32.80 -9.72 15.41
CA LYS B 496 33.24 -8.97 14.24
C LYS B 496 32.86 -9.72 12.98
N LYS B 497 32.62 -8.95 11.85
CA LYS B 497 32.58 -9.62 10.57
C LYS B 497 34.02 -9.91 10.12
N PRO B 498 34.35 -11.15 9.78
CA PRO B 498 35.75 -11.49 9.53
C PRO B 498 36.18 -11.09 8.13
N GLN B 499 37.50 -10.87 7.98
CA GLN B 499 38.05 -10.46 6.71
C GLN B 499 39.50 -10.89 6.59
N LYS B 500 39.79 -11.99 5.89
CA LYS B 500 41.09 -12.29 5.28
C LYS B 500 42.24 -12.40 6.29
N SER B 501 42.21 -13.43 7.12
CA SER B 501 43.23 -13.66 8.14
C SER B 501 44.58 -13.91 7.48
N LYS B 502 45.65 -13.65 8.24
CA LYS B 502 47.02 -13.63 7.73
C LYS B 502 47.45 -15.04 7.34
N PRO B 503 47.75 -15.29 6.08
CA PRO B 503 48.21 -16.62 5.68
C PRO B 503 49.68 -16.83 6.03
N GLY B 504 50.13 -17.90 5.55
CA GLY B 504 51.50 -18.27 5.84
C GLY B 504 51.87 -19.71 5.49
N VAL B 505 52.47 -20.39 6.48
CA VAL B 505 53.16 -21.67 6.23
C VAL B 505 52.17 -22.79 5.95
N PHE B 506 51.29 -23.09 6.92
CA PHE B 506 50.32 -24.17 6.75
C PHE B 506 49.23 -23.81 5.74
N SER B 507 49.10 -22.54 5.40
CA SER B 507 48.01 -22.09 4.54
C SER B 507 48.36 -22.22 3.06
N PHE B 508 49.64 -22.43 2.74
CA PHE B 508 49.99 -22.76 1.37
C PHE B 508 49.46 -24.15 0.99
N LEU B 509 49.38 -25.04 1.96
CA LEU B 509 49.00 -26.44 1.75
C LEU B 509 47.49 -26.62 1.65
N ASP B 510 46.73 -25.57 1.38
CA ASP B 510 45.27 -25.67 1.31
C ASP B 510 44.72 -26.52 0.15
N PRO B 511 45.12 -26.34 -1.13
CA PRO B 511 44.36 -27.02 -2.21
C PRO B 511 44.53 -28.53 -2.24
N LEU B 512 45.45 -29.09 -1.48
CA LEU B 512 45.63 -30.53 -1.38
C LEU B 512 45.64 -30.92 0.09
N ALA B 513 44.78 -31.85 0.48
CA ALA B 513 44.54 -32.11 1.89
C ALA B 513 45.70 -32.83 2.55
N TYR B 514 45.73 -32.77 3.89
CA TYR B 514 46.90 -33.23 4.65
C TYR B 514 47.07 -34.74 4.57
N GLU B 515 45.96 -35.47 4.45
CA GLU B 515 46.08 -36.92 4.20
C GLU B 515 46.63 -37.18 2.80
N ILE B 516 46.31 -36.30 1.85
CA ILE B 516 46.81 -36.48 0.50
C ILE B 516 48.27 -36.07 0.41
N TRP B 517 48.72 -35.16 1.30
CA TRP B 517 50.14 -34.83 1.37
C TRP B 517 50.96 -36.02 1.86
N MET B 518 50.38 -36.85 2.73
CA MET B 518 51.12 -37.99 3.25
C MET B 518 51.08 -39.16 2.28
N CYS B 519 49.95 -39.34 1.60
CA CYS B 519 49.79 -40.50 0.72
C CYS B 519 50.49 -40.30 -0.61
N ILE B 520 50.77 -39.06 -0.99
CA ILE B 520 51.53 -38.83 -2.22
C ILE B 520 53.00 -39.18 -1.98
N VAL B 521 53.45 -39.15 -0.73
CA VAL B 521 54.85 -39.48 -0.42
C VAL B 521 54.97 -40.96 -0.07
N PHE B 522 53.89 -41.55 0.45
CA PHE B 522 53.91 -42.97 0.78
C PHE B 522 53.95 -43.84 -0.46
N ALA B 523 53.09 -43.55 -1.45
CA ALA B 523 53.12 -44.30 -2.70
C ALA B 523 54.32 -43.92 -3.57
N TYR B 524 54.99 -42.83 -3.23
CA TYR B 524 56.18 -42.41 -3.96
C TYR B 524 57.33 -43.39 -3.78
N ILE B 525 57.59 -43.82 -2.55
CA ILE B 525 58.74 -44.68 -2.29
C ILE B 525 58.44 -46.13 -2.66
N GLY B 526 57.16 -46.47 -2.83
CA GLY B 526 56.82 -47.82 -3.25
C GLY B 526 57.15 -48.12 -4.70
N VAL B 527 57.34 -47.08 -5.51
CA VAL B 527 57.63 -47.25 -6.93
C VAL B 527 59.12 -47.48 -7.14
N SER B 528 59.96 -46.82 -6.33
CA SER B 528 61.39 -46.75 -6.61
C SER B 528 62.11 -48.07 -6.34
N VAL B 529 61.49 -48.99 -5.59
CA VAL B 529 62.13 -50.25 -5.30
C VAL B 529 62.08 -51.17 -6.53
N VAL B 530 61.15 -50.92 -7.45
CA VAL B 530 60.98 -51.78 -8.61
C VAL B 530 62.10 -51.55 -9.62
N LEU B 531 62.54 -50.31 -9.78
CA LEU B 531 63.55 -49.99 -10.78
C LEU B 531 64.96 -50.41 -10.35
N PHE B 532 65.13 -50.79 -9.09
CA PHE B 532 66.42 -51.27 -8.62
C PHE B 532 66.74 -52.65 -9.18
N LEU B 533 65.73 -53.43 -9.55
CA LEU B 533 65.95 -54.74 -10.14
C LEU B 533 66.33 -54.69 -11.61
N VAL B 534 66.27 -53.51 -12.23
CA VAL B 534 66.61 -53.38 -13.64
C VAL B 534 68.11 -53.38 -13.84
N SER B 535 68.81 -52.40 -13.27
CA SER B 535 70.25 -52.30 -13.42
C SER B 535 70.98 -53.18 -12.41
N ILE B 564 66.29 -48.84 -4.74
CA ILE B 564 66.52 -48.97 -3.30
C ILE B 564 67.61 -48.01 -2.85
N PHE B 565 68.69 -47.95 -3.63
CA PHE B 565 69.80 -47.05 -3.35
C PHE B 565 69.96 -45.98 -4.41
N ASN B 566 69.78 -46.32 -5.69
CA ASN B 566 69.93 -45.34 -6.76
C ASN B 566 68.58 -44.76 -7.18
N SER B 567 67.57 -45.62 -7.33
CA SER B 567 66.31 -45.23 -7.95
C SER B 567 65.43 -44.38 -7.04
N LEU B 568 65.87 -44.12 -5.80
CA LEU B 568 65.19 -43.16 -4.95
C LEU B 568 65.23 -41.77 -5.56
N TRP B 569 66.35 -41.40 -6.19
CA TRP B 569 66.40 -40.14 -6.91
C TRP B 569 65.83 -40.28 -8.32
N PHE B 570 65.84 -41.50 -8.88
CA PHE B 570 65.21 -41.67 -10.18
C PHE B 570 63.69 -41.74 -10.06
N SER B 571 63.17 -41.94 -8.84
CA SER B 571 61.78 -41.64 -8.57
C SER B 571 61.53 -40.14 -8.49
N LEU B 572 62.55 -39.36 -8.10
CA LEU B 572 62.45 -37.91 -8.23
C LEU B 572 62.65 -37.48 -9.68
N GLY B 573 63.34 -38.30 -10.47
CA GLY B 573 63.34 -38.10 -11.91
C GLY B 573 61.98 -38.30 -12.53
N ALA B 574 61.16 -39.17 -11.95
CA ALA B 574 59.76 -39.30 -12.33
C ALA B 574 58.82 -38.61 -11.34
N PHE B 575 59.29 -37.62 -10.58
CA PHE B 575 58.43 -36.98 -9.60
C PHE B 575 57.43 -36.05 -10.25
N MET B 576 57.88 -34.98 -10.91
CA MET B 576 57.01 -34.27 -11.83
C MET B 576 57.61 -34.19 -13.23
N GLN B 577 58.79 -33.56 -13.29
CA GLN B 577 59.58 -33.24 -14.47
C GLN B 577 60.97 -33.84 -14.35
N GLN B 578 61.91 -33.33 -15.15
CA GLN B 578 63.33 -33.73 -15.14
C GLN B 578 63.50 -35.20 -15.50
N GLY B 579 63.24 -35.52 -16.77
CA GLY B 579 63.35 -36.89 -17.27
C GLY B 579 64.67 -37.57 -16.97
N CYS B 580 64.60 -38.69 -16.26
CA CYS B 580 65.79 -39.28 -15.66
C CYS B 580 66.64 -40.01 -16.69
N ASP B 581 67.83 -40.42 -16.27
CA ASP B 581 68.81 -40.97 -17.20
C ASP B 581 68.71 -42.49 -17.33
N ILE B 582 68.38 -43.19 -16.24
CA ILE B 582 68.13 -44.63 -16.32
C ILE B 582 66.81 -44.85 -17.03
N SER B 583 66.86 -45.55 -18.16
CA SER B 583 65.67 -45.85 -18.94
C SER B 583 65.49 -47.36 -19.01
N PRO B 584 64.58 -47.93 -18.23
CA PRO B 584 64.26 -49.36 -18.37
C PRO B 584 63.51 -49.61 -19.65
N ARG B 585 64.25 -49.77 -20.75
CA ARG B 585 63.89 -49.55 -22.15
C ARG B 585 62.53 -50.10 -22.56
N SER B 586 62.31 -51.40 -22.50
CA SER B 586 61.05 -51.95 -22.99
C SER B 586 60.52 -53.09 -22.11
N LEU B 587 61.10 -53.26 -20.92
CA LEU B 587 60.63 -54.29 -20.00
C LEU B 587 59.59 -53.70 -19.06
N SER B 588 59.28 -54.41 -17.97
CA SER B 588 58.23 -54.02 -17.04
C SER B 588 58.53 -52.69 -16.34
N GLY B 589 59.81 -52.32 -16.23
CA GLY B 589 60.15 -51.05 -15.63
C GLY B 589 59.74 -49.86 -16.50
N ARG B 590 59.57 -50.08 -17.80
CA ARG B 590 58.98 -49.06 -18.65
C ARG B 590 57.52 -48.80 -18.28
N ILE B 591 56.82 -49.85 -17.87
CA ILE B 591 55.44 -49.69 -17.42
C ILE B 591 55.41 -49.04 -16.05
N VAL B 592 56.31 -49.45 -15.15
CA VAL B 592 56.41 -48.85 -13.82
C VAL B 592 56.88 -47.41 -13.94
N GLY B 593 57.78 -47.13 -14.87
CA GLY B 593 58.23 -45.77 -15.09
C GLY B 593 57.21 -44.90 -15.81
N GLY B 594 56.19 -45.52 -16.39
CA GLY B 594 55.20 -44.76 -17.13
C GLY B 594 53.97 -44.41 -16.32
N VAL B 595 53.54 -45.32 -15.45
CA VAL B 595 52.26 -45.16 -14.75
C VAL B 595 52.37 -44.11 -13.66
N TRP B 596 53.42 -44.18 -12.84
CA TRP B 596 53.64 -43.16 -11.81
C TRP B 596 53.90 -41.80 -12.42
N TRP B 597 54.61 -41.77 -13.55
CA TRP B 597 54.74 -40.57 -14.34
C TRP B 597 53.39 -40.09 -14.87
N PHE B 598 52.52 -41.01 -15.27
CA PHE B 598 51.17 -40.64 -15.66
C PHE B 598 50.35 -40.21 -14.45
N PHE B 599 50.65 -40.80 -13.29
CA PHE B 599 49.89 -40.50 -12.07
C PHE B 599 50.15 -39.09 -11.58
N THR B 600 51.38 -38.61 -11.73
CA THR B 600 51.75 -37.35 -11.11
C THR B 600 51.36 -36.14 -11.94
N LEU B 601 51.18 -36.32 -13.26
CA LEU B 601 50.76 -35.21 -14.10
C LEU B 601 49.28 -34.92 -13.91
N ILE B 602 48.54 -35.89 -13.37
CA ILE B 602 47.15 -35.69 -13.00
C ILE B 602 47.03 -34.67 -11.88
N ILE B 603 47.89 -34.80 -10.86
CA ILE B 603 47.71 -34.09 -9.60
C ILE B 603 48.02 -32.60 -9.76
N ILE B 604 49.13 -32.33 -10.30
CA ILE B 604 49.54 -30.93 -10.46
C ILE B 604 48.54 -30.14 -11.30
N SER B 605 47.80 -30.81 -12.19
CA SER B 605 46.62 -30.19 -12.78
C SER B 605 45.53 -30.00 -11.75
N SER B 606 45.29 -31.01 -10.91
CA SER B 606 44.22 -30.95 -9.93
C SER B 606 44.56 -30.00 -8.79
N TYR B 607 45.85 -29.90 -8.45
CA TYR B 607 46.28 -28.95 -7.44
C TYR B 607 46.11 -27.52 -7.95
N THR B 608 46.35 -27.31 -9.24
CA THR B 608 46.17 -25.98 -9.82
C THR B 608 44.69 -25.63 -9.90
N ALA B 609 43.85 -26.62 -10.22
CA ALA B 609 42.41 -26.38 -10.35
C ALA B 609 41.77 -26.11 -9.00
N ASN B 610 42.23 -26.78 -7.96
CA ASN B 610 41.70 -26.51 -6.63
C ASN B 610 42.21 -25.17 -6.10
N LEU B 611 43.45 -24.83 -6.44
CA LEU B 611 44.01 -23.54 -6.04
C LEU B 611 43.26 -22.38 -6.69
N ALA B 612 42.85 -22.55 -7.95
CA ALA B 612 42.07 -21.52 -8.62
C ALA B 612 40.68 -21.38 -8.00
N ALA B 613 40.19 -22.47 -7.39
CA ALA B 613 38.91 -22.40 -6.69
C ALA B 613 39.03 -21.57 -5.41
N PHE B 614 40.13 -21.71 -4.68
CA PHE B 614 40.31 -20.90 -3.49
C PHE B 614 40.63 -19.45 -3.84
N LEU B 615 41.33 -19.22 -4.94
CA LEU B 615 41.74 -17.87 -5.31
C LEU B 615 40.64 -17.07 -6.00
N THR B 616 39.45 -17.64 -6.19
CA THR B 616 38.38 -16.95 -6.89
C THR B 616 37.09 -16.88 -6.06
N VAL B 617 36.76 -17.94 -5.35
CA VAL B 617 35.51 -17.97 -4.60
C VAL B 617 35.63 -17.14 -3.34
N GLU B 618 36.55 -17.53 -2.45
CA GLU B 618 36.92 -16.80 -1.24
C GLU B 618 35.72 -16.58 -0.32
N ARG B 619 35.21 -17.66 0.25
CA ARG B 619 34.15 -17.60 1.26
C ARG B 619 34.82 -17.52 2.63
N MET B 620 34.96 -16.30 3.13
CA MET B 620 35.48 -16.11 4.49
C MET B 620 34.47 -16.61 5.51
N VAL B 621 34.74 -17.78 6.06
CA VAL B 621 33.79 -18.41 6.99
C VAL B 621 34.03 -17.83 8.38
N SER B 622 32.94 -17.71 9.15
CA SER B 622 33.05 -17.33 10.54
C SER B 622 33.70 -18.45 11.33
N PRO B 623 34.46 -18.13 12.38
CA PRO B 623 35.05 -19.20 13.19
C PRO B 623 34.04 -19.93 14.08
N ILE B 624 33.09 -19.22 14.68
CA ILE B 624 32.22 -19.77 15.71
C ILE B 624 30.77 -19.47 15.33
N GLU B 625 29.86 -20.36 15.76
CA GLU B 625 28.43 -20.08 15.64
C GLU B 625 27.78 -20.02 17.01
N SER B 626 27.65 -21.07 17.84
CA SER B 626 26.97 -21.23 19.11
C SER B 626 27.86 -20.74 20.25
N ALA B 627 27.24 -20.55 21.41
CA ALA B 627 27.99 -20.17 22.60
C ALA B 627 28.69 -21.37 23.22
N GLU B 628 28.34 -22.58 22.79
CA GLU B 628 29.07 -23.78 23.23
C GLU B 628 30.50 -23.77 22.71
N ASP B 629 30.72 -23.10 21.58
CA ASP B 629 32.07 -22.86 21.09
C ASP B 629 32.86 -21.99 22.06
N LEU B 630 32.19 -21.01 22.69
CA LEU B 630 32.86 -20.16 23.66
C LEU B 630 33.17 -20.92 24.94
N SER B 631 32.39 -21.96 25.25
CA SER B 631 32.77 -22.87 26.32
C SER B 631 33.86 -23.83 25.84
N LYS B 632 34.05 -23.94 24.53
CA LYS B 632 35.05 -24.84 23.97
C LYS B 632 36.36 -24.12 23.67
N GLN B 633 36.30 -22.90 23.15
CA GLN B 633 37.52 -22.16 22.87
C GLN B 633 37.78 -21.16 23.98
N THR B 634 38.97 -20.57 23.95
CA THR B 634 39.35 -19.54 24.90
C THR B 634 40.11 -18.39 24.23
N GLU B 635 40.35 -18.46 22.93
CA GLU B 635 41.14 -17.42 22.27
C GLU B 635 40.32 -16.15 22.06
N ILE B 636 39.06 -16.29 21.68
CA ILE B 636 38.17 -15.16 21.51
C ILE B 636 37.42 -14.95 22.82
N ALA B 637 37.64 -13.80 23.44
CA ALA B 637 36.95 -13.47 24.67
C ALA B 637 35.51 -13.07 24.37
N TYR B 638 34.72 -12.95 25.43
CA TYR B 638 33.30 -12.68 25.31
C TYR B 638 32.79 -12.14 26.63
N GLY B 639 31.88 -11.18 26.55
CA GLY B 639 31.35 -10.59 27.76
C GLY B 639 29.97 -10.03 27.55
N THR B 640 29.40 -9.55 28.66
CA THR B 640 28.13 -8.86 28.66
C THR B 640 28.33 -7.47 29.23
N LEU B 641 27.23 -6.77 29.48
CA LEU B 641 27.31 -5.49 30.16
C LEU B 641 27.61 -5.72 31.63
N ASP B 642 28.24 -4.73 32.28
CA ASP B 642 28.67 -4.90 33.66
C ASP B 642 27.50 -4.93 34.66
N SER B 643 26.30 -4.56 34.21
CA SER B 643 25.11 -4.63 35.04
C SER B 643 23.90 -4.85 34.13
N GLY B 644 23.02 -5.76 34.54
CA GLY B 644 21.82 -6.02 33.78
C GLY B 644 21.35 -7.45 33.96
N SER B 645 20.19 -7.74 33.37
CA SER B 645 19.61 -9.07 33.48
C SER B 645 20.41 -10.10 32.69
N THR B 646 21.09 -9.65 31.63
CA THR B 646 21.90 -10.56 30.82
C THR B 646 23.09 -11.10 31.60
N LYS B 647 23.79 -10.21 32.30
CA LYS B 647 24.84 -10.64 33.22
C LYS B 647 24.25 -11.47 34.36
N GLU B 648 23.07 -11.07 34.84
CA GLU B 648 22.36 -11.82 35.87
C GLU B 648 21.94 -13.19 35.36
N PHE B 649 21.67 -13.31 34.05
CA PHE B 649 21.23 -14.59 33.49
C PHE B 649 22.31 -15.65 33.58
N PHE B 650 23.55 -15.30 33.20
CA PHE B 650 24.65 -16.25 33.32
C PHE B 650 25.00 -16.49 34.78
N ARG B 651 24.80 -15.49 35.63
CA ARG B 651 25.02 -15.65 37.06
C ARG B 651 24.01 -16.61 37.67
N ARG B 652 22.82 -16.71 37.08
CA ARG B 652 21.75 -17.53 37.61
C ARG B 652 21.65 -18.89 36.94
N SER B 653 22.11 -19.02 35.69
CA SER B 653 21.83 -20.20 34.87
C SER B 653 22.47 -21.46 35.42
N LYS B 654 21.75 -22.56 35.29
CA LYS B 654 22.19 -23.87 35.77
C LYS B 654 22.67 -24.78 34.65
N ILE B 655 22.46 -24.39 33.39
CA ILE B 655 22.97 -25.16 32.27
C ILE B 655 24.49 -25.05 32.25
N ALA B 656 25.16 -26.18 32.06
CA ALA B 656 26.60 -26.27 32.29
C ALA B 656 27.39 -25.48 31.25
N VAL B 657 26.82 -25.28 30.06
CA VAL B 657 27.48 -24.42 29.08
C VAL B 657 27.42 -22.96 29.53
N PHE B 658 26.24 -22.50 29.94
CA PHE B 658 26.08 -21.14 30.42
C PHE B 658 26.79 -20.93 31.76
N ASP B 659 26.90 -21.99 32.56
CA ASP B 659 27.61 -21.90 33.83
C ASP B 659 29.11 -21.78 33.60
N LYS B 660 29.64 -22.52 32.61
CA LYS B 660 31.05 -22.45 32.29
C LYS B 660 31.42 -21.09 31.70
N MET B 661 30.52 -20.51 30.91
CA MET B 661 30.74 -19.17 30.38
C MET B 661 30.79 -18.14 31.50
N TRP B 662 29.88 -18.27 32.47
CA TRP B 662 29.92 -17.39 33.63
C TRP B 662 31.12 -17.67 34.51
N THR B 663 31.57 -18.92 34.58
CA THR B 663 32.81 -19.25 35.28
C THR B 663 34.00 -18.60 34.61
N TYR B 664 33.99 -18.55 33.27
CA TYR B 664 35.04 -17.85 32.54
C TYR B 664 34.97 -16.35 32.76
N MET B 665 33.77 -15.78 32.68
CA MET B 665 33.64 -14.32 32.70
C MET B 665 33.88 -13.75 34.09
N ARG B 666 33.58 -14.51 35.14
CA ARG B 666 33.95 -14.06 36.47
C ARG B 666 35.45 -14.21 36.70
N SER B 667 36.10 -15.09 35.92
CA SER B 667 37.54 -15.25 35.98
C SER B 667 38.24 -14.50 34.86
N ALA B 668 37.50 -13.75 34.04
CA ALA B 668 38.09 -13.05 32.91
C ALA B 668 38.89 -11.84 33.38
N GLU B 669 40.21 -11.94 33.25
CA GLU B 669 41.11 -10.84 33.57
C GLU B 669 41.98 -10.56 32.35
N PRO B 670 41.85 -9.38 31.73
CA PRO B 670 41.05 -8.18 32.05
C PRO B 670 39.54 -8.36 31.86
N SER B 671 38.77 -7.47 32.48
CA SER B 671 37.33 -7.68 32.59
C SER B 671 36.64 -7.50 31.25
N VAL B 672 35.94 -8.56 30.83
CA VAL B 672 35.12 -8.51 29.62
C VAL B 672 33.86 -7.68 29.79
N PHE B 673 33.49 -7.36 31.03
CA PHE B 673 32.27 -6.61 31.26
C PHE B 673 32.49 -5.13 30.97
N VAL B 674 31.74 -4.61 30.02
CA VAL B 674 31.85 -3.22 29.59
C VAL B 674 30.81 -2.40 30.34
N ARG B 675 30.98 -1.08 30.33
CA ARG B 675 30.13 -0.24 31.16
C ARG B 675 28.93 0.29 30.39
N THR B 676 29.11 0.62 29.12
CA THR B 676 27.98 0.97 28.26
C THR B 676 27.91 -0.05 27.13
N THR B 677 26.76 -0.08 26.46
CA THR B 677 26.59 -0.99 25.34
C THR B 677 27.48 -0.60 24.17
N ALA B 678 27.63 0.70 23.93
CA ALA B 678 28.50 1.17 22.86
C ALA B 678 29.97 0.90 23.18
N GLU B 679 30.32 0.81 24.46
CA GLU B 679 31.65 0.34 24.84
C GLU B 679 31.84 -1.11 24.43
N GLY B 680 30.79 -1.92 24.57
CA GLY B 680 30.86 -3.29 24.08
C GLY B 680 30.89 -3.36 22.56
N VAL B 681 30.35 -2.34 21.90
CA VAL B 681 30.46 -2.27 20.44
C VAL B 681 31.89 -2.00 20.03
N ALA B 682 32.52 -0.99 20.65
CA ALA B 682 33.87 -0.60 20.26
C ALA B 682 34.91 -1.63 20.66
N ARG B 683 34.72 -2.28 21.81
CA ARG B 683 35.69 -3.25 22.30
C ARG B 683 35.75 -4.49 21.40
N VAL B 684 34.63 -4.87 20.80
CA VAL B 684 34.65 -5.88 19.75
C VAL B 684 35.37 -5.34 18.51
N ARG B 685 35.08 -4.09 18.14
CA ARG B 685 35.68 -3.49 16.95
C ARG B 685 37.17 -3.28 17.11
N LYS B 686 37.63 -2.93 18.31
CA LYS B 686 39.05 -2.65 18.50
C LYS B 686 39.87 -3.91 18.70
N SER B 687 39.27 -4.96 19.30
CA SER B 687 40.02 -6.18 19.54
C SER B 687 40.19 -7.03 18.28
N LYS B 688 39.49 -6.68 17.20
CA LYS B 688 39.57 -7.34 15.90
C LYS B 688 39.21 -8.83 15.99
N GLY B 689 37.96 -9.09 16.39
CA GLY B 689 37.40 -10.42 16.33
C GLY B 689 37.76 -11.34 17.48
N LYS B 690 38.77 -11.02 18.27
CA LYS B 690 39.13 -11.88 19.39
C LYS B 690 38.44 -11.46 20.68
N TYR B 691 37.44 -10.59 20.59
CA TYR B 691 36.53 -10.32 21.70
C TYR B 691 35.11 -10.32 21.15
N ALA B 692 34.27 -11.16 21.74
CA ALA B 692 32.86 -11.21 21.37
C ALA B 692 32.04 -10.47 22.42
N TYR B 693 30.75 -10.33 22.16
CA TYR B 693 29.87 -9.61 23.07
C TYR B 693 28.46 -10.17 22.97
N LEU B 694 27.76 -10.18 24.10
CA LEU B 694 26.45 -10.77 24.21
C LEU B 694 25.42 -9.68 24.48
N LEU B 695 24.43 -9.57 23.59
CA LEU B 695 23.46 -8.49 23.71
C LEU B 695 22.14 -8.95 23.13
N GLU B 696 21.16 -8.07 23.17
CA GLU B 696 19.80 -8.40 22.76
C GLU B 696 19.69 -8.45 21.24
N SER B 697 19.07 -9.52 20.73
CA SER B 697 19.17 -9.87 19.31
C SER B 697 18.53 -8.83 18.41
N THR B 698 17.47 -8.16 18.87
CA THR B 698 16.84 -7.14 18.06
C THR B 698 17.69 -5.88 17.99
N MET B 699 18.38 -5.56 19.09
CA MET B 699 19.38 -4.50 19.06
C MET B 699 20.60 -4.95 18.26
N ASN B 700 20.91 -6.25 18.32
CA ASN B 700 22.03 -6.80 17.57
C ASN B 700 21.76 -6.75 16.07
N GLU B 701 20.48 -6.84 15.69
CA GLU B 701 20.10 -6.54 14.31
C GLU B 701 20.44 -5.10 13.95
N TYR B 702 20.03 -4.16 14.81
CA TYR B 702 20.08 -2.75 14.45
C TYR B 702 21.51 -2.21 14.43
N ILE B 703 22.35 -2.63 15.37
CA ILE B 703 23.73 -2.16 15.39
C ILE B 703 24.52 -2.74 14.23
N GLU B 704 24.19 -3.96 13.81
CA GLU B 704 24.79 -4.54 12.61
C GLU B 704 24.39 -3.76 11.36
N GLN B 705 23.21 -3.14 11.38
CA GLN B 705 22.81 -2.25 10.30
C GLN B 705 23.55 -0.91 10.34
N ARG B 706 23.92 -0.44 11.52
CA ARG B 706 24.58 0.84 11.64
C ARG B 706 26.04 0.73 11.23
N LYS B 707 26.50 1.72 10.46
CA LYS B 707 27.86 1.74 9.97
C LYS B 707 28.83 1.99 11.12
N PRO B 708 30.10 1.52 11.04
CA PRO B 708 30.87 0.81 10.00
C PRO B 708 30.43 -0.60 9.63
N CYS B 709 29.47 -1.17 10.38
CA CYS B 709 28.88 -2.50 10.13
C CYS B 709 29.93 -3.61 10.22
N ASP B 710 31.02 -3.35 10.92
CA ASP B 710 32.11 -4.32 11.02
C ASP B 710 31.84 -5.43 12.02
N THR B 711 30.73 -5.35 12.76
CA THR B 711 30.30 -6.44 13.60
C THR B 711 29.15 -7.18 12.93
N MET B 712 28.83 -8.36 13.46
CA MET B 712 27.72 -9.11 12.92
C MET B 712 27.15 -10.03 14.00
N LYS B 713 25.91 -10.44 13.79
CA LYS B 713 25.27 -11.39 14.69
C LYS B 713 25.39 -12.81 14.16
N VAL B 714 25.84 -13.71 15.01
CA VAL B 714 25.99 -15.12 14.67
C VAL B 714 25.15 -15.95 15.62
N GLY B 715 24.72 -17.11 15.14
CA GLY B 715 23.99 -18.06 15.96
C GLY B 715 22.56 -17.62 16.27
N GLY B 716 21.84 -18.52 16.91
CA GLY B 716 20.50 -18.23 17.38
C GLY B 716 20.50 -17.58 18.74
N ASN B 717 19.30 -17.46 19.31
CA ASN B 717 19.17 -16.90 20.64
C ASN B 717 19.63 -17.90 21.68
N LEU B 718 20.14 -17.38 22.79
CA LEU B 718 20.49 -18.26 23.90
C LEU B 718 19.28 -18.59 24.76
N ASP B 719 18.26 -17.74 24.73
CA ASP B 719 17.06 -17.95 25.52
C ASP B 719 15.89 -17.29 24.82
N SER B 720 14.73 -17.35 25.47
CA SER B 720 13.54 -16.72 24.93
C SER B 720 13.11 -15.56 25.84
N LYS B 721 13.11 -14.36 25.28
CA LYS B 721 12.56 -13.20 25.97
C LYS B 721 11.64 -12.47 25.01
N GLY B 722 10.65 -11.80 25.57
CA GLY B 722 9.68 -11.13 24.74
C GLY B 722 9.35 -9.72 25.19
N TYR B 723 9.37 -8.78 24.24
CA TYR B 723 8.84 -7.46 24.53
C TYR B 723 7.33 -7.48 24.35
N GLY B 724 6.63 -6.94 25.34
CA GLY B 724 5.18 -6.96 25.31
C GLY B 724 4.62 -5.67 25.87
N ILE B 725 3.45 -5.27 25.36
CA ILE B 725 2.82 -4.04 25.80
C ILE B 725 2.26 -4.22 27.20
N ALA B 726 2.58 -3.29 28.08
CA ALA B 726 2.18 -3.36 29.48
C ALA B 726 1.18 -2.27 29.79
N THR B 727 0.20 -2.61 30.61
CA THR B 727 -0.79 -1.70 31.15
C THR B 727 -0.73 -1.81 32.67
N PRO B 728 -1.16 -0.77 33.39
CA PRO B 728 -1.35 -0.91 34.84
C PRO B 728 -2.40 -1.97 35.15
N LYS B 729 -2.21 -2.65 36.27
CA LYS B 729 -2.98 -3.84 36.57
C LYS B 729 -4.43 -3.47 36.91
N GLY B 730 -5.36 -4.10 36.21
CA GLY B 730 -6.77 -3.81 36.37
C GLY B 730 -7.30 -2.71 35.48
N SER B 731 -6.50 -2.21 34.54
CA SER B 731 -6.98 -1.16 33.65
C SER B 731 -7.96 -1.72 32.63
N SER B 732 -8.90 -0.87 32.20
CA SER B 732 -9.88 -1.31 31.22
C SER B 732 -9.28 -1.45 29.83
N LEU B 733 -8.20 -0.71 29.55
CA LEU B 733 -7.59 -0.76 28.23
C LEU B 733 -6.84 -2.06 27.98
N GLY B 734 -6.46 -2.77 29.03
CA GLY B 734 -5.60 -3.94 28.96
C GLY B 734 -6.03 -5.08 28.07
N THR B 735 -7.34 -5.34 28.00
CA THR B 735 -7.81 -6.47 27.21
C THR B 735 -7.88 -6.19 25.70
N PRO B 736 -8.44 -5.06 25.20
CA PRO B 736 -8.40 -4.87 23.74
C PRO B 736 -7.01 -4.54 23.20
N VAL B 737 -6.14 -3.97 24.02
CA VAL B 737 -4.74 -3.78 23.63
C VAL B 737 -4.06 -5.14 23.48
N ASN B 738 -4.40 -6.08 24.38
CA ASN B 738 -3.86 -7.44 24.25
C ASN B 738 -4.42 -8.14 23.03
N LEU B 739 -5.67 -7.83 22.67
CA LEU B 739 -6.22 -8.33 21.42
C LEU B 739 -5.61 -7.62 20.22
N ALA B 740 -5.16 -6.37 20.41
CA ALA B 740 -4.55 -5.63 19.30
C ALA B 740 -3.17 -6.19 18.95
N VAL B 741 -2.48 -6.75 19.93
CA VAL B 741 -1.19 -7.39 19.67
C VAL B 741 -1.39 -8.64 18.83
N LEU B 742 -2.41 -9.43 19.17
CA LEU B 742 -2.68 -10.66 18.41
C LEU B 742 -3.31 -10.35 17.06
N LYS B 743 -3.76 -9.12 16.85
CA LYS B 743 -4.24 -8.73 15.53
C LYS B 743 -3.09 -8.32 14.62
N LEU B 744 -2.18 -7.49 15.14
CA LEU B 744 -1.11 -6.94 14.32
C LEU B 744 -0.04 -7.97 14.04
N SER B 745 0.23 -8.86 15.00
CA SER B 745 1.16 -9.95 14.76
C SER B 745 0.58 -10.95 13.77
N GLU B 746 -0.75 -11.09 13.76
CA GLU B 746 -1.41 -11.96 12.78
C GLU B 746 -1.28 -11.40 11.37
N GLN B 747 -1.34 -10.07 11.23
CA GLN B 747 -1.32 -9.46 9.91
C GLN B 747 0.08 -9.10 9.44
N GLY B 748 1.10 -9.29 10.28
CA GLY B 748 2.47 -8.99 9.89
C GLY B 748 2.79 -7.53 9.74
N VAL B 749 1.92 -6.64 10.24
CA VAL B 749 2.20 -5.21 10.19
C VAL B 749 3.37 -4.88 11.10
N LEU B 750 3.50 -5.61 12.21
CA LEU B 750 4.68 -5.54 13.06
C LEU B 750 5.93 -5.93 12.30
N ASP B 751 5.85 -6.99 11.49
CA ASP B 751 6.99 -7.41 10.68
C ASP B 751 7.25 -6.43 9.55
N LYS B 752 6.20 -5.78 9.05
CA LYS B 752 6.37 -4.72 8.08
C LYS B 752 7.08 -3.51 8.70
N LEU B 753 6.72 -3.19 9.95
CA LEU B 753 7.44 -2.14 10.66
C LEU B 753 8.81 -2.61 11.10
N LYS B 754 8.98 -3.93 11.32
CA LYS B 754 10.32 -4.45 11.58
C LYS B 754 11.19 -4.36 10.34
N ASN B 755 10.60 -4.58 9.16
CA ASN B 755 11.29 -4.29 7.91
C ASN B 755 11.55 -2.81 7.75
N LYS B 756 10.65 -1.98 8.27
CA LYS B 756 10.85 -0.53 8.22
C LYS B 756 11.96 -0.10 9.16
N TRP B 757 11.85 -0.44 10.43
CA TRP B 757 12.72 0.18 11.41
C TRP B 757 14.02 -0.58 11.62
N TRP B 758 14.23 -1.68 10.91
CA TRP B 758 15.55 -2.31 10.90
C TRP B 758 16.17 -2.38 9.52
N TYR B 759 15.37 -2.31 8.45
CA TYR B 759 15.95 -2.51 7.13
C TYR B 759 15.65 -1.37 6.18
N ASP B 760 14.53 -0.67 6.38
CA ASP B 760 14.38 0.60 5.69
C ASP B 760 15.11 1.70 6.44
N LYS B 761 15.39 1.47 7.72
CA LYS B 761 16.29 2.32 8.50
C LYS B 761 17.72 1.79 8.53
N GLY B 762 17.93 0.56 8.07
CA GLY B 762 19.26 -0.01 8.10
C GLY B 762 20.16 0.59 7.04
N GLU B 763 21.33 1.07 7.47
CA GLU B 763 22.28 1.68 6.57
C GLU B 763 22.96 0.66 5.66
N CYS B 764 23.51 -0.41 6.21
CA CYS B 764 24.13 -1.46 5.41
C CYS B 764 23.09 -2.46 4.95
N GLY B 765 22.44 -2.26 3.82
CA GLY B 765 21.60 -3.26 3.16
C GLY B 765 22.37 -4.52 2.87
N ALA B 766 21.92 -5.63 3.47
CA ALA B 766 22.68 -6.88 3.63
C ALA B 766 23.15 -7.50 2.32
N LYS B 767 22.21 -7.87 1.45
CA LYS B 767 22.60 -8.42 0.16
C LYS B 767 23.21 -7.36 -0.76
N ASP B 768 22.91 -6.08 -0.50
CA ASP B 768 23.58 -5.01 -1.21
C ASP B 768 25.02 -4.86 -0.71
N SER B 769 25.27 -5.21 0.55
CA SER B 769 26.62 -5.19 1.10
C SER B 769 27.29 -6.55 1.02
N GLY B 770 26.52 -7.63 0.86
CA GLY B 770 27.11 -8.96 0.79
C GLY B 770 27.83 -9.24 -0.52
N SER B 771 27.43 -8.55 -1.59
CA SER B 771 28.01 -8.76 -2.91
C SER B 771 29.11 -7.76 -3.24
N LYS B 772 29.90 -7.32 -2.26
CA LYS B 772 30.90 -6.28 -2.49
C LYS B 772 32.29 -6.82 -2.16
N GLU B 773 32.89 -7.50 -3.14
CA GLU B 773 34.32 -7.83 -3.15
C GLU B 773 34.77 -8.20 -4.56
N LYS B 774 35.62 -7.36 -5.17
CA LYS B 774 36.10 -7.58 -6.54
C LYS B 774 37.60 -7.31 -6.61
N THR B 775 38.37 -7.93 -5.71
CA THR B 775 39.78 -7.61 -5.51
C THR B 775 40.68 -8.60 -6.25
N SER B 776 41.98 -8.52 -5.96
CA SER B 776 43.01 -8.82 -6.95
C SER B 776 44.30 -9.43 -6.37
N ALA B 777 45.41 -9.18 -7.06
CA ALA B 777 46.64 -9.96 -7.16
C ALA B 777 47.27 -10.52 -5.89
N LEU B 778 48.08 -11.57 -6.09
CA LEU B 778 48.58 -12.52 -5.11
C LEU B 778 49.27 -11.85 -3.92
N SER B 779 49.17 -12.50 -2.76
CA SER B 779 49.89 -12.11 -1.56
C SER B 779 51.33 -12.60 -1.61
N LEU B 780 51.99 -12.56 -0.47
CA LEU B 780 53.38 -13.01 -0.40
C LEU B 780 53.60 -13.95 0.77
N SER B 781 52.71 -13.91 1.76
CA SER B 781 52.78 -14.85 2.87
C SER B 781 52.48 -16.28 2.42
N ASN B 782 51.68 -16.42 1.35
CA ASN B 782 51.39 -17.72 0.78
C ASN B 782 52.65 -18.37 0.20
N VAL B 783 53.49 -17.59 -0.47
CA VAL B 783 54.76 -18.08 -0.99
C VAL B 783 55.78 -18.26 0.13
N ALA B 784 55.71 -17.50 1.17
CA ALA B 784 56.67 -17.44 2.27
C ALA B 784 56.72 -18.74 3.06
N GLY B 785 55.64 -19.53 3.02
CA GLY B 785 55.66 -20.83 3.65
C GLY B 785 56.50 -21.84 2.88
N VAL B 786 56.82 -21.54 1.63
CA VAL B 786 57.67 -22.43 0.85
C VAL B 786 59.14 -21.98 0.97
N PHE B 787 59.38 -20.78 1.50
CA PHE B 787 60.75 -20.33 1.73
C PHE B 787 61.43 -21.10 2.85
N TYR B 788 60.67 -21.48 3.88
CA TYR B 788 61.28 -22.17 5.02
C TYR B 788 61.61 -23.61 4.67
N ILE B 789 60.90 -24.19 3.70
CA ILE B 789 61.28 -25.51 3.21
C ILE B 789 62.28 -25.37 2.07
N LEU B 790 62.42 -24.16 1.51
CA LEU B 790 63.49 -23.89 0.57
C LEU B 790 64.83 -23.78 1.29
N VAL B 791 64.91 -22.85 2.25
CA VAL B 791 66.16 -22.63 2.97
C VAL B 791 66.44 -23.79 3.92
N GLY B 792 65.38 -24.35 4.51
CA GLY B 792 65.57 -25.48 5.42
C GLY B 792 66.04 -26.74 4.73
N GLY B 793 65.69 -26.90 3.45
CA GLY B 793 66.27 -27.99 2.67
C GLY B 793 67.71 -27.76 2.32
N LEU B 794 68.13 -26.49 2.25
CA LEU B 794 69.52 -26.18 1.95
C LEU B 794 70.42 -26.42 3.17
N GLY B 795 69.99 -25.94 4.34
CA GLY B 795 70.79 -26.10 5.54
C GLY B 795 70.84 -27.54 6.03
N LEU B 796 69.80 -28.31 5.73
CA LEU B 796 69.83 -29.74 6.03
C LEU B 796 70.80 -30.47 5.09
N ALA B 797 70.94 -29.97 3.87
CA ALA B 797 71.85 -30.60 2.91
C ALA B 797 73.30 -30.28 3.25
N MET B 798 73.56 -29.13 3.89
CA MET B 798 74.93 -28.78 4.26
C MET B 798 75.45 -29.65 5.39
N LEU B 799 74.55 -30.23 6.19
CA LEU B 799 74.96 -31.24 7.15
C LEU B 799 75.39 -32.53 6.45
N VAL B 800 74.72 -32.86 5.35
CA VAL B 800 74.97 -34.12 4.65
C VAL B 800 76.32 -34.06 3.92
N ALA B 801 76.64 -32.91 3.33
CA ALA B 801 77.88 -32.79 2.56
C ALA B 801 79.11 -32.83 3.45
N LEU B 802 79.02 -32.24 4.64
CA LEU B 802 80.18 -32.18 5.52
C LEU B 802 80.47 -33.52 6.19
N ILE B 803 79.42 -34.31 6.48
CA ILE B 803 79.67 -35.61 7.10
C ILE B 803 80.15 -36.61 6.05
N GLU B 804 79.69 -36.48 4.80
CA GLU B 804 80.16 -37.39 3.75
C GLU B 804 81.58 -37.04 3.32
N PHE B 805 82.04 -35.84 3.66
CA PHE B 805 83.47 -35.55 3.57
C PHE B 805 84.27 -36.29 4.63
N CYS B 806 83.60 -36.71 5.72
CA CYS B 806 84.25 -37.54 6.72
C CYS B 806 83.93 -39.02 6.54
N TYR B 807 82.87 -39.36 5.79
CA TYR B 807 82.67 -40.75 5.41
C TYR B 807 83.62 -41.19 4.32
N LYS B 808 84.24 -40.24 3.61
CA LYS B 808 85.27 -40.58 2.65
C LYS B 808 86.65 -40.63 3.30
N ASN C 1 -71.53 -17.62 53.57
CA ASN C 1 -72.15 -16.90 52.47
C ASN C 1 -71.73 -17.49 51.13
N SER C 2 -72.70 -17.94 50.36
CA SER C 2 -72.41 -18.52 49.06
C SER C 2 -71.96 -17.45 48.07
N ILE C 3 -70.78 -17.64 47.50
CA ILE C 3 -70.14 -16.63 46.67
C ILE C 3 -70.12 -17.12 45.23
N GLN C 4 -70.87 -16.45 44.36
CA GLN C 4 -70.88 -16.83 42.96
C GLN C 4 -69.59 -16.38 42.28
N ILE C 5 -68.96 -17.33 41.59
CA ILE C 5 -67.70 -17.09 40.89
C ILE C 5 -67.83 -17.59 39.46
N GLY C 6 -66.90 -17.17 38.61
CA GLY C 6 -66.88 -17.59 37.23
C GLY C 6 -66.37 -19.02 37.09
N GLY C 7 -66.81 -19.68 36.02
CA GLY C 7 -66.48 -21.08 35.83
C GLY C 7 -66.09 -21.46 34.42
N LEU C 8 -65.38 -20.57 33.72
CA LEU C 8 -64.93 -20.86 32.36
C LEU C 8 -63.92 -22.00 32.36
N PHE C 9 -64.16 -22.98 31.49
CA PHE C 9 -63.23 -24.08 31.28
C PHE C 9 -63.31 -24.50 29.82
N PRO C 10 -62.17 -24.57 29.12
CA PRO C 10 -62.18 -25.13 27.77
C PRO C 10 -62.48 -26.62 27.81
N ARG C 11 -63.00 -27.13 26.70
CA ARG C 11 -63.42 -28.53 26.64
C ARG C 11 -62.20 -29.42 26.44
N GLY C 12 -62.12 -30.48 27.25
CA GLY C 12 -60.99 -31.37 27.24
C GLY C 12 -59.91 -31.05 28.26
N ALA C 13 -60.04 -29.94 28.97
CA ALA C 13 -59.07 -29.57 30.00
C ALA C 13 -59.65 -29.85 31.38
N ASP C 14 -60.37 -30.97 31.48
CA ASP C 14 -61.12 -31.26 32.69
C ASP C 14 -60.24 -31.78 33.82
N GLN C 15 -58.99 -32.15 33.51
CA GLN C 15 -58.04 -32.49 34.56
C GLN C 15 -57.74 -31.26 35.42
N GLU C 16 -57.62 -30.10 34.78
CA GLU C 16 -57.56 -28.84 35.50
C GLU C 16 -58.86 -28.59 36.25
N TYR C 17 -60.00 -28.88 35.61
CA TYR C 17 -61.29 -28.78 36.28
C TYR C 17 -61.43 -29.82 37.39
N SER C 18 -60.81 -30.99 37.22
CA SER C 18 -60.72 -31.94 38.31
C SER C 18 -59.88 -31.37 39.45
N ALA C 19 -58.77 -30.72 39.12
CA ALA C 19 -57.96 -30.06 40.13
C ALA C 19 -58.68 -28.86 40.71
N PHE C 20 -59.60 -28.26 39.96
CA PHE C 20 -60.43 -27.20 40.50
C PHE C 20 -61.39 -27.75 41.54
N ARG C 21 -61.94 -28.94 41.30
CA ARG C 21 -62.91 -29.52 42.23
C ARG C 21 -62.21 -30.01 43.50
N VAL C 22 -60.94 -30.38 43.40
CA VAL C 22 -60.16 -30.72 44.57
C VAL C 22 -59.96 -29.49 45.45
N GLY C 23 -59.69 -28.34 44.84
CA GLY C 23 -59.60 -27.10 45.58
C GLY C 23 -60.93 -26.69 46.19
N MET C 24 -62.04 -27.01 45.50
CA MET C 24 -63.35 -26.78 46.10
C MET C 24 -63.61 -27.71 47.27
N VAL C 25 -62.98 -28.88 47.29
CA VAL C 25 -63.05 -29.75 48.46
C VAL C 25 -62.08 -29.27 49.53
N GLN C 26 -60.84 -28.97 49.13
CA GLN C 26 -59.78 -28.69 50.10
C GLN C 26 -59.97 -27.32 50.78
N PHE C 27 -60.42 -26.31 50.05
CA PHE C 27 -60.42 -24.96 50.56
C PHE C 27 -61.81 -24.44 50.88
N SER C 28 -62.81 -25.32 50.96
CA SER C 28 -64.12 -24.89 51.41
C SER C 28 -64.13 -24.68 52.91
N THR C 29 -64.30 -23.44 53.33
CA THR C 29 -64.33 -23.09 54.73
C THR C 29 -65.78 -23.01 55.19
N SER C 30 -65.96 -22.97 56.52
CA SER C 30 -67.31 -22.89 57.06
C SER C 30 -67.88 -21.48 56.97
N GLU C 31 -67.01 -20.48 56.76
CA GLU C 31 -67.49 -19.11 56.60
C GLU C 31 -68.21 -18.94 55.27
N PHE C 32 -67.65 -19.48 54.20
CA PHE C 32 -68.19 -19.26 52.86
C PHE C 32 -67.86 -20.46 51.99
N ARG C 33 -68.75 -20.73 51.03
CA ARG C 33 -68.53 -21.77 50.04
C ARG C 33 -68.83 -21.19 48.67
N LEU C 34 -67.84 -21.26 47.79
CA LEU C 34 -67.89 -20.59 46.50
C LEU C 34 -68.86 -21.30 45.57
N THR C 35 -69.46 -20.54 44.66
CA THR C 35 -70.49 -21.03 43.77
C THR C 35 -70.01 -20.91 42.33
N PRO C 36 -69.48 -21.99 41.76
CA PRO C 36 -69.01 -21.92 40.38
C PRO C 36 -70.17 -21.96 39.39
N HIS C 37 -70.00 -21.22 38.29
CA HIS C 37 -70.92 -21.30 37.16
C HIS C 37 -70.17 -21.94 36.00
N ILE C 38 -70.13 -23.27 36.00
CA ILE C 38 -69.21 -24.00 35.14
C ILE C 38 -69.71 -24.03 33.71
N ASP C 39 -68.89 -23.54 32.80
CA ASP C 39 -69.22 -23.46 31.38
C ASP C 39 -68.11 -24.09 30.56
N ASN C 40 -68.37 -25.30 30.07
CA ASN C 40 -67.41 -26.04 29.26
C ASN C 40 -67.60 -25.66 27.79
N LEU C 41 -66.95 -24.56 27.39
CA LEU C 41 -67.14 -24.00 26.06
C LEU C 41 -65.80 -23.82 25.35
N GLU C 42 -65.89 -23.46 24.07
CA GLU C 42 -64.71 -23.21 23.28
C GLU C 42 -64.06 -21.89 23.71
N VAL C 43 -62.73 -21.84 23.61
CA VAL C 43 -62.01 -20.66 24.06
C VAL C 43 -61.54 -19.82 22.87
N ALA C 44 -61.47 -20.41 21.68
CA ALA C 44 -61.02 -19.66 20.52
C ALA C 44 -62.09 -18.72 19.99
N ASN C 45 -63.36 -19.12 20.08
CA ASN C 45 -64.47 -18.30 19.63
C ASN C 45 -64.82 -17.31 20.74
N SER C 46 -64.52 -16.04 20.52
CA SER C 46 -64.81 -15.01 21.51
C SER C 46 -66.31 -14.77 21.64
N PHE C 47 -67.07 -15.03 20.56
CA PHE C 47 -68.52 -15.06 20.65
C PHE C 47 -68.99 -16.10 21.65
N ALA C 48 -68.36 -17.27 21.64
CA ALA C 48 -68.66 -18.29 22.64
C ALA C 48 -68.15 -17.86 24.02
N VAL C 49 -67.06 -17.09 24.05
CA VAL C 49 -66.54 -16.59 25.32
C VAL C 49 -67.48 -15.54 25.89
N THR C 50 -67.89 -14.57 25.06
CA THR C 50 -68.65 -13.42 25.54
C THR C 50 -70.04 -13.83 26.01
N ASN C 51 -70.67 -14.79 25.34
CA ASN C 51 -71.98 -15.28 25.76
C ASN C 51 -71.90 -16.00 27.10
N ALA C 52 -70.83 -16.77 27.31
CA ALA C 52 -70.60 -17.34 28.63
C ALA C 52 -70.16 -16.27 29.61
N PHE C 53 -69.49 -15.23 29.13
CA PHE C 53 -69.08 -14.14 29.99
C PHE C 53 -70.28 -13.32 30.45
N CYS C 54 -71.13 -12.90 29.51
CA CYS C 54 -72.24 -12.02 29.86
C CYS C 54 -73.33 -12.74 30.62
N SER C 55 -73.43 -14.07 30.46
CA SER C 55 -74.32 -14.84 31.31
C SER C 55 -73.81 -14.85 32.75
N GLN C 56 -72.51 -15.07 32.94
CA GLN C 56 -71.93 -14.97 34.27
C GLN C 56 -71.85 -13.52 34.73
N PHE C 57 -71.77 -12.57 33.81
CA PHE C 57 -71.94 -11.17 34.17
C PHE C 57 -73.37 -10.89 34.59
N SER C 58 -74.33 -11.60 33.99
CA SER C 58 -75.72 -11.50 34.44
C SER C 58 -75.89 -12.16 35.80
N ARG C 59 -75.06 -13.15 36.12
CA ARG C 59 -75.05 -13.72 37.47
C ARG C 59 -74.55 -12.73 38.51
N GLY C 60 -73.73 -11.76 38.12
CA GLY C 60 -73.11 -10.89 39.09
C GLY C 60 -72.04 -11.55 39.91
N VAL C 61 -71.23 -12.40 39.28
CA VAL C 61 -70.17 -13.10 40.01
C VAL C 61 -69.06 -12.12 40.36
N TYR C 62 -68.22 -12.50 41.31
CA TYR C 62 -67.26 -11.56 41.87
C TYR C 62 -65.84 -11.81 41.40
N ALA C 63 -65.54 -13.01 40.92
CA ALA C 63 -64.23 -13.35 40.39
C ALA C 63 -64.40 -14.48 39.39
N ILE C 64 -63.79 -14.33 38.22
CA ILE C 64 -64.00 -15.29 37.15
C ILE C 64 -62.69 -16.03 36.92
N PHE C 65 -62.80 -17.35 36.82
CA PHE C 65 -61.66 -18.20 36.55
C PHE C 65 -61.83 -18.84 35.18
N GLY C 66 -60.73 -18.96 34.45
CA GLY C 66 -60.76 -19.60 33.16
C GLY C 66 -59.39 -19.57 32.52
N PHE C 67 -59.37 -20.00 31.26
CA PHE C 67 -58.19 -19.88 30.41
C PHE C 67 -58.49 -18.82 29.36
N TYR C 68 -57.49 -18.49 28.55
CA TYR C 68 -57.81 -17.72 27.36
C TYR C 68 -56.92 -18.12 26.20
N ASP C 69 -57.48 -17.99 25.00
CA ASP C 69 -56.73 -18.00 23.76
C ASP C 69 -56.03 -16.66 23.59
N LYS C 70 -55.07 -16.61 22.66
CA LYS C 70 -54.54 -15.32 22.23
C LYS C 70 -55.57 -14.54 21.42
N LYS C 71 -56.63 -15.22 20.95
CA LYS C 71 -57.76 -14.51 20.38
C LYS C 71 -58.65 -13.94 21.47
N SER C 72 -58.98 -14.74 22.47
CA SER C 72 -59.91 -14.31 23.51
C SER C 72 -59.28 -13.42 24.57
N VAL C 73 -57.98 -13.16 24.50
CA VAL C 73 -57.36 -12.32 25.52
C VAL C 73 -57.77 -10.86 25.34
N ASN C 74 -57.91 -10.41 24.10
CA ASN C 74 -58.30 -9.02 23.87
C ASN C 74 -59.79 -8.83 24.11
N THR C 75 -60.54 -9.92 24.18
CA THR C 75 -61.90 -9.85 24.68
C THR C 75 -61.89 -9.63 26.19
N ILE C 76 -61.17 -10.47 26.94
CA ILE C 76 -61.22 -10.44 28.39
C ILE C 76 -60.58 -9.16 28.94
N THR C 77 -59.46 -8.74 28.34
CA THR C 77 -58.81 -7.51 28.77
C THR C 77 -59.65 -6.28 28.46
N SER C 78 -60.51 -6.35 27.44
CA SER C 78 -61.40 -5.23 27.17
C SER C 78 -62.55 -5.20 28.15
N PHE C 79 -63.23 -6.35 28.34
CA PHE C 79 -64.41 -6.38 29.19
C PHE C 79 -64.06 -6.24 30.67
N CYS C 80 -63.17 -7.10 31.18
CA CYS C 80 -62.82 -7.08 32.60
C CYS C 80 -62.09 -5.81 33.00
N GLY C 81 -61.31 -5.22 32.09
CA GLY C 81 -60.74 -3.92 32.35
C GLY C 81 -61.77 -2.80 32.40
N THR C 82 -62.93 -3.01 31.80
CA THR C 82 -64.00 -2.02 31.81
C THR C 82 -65.11 -2.39 32.78
N LEU C 83 -65.55 -3.64 32.78
CA LEU C 83 -66.67 -4.03 33.63
C LEU C 83 -66.25 -4.29 35.08
N HIS C 84 -64.97 -4.07 35.41
CA HIS C 84 -64.47 -4.00 36.79
C HIS C 84 -64.64 -5.31 37.54
N VAL C 85 -64.49 -6.43 36.82
CA VAL C 85 -64.57 -7.75 37.39
C VAL C 85 -63.22 -8.41 37.25
N SER C 86 -62.64 -8.86 38.37
CA SER C 86 -61.32 -9.45 38.34
C SER C 86 -61.37 -10.85 37.72
N PHE C 87 -60.35 -11.17 36.93
CA PHE C 87 -60.28 -12.44 36.23
C PHE C 87 -59.02 -13.18 36.65
N ILE C 88 -59.13 -14.47 36.85
CA ILE C 88 -58.01 -15.30 37.31
C ILE C 88 -57.74 -16.37 36.26
N THR C 89 -56.46 -16.53 35.91
CA THR C 89 -56.09 -17.45 34.85
C THR C 89 -54.72 -18.07 35.08
N PRO C 90 -54.50 -19.29 34.61
CA PRO C 90 -53.13 -19.81 34.49
C PRO C 90 -52.52 -19.61 33.10
N SER C 91 -53.15 -18.84 32.22
CA SER C 91 -52.69 -18.72 30.86
C SER C 91 -51.45 -17.84 30.76
N PHE C 92 -50.94 -17.68 29.53
CA PHE C 92 -49.76 -16.87 29.30
C PHE C 92 -50.06 -15.40 29.57
N PRO C 93 -49.16 -14.68 30.25
CA PRO C 93 -49.49 -13.33 30.73
C PRO C 93 -49.67 -12.30 29.62
N THR C 94 -50.51 -11.32 29.89
CA THR C 94 -50.75 -10.25 28.93
C THR C 94 -49.57 -9.29 28.87
N ASP C 95 -49.33 -8.74 27.69
CA ASP C 95 -48.31 -7.70 27.56
C ASP C 95 -48.75 -6.41 28.23
N GLY C 96 -49.94 -5.93 27.94
CA GLY C 96 -50.43 -4.70 28.54
C GLY C 96 -50.86 -4.94 29.97
N THR C 97 -50.47 -4.00 30.83
CA THR C 97 -50.81 -4.08 32.25
C THR C 97 -52.29 -3.75 32.46
N HIS C 98 -53.14 -4.74 32.19
CA HIS C 98 -54.57 -4.52 32.23
C HIS C 98 -55.08 -4.69 33.65
N PRO C 99 -55.94 -3.79 34.12
CA PRO C 99 -56.55 -3.98 35.44
C PRO C 99 -57.53 -5.14 35.43
N PHE C 100 -57.82 -5.63 36.64
CA PHE C 100 -58.75 -6.73 36.90
C PHE C 100 -58.34 -8.02 36.21
N VAL C 101 -57.03 -8.20 36.02
CA VAL C 101 -56.48 -9.39 35.39
C VAL C 101 -55.45 -9.99 36.34
N ILE C 102 -55.80 -11.09 36.98
CA ILE C 102 -54.87 -11.83 37.81
C ILE C 102 -54.46 -13.08 37.03
N GLN C 103 -53.17 -13.39 37.03
CA GLN C 103 -52.68 -14.45 36.15
C GLN C 103 -51.64 -15.29 36.87
N MET C 104 -51.86 -16.61 36.88
CA MET C 104 -51.10 -17.54 37.70
C MET C 104 -49.79 -18.00 37.07
N ARG C 105 -49.53 -17.68 35.81
CA ARG C 105 -48.36 -18.22 35.15
C ARG C 105 -47.22 -17.22 35.30
N PRO C 106 -46.12 -17.56 35.96
CA PRO C 106 -45.00 -16.61 36.07
C PRO C 106 -44.29 -16.45 34.75
N ASP C 107 -43.63 -15.31 34.58
CA ASP C 107 -42.93 -15.03 33.34
C ASP C 107 -41.67 -15.88 33.26
N LEU C 108 -41.37 -16.37 32.05
CA LEU C 108 -40.32 -17.35 31.84
C LEU C 108 -39.15 -16.78 31.05
N LYS C 109 -39.32 -15.63 30.41
CA LYS C 109 -38.28 -15.09 29.53
C LYS C 109 -37.06 -14.63 30.32
N GLY C 110 -37.25 -14.26 31.58
CA GLY C 110 -36.11 -13.90 32.41
C GLY C 110 -35.25 -15.11 32.74
N ALA C 111 -35.90 -16.24 33.03
CA ALA C 111 -35.14 -17.48 33.22
C ALA C 111 -34.58 -17.99 31.90
N LEU C 112 -35.31 -17.75 30.81
CA LEU C 112 -34.92 -18.32 29.51
C LEU C 112 -33.71 -17.62 28.94
N LEU C 113 -33.70 -16.28 28.99
CA LEU C 113 -32.54 -15.54 28.50
C LEU C 113 -31.35 -15.75 29.42
N SER C 114 -31.61 -15.98 30.71
CA SER C 114 -30.52 -16.32 31.63
C SER C 114 -29.99 -17.72 31.34
N LEU C 115 -30.83 -18.60 30.80
CA LEU C 115 -30.39 -19.96 30.53
C LEU C 115 -29.49 -20.01 29.30
N ILE C 116 -29.79 -19.18 28.29
CA ILE C 116 -28.96 -19.12 27.11
C ILE C 116 -27.61 -18.52 27.45
N GLU C 117 -27.60 -17.53 28.33
CA GLU C 117 -26.35 -16.96 28.83
C GLU C 117 -25.57 -17.98 29.66
N TYR C 118 -26.27 -18.90 30.32
CA TYR C 118 -25.58 -19.99 30.99
C TYR C 118 -24.95 -20.95 30.00
N TYR C 119 -25.72 -21.41 29.01
CA TYR C 119 -25.19 -22.29 27.99
C TYR C 119 -24.33 -21.55 26.96
N GLN C 120 -24.31 -20.21 27.00
CA GLN C 120 -23.38 -19.38 26.25
C GLN C 120 -23.56 -19.54 24.75
N TRP C 121 -24.81 -19.55 24.30
CA TRP C 121 -25.09 -19.80 22.89
C TRP C 121 -24.96 -18.52 22.07
N ASP C 122 -24.63 -18.71 20.79
CA ASP C 122 -24.41 -17.62 19.85
C ASP C 122 -25.29 -17.71 18.62
N LYS C 123 -25.61 -18.93 18.18
CA LYS C 123 -26.52 -19.16 17.07
C LYS C 123 -27.32 -20.41 17.38
N PHE C 124 -28.64 -20.31 17.27
CA PHE C 124 -29.51 -21.40 17.68
C PHE C 124 -30.87 -21.24 17.01
N ALA C 125 -31.49 -22.36 16.74
CA ALA C 125 -32.84 -22.35 16.20
C ALA C 125 -33.84 -22.06 17.31
N TYR C 126 -34.97 -21.46 16.92
CA TYR C 126 -36.02 -21.12 17.87
C TYR C 126 -37.36 -21.50 17.23
N LEU C 127 -37.79 -22.72 17.47
CA LEU C 127 -39.12 -23.12 17.03
C LEU C 127 -40.14 -22.74 18.09
N TYR C 128 -41.22 -22.12 17.64
CA TYR C 128 -42.18 -21.54 18.56
C TYR C 128 -43.59 -21.76 18.04
N ASP C 129 -44.51 -21.98 18.97
CA ASP C 129 -45.93 -21.97 18.66
C ASP C 129 -46.39 -20.53 18.73
N SER C 130 -47.20 -20.12 17.75
CA SER C 130 -47.70 -18.75 17.74
C SER C 130 -48.85 -18.56 18.71
N ASP C 131 -49.40 -19.65 19.25
CA ASP C 131 -50.68 -19.60 19.94
C ASP C 131 -50.59 -18.90 21.30
N ARG C 132 -49.43 -18.94 21.94
CA ARG C 132 -49.25 -18.24 23.21
C ARG C 132 -48.69 -16.85 23.05
N GLY C 133 -48.97 -16.18 21.95
CA GLY C 133 -48.36 -14.89 21.69
C GLY C 133 -46.94 -15.03 21.20
N LEU C 134 -46.32 -13.89 20.92
CA LEU C 134 -44.95 -13.86 20.42
C LEU C 134 -44.03 -13.04 21.31
N SER C 135 -44.38 -12.92 22.59
CA SER C 135 -43.62 -12.05 23.49
C SER C 135 -42.26 -12.63 23.81
N THR C 136 -42.19 -13.95 23.99
CA THR C 136 -40.89 -14.60 24.19
C THR C 136 -40.04 -14.52 22.93
N LEU C 137 -40.68 -14.55 21.76
CA LEU C 137 -39.97 -14.28 20.52
C LEU C 137 -39.46 -12.84 20.50
N GLN C 138 -40.28 -11.90 20.96
CA GLN C 138 -39.83 -10.53 21.11
C GLN C 138 -38.76 -10.42 22.19
N ALA C 139 -38.83 -11.30 23.20
CA ALA C 139 -37.84 -11.27 24.27
C ALA C 139 -36.47 -11.71 23.77
N VAL C 140 -36.43 -12.77 22.97
CA VAL C 140 -35.13 -13.30 22.55
C VAL C 140 -34.53 -12.44 21.44
N LEU C 141 -35.37 -11.80 20.61
CA LEU C 141 -34.85 -11.01 19.50
C LEU C 141 -34.27 -9.69 19.97
N ASP C 142 -34.82 -9.12 21.05
CA ASP C 142 -34.25 -7.90 21.60
C ASP C 142 -32.91 -8.18 22.26
N SER C 143 -32.75 -9.38 22.81
CA SER C 143 -31.44 -9.78 23.32
C SER C 143 -30.55 -10.34 22.23
N ALA C 144 -31.12 -10.71 21.09
CA ALA C 144 -30.33 -11.24 19.99
C ALA C 144 -29.43 -10.18 19.38
N ALA C 145 -29.94 -8.98 19.16
CA ALA C 145 -29.08 -7.88 18.73
C ALA C 145 -28.16 -7.44 19.86
N GLU C 146 -28.63 -7.52 21.09
CA GLU C 146 -27.84 -7.10 22.24
C GLU C 146 -26.69 -8.04 22.54
N LYS C 147 -26.95 -9.35 22.58
CA LYS C 147 -25.92 -10.33 22.89
C LYS C 147 -25.30 -10.94 21.65
N LYS C 148 -25.54 -10.35 20.47
CA LYS C 148 -25.00 -10.77 19.18
C LYS C 148 -25.37 -12.22 18.86
N TRP C 149 -26.66 -12.49 18.80
CA TRP C 149 -27.17 -13.84 18.60
C TRP C 149 -27.82 -13.97 17.24
N GLN C 150 -27.50 -15.06 16.54
CA GLN C 150 -28.07 -15.35 15.23
C GLN C 150 -29.23 -16.32 15.38
N VAL C 151 -30.34 -15.83 15.89
CA VAL C 151 -31.47 -16.69 16.19
C VAL C 151 -32.19 -17.06 14.89
N THR C 152 -32.45 -18.35 14.71
CA THR C 152 -33.19 -18.84 13.56
C THR C 152 -34.59 -19.18 14.06
N ALA C 153 -35.50 -18.21 13.93
CA ALA C 153 -36.85 -18.38 14.47
C ALA C 153 -37.82 -18.77 13.36
N ILE C 154 -38.49 -19.90 13.55
CA ILE C 154 -39.44 -20.42 12.59
C ILE C 154 -40.71 -20.80 13.34
N ASN C 155 -41.85 -20.24 12.91
CA ASN C 155 -43.13 -20.60 13.49
C ASN C 155 -43.48 -22.03 13.09
N VAL C 156 -44.15 -22.74 14.00
CA VAL C 156 -44.50 -24.13 13.75
C VAL C 156 -46.01 -24.30 13.85
N GLY C 157 -46.70 -23.29 14.40
CA GLY C 157 -48.14 -23.34 14.54
C GLY C 157 -48.90 -23.20 13.24
N ASN C 158 -48.21 -22.84 12.15
CA ASN C 158 -48.88 -22.66 10.87
C ASN C 158 -49.20 -24.00 10.21
N ILE C 159 -48.57 -25.09 10.67
CA ILE C 159 -48.74 -26.37 10.03
C ILE C 159 -50.06 -26.99 10.46
N ASN C 160 -50.89 -27.36 9.47
CA ASN C 160 -52.12 -28.08 9.74
C ASN C 160 -51.83 -29.50 10.21
N ASN C 161 -52.80 -30.09 10.92
CA ASN C 161 -52.57 -31.37 11.56
C ASN C 161 -52.67 -32.55 10.60
N ASP C 162 -53.13 -32.33 9.37
CA ASP C 162 -53.33 -33.44 8.46
C ASP C 162 -52.03 -33.91 7.84
N LYS C 163 -51.12 -32.99 7.53
CA LYS C 163 -49.84 -33.32 6.91
C LYS C 163 -48.67 -32.81 7.74
N LYS C 164 -48.77 -32.89 9.07
CA LYS C 164 -47.67 -32.52 9.95
C LYS C 164 -46.71 -33.70 10.15
N ASP C 165 -46.31 -34.31 9.03
CA ASP C 165 -45.35 -35.39 9.05
C ASP C 165 -44.30 -35.14 7.98
N GLU C 166 -44.73 -34.58 6.85
CA GLU C 166 -43.81 -34.26 5.76
C GLU C 166 -43.18 -32.90 5.97
N THR C 167 -43.91 -31.99 6.63
CA THR C 167 -43.42 -30.62 6.80
C THR C 167 -42.23 -30.56 7.74
N TYR C 168 -42.23 -31.41 8.78
CA TYR C 168 -41.13 -31.42 9.72
C TYR C 168 -39.85 -31.98 9.09
N ARG C 169 -40.00 -33.00 8.24
CA ARG C 169 -38.84 -33.51 7.51
C ARG C 169 -38.31 -32.47 6.55
N SER C 170 -39.19 -31.64 5.99
CA SER C 170 -38.73 -30.47 5.28
C SER C 170 -38.12 -29.45 6.22
N LEU C 171 -38.66 -29.34 7.44
CA LEU C 171 -38.24 -28.28 8.35
C LEU C 171 -36.87 -28.57 8.95
N PHE C 172 -36.66 -29.79 9.44
CA PHE C 172 -35.39 -30.11 10.08
C PHE C 172 -34.25 -30.19 9.08
N GLN C 173 -34.53 -30.56 7.83
CA GLN C 173 -33.50 -30.50 6.81
C GLN C 173 -33.15 -29.06 6.48
N ASP C 174 -34.12 -28.15 6.55
CA ASP C 174 -33.80 -26.73 6.45
C ASP C 174 -33.01 -26.24 7.66
N LEU C 175 -33.24 -26.85 8.83
CA LEU C 175 -32.36 -26.60 9.96
C LEU C 175 -30.99 -27.21 9.72
N GLU C 176 -30.94 -28.35 9.03
CA GLU C 176 -29.66 -28.97 8.70
C GLU C 176 -29.04 -28.38 7.45
N LEU C 177 -29.71 -27.43 6.80
CA LEU C 177 -29.01 -26.59 5.84
C LEU C 177 -28.01 -25.68 6.54
N LYS C 178 -28.31 -25.30 7.78
CA LYS C 178 -27.38 -24.56 8.62
C LYS C 178 -26.86 -25.41 9.78
N LYS C 179 -27.38 -26.63 9.93
CA LYS C 179 -26.90 -27.65 10.88
C LYS C 179 -26.99 -27.16 12.33
N GLU C 180 -28.20 -26.85 12.76
CA GLU C 180 -28.40 -26.37 14.12
C GLU C 180 -28.31 -27.52 15.11
N ARG C 181 -27.32 -27.45 16.00
CA ARG C 181 -27.21 -28.39 17.11
C ARG C 181 -27.86 -27.84 18.37
N ARG C 182 -28.53 -26.69 18.27
CA ARG C 182 -29.02 -25.95 19.42
C ARG C 182 -30.44 -25.48 19.09
N VAL C 183 -31.43 -26.17 19.63
CA VAL C 183 -32.82 -25.93 19.30
C VAL C 183 -33.58 -25.55 20.56
N ILE C 184 -34.31 -24.44 20.52
CA ILE C 184 -35.21 -24.07 21.59
C ILE C 184 -36.63 -24.23 21.07
N LEU C 185 -37.33 -25.23 21.59
CA LEU C 185 -38.73 -25.42 21.27
C LEU C 185 -39.60 -24.59 22.21
N ASP C 186 -40.76 -24.17 21.71
CA ASP C 186 -41.71 -23.43 22.53
C ASP C 186 -43.11 -23.82 22.03
N CYS C 187 -43.70 -24.83 22.67
CA CYS C 187 -44.98 -25.37 22.25
C CYS C 187 -45.74 -25.90 23.45
N GLU C 188 -47.01 -26.22 23.22
CA GLU C 188 -47.78 -26.98 24.19
C GLU C 188 -47.29 -28.42 24.21
N ARG C 189 -47.58 -29.11 25.33
CA ARG C 189 -47.04 -30.44 25.58
C ARG C 189 -47.54 -31.47 24.57
N ASP C 190 -48.68 -31.20 23.92
CA ASP C 190 -49.04 -31.96 22.73
C ASP C 190 -48.09 -31.65 21.59
N LYS C 191 -47.99 -30.36 21.22
CA LYS C 191 -47.12 -29.96 20.12
C LYS C 191 -45.65 -30.08 20.48
N VAL C 192 -45.31 -30.13 21.76
CA VAL C 192 -43.96 -30.55 22.15
C VAL C 192 -43.75 -32.01 21.75
N ASN C 193 -44.65 -32.88 22.21
CA ASN C 193 -44.48 -34.32 21.98
C ASN C 193 -44.69 -34.68 20.52
N ASP C 194 -45.38 -33.83 19.76
CA ASP C 194 -45.45 -34.02 18.31
C ASP C 194 -44.07 -33.83 17.68
N ILE C 195 -43.42 -32.71 17.99
CA ILE C 195 -42.13 -32.39 17.39
C ILE C 195 -41.04 -33.30 17.94
N VAL C 196 -41.18 -33.70 19.21
CA VAL C 196 -40.26 -34.68 19.80
C VAL C 196 -40.30 -36.00 19.03
N ASP C 197 -41.51 -36.45 18.67
CA ASP C 197 -41.63 -37.65 17.84
C ASP C 197 -41.10 -37.41 16.43
N GLN C 198 -41.12 -36.16 15.97
CA GLN C 198 -40.50 -35.85 14.69
C GLN C 198 -38.98 -35.86 14.78
N VAL C 199 -38.42 -35.48 15.94
CA VAL C 199 -36.98 -35.58 16.15
C VAL C 199 -36.57 -37.05 16.21
N ILE C 200 -37.42 -37.88 16.82
CA ILE C 200 -37.15 -39.31 16.88
C ILE C 200 -37.39 -39.96 15.52
N THR C 201 -38.28 -39.36 14.72
CA THR C 201 -38.47 -39.82 13.35
C THR C 201 -37.23 -39.60 12.50
N ILE C 202 -36.69 -38.39 12.51
CA ILE C 202 -35.44 -38.11 11.81
C ILE C 202 -34.24 -38.65 12.57
N GLY C 203 -34.41 -39.01 13.84
CA GLY C 203 -33.32 -39.59 14.60
C GLY C 203 -32.26 -38.63 15.07
N LYS C 204 -32.44 -37.32 14.86
CA LYS C 204 -31.41 -36.35 15.21
C LYS C 204 -31.53 -35.90 16.67
N HIS C 205 -31.62 -36.88 17.55
CA HIS C 205 -31.59 -36.70 19.00
C HIS C 205 -30.37 -37.37 19.60
N VAL C 206 -29.35 -37.60 18.77
CA VAL C 206 -28.09 -38.16 19.23
C VAL C 206 -27.28 -37.07 19.93
N LYS C 207 -26.18 -37.49 20.55
CA LYS C 207 -25.31 -36.55 21.27
C LYS C 207 -24.68 -35.56 20.31
N GLY C 208 -24.61 -34.31 20.75
CA GLY C 208 -24.25 -33.20 19.90
C GLY C 208 -25.37 -32.19 19.75
N TYR C 209 -26.60 -32.66 19.62
CA TYR C 209 -27.75 -31.78 19.61
C TYR C 209 -28.08 -31.35 21.02
N HIS C 210 -28.70 -30.17 21.14
CA HIS C 210 -29.20 -29.70 22.42
C HIS C 210 -30.62 -29.19 22.24
N TYR C 211 -31.48 -29.48 23.21
CA TYR C 211 -32.88 -29.11 23.10
C TYR C 211 -33.32 -28.40 24.38
N ILE C 212 -33.95 -27.25 24.22
CA ILE C 212 -34.51 -26.51 25.34
C ILE C 212 -36.01 -26.38 25.16
N ILE C 213 -36.77 -26.82 26.16
CA ILE C 213 -38.22 -26.75 26.11
C ILE C 213 -38.68 -25.54 26.92
N ALA C 214 -39.54 -24.72 26.34
CA ALA C 214 -39.82 -23.40 26.91
C ALA C 214 -41.24 -23.30 27.45
N ASN C 215 -41.67 -24.33 28.18
CA ASN C 215 -42.89 -24.22 28.97
C ASN C 215 -42.58 -24.72 30.38
N LEU C 216 -43.54 -24.54 31.27
CA LEU C 216 -43.35 -25.00 32.64
C LEU C 216 -43.52 -26.51 32.76
N GLY C 217 -44.12 -27.14 31.75
CA GLY C 217 -44.33 -28.57 31.79
C GLY C 217 -43.16 -29.36 31.26
N PHE C 218 -42.00 -29.23 31.89
CA PHE C 218 -40.87 -30.09 31.54
C PHE C 218 -41.15 -31.54 31.87
N THR C 219 -41.77 -31.79 33.02
CA THR C 219 -42.13 -33.15 33.40
C THR C 219 -43.36 -33.64 32.64
N ASP C 220 -44.12 -32.73 32.02
CA ASP C 220 -45.36 -33.13 31.36
C ASP C 220 -45.11 -33.77 30.00
N GLY C 221 -43.89 -33.69 29.48
CA GLY C 221 -43.60 -34.27 28.20
C GLY C 221 -43.25 -35.75 28.28
N ASP C 222 -42.84 -36.31 27.14
CA ASP C 222 -42.39 -37.69 27.07
C ASP C 222 -40.89 -37.72 27.31
N LEU C 223 -40.52 -37.82 28.59
CA LEU C 223 -39.12 -37.77 28.97
C LEU C 223 -38.39 -39.06 28.65
N LEU C 224 -39.09 -40.20 28.71
CA LEU C 224 -38.43 -41.49 28.62
C LEU C 224 -37.98 -41.79 27.20
N LYS C 225 -38.69 -41.26 26.21
CA LYS C 225 -38.46 -41.66 24.83
C LYS C 225 -37.19 -41.05 24.27
N ILE C 226 -36.73 -39.94 24.85
CA ILE C 226 -35.42 -39.38 24.55
C ILE C 226 -34.58 -39.20 25.81
N GLN C 227 -34.89 -39.98 26.84
CA GLN C 227 -33.98 -40.08 27.98
C GLN C 227 -32.65 -40.71 27.58
N PHE C 228 -32.69 -41.65 26.64
CA PHE C 228 -31.52 -42.40 26.23
C PHE C 228 -31.15 -42.14 24.77
N GLY C 229 -31.74 -41.11 24.16
CA GLY C 229 -31.50 -40.86 22.75
C GLY C 229 -30.14 -40.27 22.45
N GLY C 230 -29.56 -39.52 23.38
CA GLY C 230 -28.24 -38.96 23.23
C GLY C 230 -28.16 -37.46 23.37
N ALA C 231 -29.12 -36.71 22.85
CA ALA C 231 -29.06 -35.26 22.91
C ALA C 231 -29.36 -34.76 24.30
N GLU C 232 -28.92 -33.53 24.59
CA GLU C 232 -29.11 -32.97 25.91
C GLU C 232 -30.37 -32.13 25.94
N VAL C 233 -31.25 -32.45 26.90
CA VAL C 233 -32.54 -31.77 27.03
C VAL C 233 -32.58 -31.07 28.37
N SER C 234 -32.85 -29.77 28.34
CA SER C 234 -32.92 -28.98 29.55
C SER C 234 -34.18 -28.11 29.48
N GLY C 235 -34.88 -28.00 30.60
CA GLY C 235 -36.14 -27.28 30.55
C GLY C 235 -36.46 -26.62 31.88
N PHE C 236 -37.70 -26.15 31.97
CA PHE C 236 -38.18 -25.46 33.16
C PHE C 236 -39.37 -26.20 33.73
N GLN C 237 -39.33 -26.48 35.03
CA GLN C 237 -40.45 -27.06 35.73
C GLN C 237 -40.76 -26.22 36.96
N ILE C 238 -42.01 -25.84 37.11
CA ILE C 238 -42.46 -25.07 38.26
C ILE C 238 -42.99 -26.00 39.35
N VAL C 239 -43.41 -27.21 38.98
CA VAL C 239 -44.00 -28.14 39.94
C VAL C 239 -42.84 -28.98 40.48
N ASP C 240 -42.30 -28.55 41.61
CA ASP C 240 -41.22 -29.28 42.26
C ASP C 240 -41.80 -30.44 43.05
N TYR C 241 -41.63 -31.65 42.53
CA TYR C 241 -42.18 -32.84 43.16
C TYR C 241 -41.43 -33.24 44.43
N ASP C 242 -40.28 -32.61 44.70
CA ASP C 242 -39.48 -32.96 45.86
C ASP C 242 -40.08 -32.46 47.15
N ASP C 243 -40.92 -31.43 47.10
CA ASP C 243 -41.49 -30.85 48.31
C ASP C 243 -42.55 -31.76 48.90
N SER C 244 -42.54 -31.87 50.23
CA SER C 244 -43.55 -32.67 50.93
C SER C 244 -44.93 -32.06 50.81
N LEU C 245 -45.02 -30.72 50.79
CA LEU C 245 -46.28 -30.03 50.55
C LEU C 245 -46.81 -30.37 49.16
N VAL C 246 -45.91 -30.52 48.19
CA VAL C 246 -46.30 -31.03 46.89
C VAL C 246 -46.59 -32.52 46.96
N SER C 247 -45.78 -33.25 47.74
CA SER C 247 -45.92 -34.71 47.80
C SER C 247 -47.20 -35.13 48.51
N LYS C 248 -47.56 -34.46 49.60
CA LYS C 248 -48.81 -34.77 50.30
C LYS C 248 -50.02 -34.44 49.44
N PHE C 249 -49.89 -33.47 48.53
CA PHE C 249 -50.91 -33.29 47.51
C PHE C 249 -50.97 -34.48 46.58
N ILE C 250 -49.82 -34.95 46.09
CA ILE C 250 -49.76 -36.09 45.20
C ILE C 250 -50.18 -37.38 45.92
N GLU C 251 -49.90 -37.47 47.22
CA GLU C 251 -50.45 -38.53 48.05
C GLU C 251 -51.97 -38.51 48.07
N ARG C 252 -52.57 -37.34 47.94
CA ARG C 252 -54.01 -37.20 47.81
C ARG C 252 -54.46 -37.18 46.35
N TRP C 253 -53.63 -36.64 45.46
CA TRP C 253 -53.99 -36.52 44.04
C TRP C 253 -54.04 -37.89 43.36
N SER C 254 -52.99 -38.69 43.55
CA SER C 254 -52.89 -39.97 42.85
C SER C 254 -53.89 -40.99 43.38
N THR C 255 -54.36 -40.81 44.61
CA THR C 255 -55.35 -41.73 45.17
C THR C 255 -56.77 -41.35 44.79
N LEU C 256 -56.95 -40.32 43.98
CA LEU C 256 -58.29 -39.99 43.52
C LEU C 256 -58.78 -40.99 42.48
N GLU C 257 -60.09 -41.02 42.28
CA GLU C 257 -60.66 -41.85 41.23
C GLU C 257 -60.36 -41.25 39.88
N GLU C 258 -59.81 -42.06 38.98
CA GLU C 258 -59.51 -41.61 37.63
C GLU C 258 -60.78 -41.48 36.79
N LYS C 259 -61.80 -42.28 37.09
CA LYS C 259 -63.05 -42.17 36.35
C LYS C 259 -63.84 -40.92 36.74
N GLU C 260 -63.96 -40.66 38.04
CA GLU C 260 -64.62 -39.44 38.50
C GLU C 260 -63.81 -38.20 38.17
N TYR C 261 -62.50 -38.24 38.40
CA TYR C 261 -61.61 -37.13 38.11
C TYR C 261 -60.63 -37.60 37.05
N PRO C 262 -60.87 -37.27 35.78
CA PRO C 262 -59.97 -37.70 34.70
C PRO C 262 -58.62 -37.02 34.77
N GLY C 263 -57.56 -37.83 34.72
CA GLY C 263 -56.21 -37.34 34.85
C GLY C 263 -55.71 -37.18 36.26
N ALA C 264 -56.42 -37.72 37.24
CA ALA C 264 -56.04 -37.53 38.63
C ALA C 264 -55.14 -38.64 39.18
N HIS C 265 -55.38 -39.88 38.78
CA HIS C 265 -54.76 -41.03 39.44
C HIS C 265 -53.27 -41.15 39.11
N THR C 266 -52.84 -40.46 38.05
CA THR C 266 -51.44 -40.42 37.68
C THR C 266 -50.64 -39.65 38.71
N ALA C 267 -49.40 -40.11 38.96
CA ALA C 267 -48.56 -39.45 39.95
C ALA C 267 -48.05 -38.11 39.43
N THR C 268 -47.97 -37.96 38.11
CA THR C 268 -47.64 -36.67 37.52
C THR C 268 -48.87 -35.79 37.44
N ILE C 269 -48.65 -34.52 37.15
CA ILE C 269 -49.72 -33.54 37.05
C ILE C 269 -49.23 -32.39 36.17
N LYS C 270 -50.13 -31.83 35.37
CA LYS C 270 -49.80 -30.66 34.59
C LYS C 270 -49.63 -29.45 35.50
N TYR C 271 -48.79 -28.50 35.06
CA TYR C 271 -48.61 -27.27 35.81
C TYR C 271 -49.86 -26.41 35.75
N THR C 272 -50.64 -26.52 34.68
CA THR C 272 -51.90 -25.81 34.58
C THR C 272 -52.90 -26.33 35.61
N SER C 273 -52.88 -27.63 35.87
CA SER C 273 -53.69 -28.18 36.95
C SER C 273 -53.16 -27.75 38.31
N ALA C 274 -51.84 -27.58 38.41
CA ALA C 274 -51.25 -27.11 39.66
C ALA C 274 -51.60 -25.65 39.92
N LEU C 275 -51.58 -24.82 38.87
CA LEU C 275 -51.96 -23.43 39.04
C LEU C 275 -53.45 -23.27 39.25
N THR C 276 -54.25 -24.21 38.75
CA THR C 276 -55.69 -24.18 39.02
C THR C 276 -55.97 -24.47 40.49
N TYR C 277 -55.29 -25.46 41.05
CA TYR C 277 -55.43 -25.77 42.48
C TYR C 277 -54.88 -24.64 43.34
N ASP C 278 -53.80 -24.00 42.89
CA ASP C 278 -53.25 -22.87 43.65
C ASP C 278 -54.13 -21.63 43.55
N ALA C 279 -54.90 -21.51 42.47
CA ALA C 279 -55.77 -20.34 42.31
C ALA C 279 -56.92 -20.37 43.32
N VAL C 280 -57.41 -21.57 43.64
CA VAL C 280 -58.46 -21.69 44.65
C VAL C 280 -57.93 -21.30 46.02
N GLN C 281 -56.65 -21.62 46.27
CA GLN C 281 -56.00 -21.20 47.51
C GLN C 281 -55.90 -19.68 47.61
N VAL C 282 -55.67 -19.01 46.48
CA VAL C 282 -55.64 -17.55 46.48
C VAL C 282 -57.04 -16.98 46.62
N MET C 283 -58.01 -17.57 45.92
CA MET C 283 -59.37 -17.04 45.92
C MET C 283 -60.06 -17.28 47.26
N THR C 284 -59.73 -18.37 47.95
CA THR C 284 -60.28 -18.59 49.28
C THR C 284 -59.69 -17.59 50.27
N GLU C 285 -58.37 -17.42 50.25
CA GLU C 285 -57.69 -16.50 51.16
C GLU C 285 -58.09 -15.05 50.92
N ALA C 286 -58.48 -14.71 49.69
CA ALA C 286 -59.02 -13.40 49.41
C ALA C 286 -60.34 -13.19 50.14
N PHE C 287 -61.31 -14.08 49.94
CA PHE C 287 -62.60 -13.93 50.61
C PHE C 287 -62.52 -14.29 52.09
N ARG C 288 -61.45 -14.96 52.53
CA ARG C 288 -61.17 -15.02 53.95
C ARG C 288 -60.72 -13.66 54.48
N ASN C 289 -60.08 -12.86 53.64
CA ASN C 289 -59.66 -11.54 54.07
C ASN C 289 -60.77 -10.50 53.86
N LEU C 290 -61.58 -10.66 52.81
CA LEU C 290 -62.75 -9.79 52.64
C LEU C 290 -63.77 -10.01 53.73
N ARG C 291 -63.87 -11.24 54.25
CA ARG C 291 -64.76 -11.48 55.38
C ARG C 291 -64.16 -10.89 56.65
N LYS C 292 -62.83 -10.80 56.73
CA LYS C 292 -62.21 -10.10 57.85
C LYS C 292 -62.27 -8.59 57.67
N GLN C 293 -62.05 -8.09 56.45
CA GLN C 293 -62.21 -6.67 56.17
C GLN C 293 -63.66 -6.24 56.13
N ARG C 294 -64.59 -7.19 56.00
CA ARG C 294 -66.04 -6.99 56.16
C ARG C 294 -66.61 -6.01 55.15
N ILE C 295 -66.02 -5.97 53.96
CA ILE C 295 -66.51 -5.14 52.87
C ILE C 295 -67.60 -5.95 52.18
N GLU C 296 -68.85 -5.65 52.50
CA GLU C 296 -69.94 -6.47 52.00
C GLU C 296 -70.26 -6.12 50.56
N ILE C 297 -70.27 -7.15 49.71
CA ILE C 297 -70.39 -6.99 48.27
C ILE C 297 -71.65 -7.67 47.73
N SER C 298 -72.75 -7.66 48.48
CA SER C 298 -73.90 -8.49 48.17
C SER C 298 -74.61 -8.00 46.90
N ARG C 299 -74.25 -8.62 45.78
CA ARG C 299 -74.82 -8.25 44.50
C ARG C 299 -75.71 -9.37 43.97
N ARG C 300 -76.90 -8.98 43.53
CA ARG C 300 -77.71 -9.81 42.64
C ARG C 300 -77.28 -9.53 41.21
N GLY C 301 -78.09 -9.95 40.22
CA GLY C 301 -77.83 -9.54 38.86
C GLY C 301 -78.11 -8.07 38.55
N ASN C 302 -77.47 -7.16 39.30
CA ASN C 302 -77.56 -5.73 39.02
C ASN C 302 -76.61 -5.38 37.88
N ALA C 303 -75.59 -6.21 37.72
CA ALA C 303 -74.72 -6.10 36.56
C ALA C 303 -75.48 -6.43 35.28
N GLY C 304 -76.10 -7.61 35.21
CA GLY C 304 -77.09 -7.93 34.21
C GLY C 304 -76.54 -7.99 32.80
N ASP C 305 -77.04 -7.09 31.97
CA ASP C 305 -76.61 -7.00 30.58
C ASP C 305 -75.23 -6.37 30.51
N CYS C 306 -74.34 -7.01 29.74
CA CYS C 306 -73.05 -6.44 29.40
C CYS C 306 -73.14 -5.43 28.27
N LEU C 307 -74.29 -5.34 27.60
CA LEU C 307 -74.51 -4.37 26.54
C LEU C 307 -75.13 -3.08 27.04
N ALA C 308 -75.06 -2.83 28.35
CA ALA C 308 -75.53 -1.56 28.90
C ALA C 308 -74.66 -0.43 28.40
N ASN C 309 -75.30 0.59 27.84
CA ASN C 309 -74.59 1.64 27.11
C ASN C 309 -74.85 2.99 27.76
N PRO C 310 -73.89 3.54 28.54
CA PRO C 310 -72.67 2.87 28.99
C PRO C 310 -72.90 2.06 30.26
N ALA C 311 -72.21 0.94 30.40
CA ALA C 311 -72.30 0.14 31.60
C ALA C 311 -71.40 0.73 32.68
N VAL C 312 -72.01 1.16 33.78
CA VAL C 312 -71.24 1.64 34.92
C VAL C 312 -71.21 0.55 35.99
N PRO C 313 -70.03 0.01 36.31
CA PRO C 313 -69.97 -1.13 37.23
C PRO C 313 -69.88 -0.67 38.68
N TRP C 314 -70.27 -1.56 39.58
CA TRP C 314 -70.14 -1.31 41.01
C TRP C 314 -68.67 -1.35 41.39
N GLY C 315 -68.19 -0.25 41.98
CA GLY C 315 -66.77 -0.05 42.17
C GLY C 315 -66.16 -0.74 43.37
N GLN C 316 -66.91 -1.59 44.06
CA GLN C 316 -66.34 -2.35 45.16
C GLN C 316 -65.43 -3.47 44.65
N GLY C 317 -65.56 -3.83 43.37
CA GLY C 317 -64.65 -4.79 42.77
C GLY C 317 -63.22 -4.30 42.64
N VAL C 318 -63.03 -2.98 42.69
CA VAL C 318 -61.69 -2.40 42.65
C VAL C 318 -60.90 -2.80 43.89
N GLU C 319 -61.53 -2.73 45.07
CA GLU C 319 -60.87 -3.18 46.29
C GLU C 319 -60.74 -4.69 46.32
N ILE C 320 -61.69 -5.40 45.69
CA ILE C 320 -61.58 -6.84 45.50
C ILE C 320 -60.36 -7.17 44.66
N GLU C 321 -60.12 -6.37 43.61
CA GLU C 321 -58.90 -6.48 42.82
C GLU C 321 -57.67 -6.19 43.67
N ARG C 322 -57.77 -5.20 44.56
CA ARG C 322 -56.65 -4.84 45.42
C ARG C 322 -56.34 -5.95 46.42
N ALA C 323 -57.38 -6.45 47.09
CA ALA C 323 -57.16 -7.47 48.12
C ALA C 323 -56.76 -8.80 47.50
N LEU C 324 -57.12 -9.05 46.24
CA LEU C 324 -56.51 -10.15 45.51
C LEU C 324 -55.02 -9.91 45.29
N LYS C 325 -54.63 -8.69 44.93
CA LYS C 325 -53.23 -8.39 44.74
C LYS C 325 -52.47 -8.25 46.05
N GLN C 326 -53.17 -8.16 47.18
CA GLN C 326 -52.54 -8.19 48.49
C GLN C 326 -52.25 -9.60 48.98
N VAL C 327 -52.65 -10.63 48.24
CA VAL C 327 -52.47 -12.00 48.68
C VAL C 327 -51.01 -12.41 48.55
N GLN C 328 -50.42 -12.84 49.67
CA GLN C 328 -49.09 -13.46 49.66
C GLN C 328 -49.22 -14.80 50.41
N VAL C 329 -49.41 -15.86 49.64
CA VAL C 329 -49.54 -17.21 50.20
C VAL C 329 -48.52 -18.11 49.52
N GLU C 330 -48.22 -19.23 50.17
CA GLU C 330 -47.41 -20.26 49.55
C GLU C 330 -48.30 -21.20 48.75
N GLY C 331 -47.67 -21.99 47.90
CA GLY C 331 -48.43 -22.92 47.09
C GLY C 331 -47.54 -23.94 46.44
N LEU C 332 -48.10 -24.61 45.43
CA LEU C 332 -47.33 -25.60 44.68
C LEU C 332 -46.25 -24.93 43.82
N SER C 333 -46.46 -23.67 43.45
CA SER C 333 -45.48 -22.89 42.72
C SER C 333 -44.66 -21.99 43.65
N GLY C 334 -44.45 -22.41 44.90
CA GLY C 334 -43.70 -21.59 45.83
C GLY C 334 -44.52 -20.44 46.35
N ASN C 335 -43.83 -19.35 46.66
CA ASN C 335 -44.50 -18.16 47.16
C ASN C 335 -45.26 -17.47 46.03
N ILE C 336 -46.45 -16.98 46.34
CA ILE C 336 -47.32 -16.33 45.37
C ILE C 336 -47.52 -14.89 45.81
N LYS C 337 -46.75 -13.99 45.23
CA LYS C 337 -46.88 -12.56 45.52
C LYS C 337 -47.23 -11.85 44.22
N PHE C 338 -48.06 -10.82 44.32
CA PHE C 338 -48.57 -10.11 43.15
C PHE C 338 -48.05 -8.68 43.12
N ASP C 339 -48.00 -8.12 41.91
CA ASP C 339 -47.77 -6.70 41.75
C ASP C 339 -49.10 -5.95 41.80
N GLN C 340 -49.05 -4.69 41.37
CA GLN C 340 -50.28 -3.93 41.20
C GLN C 340 -50.91 -4.16 39.84
N ASN C 341 -50.31 -4.99 39.00
CA ASN C 341 -50.80 -5.25 37.66
C ASN C 341 -51.32 -6.66 37.48
N GLY C 342 -51.26 -7.50 38.51
CA GLY C 342 -51.72 -8.88 38.43
C GLY C 342 -50.65 -9.88 38.08
N LYS C 343 -49.43 -9.44 37.78
CA LYS C 343 -48.35 -10.36 37.47
C LYS C 343 -47.76 -10.91 38.76
N ARG C 344 -47.22 -12.12 38.67
CA ARG C 344 -46.69 -12.76 39.85
C ARG C 344 -45.26 -12.34 40.11
N ILE C 345 -44.94 -12.14 41.39
CA ILE C 345 -43.60 -11.78 41.83
C ILE C 345 -43.25 -12.63 43.04
N ASN C 346 -41.99 -12.53 43.46
CA ASN C 346 -41.37 -13.29 44.54
C ASN C 346 -41.56 -14.80 44.36
N TYR C 347 -41.41 -15.26 43.12
CA TYR C 347 -41.52 -16.68 42.82
C TYR C 347 -40.14 -17.26 42.54
N THR C 348 -40.12 -18.54 42.15
CA THR C 348 -38.86 -19.25 41.90
C THR C 348 -39.12 -20.32 40.84
N ILE C 349 -38.37 -20.26 39.74
CA ILE C 349 -38.49 -21.23 38.66
C ILE C 349 -37.33 -22.21 38.79
N ASN C 350 -37.66 -23.50 38.82
CA ASN C 350 -36.65 -24.54 38.99
C ASN C 350 -36.15 -25.01 37.63
N ILE C 351 -34.85 -24.84 37.41
CA ILE C 351 -34.23 -25.31 36.17
C ILE C 351 -34.02 -26.81 36.29
N MET C 352 -34.62 -27.55 35.37
CA MET C 352 -34.51 -29.00 35.35
C MET C 352 -33.75 -29.43 34.10
N GLU C 353 -32.97 -30.50 34.23
CA GLU C 353 -32.28 -31.07 33.09
C GLU C 353 -32.56 -32.57 33.02
N LEU C 354 -32.85 -33.04 31.82
CA LEU C 354 -33.06 -34.45 31.58
C LEU C 354 -31.71 -35.16 31.54
N LYS C 355 -31.56 -36.16 32.40
CA LYS C 355 -30.34 -36.94 32.47
C LYS C 355 -30.64 -38.39 32.16
N THR C 356 -29.64 -39.25 32.36
CA THR C 356 -29.82 -40.68 32.16
C THR C 356 -30.81 -41.26 33.19
N ASN C 357 -30.74 -40.80 34.43
CA ASN C 357 -31.68 -41.25 35.45
C ASN C 357 -33.01 -40.51 35.41
N GLY C 358 -33.16 -39.52 34.53
CA GLY C 358 -34.39 -38.78 34.43
C GLY C 358 -34.17 -37.27 34.56
N PRO C 359 -35.21 -36.56 34.98
CA PRO C 359 -35.06 -35.12 35.20
C PRO C 359 -34.20 -34.84 36.40
N ARG C 360 -33.52 -33.70 36.38
CA ARG C 360 -32.56 -33.36 37.42
C ARG C 360 -32.45 -31.85 37.56
N LYS C 361 -32.56 -31.37 38.78
CA LYS C 361 -32.39 -29.96 39.07
C LYS C 361 -30.92 -29.61 39.19
N ILE C 362 -30.52 -28.56 38.47
CA ILE C 362 -29.18 -28.00 38.63
C ILE C 362 -29.22 -26.69 39.39
N GLY C 363 -30.41 -26.17 39.65
CA GLY C 363 -30.52 -24.89 40.32
C GLY C 363 -31.87 -24.28 40.07
N TYR C 364 -31.98 -23.00 40.44
CA TYR C 364 -33.25 -22.30 40.41
C TYR C 364 -33.05 -20.87 39.94
N TRP C 365 -34.10 -20.28 39.38
CA TRP C 365 -34.11 -18.89 38.95
C TRP C 365 -35.22 -18.14 39.68
N SER C 366 -34.91 -16.92 40.11
CA SER C 366 -35.95 -16.01 40.58
C SER C 366 -35.76 -14.64 39.93
N GLU C 367 -36.71 -13.75 40.20
CA GLU C 367 -36.89 -12.56 39.39
C GLU C 367 -35.77 -11.53 39.56
N VAL C 368 -35.29 -11.29 40.78
CA VAL C 368 -34.15 -10.43 41.02
C VAL C 368 -33.05 -11.17 41.75
N ASP C 369 -33.42 -12.20 42.50
CA ASP C 369 -32.46 -13.18 42.97
C ASP C 369 -32.22 -14.26 41.92
N LYS C 370 -31.40 -13.98 40.92
CA LYS C 370 -31.45 -14.62 39.60
C LYS C 370 -30.84 -16.03 39.65
N MET C 371 -30.60 -16.60 38.47
CA MET C 371 -30.31 -18.02 38.31
C MET C 371 -29.07 -18.46 39.09
N VAL C 372 -29.33 -19.27 40.12
CA VAL C 372 -28.28 -19.78 41.00
C VAL C 372 -28.20 -21.28 40.81
N LEU C 373 -27.06 -21.76 40.36
CA LEU C 373 -26.84 -23.19 40.28
C LEU C 373 -26.69 -23.78 41.69
N THR C 374 -27.20 -24.99 41.86
CA THR C 374 -27.22 -25.64 43.17
C THR C 374 -26.55 -27.00 42.96
N GLU C 375 -25.69 -27.41 43.91
CA GLU C 375 -24.66 -28.38 43.51
C GLU C 375 -24.44 -29.57 44.44
N ASP C 376 -24.59 -29.36 45.75
CA ASP C 376 -23.55 -29.71 46.72
C ASP C 376 -22.89 -31.07 46.53
N ASP C 377 -23.58 -32.17 46.87
CA ASP C 377 -23.23 -33.57 46.56
C ASP C 377 -21.89 -34.08 47.09
N THR C 378 -21.01 -33.16 47.50
CA THR C 378 -19.72 -33.44 48.13
C THR C 378 -19.46 -32.44 49.25
N SER C 379 -20.16 -31.29 49.19
CA SER C 379 -19.96 -30.12 50.06
C SER C 379 -18.54 -29.58 49.99
N GLY C 380 -17.94 -29.67 48.80
CA GLY C 380 -16.65 -29.02 48.55
C GLY C 380 -15.49 -29.72 49.24
N LEU C 381 -14.37 -28.99 49.32
CA LEU C 381 -13.18 -29.26 50.13
C LEU C 381 -12.34 -30.42 49.58
N GLU C 382 -12.82 -31.11 48.54
CA GLU C 382 -12.10 -32.24 47.98
C GLU C 382 -10.90 -31.81 47.15
N GLN C 383 -10.15 -32.79 46.65
CA GLN C 383 -8.90 -32.55 45.92
C GLN C 383 -9.11 -31.91 44.55
N LYS C 384 -10.27 -32.13 43.91
CA LYS C 384 -10.66 -31.56 42.62
C LYS C 384 -9.64 -31.86 41.53
N THR C 385 -9.53 -33.14 41.14
CA THR C 385 -8.57 -33.57 40.13
C THR C 385 -8.82 -32.86 38.80
N VAL C 386 -7.83 -32.10 38.36
CA VAL C 386 -7.98 -31.17 37.25
C VAL C 386 -7.85 -31.94 35.96
N VAL C 387 -8.75 -31.71 35.04
CA VAL C 387 -8.73 -32.40 33.75
C VAL C 387 -7.85 -31.63 32.78
N VAL C 388 -6.76 -32.26 32.36
CA VAL C 388 -5.80 -31.65 31.47
C VAL C 388 -6.04 -32.25 30.08
N THR C 389 -6.71 -31.50 29.21
CA THR C 389 -6.88 -31.97 27.84
C THR C 389 -5.59 -31.72 27.07
N THR C 390 -5.32 -32.63 26.13
CA THR C 390 -4.10 -32.58 25.33
C THR C 390 -4.26 -33.42 24.08
N ILE C 391 -3.24 -33.39 23.24
CA ILE C 391 -3.19 -34.18 22.02
C ILE C 391 -1.89 -34.97 22.01
N LEU C 392 -1.96 -36.22 21.51
CA LEU C 392 -0.78 -37.08 21.41
C LEU C 392 0.14 -36.54 20.33
N GLU C 393 1.17 -35.80 20.74
CA GLU C 393 2.16 -35.26 19.81
C GLU C 393 3.54 -35.49 20.38
N SER C 394 4.44 -35.98 19.55
CA SER C 394 5.82 -36.12 19.95
C SER C 394 6.55 -34.79 19.76
N PRO C 395 7.43 -34.39 20.67
CA PRO C 395 7.75 -35.03 21.95
C PRO C 395 7.00 -34.40 23.11
N TYR C 396 5.76 -33.97 22.86
CA TYR C 396 5.02 -33.22 23.87
C TYR C 396 4.18 -34.15 24.74
N VAL C 397 3.35 -34.99 24.11
CA VAL C 397 2.59 -36.02 24.80
C VAL C 397 2.72 -37.31 23.99
N MET C 398 3.31 -38.33 24.61
CA MET C 398 3.58 -39.59 23.93
C MET C 398 3.10 -40.75 24.78
N MET C 399 3.02 -41.92 24.16
CA MET C 399 2.64 -43.12 24.88
C MET C 399 3.88 -43.87 25.37
N LYS C 400 3.73 -44.55 26.50
CA LYS C 400 4.79 -45.40 27.00
C LYS C 400 4.89 -46.67 26.15
N LYS C 401 6.05 -47.32 26.21
CA LYS C 401 6.17 -48.66 25.66
C LYS C 401 5.39 -49.66 26.50
N ASN C 402 5.29 -49.40 27.80
CA ASN C 402 4.54 -50.22 28.73
C ASN C 402 3.41 -49.42 29.37
N HIS C 403 2.65 -48.71 28.52
CA HIS C 403 1.52 -47.93 28.99
C HIS C 403 0.41 -48.82 29.55
N GLU C 404 0.32 -50.06 29.07
CA GLU C 404 -0.58 -51.02 29.70
C GLU C 404 -0.11 -51.42 31.09
N MET C 405 1.20 -51.38 31.33
CA MET C 405 1.74 -51.65 32.67
C MET C 405 1.61 -50.45 33.58
N LEU C 406 1.26 -49.28 33.05
CA LEU C 406 1.07 -48.07 33.83
C LEU C 406 -0.41 -47.70 33.83
N GLU C 407 -0.75 -46.67 34.61
CA GLU C 407 -2.13 -46.28 34.79
C GLU C 407 -2.26 -44.76 34.82
N GLY C 408 -3.22 -44.26 34.04
CA GLY C 408 -3.62 -42.87 34.10
C GLY C 408 -2.58 -41.92 33.54
N ASN C 409 -2.11 -41.02 34.41
CA ASN C 409 -1.12 -40.03 34.00
C ASN C 409 0.25 -40.66 33.80
N GLU C 410 0.49 -41.83 34.37
CA GLU C 410 1.76 -42.52 34.17
C GLU C 410 1.89 -43.06 32.75
N ARG C 411 0.76 -43.30 32.08
CA ARG C 411 0.79 -43.89 30.75
C ARG C 411 1.31 -42.91 29.70
N TYR C 412 1.38 -41.64 30.05
CA TYR C 412 1.71 -40.59 29.10
C TYR C 412 3.09 -40.02 29.43
N GLU C 413 3.75 -39.47 28.43
CA GLU C 413 5.10 -38.94 28.60
C GLU C 413 5.35 -37.88 27.55
N GLY C 414 6.29 -37.00 27.83
CA GLY C 414 6.66 -36.00 26.85
C GLY C 414 6.96 -34.66 27.51
N TYR C 415 7.07 -33.65 26.66
CA TYR C 415 7.45 -32.32 27.12
C TYR C 415 6.35 -31.68 27.95
N CYS C 416 5.12 -31.70 27.44
CA CYS C 416 4.01 -31.10 28.16
C CYS C 416 3.61 -31.91 29.37
N VAL C 417 4.00 -33.18 29.41
CA VAL C 417 3.68 -34.04 30.54
C VAL C 417 4.50 -33.65 31.76
N ASP C 418 5.78 -33.34 31.56
CA ASP C 418 6.60 -32.85 32.67
C ASP C 418 6.18 -31.46 33.08
N LEU C 419 5.66 -30.68 32.15
CA LEU C 419 5.12 -29.36 32.47
C LEU C 419 3.89 -29.47 33.35
N ALA C 420 3.09 -30.52 33.14
CA ALA C 420 1.89 -30.73 33.94
C ALA C 420 2.23 -31.06 35.38
N ALA C 421 3.38 -31.68 35.62
CA ALA C 421 3.84 -31.90 36.98
C ALA C 421 4.25 -30.59 37.64
N GLU C 422 4.82 -29.67 36.85
CA GLU C 422 5.38 -28.45 37.43
C GLU C 422 4.31 -27.45 37.79
N ILE C 423 3.19 -27.44 37.06
CA ILE C 423 2.07 -26.59 37.43
C ILE C 423 1.42 -27.11 38.70
N ALA C 424 1.37 -28.45 38.85
CA ALA C 424 0.89 -29.05 40.08
C ALA C 424 1.85 -28.78 41.23
N LYS C 425 3.15 -28.71 40.95
CA LYS C 425 4.10 -28.29 41.97
C LYS C 425 3.97 -26.81 42.26
N HIS C 426 3.50 -26.03 41.29
CA HIS C 426 3.35 -24.60 41.48
C HIS C 426 1.99 -24.25 42.09
N CYS C 427 0.91 -24.84 41.60
CA CYS C 427 -0.42 -24.42 42.01
C CYS C 427 -1.11 -25.39 42.97
N GLY C 428 -0.53 -26.58 43.21
CA GLY C 428 -1.07 -27.48 44.21
C GLY C 428 -2.38 -28.14 43.87
N PHE C 429 -2.37 -29.04 42.90
CA PHE C 429 -3.60 -29.71 42.49
C PHE C 429 -3.26 -31.10 41.95
N LYS C 430 -4.24 -32.00 42.02
CA LYS C 430 -4.15 -33.24 41.27
C LYS C 430 -4.63 -33.00 39.85
N TYR C 431 -4.15 -33.84 38.93
CA TYR C 431 -4.37 -33.58 37.52
C TYR C 431 -4.74 -34.87 36.82
N LYS C 432 -5.47 -34.72 35.72
CA LYS C 432 -5.84 -35.85 34.87
C LYS C 432 -5.53 -35.50 33.43
N LEU C 433 -4.51 -36.15 32.89
CA LEU C 433 -4.17 -35.96 31.48
C LEU C 433 -5.16 -36.72 30.61
N THR C 434 -5.90 -35.99 29.78
CA THR C 434 -6.89 -36.61 28.90
C THR C 434 -6.54 -36.29 27.46
N ILE C 435 -6.56 -37.32 26.62
CA ILE C 435 -6.32 -37.12 25.20
C ILE C 435 -7.59 -36.59 24.56
N VAL C 436 -7.45 -35.64 23.62
CA VAL C 436 -8.61 -35.08 22.95
C VAL C 436 -9.24 -36.15 22.05
N GLY C 437 -10.57 -36.16 22.00
CA GLY C 437 -11.30 -37.21 21.31
C GLY C 437 -11.19 -37.14 19.80
N ASP C 438 -11.52 -35.98 19.22
CA ASP C 438 -11.54 -35.86 17.76
C ASP C 438 -10.14 -35.73 17.17
N GLY C 439 -9.11 -35.50 17.99
CA GLY C 439 -7.78 -35.25 17.49
C GLY C 439 -7.55 -33.86 16.94
N LYS C 440 -8.51 -32.96 17.13
CA LYS C 440 -8.38 -31.60 16.63
C LYS C 440 -7.74 -30.72 17.69
N TYR C 441 -7.10 -29.64 17.23
CA TYR C 441 -6.46 -28.71 18.16
C TYR C 441 -7.47 -27.74 18.77
N GLY C 442 -8.71 -27.76 18.31
CA GLY C 442 -9.65 -26.80 18.84
C GLY C 442 -9.94 -25.68 17.88
N ALA C 443 -10.17 -26.04 16.62
CA ALA C 443 -10.56 -25.07 15.61
C ALA C 443 -12.02 -24.68 15.80
N ARG C 444 -12.42 -23.63 15.11
CA ARG C 444 -13.82 -23.21 15.12
C ARG C 444 -14.48 -23.66 13.83
N ASP C 445 -15.71 -24.14 13.92
CA ASP C 445 -16.51 -24.39 12.73
C ASP C 445 -16.90 -23.07 12.08
N ALA C 446 -17.12 -23.10 10.77
CA ALA C 446 -17.67 -21.93 10.09
C ALA C 446 -19.17 -22.06 9.87
N ASP C 447 -19.71 -23.27 9.92
CA ASP C 447 -21.13 -23.49 9.69
C ASP C 447 -21.89 -23.46 11.01
N THR C 448 -21.57 -24.37 11.92
CA THR C 448 -22.24 -24.37 13.22
C THR C 448 -21.64 -23.34 14.16
N LYS C 449 -20.45 -22.85 13.83
CA LYS C 449 -19.61 -22.00 14.70
C LYS C 449 -19.41 -22.64 16.06
N ILE C 450 -19.19 -23.95 16.05
CA ILE C 450 -18.93 -24.73 17.25
C ILE C 450 -17.46 -25.11 17.26
N TRP C 451 -16.78 -24.77 18.35
CA TRP C 451 -15.39 -25.17 18.52
C TRP C 451 -15.30 -26.67 18.70
N ASN C 452 -14.46 -27.31 17.89
CA ASN C 452 -14.16 -28.71 18.10
C ASN C 452 -12.94 -28.80 19.02
N GLY C 453 -12.33 -29.99 19.07
CA GLY C 453 -11.02 -30.18 19.64
C GLY C 453 -10.92 -29.88 21.13
N MET C 454 -9.72 -29.42 21.50
CA MET C 454 -9.44 -29.10 22.90
C MET C 454 -10.17 -27.85 23.34
N VAL C 455 -10.33 -26.87 22.43
CA VAL C 455 -11.05 -25.64 22.76
C VAL C 455 -12.53 -25.94 23.00
N GLY C 456 -13.11 -26.80 22.17
CA GLY C 456 -14.46 -27.26 22.42
C GLY C 456 -14.58 -28.06 23.71
N GLU C 457 -13.50 -28.69 24.14
CA GLU C 457 -13.48 -29.29 25.47
C GLU C 457 -13.29 -28.24 26.56
N LEU C 458 -12.63 -27.12 26.25
CA LEU C 458 -12.43 -26.07 27.24
C LEU C 458 -13.62 -25.13 27.34
N VAL C 459 -14.20 -24.75 26.20
CA VAL C 459 -15.33 -23.82 26.20
C VAL C 459 -16.56 -24.48 26.80
N TYR C 460 -16.84 -25.72 26.43
CA TYR C 460 -18.09 -26.37 26.80
C TYR C 460 -18.02 -27.09 28.13
N GLY C 461 -17.02 -26.78 28.96
CA GLY C 461 -16.91 -27.34 30.28
C GLY C 461 -16.41 -28.77 30.35
N LYS C 462 -16.07 -29.37 29.21
CA LYS C 462 -15.63 -30.76 29.21
C LYS C 462 -14.24 -30.90 29.83
N ALA C 463 -13.37 -29.91 29.63
CA ALA C 463 -12.00 -29.96 30.12
C ALA C 463 -11.77 -28.84 31.12
N ASP C 464 -10.85 -29.09 32.06
CA ASP C 464 -10.57 -28.08 33.08
C ASP C 464 -9.44 -27.15 32.67
N ILE C 465 -8.43 -27.67 31.97
CA ILE C 465 -7.28 -26.88 31.55
C ILE C 465 -6.64 -27.60 30.37
N ALA C 466 -5.82 -26.87 29.61
CA ALA C 466 -5.08 -27.44 28.49
C ALA C 466 -3.60 -27.19 28.67
N ILE C 467 -2.82 -28.27 28.63
CA ILE C 467 -1.36 -28.18 28.58
C ILE C 467 -0.94 -28.92 27.31
N ALA C 468 -0.77 -28.18 26.23
CA ALA C 468 -0.70 -28.78 24.90
C ALA C 468 -0.06 -27.79 23.94
N PRO C 469 0.48 -28.27 22.81
CA PRO C 469 0.94 -27.34 21.77
C PRO C 469 -0.23 -26.62 21.09
N LEU C 470 -0.72 -25.57 21.73
CA LEU C 470 -1.84 -24.82 21.19
C LEU C 470 -1.35 -23.46 20.73
N THR C 471 -1.48 -23.20 19.43
CA THR C 471 -1.02 -21.94 18.87
C THR C 471 -1.95 -20.81 19.29
N ILE C 472 -1.38 -19.78 19.90
CA ILE C 472 -2.15 -18.64 20.37
C ILE C 472 -2.54 -17.78 19.18
N THR C 473 -3.85 -17.73 18.89
CA THR C 473 -4.35 -16.90 17.82
C THR C 473 -5.30 -15.85 18.41
N LEU C 474 -5.86 -15.03 17.53
CA LEU C 474 -6.82 -14.03 17.98
C LEU C 474 -8.16 -14.65 18.32
N VAL C 475 -8.69 -15.50 17.43
CA VAL C 475 -10.03 -16.05 17.59
C VAL C 475 -10.11 -17.06 18.73
N ARG C 476 -8.98 -17.65 19.11
CA ARG C 476 -8.97 -18.55 20.24
C ARG C 476 -9.04 -17.81 21.56
N GLU C 477 -8.43 -16.62 21.64
CA GLU C 477 -8.53 -15.82 22.87
C GLU C 477 -9.91 -15.18 23.00
N GLU C 478 -10.68 -15.14 21.91
CA GLU C 478 -12.03 -14.61 21.95
C GLU C 478 -12.98 -15.46 22.79
N VAL C 479 -12.64 -16.73 23.02
CA VAL C 479 -13.48 -17.62 23.80
C VAL C 479 -12.82 -18.14 25.07
N ILE C 480 -11.49 -18.27 25.11
CA ILE C 480 -10.80 -18.75 26.30
C ILE C 480 -9.63 -17.82 26.59
N ASP C 481 -8.88 -18.15 27.63
CA ASP C 481 -7.79 -17.31 28.09
C ASP C 481 -6.48 -18.09 28.05
N PHE C 482 -5.54 -17.61 27.24
CA PHE C 482 -4.19 -18.16 27.26
C PHE C 482 -3.38 -17.55 28.40
N SER C 483 -2.34 -18.26 28.80
CA SER C 483 -1.30 -17.65 29.60
C SER C 483 -0.28 -16.97 28.69
N LYS C 484 0.82 -16.51 29.28
CA LYS C 484 1.92 -16.04 28.47
C LYS C 484 2.56 -17.23 27.75
N PRO C 485 3.12 -17.03 26.56
CA PRO C 485 3.69 -18.16 25.82
C PRO C 485 4.95 -18.70 26.49
N PHE C 486 5.03 -20.03 26.54
CA PHE C 486 6.20 -20.70 27.06
C PHE C 486 7.18 -21.11 25.97
N MET C 487 6.78 -20.99 24.70
CA MET C 487 7.64 -21.45 23.62
C MET C 487 7.37 -20.65 22.35
N SER C 488 8.24 -19.69 22.06
CA SER C 488 8.16 -18.97 20.80
C SER C 488 8.61 -19.85 19.66
N LEU C 489 8.00 -19.65 18.50
CA LEU C 489 8.31 -20.46 17.32
C LEU C 489 7.87 -19.69 16.09
N GLY C 490 8.08 -20.32 14.95
CA GLY C 490 7.67 -19.76 13.67
C GLY C 490 7.84 -20.80 12.59
N ILE C 491 7.45 -20.41 11.38
CA ILE C 491 7.59 -21.29 10.23
C ILE C 491 9.07 -21.39 9.88
N SER C 492 9.55 -22.62 9.73
CA SER C 492 10.96 -22.87 9.48
C SER C 492 11.10 -23.66 8.20
N ILE C 493 12.31 -23.66 7.65
CA ILE C 493 12.59 -24.26 6.35
C ILE C 493 13.32 -25.58 6.61
N MET C 494 12.62 -26.69 6.41
CA MET C 494 13.26 -28.00 6.40
C MET C 494 13.72 -28.34 5.00
N ILE C 495 15.03 -28.51 4.85
CA ILE C 495 15.62 -29.01 3.61
C ILE C 495 16.44 -30.25 3.95
N LYS C 496 16.92 -30.93 2.90
CA LYS C 496 17.81 -32.06 3.08
C LYS C 496 19.15 -31.58 3.64
N LYS C 497 19.94 -32.42 4.29
CA LYS C 497 21.29 -32.20 4.78
C LYS C 497 22.27 -32.49 3.64
N PRO C 498 23.36 -31.71 3.51
CA PRO C 498 24.31 -31.92 2.41
C PRO C 498 24.97 -33.30 2.49
N GLN C 499 24.83 -34.04 1.40
CA GLN C 499 25.15 -35.46 1.38
C GLN C 499 26.65 -35.67 1.45
N LYS C 500 27.02 -36.81 2.02
CA LYS C 500 28.41 -37.23 2.14
C LYS C 500 28.56 -38.38 1.15
N SER C 501 28.76 -38.03 -0.12
CA SER C 501 28.92 -38.99 -1.21
C SER C 501 30.31 -38.75 -1.78
N LYS C 502 31.29 -39.34 -1.13
CA LYS C 502 32.67 -39.13 -1.56
C LYS C 502 33.02 -40.12 -2.66
N PRO C 503 33.38 -39.64 -3.84
CA PRO C 503 33.27 -40.45 -5.06
C PRO C 503 34.52 -41.29 -5.30
N GLY C 504 34.44 -42.16 -6.37
CA GLY C 504 35.36 -43.28 -6.41
C GLY C 504 36.03 -43.52 -7.74
N VAL C 505 35.98 -44.79 -8.19
CA VAL C 505 36.80 -45.27 -9.30
C VAL C 505 36.35 -44.70 -10.63
N PHE C 506 35.10 -44.99 -11.03
CA PHE C 506 34.58 -44.50 -12.30
C PHE C 506 34.32 -43.00 -12.29
N SER C 507 34.28 -42.40 -11.11
CA SER C 507 33.91 -40.99 -10.99
C SER C 507 35.11 -40.07 -11.17
N PHE C 508 36.33 -40.62 -11.13
CA PHE C 508 37.49 -39.83 -11.50
C PHE C 508 37.48 -39.50 -12.98
N LEU C 509 36.92 -40.39 -13.79
CA LEU C 509 36.92 -40.29 -15.25
C LEU C 509 35.84 -39.37 -15.77
N ASP C 510 35.29 -38.48 -14.94
CA ASP C 510 34.21 -37.59 -15.37
C ASP C 510 34.60 -36.54 -16.41
N PRO C 511 35.69 -35.73 -16.26
CA PRO C 511 35.84 -34.59 -17.19
C PRO C 511 36.17 -34.97 -18.62
N LEU C 512 36.48 -36.23 -18.89
CA LEU C 512 36.73 -36.71 -20.24
C LEU C 512 35.87 -37.94 -20.48
N ALA C 513 35.07 -37.92 -21.54
CA ALA C 513 34.04 -38.93 -21.72
C ALA C 513 34.62 -40.29 -22.11
N TYR C 514 33.81 -41.33 -21.92
CA TYR C 514 34.29 -42.71 -22.04
C TYR C 514 34.65 -43.06 -23.48
N GLU C 515 33.97 -42.46 -24.45
CA GLU C 515 34.38 -42.64 -25.84
C GLU C 515 35.70 -41.93 -26.10
N ILE C 516 35.93 -40.81 -25.41
CA ILE C 516 37.18 -40.09 -25.60
C ILE C 516 38.32 -40.81 -24.88
N TRP C 517 38.02 -41.58 -23.82
CA TRP C 517 39.04 -42.41 -23.19
C TRP C 517 39.50 -43.52 -24.11
N MET C 518 38.62 -44.02 -24.97
CA MET C 518 39.00 -45.10 -25.86
C MET C 518 39.71 -44.57 -27.10
N CYS C 519 39.28 -43.40 -27.59
CA CYS C 519 39.84 -42.87 -28.83
C CYS C 519 41.18 -42.19 -28.60
N ILE C 520 41.49 -41.80 -27.37
CA ILE C 520 42.81 -41.26 -27.08
C ILE C 520 43.84 -42.38 -27.08
N VAL C 521 43.42 -43.62 -26.84
CA VAL C 521 44.34 -44.74 -26.82
C VAL C 521 44.40 -45.41 -28.20
N PHE C 522 43.31 -45.29 -28.96
CA PHE C 522 43.29 -45.85 -30.31
C PHE C 522 44.20 -45.08 -31.26
N ALA C 523 44.11 -43.74 -31.26
CA ALA C 523 45.00 -42.95 -32.09
C ALA C 523 46.41 -42.89 -31.54
N TYR C 524 46.60 -43.33 -30.29
CA TYR C 524 47.93 -43.39 -29.68
C TYR C 524 48.82 -44.40 -30.38
N ILE C 525 48.31 -45.61 -30.63
CA ILE C 525 49.14 -46.67 -31.18
C ILE C 525 49.31 -46.49 -32.69
N GLY C 526 48.48 -45.68 -33.33
CA GLY C 526 48.62 -45.43 -34.75
C GLY C 526 49.80 -44.55 -35.10
N VAL C 527 50.34 -43.82 -34.12
CA VAL C 527 51.46 -42.93 -34.36
C VAL C 527 52.77 -43.69 -34.26
N SER C 528 52.84 -44.67 -33.36
CA SER C 528 54.12 -45.30 -33.00
C SER C 528 54.66 -46.19 -34.10
N VAL C 529 53.83 -46.60 -35.06
CA VAL C 529 54.30 -47.48 -36.13
C VAL C 529 55.13 -46.67 -37.14
N VAL C 530 54.95 -45.35 -37.18
CA VAL C 530 55.64 -44.52 -38.16
C VAL C 530 57.11 -44.35 -37.79
N LEU C 531 57.41 -44.24 -36.49
CA LEU C 531 58.77 -43.99 -36.06
C LEU C 531 59.63 -45.24 -36.10
N PHE C 532 59.03 -46.41 -36.33
CA PHE C 532 59.79 -47.64 -36.47
C PHE C 532 60.56 -47.67 -37.79
N LEU C 533 60.10 -46.94 -38.80
CA LEU C 533 60.79 -46.89 -40.09
C LEU C 533 61.98 -45.94 -40.08
N VAL C 534 62.18 -45.18 -39.00
CA VAL C 534 63.31 -44.26 -38.93
C VAL C 534 64.60 -45.00 -38.62
N SER C 535 64.66 -45.65 -37.47
CA SER C 535 65.87 -46.36 -37.06
C SER C 535 65.92 -47.76 -37.66
N ILE C 564 57.01 -50.08 -33.79
CA ILE C 564 56.30 -51.36 -33.74
C ILE C 564 56.77 -52.16 -32.52
N PHE C 565 58.07 -52.17 -32.29
CA PHE C 565 58.66 -52.86 -31.16
C PHE C 565 59.31 -51.91 -30.17
N ASN C 566 60.00 -50.89 -30.66
CA ASN C 566 60.67 -49.94 -29.77
C ASN C 566 59.83 -48.69 -29.54
N SER C 567 59.23 -48.15 -30.61
CA SER C 567 58.58 -46.84 -30.57
C SER C 567 57.24 -46.85 -29.85
N LEU C 568 56.79 -48.02 -29.39
CA LEU C 568 55.61 -48.09 -28.53
C LEU C 568 55.86 -47.35 -27.22
N TRP C 569 57.08 -47.45 -26.68
CA TRP C 569 57.41 -46.65 -25.51
C TRP C 569 57.86 -45.26 -25.90
N PHE C 570 58.35 -45.07 -27.13
CA PHE C 570 58.69 -43.71 -27.56
C PHE C 570 57.45 -42.93 -27.94
N SER C 571 56.32 -43.61 -28.13
CA SER C 571 55.03 -42.94 -28.13
C SER C 571 54.61 -42.55 -26.72
N LEU C 572 55.06 -43.29 -25.70
CA LEU C 572 54.90 -42.84 -24.33
C LEU C 572 55.90 -41.73 -24.00
N GLY C 573 57.03 -41.69 -24.72
CA GLY C 573 57.90 -40.54 -24.65
C GLY C 573 57.25 -39.28 -25.20
N ALA C 574 56.35 -39.44 -26.17
CA ALA C 574 55.51 -38.34 -26.64
C ALA C 574 54.09 -38.41 -26.09
N PHE C 575 53.88 -39.08 -24.95
CA PHE C 575 52.52 -39.20 -24.44
C PHE C 575 52.03 -37.91 -23.81
N MET C 576 52.67 -37.44 -22.74
CA MET C 576 52.48 -36.05 -22.32
C MET C 576 53.80 -35.31 -22.23
N GLN C 577 54.68 -35.83 -21.37
CA GLN C 577 55.99 -35.31 -20.98
C GLN C 577 57.06 -36.35 -21.26
N GLN C 578 58.23 -36.18 -20.63
CA GLN C 578 59.37 -37.10 -20.69
C GLN C 578 59.90 -37.23 -22.12
N GLY C 579 60.52 -36.15 -22.60
CA GLY C 579 61.07 -36.10 -23.94
C GLY C 579 61.99 -37.26 -24.30
N CYS C 580 61.64 -38.01 -25.33
CA CYS C 580 62.26 -39.30 -25.59
C CYS C 580 63.65 -39.15 -26.20
N ASP C 581 64.35 -40.27 -26.31
CA ASP C 581 65.75 -40.22 -26.71
C ASP C 581 65.93 -40.38 -28.21
N ILE C 582 65.09 -41.19 -28.87
CA ILE C 582 65.12 -41.26 -30.32
C ILE C 582 64.55 -39.98 -30.90
N SER C 583 65.37 -39.27 -31.67
CA SER C 583 64.97 -38.02 -32.29
C SER C 583 65.06 -38.17 -33.80
N PRO C 584 63.93 -38.37 -34.49
CA PRO C 584 63.94 -38.37 -35.96
C PRO C 584 64.18 -36.96 -36.49
N ARG C 585 65.46 -36.58 -36.58
CA ARG C 585 66.02 -35.23 -36.57
C ARG C 585 65.28 -34.21 -37.43
N SER C 586 65.23 -34.40 -38.75
CA SER C 586 64.61 -33.39 -39.60
C SER C 586 63.80 -34.00 -40.73
N LEU C 587 63.53 -35.30 -40.67
CA LEU C 587 62.72 -35.95 -41.69
C LEU C 587 61.25 -35.95 -41.27
N SER C 588 60.43 -36.77 -41.94
CA SER C 588 58.99 -36.79 -41.70
C SER C 588 58.63 -37.24 -40.29
N GLY C 589 59.51 -38.01 -39.63
CA GLY C 589 59.26 -38.41 -38.26
C GLY C 589 59.33 -37.25 -37.28
N ARG C 590 60.02 -36.18 -37.65
CA ARG C 590 59.99 -34.96 -36.85
C ARG C 590 58.60 -34.33 -36.90
N ILE C 591 57.92 -34.45 -38.04
CA ILE C 591 56.54 -33.96 -38.14
C ILE C 591 55.60 -34.88 -37.39
N VAL C 592 55.79 -36.19 -37.52
CA VAL C 592 54.98 -37.15 -36.79
C VAL C 592 55.24 -37.05 -35.29
N GLY C 593 56.49 -36.79 -34.92
CA GLY C 593 56.80 -36.61 -33.50
C GLY C 593 56.36 -35.27 -32.96
N GLY C 594 56.01 -34.34 -33.84
CA GLY C 594 55.61 -33.02 -33.38
C GLY C 594 54.10 -32.85 -33.23
N VAL C 595 53.33 -33.47 -34.14
CA VAL C 595 51.89 -33.21 -34.20
C VAL C 595 51.17 -33.91 -33.05
N TRP C 596 51.49 -35.19 -32.82
CA TRP C 596 50.90 -35.92 -31.69
C TRP C 596 51.32 -35.31 -30.36
N TRP C 597 52.57 -34.84 -30.29
CA TRP C 597 53.02 -34.06 -29.15
C TRP C 597 52.24 -32.76 -29.03
N PHE C 598 51.93 -32.12 -30.16
CA PHE C 598 51.07 -30.93 -30.12
C PHE C 598 49.64 -31.31 -29.78
N PHE C 599 49.21 -32.51 -30.19
CA PHE C 599 47.85 -32.94 -29.95
C PHE C 599 47.57 -33.19 -28.48
N THR C 600 48.56 -33.71 -27.76
CA THR C 600 48.31 -34.15 -26.39
C THR C 600 48.38 -33.02 -25.39
N LEU C 601 49.09 -31.93 -25.72
CA LEU C 601 49.14 -30.79 -24.81
C LEU C 601 47.84 -30.00 -24.84
N ILE C 602 47.06 -30.18 -25.90
CA ILE C 602 45.72 -29.60 -25.96
C ILE C 602 44.82 -30.20 -24.89
N ILE C 603 44.87 -31.53 -24.75
CA ILE C 603 43.86 -32.26 -23.99
C ILE C 603 44.02 -32.02 -22.49
N ILE C 604 45.25 -31.94 -21.76
CA ILE C 604 45.49 -31.85 -20.33
C ILE C 604 45.26 -30.44 -19.82
N SER C 605 45.48 -29.43 -20.67
CA SER C 605 45.17 -28.06 -20.27
C SER C 605 43.66 -27.87 -20.17
N SER C 606 42.92 -28.51 -21.08
CA SER C 606 41.47 -28.45 -21.01
C SER C 606 40.94 -29.28 -19.85
N TYR C 607 41.65 -30.34 -19.47
CA TYR C 607 41.29 -31.12 -18.30
C TYR C 607 41.43 -30.29 -17.03
N THR C 608 42.43 -29.40 -17.01
CA THR C 608 42.62 -28.53 -15.86
C THR C 608 41.51 -27.50 -15.78
N ALA C 609 41.13 -26.93 -16.92
CA ALA C 609 40.12 -25.87 -16.93
C ALA C 609 38.74 -26.43 -16.68
N ASN C 610 38.50 -27.66 -17.10
CA ASN C 610 37.22 -28.31 -16.80
C ASN C 610 37.10 -28.59 -15.31
N LEU C 611 38.17 -29.08 -14.70
CA LEU C 611 38.15 -29.36 -13.27
C LEU C 611 38.11 -28.07 -12.47
N ALA C 612 38.73 -27.00 -12.98
CA ALA C 612 38.60 -25.70 -12.36
C ALA C 612 37.19 -25.16 -12.49
N ALA C 613 36.51 -25.50 -13.60
CA ALA C 613 35.10 -25.14 -13.73
C ALA C 613 34.23 -25.98 -12.81
N PHE C 614 34.72 -27.14 -12.39
CA PHE C 614 33.94 -27.98 -11.47
C PHE C 614 34.00 -27.45 -10.05
N LEU C 615 35.21 -27.32 -9.49
CA LEU C 615 35.36 -27.06 -8.07
C LEU C 615 34.95 -25.64 -7.71
N THR C 616 35.03 -24.72 -8.67
CA THR C 616 34.60 -23.36 -8.40
C THR C 616 33.10 -23.27 -8.27
N VAL C 617 32.37 -23.74 -9.29
CA VAL C 617 30.91 -23.71 -9.30
C VAL C 617 30.35 -24.57 -8.17
N GLU C 618 31.05 -25.66 -7.83
CA GLU C 618 30.69 -26.45 -6.64
C GLU C 618 30.80 -25.62 -5.37
N ARG C 619 31.84 -24.79 -5.27
CA ARG C 619 31.95 -23.88 -4.14
C ARG C 619 31.23 -22.56 -4.35
N MET C 620 30.90 -22.21 -5.60
CA MET C 620 30.06 -21.02 -5.83
C MET C 620 28.64 -21.21 -5.33
N VAL C 621 28.13 -22.45 -5.36
CA VAL C 621 26.76 -22.68 -4.93
C VAL C 621 26.67 -22.60 -3.41
N SER C 622 25.87 -21.67 -2.93
CA SER C 622 25.58 -21.55 -1.51
C SER C 622 24.33 -22.34 -1.21
N PRO C 623 24.26 -23.06 -0.09
CA PRO C 623 22.97 -23.58 0.36
C PRO C 623 22.04 -22.43 0.71
N ILE C 624 20.76 -22.63 0.43
CA ILE C 624 19.77 -21.60 0.72
C ILE C 624 19.53 -21.52 2.23
N GLU C 625 19.37 -20.31 2.72
CA GLU C 625 19.02 -20.14 4.13
C GLU C 625 17.69 -19.46 4.29
N SER C 626 17.55 -18.27 3.77
CA SER C 626 16.30 -17.56 3.93
C SER C 626 15.29 -18.01 2.89
N ALA C 627 14.03 -17.67 3.14
CA ALA C 627 12.98 -17.97 2.18
C ALA C 627 12.98 -16.98 1.01
N GLU C 628 13.72 -15.87 1.15
CA GLU C 628 13.89 -14.95 0.02
C GLU C 628 14.68 -15.60 -1.10
N ASP C 629 15.53 -16.58 -0.76
CA ASP C 629 16.18 -17.41 -1.77
C ASP C 629 15.16 -18.21 -2.55
N LEU C 630 14.11 -18.68 -1.89
CA LEU C 630 13.06 -19.43 -2.58
C LEU C 630 12.24 -18.53 -3.48
N SER C 631 12.14 -17.24 -3.15
CA SER C 631 11.57 -16.28 -4.08
C SER C 631 12.58 -15.93 -5.19
N LYS C 632 13.86 -16.24 -4.95
CA LYS C 632 14.90 -15.94 -5.93
C LYS C 632 15.21 -17.12 -6.82
N GLN C 633 15.24 -18.33 -6.28
CA GLN C 633 15.51 -19.51 -7.10
C GLN C 633 14.20 -20.21 -7.42
N THR C 634 14.28 -21.17 -8.35
CA THR C 634 13.15 -21.99 -8.72
C THR C 634 13.51 -23.46 -8.88
N GLU C 635 14.78 -23.82 -8.70
CA GLU C 635 15.18 -25.21 -8.93
C GLU C 635 14.75 -26.11 -7.77
N ILE C 636 14.88 -25.63 -6.55
CA ILE C 636 14.44 -26.37 -5.37
C ILE C 636 13.01 -25.96 -5.07
N ALA C 637 12.09 -26.91 -5.15
CA ALA C 637 10.70 -26.64 -4.83
C ALA C 637 10.52 -26.56 -3.32
N TYR C 638 9.33 -26.11 -2.91
CA TYR C 638 9.04 -25.87 -1.51
C TYR C 638 7.54 -25.84 -1.33
N GLY C 639 7.08 -26.40 -0.22
CA GLY C 639 5.66 -26.43 0.03
C GLY C 639 5.35 -26.49 1.50
N THR C 640 4.05 -26.43 1.80
CA THR C 640 3.52 -26.59 3.14
C THR C 640 2.56 -27.77 3.14
N LEU C 641 1.85 -27.94 4.25
CA LEU C 641 0.80 -28.95 4.31
C LEU C 641 -0.40 -28.46 3.49
N ASP C 642 -1.20 -29.40 2.98
CA ASP C 642 -2.30 -29.05 2.10
C ASP C 642 -3.45 -28.35 2.83
N SER C 643 -3.44 -28.37 4.17
CA SER C 643 -4.43 -27.66 4.96
C SER C 643 -3.79 -27.27 6.29
N GLY C 644 -4.05 -26.03 6.71
CA GLY C 644 -3.51 -25.57 7.98
C GLY C 644 -3.29 -24.07 7.96
N SER C 645 -2.90 -23.56 9.13
CA SER C 645 -2.65 -22.12 9.27
C SER C 645 -1.40 -21.69 8.52
N THR C 646 -0.44 -22.61 8.36
CA THR C 646 0.80 -22.29 7.65
C THR C 646 0.53 -22.03 6.18
N LYS C 647 -0.26 -22.90 5.54
CA LYS C 647 -0.72 -22.64 4.18
C LYS C 647 -1.60 -21.39 4.13
N GLU C 648 -2.44 -21.21 5.15
CA GLU C 648 -3.27 -20.02 5.26
C GLU C 648 -2.42 -18.77 5.45
N PHE C 649 -1.25 -18.90 6.08
CA PHE C 649 -0.38 -17.75 6.32
C PHE C 649 0.14 -17.16 5.01
N PHE C 650 0.65 -18.01 4.11
CA PHE C 650 1.10 -17.53 2.81
C PHE C 650 -0.07 -17.04 1.96
N ARG C 651 -1.23 -17.66 2.14
CA ARG C 651 -2.44 -17.23 1.45
C ARG C 651 -2.87 -15.84 1.91
N ARG C 652 -2.55 -15.48 3.15
CA ARG C 652 -2.99 -14.22 3.73
C ARG C 652 -1.92 -13.14 3.68
N SER C 653 -0.64 -13.51 3.62
CA SER C 653 0.45 -12.57 3.83
C SER C 653 0.54 -11.52 2.73
N LYS C 654 0.88 -10.30 3.14
CA LYS C 654 0.99 -9.17 2.23
C LYS C 654 2.44 -8.81 1.91
N ILE C 655 3.41 -9.41 2.61
CA ILE C 655 4.81 -9.20 2.30
C ILE C 655 5.12 -9.84 0.96
N ALA C 656 5.84 -9.11 0.10
CA ALA C 656 5.98 -9.49 -1.30
C ALA C 656 6.81 -10.74 -1.47
N VAL C 657 7.71 -11.04 -0.53
CA VAL C 657 8.44 -12.29 -0.57
C VAL C 657 7.51 -13.45 -0.29
N PHE C 658 6.72 -13.34 0.79
CA PHE C 658 5.77 -14.39 1.13
C PHE C 658 4.63 -14.48 0.12
N ASP C 659 4.30 -13.36 -0.52
CA ASP C 659 3.26 -13.37 -1.55
C ASP C 659 3.76 -14.07 -2.80
N LYS C 660 5.03 -13.85 -3.16
CA LYS C 660 5.60 -14.50 -4.33
C LYS C 660 5.75 -16.01 -4.11
N MET C 661 6.08 -16.41 -2.88
CA MET C 661 6.13 -17.82 -2.55
C MET C 661 4.77 -18.47 -2.68
N TRP C 662 3.73 -17.79 -2.21
CA TRP C 662 2.37 -18.28 -2.37
C TRP C 662 1.93 -18.24 -3.83
N THR C 663 2.41 -17.26 -4.59
CA THR C 663 2.16 -17.21 -6.02
C THR C 663 2.80 -18.41 -6.71
N TYR C 664 3.99 -18.80 -6.27
CA TYR C 664 4.65 -19.98 -6.80
C TYR C 664 3.90 -21.25 -6.40
N MET C 665 3.52 -21.35 -5.13
CA MET C 665 2.96 -22.61 -4.63
C MET C 665 1.55 -22.85 -5.14
N ARG C 666 0.79 -21.79 -5.41
CA ARG C 666 -0.50 -21.98 -6.06
C ARG C 666 -0.32 -22.31 -7.53
N SER C 667 0.83 -21.96 -8.11
CA SER C 667 1.16 -22.32 -9.48
C SER C 667 2.07 -23.53 -9.56
N ALA C 668 2.38 -24.15 -8.42
CA ALA C 668 3.29 -25.28 -8.41
C ALA C 668 2.62 -26.53 -8.96
N GLU C 669 3.05 -26.94 -10.14
CA GLU C 669 2.59 -28.16 -10.77
C GLU C 669 3.79 -29.05 -11.09
N PRO C 670 3.90 -30.23 -10.46
CA PRO C 670 3.02 -30.93 -9.51
C PRO C 670 2.93 -30.29 -8.13
N SER C 671 1.88 -30.64 -7.38
CA SER C 671 1.55 -29.92 -6.17
C SER C 671 2.56 -30.17 -5.07
N VAL C 672 3.16 -29.09 -4.57
CA VAL C 672 4.07 -29.15 -3.43
C VAL C 672 3.34 -29.41 -2.12
N PHE C 673 2.02 -29.25 -2.10
CA PHE C 673 1.27 -29.43 -0.86
C PHE C 673 1.07 -30.90 -0.57
N VAL C 674 1.59 -31.35 0.56
CA VAL C 674 1.52 -32.74 0.97
C VAL C 674 0.32 -32.91 1.89
N ARG C 675 -0.09 -34.16 2.09
CA ARG C 675 -1.33 -34.40 2.81
C ARG C 675 -1.08 -34.65 4.29
N THR C 676 0.00 -35.34 4.64
CA THR C 676 0.42 -35.47 6.03
C THR C 676 1.78 -34.82 6.18
N THR C 677 2.15 -34.57 7.44
CA THR C 677 3.46 -33.97 7.70
C THR C 677 4.59 -34.94 7.37
N ALA C 678 4.38 -36.23 7.67
CA ALA C 678 5.38 -37.24 7.34
C ALA C 678 5.50 -37.44 5.83
N GLU C 679 4.44 -37.15 5.09
CA GLU C 679 4.55 -37.09 3.63
C GLU C 679 5.48 -35.97 3.20
N GLY C 680 5.41 -34.82 3.89
CA GLY C 680 6.35 -33.76 3.61
C GLY C 680 7.76 -34.10 4.05
N VAL C 681 7.89 -34.99 5.03
CA VAL C 681 9.21 -35.48 5.42
C VAL C 681 9.81 -36.34 4.32
N ALA C 682 9.03 -37.30 3.82
CA ALA C 682 9.55 -38.24 2.83
C ALA C 682 9.76 -37.59 1.47
N ARG C 683 8.91 -36.62 1.11
CA ARG C 683 9.01 -35.98 -0.20
C ARG C 683 10.27 -35.12 -0.30
N VAL C 684 10.71 -34.54 0.81
CA VAL C 684 12.02 -33.90 0.87
C VAL C 684 13.12 -34.96 0.75
N ARG C 685 12.96 -36.08 1.48
CA ARG C 685 13.96 -37.14 1.47
C ARG C 685 14.07 -37.82 0.12
N LYS C 686 12.95 -37.99 -0.59
CA LYS C 686 13.00 -38.70 -1.86
C LYS C 686 13.43 -37.80 -3.00
N SER C 687 13.12 -36.50 -2.93
CA SER C 687 13.50 -35.61 -4.02
C SER C 687 14.96 -35.23 -4.00
N LYS C 688 15.69 -35.58 -2.92
CA LYS C 688 17.12 -35.34 -2.76
C LYS C 688 17.47 -33.86 -2.85
N GLY C 689 16.93 -33.08 -1.92
CA GLY C 689 17.32 -31.70 -1.75
C GLY C 689 16.68 -30.70 -2.69
N LYS C 690 16.08 -31.14 -3.79
CA LYS C 690 15.43 -30.21 -4.70
C LYS C 690 13.96 -30.00 -4.37
N TYR C 691 13.51 -30.46 -3.21
CA TYR C 691 12.22 -30.08 -2.65
C TYR C 691 12.40 -29.72 -1.19
N ALA C 692 11.98 -28.52 -0.83
CA ALA C 692 12.02 -28.06 0.55
C ALA C 692 10.63 -28.17 1.15
N TYR C 693 10.54 -27.89 2.45
CA TYR C 693 9.26 -27.99 3.14
C TYR C 693 9.24 -27.01 4.30
N LEU C 694 8.07 -26.47 4.58
CA LEU C 694 7.88 -25.43 5.58
C LEU C 694 7.03 -25.98 6.71
N LEU C 695 7.59 -25.95 7.93
CA LEU C 695 6.88 -26.54 9.06
C LEU C 695 7.29 -25.81 10.32
N GLU C 696 6.72 -26.25 11.45
CA GLU C 696 6.92 -25.57 12.72
C GLU C 696 8.30 -25.89 13.29
N SER C 697 9.00 -24.83 13.73
CA SER C 697 10.43 -24.93 14.00
C SER C 697 10.75 -25.87 15.16
N THR C 698 9.87 -25.96 16.14
CA THR C 698 10.11 -26.87 17.26
C THR C 698 9.92 -28.32 16.83
N MET C 699 8.96 -28.57 15.94
CA MET C 699 8.84 -29.88 15.33
C MET C 699 9.97 -30.12 14.36
N ASN C 700 10.45 -29.04 13.71
CA ASN C 700 11.57 -29.14 12.78
C ASN C 700 12.85 -29.49 13.52
N GLU C 701 12.96 -29.05 14.79
CA GLU C 701 14.03 -29.55 15.65
C GLU C 701 13.93 -31.04 15.85
N TYR C 702 12.73 -31.52 16.19
CA TYR C 702 12.57 -32.91 16.64
C TYR C 702 12.71 -33.90 15.50
N ILE C 703 12.19 -33.57 14.31
CA ILE C 703 12.29 -34.48 13.18
C ILE C 703 13.74 -34.55 12.68
N GLU C 704 14.48 -33.44 12.79
CA GLU C 704 15.90 -33.45 12.48
C GLU C 704 16.67 -34.33 13.45
N GLN C 705 16.17 -34.47 14.68
CA GLN C 705 16.77 -35.39 15.63
C GLN C 705 16.42 -36.84 15.31
N ARG C 706 15.27 -37.09 14.70
CA ARG C 706 14.86 -38.46 14.42
C ARG C 706 15.59 -38.99 13.19
N LYS C 707 16.05 -40.23 13.30
CA LYS C 707 16.78 -40.86 12.21
C LYS C 707 15.86 -41.14 11.03
N PRO C 708 16.37 -41.18 9.78
CA PRO C 708 17.73 -41.09 9.21
C PRO C 708 18.48 -39.76 9.37
N CYS C 709 17.78 -38.72 9.83
CA CYS C 709 18.34 -37.38 10.10
C CYS C 709 18.88 -36.73 8.82
N ASP C 710 18.39 -37.17 7.67
CA ASP C 710 18.87 -36.67 6.39
C ASP C 710 18.29 -35.31 6.02
N THR C 711 17.35 -34.80 6.81
CA THR C 711 16.87 -33.45 6.64
C THR C 711 17.49 -32.56 7.71
N MET C 712 17.36 -31.25 7.51
CA MET C 712 17.87 -30.30 8.49
C MET C 712 17.07 -29.00 8.42
N LYS C 713 17.14 -28.24 9.50
CA LYS C 713 16.50 -26.93 9.54
C LYS C 713 17.52 -25.83 9.22
N VAL C 714 17.15 -24.97 8.29
CA VAL C 714 17.99 -23.85 7.89
C VAL C 714 17.23 -22.55 8.12
N GLY C 715 17.98 -21.48 8.37
CA GLY C 715 17.41 -20.16 8.51
C GLY C 715 16.66 -19.97 9.82
N GLY C 716 16.22 -18.73 10.04
CA GLY C 716 15.41 -18.39 11.18
C GLY C 716 13.95 -18.63 10.91
N ASN C 717 13.13 -18.16 11.85
CA ASN C 717 11.69 -18.26 11.70
C ASN C 717 11.18 -17.26 10.67
N LEU C 718 10.10 -17.62 9.99
CA LEU C 718 9.47 -16.68 9.08
C LEU C 718 8.55 -15.72 9.82
N ASP C 719 8.05 -16.13 10.98
CA ASP C 719 7.14 -15.31 11.76
C ASP C 719 7.28 -15.67 13.23
N SER C 720 6.47 -15.03 14.05
CA SER C 720 6.47 -15.32 15.48
C SER C 720 5.16 -15.96 15.89
N LYS C 721 5.24 -17.18 16.39
CA LYS C 721 4.09 -17.85 16.97
C LYS C 721 4.51 -18.43 18.31
N GLY C 722 3.54 -18.53 19.22
CA GLY C 722 3.85 -19.01 20.55
C GLY C 722 2.88 -20.05 21.07
N TYR C 723 3.42 -21.13 21.61
CA TYR C 723 2.57 -22.05 22.36
C TYR C 723 2.42 -21.54 23.78
N GLY C 724 1.17 -21.52 24.25
CA GLY C 724 0.88 -21.00 25.57
C GLY C 724 -0.20 -21.81 26.24
N ILE C 725 -0.12 -21.88 27.57
CA ILE C 725 -1.09 -22.66 28.33
C ILE C 725 -2.43 -21.92 28.35
N ALA C 726 -3.49 -22.65 28.02
CA ALA C 726 -4.82 -22.08 27.91
C ALA C 726 -5.70 -22.62 29.02
N THR C 727 -6.55 -21.75 29.55
CA THR C 727 -7.58 -22.08 30.51
C THR C 727 -8.91 -21.61 29.95
N PRO C 728 -10.03 -22.20 30.39
CA PRO C 728 -11.34 -21.62 30.05
C PRO C 728 -11.48 -20.22 30.63
N LYS C 729 -12.22 -19.38 29.91
CA LYS C 729 -12.25 -17.96 30.20
C LYS C 729 -13.00 -17.69 31.51
N GLY C 730 -12.34 -16.97 32.41
CA GLY C 730 -12.90 -16.69 33.72
C GLY C 730 -12.59 -17.73 34.77
N SER C 731 -11.74 -18.70 34.49
CA SER C 731 -11.40 -19.70 35.48
C SER C 731 -10.49 -19.11 36.56
N SER C 732 -10.59 -19.66 37.78
CA SER C 732 -9.77 -19.18 38.87
C SER C 732 -8.32 -19.62 38.73
N LEU C 733 -8.09 -20.73 38.02
CA LEU C 733 -6.73 -21.25 37.90
C LEU C 733 -5.88 -20.41 36.94
N GLY C 734 -6.52 -19.64 36.06
CA GLY C 734 -5.84 -18.92 34.99
C GLY C 734 -4.73 -17.96 35.36
N THR C 735 -4.86 -17.29 36.50
CA THR C 735 -3.85 -16.31 36.89
C THR C 735 -2.59 -16.95 37.51
N PRO C 736 -2.65 -17.88 38.48
CA PRO C 736 -1.37 -18.45 38.97
C PRO C 736 -0.70 -19.37 37.97
N VAL C 737 -1.47 -19.98 37.07
CA VAL C 737 -0.87 -20.74 35.97
C VAL C 737 -0.10 -19.81 35.04
N ASN C 738 -0.66 -18.61 34.80
CA ASN C 738 0.04 -17.62 33.99
C ASN C 738 1.28 -17.11 34.71
N LEU C 739 1.22 -17.04 36.04
CA LEU C 739 2.42 -16.71 36.80
C LEU C 739 3.40 -17.88 36.82
N ALA C 740 2.90 -19.11 36.69
CA ALA C 740 3.77 -20.28 36.68
C ALA C 740 4.59 -20.36 35.40
N VAL C 741 4.04 -19.84 34.30
CA VAL C 741 4.78 -19.79 33.04
C VAL C 741 5.94 -18.83 33.17
N LEU C 742 5.69 -17.66 33.77
CA LEU C 742 6.75 -16.66 33.93
C LEU C 742 7.74 -17.06 35.01
N LYS C 743 7.40 -18.07 35.82
CA LYS C 743 8.36 -18.58 36.79
C LYS C 743 9.29 -19.60 36.14
N LEU C 744 8.72 -20.54 35.37
CA LEU C 744 9.51 -21.63 34.81
C LEU C 744 10.38 -21.15 33.65
N SER C 745 9.86 -20.20 32.86
CA SER C 745 10.66 -19.61 31.80
C SER C 745 11.80 -18.77 32.39
N GLU C 746 11.57 -18.16 33.56
CA GLU C 746 12.61 -17.42 34.23
C GLU C 746 13.73 -18.33 34.72
N GLN C 747 13.38 -19.53 35.17
CA GLN C 747 14.37 -20.43 35.75
C GLN C 747 14.98 -21.37 34.72
N GLY C 748 14.50 -21.35 33.48
CA GLY C 748 15.05 -22.20 32.44
C GLY C 748 14.75 -23.68 32.58
N VAL C 749 13.79 -24.03 33.44
CA VAL C 749 13.39 -25.43 33.59
C VAL C 749 12.70 -25.91 32.33
N LEU C 750 11.98 -25.00 31.66
CA LEU C 750 11.45 -25.27 30.33
C LEU C 750 12.55 -25.57 29.33
N ASP C 751 13.64 -24.80 29.39
CA ASP C 751 14.77 -25.03 28.50
C ASP C 751 15.51 -26.30 28.88
N LYS C 752 15.50 -26.63 30.17
CA LYS C 752 16.06 -27.90 30.61
C LYS C 752 15.23 -29.07 30.10
N LEU C 753 13.90 -28.92 30.11
CA LEU C 753 13.04 -29.92 29.50
C LEU C 753 13.11 -29.87 27.99
N LYS C 754 13.40 -28.70 27.42
CA LYS C 754 13.64 -28.63 25.98
C LYS C 754 14.93 -29.35 25.62
N ASN C 755 15.96 -29.25 26.47
CA ASN C 755 17.15 -30.08 26.30
C ASN C 755 16.83 -31.55 26.52
N LYS C 756 15.87 -31.84 27.40
CA LYS C 756 15.44 -33.22 27.63
C LYS C 756 14.68 -33.76 26.43
N TRP C 757 13.62 -33.08 26.04
CA TRP C 757 12.69 -33.70 25.09
C TRP C 757 13.06 -33.43 23.63
N TRP C 758 14.14 -32.69 23.38
CA TRP C 758 14.65 -32.60 22.02
C TRP C 758 16.08 -33.12 21.88
N TYR C 759 16.86 -33.17 22.96
CA TYR C 759 18.25 -33.54 22.81
C TYR C 759 18.65 -34.70 23.70
N ASP C 760 17.98 -34.87 24.84
CA ASP C 760 18.12 -36.14 25.54
C ASP C 760 17.21 -37.20 24.92
N LYS C 761 16.19 -36.76 24.20
CA LYS C 761 15.39 -37.65 23.36
C LYS C 761 15.86 -37.67 21.91
N GLY C 762 16.75 -36.75 21.53
CA GLY C 762 17.22 -36.71 20.16
C GLY C 762 18.16 -37.85 19.84
N GLU C 763 17.86 -38.58 18.77
CA GLU C 763 18.68 -39.71 18.35
C GLU C 763 20.01 -39.28 17.76
N CYS C 764 20.00 -38.35 16.80
CA CYS C 764 21.24 -37.85 16.22
C CYS C 764 21.79 -36.69 17.04
N GLY C 765 22.77 -37.00 17.89
CA GLY C 765 23.53 -36.05 18.67
C GLY C 765 22.72 -35.17 19.62
N ALA C 766 23.46 -34.42 20.42
CA ALA C 766 22.94 -33.26 21.13
C ALA C 766 23.76 -32.04 20.69
N LYS C 767 25.07 -32.24 20.54
CA LYS C 767 25.97 -31.25 19.99
C LYS C 767 26.60 -31.71 18.68
N ASP C 768 26.22 -32.89 18.18
CA ASP C 768 26.84 -33.45 16.99
C ASP C 768 26.36 -32.79 15.72
N SER C 769 25.36 -31.89 15.81
CA SER C 769 24.97 -31.07 14.67
C SER C 769 26.12 -30.16 14.22
N GLY C 770 26.92 -29.68 15.16
CA GLY C 770 28.09 -28.89 14.85
C GLY C 770 29.33 -29.69 14.50
N SER C 771 29.19 -30.98 14.22
CA SER C 771 30.32 -31.82 13.84
C SER C 771 30.49 -31.93 12.33
N LYS C 772 29.54 -31.44 11.55
CA LYS C 772 29.70 -31.45 10.10
C LYS C 772 30.62 -30.33 9.61
N GLU C 773 31.78 -30.69 9.06
CA GLU C 773 32.80 -29.73 8.63
C GLU C 773 32.31 -28.86 7.48
N LYS C 774 32.57 -27.57 7.58
CA LYS C 774 31.82 -26.56 6.84
C LYS C 774 32.23 -26.44 5.37
N THR C 775 33.46 -25.99 5.13
CA THR C 775 33.97 -25.71 3.78
C THR C 775 35.39 -26.21 3.57
N SER C 776 35.68 -27.45 3.93
CA SER C 776 37.06 -27.97 3.97
C SER C 776 37.51 -28.33 2.54
N ALA C 777 38.66 -28.98 2.37
CA ALA C 777 39.30 -29.09 1.07
C ALA C 777 39.05 -30.46 0.43
N LEU C 778 39.79 -30.73 -0.65
CA LEU C 778 39.63 -31.90 -1.51
C LEU C 778 39.88 -33.19 -0.76
N SER C 779 39.06 -34.19 -1.01
CA SER C 779 39.08 -35.44 -0.26
C SER C 779 40.14 -36.38 -0.80
N LEU C 780 40.66 -37.23 0.09
CA LEU C 780 41.54 -38.32 -0.32
C LEU C 780 40.82 -39.33 -1.20
N SER C 781 39.51 -39.49 -1.00
CA SER C 781 38.73 -40.43 -1.78
C SER C 781 38.59 -39.99 -3.24
N ASN C 782 38.77 -38.70 -3.52
CA ASN C 782 38.88 -38.22 -4.89
C ASN C 782 40.08 -38.83 -5.59
N VAL C 783 41.11 -39.19 -4.83
CA VAL C 783 42.31 -39.76 -5.39
C VAL C 783 42.44 -41.24 -4.96
N ALA C 784 41.42 -41.97 -5.14
CA ALA C 784 41.48 -43.39 -4.78
C ALA C 784 41.20 -44.30 -5.96
N GLY C 785 40.47 -43.80 -6.96
CA GLY C 785 40.25 -44.56 -8.17
C GLY C 785 41.50 -44.66 -9.03
N VAL C 786 42.49 -43.82 -8.78
CA VAL C 786 43.73 -43.90 -9.52
C VAL C 786 44.75 -44.76 -8.76
N PHE C 787 44.46 -45.07 -7.49
CA PHE C 787 45.33 -45.97 -6.72
C PHE C 787 45.25 -47.40 -7.23
N TYR C 788 44.08 -47.84 -7.67
CA TYR C 788 43.92 -49.22 -8.10
C TYR C 788 44.56 -49.44 -9.47
N ILE C 789 44.68 -48.39 -10.27
CA ILE C 789 45.44 -48.50 -11.51
C ILE C 789 46.90 -48.18 -11.26
N LEU C 790 47.21 -47.58 -10.10
CA LEU C 790 48.59 -47.42 -9.69
C LEU C 790 49.17 -48.74 -9.22
N VAL C 791 48.54 -49.36 -8.22
CA VAL C 791 49.03 -50.61 -7.66
C VAL C 791 48.79 -51.75 -8.64
N GLY C 792 47.67 -51.71 -9.37
CA GLY C 792 47.39 -52.76 -10.33
C GLY C 792 48.33 -52.76 -11.52
N GLY C 793 48.88 -51.59 -11.87
CA GLY C 793 49.92 -51.55 -12.87
C GLY C 793 51.25 -52.08 -12.36
N LEU C 794 51.46 -52.01 -11.05
CA LEU C 794 52.69 -52.55 -10.46
C LEU C 794 52.65 -54.06 -10.39
N GLY C 795 51.54 -54.63 -9.92
CA GLY C 795 51.44 -56.07 -9.79
C GLY C 795 51.34 -56.77 -11.13
N LEU C 796 50.82 -56.08 -12.14
CA LEU C 796 50.83 -56.64 -13.49
C LEU C 796 52.24 -56.62 -14.07
N ALA C 797 53.05 -55.65 -13.67
CA ALA C 797 54.43 -55.57 -14.15
C ALA C 797 55.30 -56.63 -13.49
N MET C 798 54.97 -57.05 -12.27
CA MET C 798 55.76 -58.07 -11.59
C MET C 798 55.56 -59.43 -12.22
N LEU C 799 54.45 -59.65 -12.91
CA LEU C 799 54.28 -60.85 -13.71
C LEU C 799 55.21 -60.82 -14.93
N VAL C 800 55.40 -59.63 -15.51
CA VAL C 800 56.19 -59.49 -16.73
C VAL C 800 57.67 -59.71 -16.45
N ALA C 801 58.15 -59.22 -15.31
CA ALA C 801 59.57 -59.31 -15.00
C ALA C 801 59.99 -60.75 -14.68
N LEU C 802 59.10 -61.50 -14.03
CA LEU C 802 59.46 -62.86 -13.63
C LEU C 802 59.42 -63.82 -14.81
N ILE C 803 58.53 -63.60 -15.77
CA ILE C 803 58.49 -64.49 -16.92
C ILE C 803 59.62 -64.17 -17.89
N GLU C 804 60.03 -62.89 -17.98
CA GLU C 804 61.15 -62.54 -18.84
C GLU C 804 62.48 -62.97 -18.24
N PHE C 805 62.49 -63.26 -16.94
CA PHE C 805 63.61 -63.98 -16.34
C PHE C 805 63.66 -65.42 -16.80
N CYS C 806 62.53 -65.97 -17.25
CA CYS C 806 62.50 -67.31 -17.83
C CYS C 806 62.56 -67.28 -19.35
N TYR C 807 62.24 -66.13 -19.98
CA TYR C 807 62.46 -66.01 -21.41
C TYR C 807 63.94 -65.81 -21.73
N LYS C 808 64.73 -65.43 -20.73
CA LYS C 808 66.18 -65.36 -20.93
C LYS C 808 66.85 -66.70 -20.60
N SER C 809 66.03 -67.72 -20.35
CA SER C 809 66.49 -68.86 -19.57
C SER C 809 66.03 -70.17 -20.19
N ARG C 810 64.89 -70.14 -20.89
CA ARG C 810 64.46 -71.28 -21.69
C ARG C 810 65.19 -71.38 -23.01
N ALA C 811 65.64 -70.25 -23.56
CA ALA C 811 66.38 -70.23 -24.81
C ALA C 811 67.76 -69.61 -24.60
N LYS C 821 62.58 -70.99 -39.61
CA LYS C 821 61.77 -70.01 -40.33
C LYS C 821 60.38 -69.88 -39.71
N THR C 822 60.19 -70.48 -38.54
CA THR C 822 58.89 -70.42 -37.87
C THR C 822 58.72 -69.11 -37.11
N SER C 823 59.77 -68.29 -37.03
CA SER C 823 59.68 -67.02 -36.31
C SER C 823 58.99 -65.96 -37.17
N ARG C 824 59.56 -65.66 -38.34
CA ARG C 824 59.02 -64.58 -39.15
C ARG C 824 57.76 -64.98 -39.90
N ARG C 825 57.55 -66.28 -40.11
CA ARG C 825 56.39 -66.73 -40.87
C ARG C 825 55.17 -66.87 -39.99
N GLY C 826 55.34 -67.47 -38.80
CA GLY C 826 54.20 -67.70 -37.93
C GLY C 826 53.66 -66.43 -37.31
N ARG C 827 54.49 -65.41 -37.19
CA ARG C 827 54.01 -64.11 -36.73
C ARG C 827 53.34 -63.34 -37.86
N ALA C 828 53.77 -63.55 -39.11
CA ALA C 828 53.15 -62.87 -40.23
C ALA C 828 51.80 -63.49 -40.57
N LEU C 829 51.66 -64.80 -40.38
CA LEU C 829 50.37 -65.44 -40.57
C LEU C 829 49.37 -65.03 -39.50
N LEU C 830 49.87 -64.72 -38.29
CA LEU C 830 48.99 -64.17 -37.27
C LEU C 830 48.53 -62.76 -37.63
N ALA C 831 49.39 -62.00 -38.33
CA ALA C 831 48.98 -60.68 -38.81
C ALA C 831 47.90 -60.79 -39.88
N VAL C 832 47.92 -61.86 -40.67
CA VAL C 832 46.80 -62.14 -41.55
C VAL C 832 45.59 -62.59 -40.74
N ALA C 833 45.83 -63.34 -39.66
CA ALA C 833 44.73 -63.89 -38.86
C ALA C 833 44.02 -62.80 -38.06
N LEU C 834 44.76 -61.77 -37.63
CA LEU C 834 44.13 -60.67 -36.92
C LEU C 834 43.36 -59.77 -37.87
N ASN C 835 43.77 -59.70 -39.14
CA ASN C 835 43.02 -58.92 -40.12
C ASN C 835 41.71 -59.59 -40.46
N LEU C 836 41.65 -60.93 -40.36
CA LEU C 836 40.41 -61.66 -40.61
C LEU C 836 39.38 -61.35 -39.53
N LEU C 837 39.81 -61.25 -38.27
CA LEU C 837 38.90 -60.79 -37.22
C LEU C 837 38.56 -59.32 -37.40
N ALA C 838 39.53 -58.54 -37.89
CA ALA C 838 39.29 -57.11 -38.14
C ALA C 838 38.27 -56.91 -39.25
N LEU C 839 38.19 -57.86 -40.19
CA LEU C 839 37.14 -57.81 -41.20
C LEU C 839 35.77 -58.12 -40.60
N LEU C 840 35.73 -59.06 -39.65
CA LEU C 840 34.43 -59.53 -39.15
C LEU C 840 33.79 -58.54 -38.19
N PHE C 841 34.59 -57.86 -37.36
CA PHE C 841 34.00 -56.84 -36.50
C PHE C 841 33.69 -55.58 -37.28
N ALA C 842 34.30 -55.40 -38.45
CA ALA C 842 33.91 -54.33 -39.35
C ALA C 842 32.50 -54.56 -39.89
N THR C 843 32.20 -55.81 -40.27
CA THR C 843 30.86 -56.15 -40.74
C THR C 843 29.88 -56.25 -39.59
N THR C 844 30.37 -56.40 -38.35
CA THR C 844 29.49 -56.54 -37.21
C THR C 844 28.80 -55.23 -36.88
N ALA C 845 29.57 -54.14 -36.81
CA ALA C 845 28.97 -52.82 -36.61
C ALA C 845 28.46 -52.21 -37.91
N PHE C 846 28.65 -52.89 -39.04
CA PHE C 846 28.04 -52.45 -40.28
C PHE C 846 26.52 -52.56 -40.21
N LEU C 847 26.01 -53.54 -39.47
CA LEU C 847 24.61 -53.57 -39.01
C LEU C 847 24.64 -53.88 -37.52
N THR C 848 24.57 -52.84 -36.69
CA THR C 848 24.43 -53.02 -35.25
C THR C 848 23.04 -53.54 -34.93
N THR C 849 22.98 -54.53 -34.02
CA THR C 849 21.70 -55.08 -33.57
C THR C 849 20.84 -54.01 -32.90
N TYR C 850 21.40 -53.27 -31.94
CA TYR C 850 20.78 -52.04 -31.46
C TYR C 850 21.90 -51.16 -30.91
N TRP C 851 22.01 -49.93 -31.44
CA TRP C 851 23.01 -48.98 -31.00
C TRP C 851 22.75 -48.48 -29.59
N CYS C 852 21.49 -48.14 -29.28
CA CYS C 852 21.14 -47.68 -27.94
C CYS C 852 19.80 -48.27 -27.55
N GLN C 853 19.68 -48.62 -26.28
CA GLN C 853 18.38 -48.89 -25.70
C GLN C 853 17.63 -47.57 -25.54
N GLY C 854 16.84 -47.22 -26.55
CA GLY C 854 16.19 -45.93 -26.55
C GLY C 854 14.97 -45.92 -25.67
N THR C 855 15.09 -45.28 -24.51
CA THR C 855 14.06 -45.37 -23.49
C THR C 855 13.32 -44.04 -23.37
N GLN C 856 12.01 -44.09 -23.58
CA GLN C 856 11.09 -43.01 -23.31
C GLN C 856 9.99 -43.53 -22.39
N ARG C 857 10.42 -44.15 -21.29
CA ARG C 857 9.52 -44.84 -20.37
C ARG C 857 8.69 -43.80 -19.60
N VAL C 858 7.57 -43.42 -20.21
CA VAL C 858 6.67 -42.48 -19.56
C VAL C 858 5.81 -43.22 -18.54
N PRO C 859 5.74 -42.77 -17.28
CA PRO C 859 4.89 -43.44 -16.30
C PRO C 859 3.40 -43.20 -16.52
N PHE C 905 1.40 -41.22 -20.49
CA PHE C 905 1.47 -42.19 -21.58
C PHE C 905 1.88 -43.55 -21.05
N GLN C 906 2.86 -44.17 -21.71
CA GLN C 906 3.30 -45.51 -21.32
C GLN C 906 4.77 -45.66 -21.68
N LEU C 907 5.29 -46.85 -21.45
CA LEU C 907 6.73 -47.09 -21.52
C LEU C 907 7.16 -47.31 -22.98
N ARG C 908 8.35 -46.84 -23.32
CA ARG C 908 8.86 -46.95 -24.67
C ARG C 908 10.30 -47.45 -24.66
N ARG C 909 10.57 -48.46 -25.48
CA ARG C 909 11.89 -49.11 -25.56
C ARG C 909 12.33 -49.18 -27.03
N PHE C 910 13.00 -48.13 -27.49
CA PHE C 910 13.61 -48.19 -28.81
C PHE C 910 14.88 -49.02 -28.74
N HIS C 911 15.08 -49.87 -29.75
CA HIS C 911 16.33 -50.61 -29.87
C HIS C 911 16.83 -50.37 -31.28
N THR C 912 17.45 -49.22 -31.48
CA THR C 912 17.75 -48.71 -32.81
C THR C 912 19.17 -49.16 -33.14
N GLY C 913 19.36 -49.76 -34.32
CA GLY C 913 20.70 -50.15 -34.73
C GLY C 913 21.54 -48.97 -35.18
N ILE C 914 22.55 -49.29 -36.00
CA ILE C 914 23.41 -48.21 -36.48
C ILE C 914 22.75 -47.47 -37.64
N TRP C 915 22.01 -48.18 -38.48
CA TRP C 915 21.28 -47.55 -39.59
C TRP C 915 19.78 -47.77 -39.46
N TYR C 916 19.33 -49.01 -39.29
CA TYR C 916 17.92 -49.28 -39.06
C TYR C 916 17.56 -48.93 -37.62
N SER C 917 16.51 -48.12 -37.47
CA SER C 917 16.02 -47.73 -36.15
C SER C 917 14.86 -48.65 -35.79
N CYS C 918 15.19 -49.78 -35.16
CA CYS C 918 14.14 -50.67 -34.70
C CYS C 918 13.54 -50.13 -33.41
N GLU C 919 12.28 -50.50 -33.17
CA GLU C 919 11.58 -50.05 -31.97
C GLU C 919 10.77 -51.21 -31.39
N GLU C 920 10.78 -51.30 -30.07
CA GLU C 920 10.18 -52.46 -29.41
C GLU C 920 9.62 -52.10 -28.04
N GLY C 926 4.57 -57.14 -30.62
CA GLY C 926 5.45 -56.33 -29.80
C GLY C 926 6.73 -55.95 -30.51
N GLU C 927 7.28 -56.89 -31.28
CA GLU C 927 8.49 -56.62 -32.04
C GLU C 927 8.18 -55.79 -33.27
N LYS C 928 9.10 -54.89 -33.62
CA LYS C 928 8.96 -54.00 -34.76
C LYS C 928 10.35 -53.50 -35.14
N CYS C 929 10.54 -53.16 -36.41
CA CYS C 929 11.76 -52.50 -36.82
C CYS C 929 11.53 -51.61 -38.03
N ARG C 930 12.16 -50.44 -38.01
CA ARG C 930 12.07 -49.46 -39.09
C ARG C 930 13.48 -49.00 -39.45
N SER C 931 13.57 -48.21 -40.51
CA SER C 931 14.87 -47.67 -40.93
C SER C 931 15.21 -46.38 -40.19
N PHE C 932 14.42 -45.33 -40.44
CA PHE C 932 14.66 -43.96 -39.98
C PHE C 932 16.08 -43.48 -40.27
N ILE C 933 16.61 -43.80 -41.44
CA ILE C 933 17.98 -43.42 -41.74
C ILE C 933 18.00 -41.98 -42.24
N ASP C 934 19.14 -41.30 -42.05
CA ASP C 934 19.46 -39.99 -42.58
C ASP C 934 18.49 -38.91 -42.09
N LEU C 935 18.54 -38.58 -40.80
CA LEU C 935 17.76 -37.50 -40.21
C LEU C 935 18.28 -36.13 -40.68
N ALA C 936 17.63 -35.09 -40.20
CA ALA C 936 18.09 -33.71 -40.36
C ALA C 936 19.35 -33.48 -39.53
N PRO C 937 20.11 -32.38 -39.77
CA PRO C 937 20.15 -31.32 -40.79
C PRO C 937 21.15 -31.55 -41.94
N ALA C 938 21.10 -30.67 -42.94
CA ALA C 938 21.80 -30.85 -44.21
C ALA C 938 23.32 -30.75 -44.08
N SER C 939 23.81 -29.85 -43.22
CA SER C 939 25.24 -29.81 -42.96
C SER C 939 25.70 -31.07 -42.22
N GLU C 940 24.84 -31.57 -41.34
CA GLU C 940 25.08 -32.87 -40.70
C GLU C 940 24.86 -34.02 -41.68
N LYS C 941 24.03 -33.81 -42.72
CA LYS C 941 23.90 -34.81 -43.77
C LYS C 941 25.19 -34.97 -44.56
N GLY C 942 25.84 -33.86 -44.90
CA GLY C 942 27.11 -33.94 -45.60
C GLY C 942 28.21 -34.55 -44.75
N VAL C 943 28.08 -34.45 -43.43
CA VAL C 943 28.92 -35.23 -42.55
C VAL C 943 28.56 -36.71 -42.65
N LEU C 944 27.27 -37.03 -42.73
CA LEU C 944 26.86 -38.43 -42.88
C LEU C 944 27.21 -38.99 -44.25
N TRP C 945 27.15 -38.17 -45.30
CA TRP C 945 27.66 -38.61 -46.60
C TRP C 945 29.17 -38.80 -46.54
N LEU C 946 29.86 -37.97 -45.76
CA LEU C 946 31.28 -38.18 -45.53
C LEU C 946 31.52 -39.35 -44.57
N SER C 947 30.52 -39.66 -43.74
CA SER C 947 30.64 -40.80 -42.83
C SER C 947 30.63 -42.12 -43.59
N VAL C 948 29.82 -42.19 -44.65
CA VAL C 948 29.75 -43.40 -45.47
C VAL C 948 31.06 -43.61 -46.23
N VAL C 949 31.72 -42.51 -46.61
CA VAL C 949 33.00 -42.60 -47.30
C VAL C 949 34.07 -43.22 -46.41
N SER C 950 34.13 -42.79 -45.15
CA SER C 950 35.12 -43.33 -44.23
C SER C 950 34.78 -44.75 -43.79
N GLU C 951 33.53 -45.17 -43.90
CA GLU C 951 33.17 -46.56 -43.63
C GLU C 951 33.66 -47.46 -44.75
N VAL C 952 33.48 -47.03 -46.00
CA VAL C 952 33.80 -47.89 -47.14
C VAL C 952 35.31 -47.95 -47.36
N LEU C 953 35.98 -46.80 -47.20
CA LEU C 953 37.44 -46.77 -47.33
C LEU C 953 38.12 -47.54 -46.21
N TYR C 954 37.44 -47.71 -45.07
CA TYR C 954 37.94 -48.61 -44.04
C TYR C 954 37.96 -50.05 -44.53
N ILE C 955 36.85 -50.50 -45.11
CA ILE C 955 36.71 -51.90 -45.48
C ILE C 955 37.46 -52.21 -46.77
N LEU C 956 37.52 -51.25 -47.70
CA LEU C 956 38.20 -51.48 -48.97
C LEU C 956 39.71 -51.59 -48.79
N LEU C 957 40.29 -50.77 -47.91
CA LEU C 957 41.73 -50.85 -47.70
C LEU C 957 42.10 -52.04 -46.83
N LEU C 958 41.13 -52.67 -46.18
CA LEU C 958 41.35 -54.00 -45.63
C LEU C 958 41.55 -55.01 -46.75
N VAL C 959 40.70 -54.95 -47.78
CA VAL C 959 40.72 -55.93 -48.86
C VAL C 959 41.97 -55.76 -49.72
N VAL C 960 42.43 -54.52 -49.88
CA VAL C 960 43.74 -54.28 -50.49
C VAL C 960 44.84 -54.86 -49.61
N GLY C 961 44.66 -54.78 -48.29
CA GLY C 961 45.62 -55.40 -47.40
C GLY C 961 45.54 -56.92 -47.38
N PHE C 962 44.35 -57.46 -47.68
CA PHE C 962 44.24 -58.92 -47.79
C PHE C 962 44.92 -59.43 -49.06
N SER C 963 44.81 -58.69 -50.16
CA SER C 963 45.28 -59.19 -51.46
C SER C 963 46.80 -59.23 -51.52
N LEU C 964 47.47 -58.22 -50.93
CA LEU C 964 48.92 -58.21 -50.92
C LEU C 964 49.48 -59.24 -49.95
N MET C 965 48.73 -59.57 -48.89
CA MET C 965 49.17 -60.63 -47.99
C MET C 965 48.89 -62.00 -48.57
N CYS C 966 47.98 -62.10 -49.55
CA CYS C 966 47.83 -63.36 -50.28
C CYS C 966 48.96 -63.55 -51.28
N LEU C 967 49.59 -62.45 -51.72
CA LEU C 967 50.84 -62.59 -52.47
C LEU C 967 51.96 -63.13 -51.60
N GLU C 968 51.97 -62.76 -50.31
CA GLU C 968 52.89 -63.37 -49.36
C GLU C 968 52.60 -64.85 -49.17
N LEU C 969 51.32 -65.25 -49.28
CA LEU C 969 50.98 -66.67 -49.27
C LEU C 969 51.51 -67.36 -50.52
N LEU C 970 51.54 -66.66 -51.66
CA LEU C 970 52.23 -67.19 -52.82
C LEU C 970 53.75 -67.18 -52.60
N HIS C 971 54.27 -66.20 -51.88
CA HIS C 971 55.66 -66.24 -51.44
C HIS C 971 55.89 -67.27 -50.34
N SER C 972 54.84 -67.69 -49.63
CA SER C 972 54.95 -68.78 -48.67
C SER C 972 54.72 -70.14 -49.28
N SER C 973 54.32 -70.20 -50.56
CA SER C 973 54.07 -71.47 -51.23
C SER C 973 55.38 -72.12 -51.67
N ASP C 977 60.10 -59.64 -54.72
CA ASP C 977 59.44 -58.76 -53.77
C ASP C 977 59.36 -59.43 -52.39
N GLY C 978 58.14 -59.64 -51.91
CA GLY C 978 57.93 -60.27 -50.62
C GLY C 978 57.62 -59.28 -49.52
N LEU C 979 58.62 -58.96 -48.70
CA LEU C 979 58.44 -57.99 -47.63
C LEU C 979 58.33 -56.57 -48.17
N LYS C 980 58.80 -56.33 -49.39
CA LYS C 980 58.67 -55.02 -50.01
C LYS C 980 57.21 -54.70 -50.31
N LEU C 981 56.44 -55.69 -50.76
CA LEU C 981 55.00 -55.50 -50.91
C LEU C 981 54.27 -55.59 -49.58
N ASN C 982 54.83 -56.31 -48.60
CA ASN C 982 54.26 -56.32 -47.26
C ASN C 982 54.51 -54.98 -46.56
N ALA C 983 55.58 -54.28 -46.93
CA ALA C 983 55.75 -52.91 -46.48
C ALA C 983 54.73 -51.99 -47.14
N PHE C 984 54.34 -52.30 -48.37
CA PHE C 984 53.28 -51.54 -49.02
C PHE C 984 51.91 -51.95 -48.49
N ALA C 985 51.77 -53.22 -48.06
CA ALA C 985 50.53 -53.68 -47.48
C ALA C 985 50.30 -53.10 -46.09
N ALA C 986 51.38 -52.83 -45.36
CA ALA C 986 51.25 -52.23 -44.03
C ALA C 986 50.84 -50.77 -44.10
N VAL C 987 51.05 -50.13 -45.26
CA VAL C 987 50.62 -48.74 -45.44
C VAL C 987 49.11 -48.65 -45.46
N PHE C 988 48.46 -49.45 -46.31
CA PHE C 988 47.03 -49.29 -46.54
C PHE C 988 46.20 -49.85 -45.38
N THR C 989 46.74 -50.81 -44.63
CA THR C 989 46.00 -51.32 -43.47
C THR C 989 45.98 -50.32 -42.33
N VAL C 990 47.03 -49.52 -42.20
CA VAL C 990 46.99 -48.40 -41.27
C VAL C 990 46.09 -47.30 -41.80
N LEU C 991 46.15 -47.04 -43.11
CA LEU C 991 45.27 -46.05 -43.72
C LEU C 991 43.82 -46.53 -43.75
N SER C 992 43.61 -47.85 -43.67
CA SER C 992 42.27 -48.37 -43.40
C SER C 992 41.79 -47.92 -42.03
N GLY C 993 42.50 -48.33 -40.97
CA GLY C 993 42.02 -48.16 -39.61
C GLY C 993 41.97 -46.72 -39.13
N LEU C 994 42.82 -45.86 -39.67
CA LEU C 994 42.75 -44.45 -39.33
C LEU C 994 41.49 -43.80 -39.90
N LEU C 995 41.09 -44.20 -41.11
CA LEU C 995 39.81 -43.76 -41.65
C LEU C 995 38.65 -44.41 -40.90
N GLY C 996 38.89 -45.56 -40.28
CA GLY C 996 37.92 -46.08 -39.32
C GLY C 996 37.87 -45.25 -38.05
N MET C 997 39.04 -44.80 -37.59
CA MET C 997 39.08 -43.87 -36.46
C MET C 997 38.47 -42.53 -36.82
N VAL C 998 38.51 -42.16 -38.10
CA VAL C 998 37.61 -41.12 -38.58
C VAL C 998 36.18 -41.58 -38.45
N ALA C 999 35.86 -42.77 -39.00
CA ALA C 999 34.48 -43.24 -39.13
C ALA C 999 33.84 -43.52 -37.79
N HIS C 1000 34.63 -43.99 -36.81
CA HIS C 1000 34.09 -44.16 -35.46
C HIS C 1000 33.77 -42.82 -34.81
N MET C 1001 34.46 -41.76 -35.23
CA MET C 1001 34.19 -40.44 -34.69
C MET C 1001 33.18 -39.69 -35.55
N MET C 1002 32.98 -40.15 -36.80
CA MET C 1002 31.96 -39.51 -37.63
C MET C 1002 30.57 -39.81 -37.11
N TYR C 1003 30.31 -41.06 -36.70
CA TYR C 1003 28.95 -41.46 -36.36
C TYR C 1003 28.56 -40.99 -34.96
N THR C 1004 29.47 -41.13 -33.99
CA THR C 1004 29.08 -40.92 -32.60
C THR C 1004 29.00 -39.43 -32.25
N GLN C 1005 29.83 -38.62 -32.88
CA GLN C 1005 29.66 -37.18 -32.81
C GLN C 1005 28.32 -36.77 -33.42
N VAL C 1006 28.01 -37.32 -34.60
CA VAL C 1006 26.68 -37.15 -35.18
C VAL C 1006 25.61 -37.72 -34.27
N PHE C 1007 25.85 -38.88 -33.67
CA PHE C 1007 24.87 -39.44 -32.76
C PHE C 1007 24.76 -38.61 -31.49
N GLN C 1008 25.84 -37.94 -31.11
CA GLN C 1008 25.74 -36.90 -30.10
C GLN C 1008 24.99 -35.68 -30.64
N VAL C 1009 25.18 -35.34 -31.92
CA VAL C 1009 24.49 -34.21 -32.52
C VAL C 1009 23.00 -34.49 -32.62
N THR C 1010 22.62 -35.72 -32.97
CA THR C 1010 21.19 -36.06 -33.08
C THR C 1010 20.48 -35.98 -31.73
N VAL C 1011 21.18 -36.32 -30.64
CA VAL C 1011 20.61 -36.15 -29.31
C VAL C 1011 20.44 -34.66 -28.99
N SER C 1012 21.35 -33.82 -29.52
CA SER C 1012 21.18 -32.38 -29.39
C SER C 1012 20.01 -31.86 -30.21
N LEU C 1013 19.62 -32.57 -31.27
CA LEU C 1013 18.37 -32.28 -31.95
C LEU C 1013 17.15 -32.73 -31.17
N GLY C 1014 17.29 -33.62 -30.19
CA GLY C 1014 16.12 -34.24 -29.61
C GLY C 1014 15.51 -35.20 -30.61
N PRO C 1015 16.16 -36.40 -30.77
CA PRO C 1015 15.82 -37.35 -31.86
C PRO C 1015 14.35 -37.69 -31.95
N GLU C 1016 13.76 -37.28 -33.09
CA GLU C 1016 12.42 -36.72 -33.24
C GLU C 1016 11.38 -37.27 -32.28
N ASP C 1017 11.33 -38.59 -32.13
CA ASP C 1017 10.48 -39.25 -31.14
C ASP C 1017 11.18 -40.42 -30.48
N TRP C 1018 12.50 -40.57 -30.66
CA TRP C 1018 13.19 -41.80 -30.28
C TRP C 1018 14.43 -41.51 -29.45
N ARG C 1019 14.34 -40.54 -28.54
CA ARG C 1019 15.50 -40.19 -27.72
C ARG C 1019 15.71 -41.23 -26.64
N PRO C 1020 16.95 -41.56 -26.29
CA PRO C 1020 17.18 -42.48 -25.18
C PRO C 1020 17.39 -41.75 -23.86
N HIS C 1021 16.86 -42.33 -22.80
CA HIS C 1021 17.24 -41.96 -21.45
C HIS C 1021 18.12 -43.00 -20.80
N SER C 1022 18.25 -44.16 -21.44
CA SER C 1022 19.31 -45.12 -21.14
C SER C 1022 20.40 -45.04 -22.21
N TRP C 1023 20.75 -43.80 -22.61
CA TRP C 1023 21.67 -43.49 -23.69
C TRP C 1023 23.04 -44.12 -23.49
N ASP C 1024 23.31 -45.17 -24.26
CA ASP C 1024 24.40 -46.11 -24.02
C ASP C 1024 24.66 -46.87 -25.31
N TYR C 1025 25.88 -46.72 -25.83
CA TYR C 1025 26.27 -47.37 -27.07
C TYR C 1025 26.25 -48.89 -26.92
N GLY C 1026 25.70 -49.55 -27.93
CA GLY C 1026 25.48 -50.99 -27.87
C GLY C 1026 25.95 -51.68 -29.13
N TRP C 1027 25.92 -53.01 -29.09
CA TRP C 1027 27.03 -53.78 -28.53
C TRP C 1027 28.15 -53.98 -29.54
N SER C 1028 27.91 -53.66 -30.81
CA SER C 1028 28.91 -53.91 -31.83
C SER C 1028 29.89 -52.75 -31.96
N PHE C 1029 29.61 -51.62 -31.31
CA PHE C 1029 30.52 -50.49 -31.36
C PHE C 1029 31.74 -50.73 -30.48
N CYS C 1030 31.56 -51.48 -29.39
CA CYS C 1030 32.71 -51.99 -28.65
C CYS C 1030 33.44 -53.05 -29.45
N LEU C 1031 32.73 -53.74 -30.35
CA LEU C 1031 33.34 -54.79 -31.15
C LEU C 1031 34.19 -54.21 -32.28
N ALA C 1032 33.68 -53.21 -32.99
CA ALA C 1032 34.44 -52.63 -34.10
C ALA C 1032 35.54 -51.71 -33.61
N TRP C 1033 35.53 -51.36 -32.32
CA TRP C 1033 36.74 -50.90 -31.66
C TRP C 1033 37.86 -51.92 -31.77
N GLY C 1034 37.55 -53.19 -31.49
CA GLY C 1034 38.58 -54.21 -31.50
C GLY C 1034 39.03 -54.58 -32.89
N SER C 1035 38.25 -54.20 -33.91
CA SER C 1035 38.69 -54.39 -35.29
C SER C 1035 39.88 -53.50 -35.61
N PHE C 1036 39.90 -52.30 -35.03
CA PHE C 1036 41.01 -51.38 -35.28
C PHE C 1036 42.30 -51.86 -34.61
N THR C 1037 42.19 -52.36 -33.37
CA THR C 1037 43.40 -52.81 -32.69
C THR C 1037 43.89 -54.14 -33.25
N CYS C 1038 43.01 -54.88 -33.94
CA CYS C 1038 43.48 -56.04 -34.70
C CYS C 1038 44.16 -55.60 -36.00
N CYS C 1039 43.79 -54.42 -36.53
CA CYS C 1039 44.52 -53.88 -37.67
C CYS C 1039 45.91 -53.42 -37.26
N MET C 1040 46.09 -53.02 -36.01
CA MET C 1040 47.37 -52.47 -35.59
C MET C 1040 48.25 -53.52 -34.92
N ALA C 1041 47.64 -54.51 -34.27
CA ALA C 1041 48.43 -55.62 -33.75
C ALA C 1041 48.94 -56.50 -34.89
N ALA C 1042 48.24 -56.49 -36.03
CA ALA C 1042 48.79 -57.07 -37.24
C ALA C 1042 49.96 -56.26 -37.75
N SER C 1043 49.95 -54.95 -37.50
CA SER C 1043 50.99 -54.08 -38.04
C SER C 1043 52.28 -54.18 -37.21
N VAL C 1044 52.15 -54.31 -35.89
CA VAL C 1044 53.34 -54.28 -35.03
C VAL C 1044 54.16 -55.56 -35.18
N THR C 1045 53.56 -56.62 -35.71
CA THR C 1045 54.30 -57.86 -35.89
C THR C 1045 54.69 -58.10 -37.34
N THR C 1046 54.09 -57.39 -38.29
CA THR C 1046 54.53 -57.51 -39.67
C THR C 1046 55.68 -56.56 -39.98
N LEU C 1047 55.91 -55.56 -39.11
CA LEU C 1047 57.15 -54.81 -39.18
C LEU C 1047 58.21 -55.44 -38.29
N ASN C 1048 57.81 -56.38 -37.43
CA ASN C 1048 58.78 -57.19 -36.70
C ASN C 1048 59.45 -58.18 -37.65
N SER C 1049 58.71 -58.68 -38.65
CA SER C 1049 59.28 -59.53 -39.69
C SER C 1049 59.98 -58.71 -40.77
N TYR C 1050 59.76 -57.39 -40.79
CA TYR C 1050 60.45 -56.50 -41.73
C TYR C 1050 61.88 -56.24 -41.29
N THR C 1051 62.24 -56.54 -40.04
CA THR C 1051 63.59 -56.33 -39.55
C THR C 1051 64.59 -57.27 -40.20
N LYS C 1052 64.14 -58.44 -40.63
CA LYS C 1052 65.02 -59.41 -41.28
C LYS C 1052 65.17 -59.11 -42.76
N ASN D 1 -84.44 1.63 -2.33
CA ASN D 1 -84.54 0.97 -1.04
C ASN D 1 -83.41 1.38 -0.12
N SER D 2 -83.75 1.98 1.02
CA SER D 2 -82.74 2.41 1.98
C SER D 2 -82.10 1.21 2.65
N ILE D 3 -80.78 1.13 2.55
CA ILE D 3 -80.02 -0.04 3.00
C ILE D 3 -79.20 0.35 4.21
N GLN D 4 -79.53 -0.21 5.37
CA GLN D 4 -78.77 0.07 6.57
C GLN D 4 -77.44 -0.65 6.54
N ILE D 5 -76.37 0.11 6.78
CA ILE D 5 -75.00 -0.42 6.76
C ILE D 5 -74.30 0.01 8.04
N GLY D 6 -73.17 -0.65 8.33
CA GLY D 6 -72.39 -0.31 9.50
C GLY D 6 -71.60 0.96 9.29
N GLY D 7 -71.31 1.65 10.40
CA GLY D 7 -70.66 2.95 10.34
C GLY D 7 -69.54 3.15 11.35
N LEU D 8 -68.78 2.09 11.64
CA LEU D 8 -67.67 2.20 12.58
C LEU D 8 -66.59 3.11 12.03
N PHE D 9 -66.16 4.07 12.84
CA PHE D 9 -65.05 4.95 12.53
C PHE D 9 -64.30 5.29 13.81
N PRO D 10 -62.98 5.09 13.84
CA PRO D 10 -62.21 5.57 14.98
C PRO D 10 -62.18 7.09 15.03
N ARG D 11 -61.97 7.61 16.24
CA ARG D 11 -62.00 9.05 16.43
C ARG D 11 -60.70 9.68 15.96
N GLY D 12 -60.83 10.75 15.16
CA GLY D 12 -59.68 11.40 14.56
C GLY D 12 -59.35 10.94 13.16
N ALA D 13 -60.02 9.91 12.65
CA ALA D 13 -59.80 9.42 11.30
C ALA D 13 -60.92 9.90 10.38
N ASP D 14 -61.34 11.15 10.60
CA ASP D 14 -62.53 11.64 9.91
C ASP D 14 -62.23 12.05 8.48
N GLN D 15 -60.95 12.14 8.11
CA GLN D 15 -60.61 12.35 6.70
C GLN D 15 -61.01 11.15 5.87
N GLU D 16 -60.84 9.95 6.42
CA GLU D 16 -61.41 8.74 5.82
C GLU D 16 -62.92 8.80 5.84
N TYR D 17 -63.50 9.28 6.94
CA TYR D 17 -64.95 9.47 7.01
C TYR D 17 -65.41 10.58 6.07
N SER D 18 -64.56 11.59 5.85
CA SER D 18 -64.84 12.58 4.81
C SER D 18 -64.82 11.93 3.44
N ALA D 19 -63.84 11.05 3.20
CA ALA D 19 -63.78 10.30 1.95
C ALA D 19 -64.94 9.30 1.86
N PHE D 20 -65.45 8.85 3.01
CA PHE D 20 -66.64 8.01 3.00
C PHE D 20 -67.86 8.80 2.55
N ARG D 21 -67.96 10.06 2.99
CA ARG D 21 -69.12 10.88 2.63
C ARG D 21 -69.06 11.30 1.17
N VAL D 22 -67.87 11.40 0.59
CA VAL D 22 -67.72 11.64 -0.83
C VAL D 22 -68.24 10.46 -1.62
N GLY D 23 -67.94 9.24 -1.17
CA GLY D 23 -68.49 8.06 -1.81
C GLY D 23 -70.00 7.96 -1.65
N MET D 24 -70.51 8.45 -0.53
CA MET D 24 -71.96 8.52 -0.36
C MET D 24 -72.59 9.55 -1.30
N VAL D 25 -71.83 10.58 -1.67
CA VAL D 25 -72.29 11.50 -2.70
C VAL D 25 -72.09 10.91 -4.09
N GLN D 26 -70.91 10.34 -4.35
CA GLN D 26 -70.56 9.92 -5.71
C GLN D 26 -71.33 8.67 -6.14
N PHE D 27 -71.55 7.73 -5.22
CA PHE D 27 -72.08 6.43 -5.61
C PHE D 27 -73.52 6.21 -5.17
N SER D 28 -74.23 7.28 -4.79
CA SER D 28 -75.65 7.15 -4.49
C SER D 28 -76.44 7.04 -5.78
N THR D 29 -77.04 5.87 -5.99
CA THR D 29 -77.83 5.63 -7.19
C THR D 29 -79.30 5.86 -6.85
N SER D 30 -80.12 5.94 -7.90
CA SER D 30 -81.55 6.16 -7.70
C SER D 30 -82.26 4.89 -7.27
N GLU D 31 -81.63 3.73 -7.49
CA GLU D 31 -82.22 2.48 -7.04
C GLU D 31 -82.21 2.36 -5.52
N PHE D 32 -81.09 2.72 -4.90
CA PHE D 32 -80.93 2.53 -3.46
C PHE D 32 -79.98 3.58 -2.92
N ARG D 33 -80.20 3.97 -1.67
CA ARG D 33 -79.31 4.89 -0.96
C ARG D 33 -78.99 4.29 0.40
N LEU D 34 -77.70 4.11 0.67
CA LEU D 34 -77.25 3.38 1.83
C LEU D 34 -77.45 4.21 3.10
N THR D 35 -77.66 3.52 4.22
CA THR D 35 -78.00 4.17 5.48
C THR D 35 -76.90 3.86 6.48
N PRO D 36 -75.94 4.77 6.66
CA PRO D 36 -74.88 4.54 7.63
C PRO D 36 -75.35 4.74 9.06
N HIS D 37 -74.83 3.92 9.96
CA HIS D 37 -75.01 4.10 11.40
C HIS D 37 -73.68 4.53 12.00
N ILE D 38 -73.38 5.81 11.91
CA ILE D 38 -72.03 6.29 12.17
C ILE D 38 -71.74 6.33 13.66
N ASP D 39 -70.68 5.63 14.06
CA ASP D 39 -70.28 5.53 15.46
C ASP D 39 -68.81 5.89 15.58
N ASN D 40 -68.54 7.09 16.08
CA ASN D 40 -67.18 7.58 16.27
C ASN D 40 -66.68 7.15 17.65
N LEU D 41 -66.16 5.92 17.73
CA LEU D 41 -65.77 5.33 19.00
C LEU D 41 -64.33 4.85 18.95
N GLU D 42 -63.84 4.43 20.11
CA GLU D 42 -62.50 3.89 20.22
C GLU D 42 -62.42 2.51 19.59
N VAL D 43 -61.28 2.19 19.01
CA VAL D 43 -61.12 0.92 18.32
C VAL D 43 -60.30 -0.06 19.16
N ALA D 44 -59.53 0.43 20.13
CA ALA D 44 -58.72 -0.46 20.95
C ALA D 44 -59.55 -1.20 21.98
N ASN D 45 -60.59 -0.56 22.51
CA ASN D 45 -61.47 -1.17 23.50
C ASN D 45 -62.51 -1.99 22.75
N SER D 46 -62.40 -3.32 22.86
CA SER D 46 -63.35 -4.20 22.19
C SER D 46 -64.73 -4.14 22.84
N PHE D 47 -64.78 -3.79 24.13
CA PHE D 47 -66.05 -3.48 24.79
C PHE D 47 -66.73 -2.30 24.11
N ALA D 48 -65.96 -1.28 23.75
CA ALA D 48 -66.51 -0.16 22.97
C ALA D 48 -66.83 -0.60 21.55
N VAL D 49 -66.09 -1.57 21.02
CA VAL D 49 -66.39 -2.08 19.69
C VAL D 49 -67.68 -2.89 19.70
N THR D 50 -67.81 -3.80 20.68
CA THR D 50 -68.92 -4.75 20.69
C THR D 50 -70.26 -4.06 20.96
N ASN D 51 -70.24 -3.03 21.80
CA ASN D 51 -71.45 -2.27 22.08
C ASN D 51 -71.91 -1.50 20.85
N ALA D 52 -70.97 -0.94 20.10
CA ALA D 52 -71.31 -0.35 18.81
C ALA D 52 -71.64 -1.42 17.78
N PHE D 53 -71.04 -2.60 17.92
CA PHE D 53 -71.34 -3.70 17.02
C PHE D 53 -72.75 -4.22 17.26
N CYS D 54 -73.09 -4.53 18.52
CA CYS D 54 -74.37 -5.16 18.80
C CYS D 54 -75.52 -4.18 18.66
N SER D 55 -75.26 -2.89 18.78
CA SER D 55 -76.28 -1.89 18.45
C SER D 55 -76.57 -1.90 16.96
N GLN D 56 -75.52 -1.93 16.14
CA GLN D 56 -75.71 -2.06 14.70
C GLN D 56 -76.17 -3.46 14.33
N PHE D 57 -75.83 -4.47 15.13
CA PHE D 57 -76.44 -5.78 14.96
C PHE D 57 -77.91 -5.75 15.33
N SER D 58 -78.28 -4.90 16.30
CA SER D 58 -79.69 -4.70 16.60
C SER D 58 -80.38 -3.93 15.49
N ARG D 59 -79.64 -3.11 14.74
CA ARG D 59 -80.18 -2.47 13.54
C ARG D 59 -80.48 -3.48 12.45
N GLY D 60 -79.79 -4.61 12.42
CA GLY D 60 -79.92 -5.53 11.31
C GLY D 60 -79.29 -5.04 10.03
N VAL D 61 -78.12 -4.40 10.13
CA VAL D 61 -77.45 -3.89 8.95
C VAL D 61 -76.89 -5.05 8.14
N TYR D 62 -76.58 -4.78 6.87
CA TYR D 62 -76.24 -5.85 5.95
C TYR D 62 -74.75 -5.91 5.64
N ALA D 63 -74.02 -4.83 5.85
CA ALA D 63 -72.58 -4.80 5.65
C ALA D 63 -72.00 -3.71 6.54
N ILE D 64 -70.94 -4.06 7.25
CA ILE D 64 -70.38 -3.14 8.23
C ILE D 64 -69.01 -2.68 7.75
N PHE D 65 -68.79 -1.38 7.83
CA PHE D 65 -67.51 -0.80 7.46
C PHE D 65 -66.86 -0.21 8.70
N GLY D 66 -65.54 -0.35 8.77
CA GLY D 66 -64.79 0.20 9.88
C GLY D 66 -63.33 -0.15 9.75
N PHE D 67 -62.60 0.19 10.81
CA PHE D 67 -61.21 -0.21 10.96
C PHE D 67 -61.16 -1.24 12.06
N TYR D 68 -59.97 -1.82 12.28
CA TYR D 68 -59.80 -2.58 13.52
C TYR D 68 -58.39 -2.43 14.05
N ASP D 69 -58.30 -2.53 15.37
CA ASP D 69 -57.04 -2.74 16.07
C ASP D 69 -56.64 -4.20 15.93
N LYS D 70 -55.38 -4.49 16.26
CA LYS D 70 -54.97 -5.89 16.44
C LYS D 70 -55.60 -6.49 17.69
N LYS D 71 -56.12 -5.65 18.59
CA LYS D 71 -56.94 -6.16 19.68
C LYS D 71 -58.35 -6.47 19.21
N SER D 72 -58.96 -5.57 18.46
CA SER D 72 -60.35 -5.73 18.05
C SER D 72 -60.52 -6.66 16.86
N VAL D 73 -59.44 -7.18 16.29
CA VAL D 73 -59.60 -8.07 15.13
C VAL D 73 -60.15 -9.42 15.56
N ASN D 74 -59.74 -9.91 16.73
CA ASN D 74 -60.23 -11.20 17.19
C ASN D 74 -61.65 -11.09 17.72
N THR D 75 -62.10 -9.86 17.99
CA THR D 75 -63.51 -9.64 18.24
C THR D 75 -64.30 -9.76 16.94
N ILE D 76 -63.89 -9.03 15.90
CA ILE D 76 -64.66 -8.97 14.66
C ILE D 76 -64.64 -10.30 13.93
N THR D 77 -63.49 -10.97 13.91
CA THR D 77 -63.41 -12.28 13.26
C THR D 77 -64.21 -13.34 14.01
N SER D 78 -64.41 -13.17 15.31
CA SER D 78 -65.26 -14.10 16.05
C SER D 78 -66.73 -13.84 15.78
N PHE D 79 -67.15 -12.59 15.89
CA PHE D 79 -68.57 -12.27 15.75
C PHE D 79 -69.03 -12.37 14.30
N CYS D 80 -68.36 -11.68 13.37
CA CYS D 80 -68.78 -11.69 11.97
C CYS D 80 -68.62 -13.04 11.31
N GLY D 81 -67.64 -13.83 11.74
CA GLY D 81 -67.55 -15.20 11.29
C GLY D 81 -68.65 -16.09 11.82
N THR D 82 -69.30 -15.70 12.92
CA THR D 82 -70.40 -16.45 13.49
C THR D 82 -71.75 -15.81 13.18
N LEU D 83 -71.87 -14.50 13.34
CA LEU D 83 -73.14 -13.84 13.13
C LEU D 83 -73.48 -13.59 11.67
N HIS D 84 -72.60 -14.03 10.75
CA HIS D 84 -72.87 -14.12 9.31
C HIS D 84 -73.13 -12.75 8.69
N VAL D 85 -72.41 -11.74 9.18
CA VAL D 85 -72.51 -10.38 8.67
C VAL D 85 -71.15 -10.02 8.07
N SER D 86 -71.14 -9.63 6.81
CA SER D 86 -69.88 -9.30 6.14
C SER D 86 -69.35 -7.97 6.63
N PHE D 87 -68.03 -7.91 6.80
CA PHE D 87 -67.36 -6.72 7.31
C PHE D 87 -66.35 -6.23 6.30
N ILE D 88 -66.28 -4.91 6.11
CA ILE D 88 -65.41 -4.30 5.12
C ILE D 88 -64.44 -3.37 5.83
N THR D 89 -63.15 -3.49 5.50
CA THR D 89 -62.12 -2.73 6.19
C THR D 89 -60.97 -2.37 5.27
N PRO D 90 -60.29 -1.25 5.51
CA PRO D 90 -58.98 -1.03 4.91
C PRO D 90 -57.81 -1.43 5.81
N SER D 91 -58.06 -2.11 6.92
CA SER D 91 -57.01 -2.39 7.89
C SER D 91 -56.10 -3.51 7.40
N PHE D 92 -55.10 -3.84 8.21
CA PHE D 92 -54.14 -4.89 7.86
C PHE D 92 -54.82 -6.24 7.84
N PRO D 93 -54.55 -7.08 6.84
CA PRO D 93 -55.34 -8.32 6.65
C PRO D 93 -55.14 -9.35 7.75
N THR D 94 -56.19 -10.13 7.99
CA THR D 94 -56.13 -11.19 8.99
C THR D 94 -55.30 -12.36 8.49
N ASP D 95 -54.62 -13.03 9.43
CA ASP D 95 -53.91 -14.25 9.07
C ASP D 95 -54.87 -15.39 8.76
N GLY D 96 -55.83 -15.63 9.65
CA GLY D 96 -56.78 -16.70 9.41
C GLY D 96 -57.81 -16.30 8.38
N THR D 97 -58.10 -17.24 7.50
CA THR D 97 -59.08 -17.01 6.43
C THR D 97 -60.49 -17.03 7.01
N HIS D 98 -60.88 -15.91 7.60
CA HIS D 98 -62.14 -15.85 8.30
C HIS D 98 -63.25 -15.48 7.32
N PRO D 99 -64.39 -16.17 7.38
CA PRO D 99 -65.52 -15.78 6.53
C PRO D 99 -66.11 -14.45 6.98
N PHE D 100 -66.85 -13.84 6.05
CA PHE D 100 -67.55 -12.56 6.23
C PHE D 100 -66.60 -11.42 6.58
N VAL D 101 -65.37 -11.52 6.07
CA VAL D 101 -64.35 -10.51 6.28
C VAL D 101 -63.83 -10.07 4.93
N ILE D 102 -64.22 -8.88 4.50
CA ILE D 102 -63.70 -8.28 3.29
C ILE D 102 -62.71 -7.19 3.70
N GLN D 103 -61.57 -7.15 3.04
CA GLN D 103 -60.50 -6.27 3.50
C GLN D 103 -59.81 -5.60 2.32
N MET D 104 -59.73 -4.27 2.37
CA MET D 104 -59.32 -3.45 1.23
C MET D 104 -57.81 -3.30 1.09
N ARG D 105 -57.03 -3.74 2.07
CA ARG D 105 -55.60 -3.48 2.03
C ARG D 105 -54.91 -4.68 1.38
N PRO D 106 -54.25 -4.52 0.24
CA PRO D 106 -53.55 -5.67 -0.37
C PRO D 106 -52.32 -6.04 0.43
N ASP D 107 -51.91 -7.30 0.30
CA ASP D 107 -50.75 -7.78 1.05
C ASP D 107 -49.48 -7.21 0.45
N LEU D 108 -48.54 -6.85 1.32
CA LEU D 108 -47.34 -6.13 0.93
C LEU D 108 -46.08 -6.95 1.05
N LYS D 109 -46.13 -8.09 1.75
CA LYS D 109 -44.92 -8.88 2.02
C LYS D 109 -44.38 -9.53 0.75
N GLY D 110 -45.24 -9.77 -0.23
CA GLY D 110 -44.76 -10.30 -1.50
C GLY D 110 -43.97 -9.27 -2.27
N ALA D 111 -44.42 -8.01 -2.26
CA ALA D 111 -43.63 -6.94 -2.85
C ALA D 111 -42.40 -6.64 -2.02
N LEU D 112 -42.52 -6.78 -0.69
CA LEU D 112 -41.44 -6.38 0.21
C LEU D 112 -40.27 -7.35 0.15
N LEU D 113 -40.56 -8.65 0.15
CA LEU D 113 -39.49 -9.64 0.03
C LEU D 113 -38.89 -9.61 -1.37
N SER D 114 -39.70 -9.26 -2.37
CA SER D 114 -39.18 -9.08 -3.72
C SER D 114 -38.30 -7.83 -3.81
N LEU D 115 -38.56 -6.84 -2.95
CA LEU D 115 -37.78 -5.62 -3.01
C LEU D 115 -36.40 -5.82 -2.40
N ILE D 116 -36.32 -6.63 -1.33
CA ILE D 116 -35.04 -6.92 -0.72
C ILE D 116 -34.19 -7.76 -1.65
N GLU D 117 -34.83 -8.68 -2.38
CA GLU D 117 -34.13 -9.44 -3.41
C GLU D 117 -33.68 -8.56 -4.55
N TYR D 118 -34.42 -7.48 -4.83
CA TYR D 118 -33.94 -6.50 -5.81
C TYR D 118 -32.73 -5.75 -5.31
N TYR D 119 -32.80 -5.20 -4.10
CA TYR D 119 -31.66 -4.52 -3.50
C TYR D 119 -30.57 -5.46 -3.02
N GLN D 120 -30.85 -6.77 -2.99
CA GLN D 120 -29.86 -7.83 -2.77
C GLN D 120 -29.23 -7.73 -1.39
N TRP D 121 -30.06 -7.50 -0.37
CA TRP D 121 -29.54 -7.29 0.97
C TRP D 121 -29.28 -8.62 1.68
N ASP D 122 -28.33 -8.57 2.61
CA ASP D 122 -27.90 -9.73 3.37
C ASP D 122 -28.00 -9.54 4.87
N LYS D 123 -27.82 -8.32 5.35
CA LYS D 123 -27.99 -7.98 6.75
C LYS D 123 -28.56 -6.57 6.82
N PHE D 124 -29.65 -6.42 7.58
CA PHE D 124 -30.37 -5.16 7.62
C PHE D 124 -31.21 -5.09 8.87
N ALA D 125 -31.38 -3.88 9.38
CA ALA D 125 -32.26 -3.66 10.51
C ALA D 125 -33.70 -3.68 10.07
N TYR D 126 -34.59 -4.07 10.98
CA TYR D 126 -36.02 -4.13 10.71
C TYR D 126 -36.75 -3.54 11.91
N LEU D 127 -36.99 -2.24 11.87
CA LEU D 127 -37.80 -1.62 12.88
C LEU D 127 -39.27 -1.72 12.50
N TYR D 128 -40.09 -2.15 13.45
CA TYR D 128 -41.47 -2.47 13.15
C TYR D 128 -42.35 -2.00 14.30
N ASP D 129 -43.54 -1.54 13.95
CA ASP D 129 -44.59 -1.30 14.92
C ASP D 129 -45.31 -2.61 15.15
N SER D 130 -45.59 -2.91 16.42
CA SER D 130 -46.28 -4.16 16.75
C SER D 130 -47.78 -4.06 16.49
N ASP D 131 -48.29 -2.84 16.25
CA ASP D 131 -49.73 -2.60 16.29
C ASP D 131 -50.45 -3.21 15.11
N ARG D 132 -49.79 -3.37 13.97
CA ARG D 132 -50.41 -4.01 12.81
C ARG D 132 -50.14 -5.49 12.73
N GLY D 133 -49.96 -6.16 13.87
CA GLY D 133 -49.58 -7.56 13.83
C GLY D 133 -48.10 -7.73 13.55
N LEU D 134 -47.68 -8.98 13.54
CA LEU D 134 -46.28 -9.32 13.30
C LEU D 134 -46.12 -10.25 12.10
N SER D 135 -47.06 -10.22 11.17
CA SER D 135 -47.05 -11.16 10.06
C SER D 135 -45.94 -10.85 9.08
N THR D 136 -45.70 -9.56 8.82
CA THR D 136 -44.57 -9.17 7.97
C THR D 136 -43.24 -9.49 8.64
N LEU D 137 -43.20 -9.40 9.97
CA LEU D 137 -42.04 -9.89 10.70
C LEU D 137 -41.89 -11.39 10.53
N GLN D 138 -43.01 -12.12 10.59
CA GLN D 138 -42.97 -13.55 10.29
C GLN D 138 -42.64 -13.81 8.83
N ALA D 139 -43.00 -12.87 7.95
CA ALA D 139 -42.71 -13.03 6.53
C ALA D 139 -41.22 -12.90 6.26
N VAL D 140 -40.57 -11.91 6.89
CA VAL D 140 -39.16 -11.69 6.58
C VAL D 140 -38.28 -12.71 7.29
N LEU D 141 -38.70 -13.21 8.44
CA LEU D 141 -37.86 -14.15 9.18
C LEU D 141 -37.88 -15.54 8.55
N ASP D 142 -38.99 -15.92 7.92
CA ASP D 142 -39.03 -17.19 7.21
C ASP D 142 -38.17 -17.15 5.96
N SER D 143 -38.07 -15.97 5.34
CA SER D 143 -37.14 -15.81 4.23
C SER D 143 -35.72 -15.50 4.71
N ALA D 144 -35.57 -15.09 5.97
CA ALA D 144 -34.25 -14.80 6.50
C ALA D 144 -33.40 -16.04 6.63
N ALA D 145 -33.97 -17.14 7.13
CA ALA D 145 -33.25 -18.41 7.13
C ALA D 145 -33.11 -18.96 5.71
N GLU D 146 -34.11 -18.69 4.87
CA GLU D 146 -34.11 -19.21 3.50
C GLU D 146 -33.10 -18.49 2.62
N LYS D 147 -33.07 -17.16 2.67
CA LYS D 147 -32.16 -16.39 1.83
C LYS D 147 -30.89 -15.97 2.57
N LYS D 148 -30.63 -16.58 3.73
CA LYS D 148 -29.45 -16.36 4.57
C LYS D 148 -29.31 -14.89 4.96
N TRP D 149 -30.32 -14.37 5.64
CA TRP D 149 -30.36 -12.96 6.00
C TRP D 149 -30.22 -12.79 7.50
N GLN D 150 -29.38 -11.82 7.89
CA GLN D 150 -29.15 -11.52 9.30
C GLN D 150 -30.00 -10.32 9.70
N VAL D 151 -31.30 -10.56 9.83
CA VAL D 151 -32.23 -9.48 10.11
C VAL D 151 -32.12 -9.06 11.57
N THR D 152 -31.98 -7.75 11.79
CA THR D 152 -31.94 -7.18 13.13
C THR D 152 -33.31 -6.56 13.38
N ALA D 153 -34.20 -7.32 14.00
CA ALA D 153 -35.56 -6.86 14.20
C ALA D 153 -35.77 -6.36 15.62
N ILE D 154 -36.19 -5.10 15.73
CA ILE D 154 -36.42 -4.47 17.02
C ILE D 154 -37.78 -3.80 16.98
N ASN D 155 -38.65 -4.14 17.94
CA ASN D 155 -39.95 -3.50 18.07
C ASN D 155 -39.75 -2.06 18.52
N VAL D 156 -40.62 -1.18 18.04
CA VAL D 156 -40.52 0.23 18.36
C VAL D 156 -41.82 0.70 19.01
N GLY D 157 -42.86 -0.12 18.93
CA GLY D 157 -44.13 0.23 19.52
C GLY D 157 -44.16 0.16 21.04
N ASN D 158 -43.11 -0.39 21.66
CA ASN D 158 -43.07 -0.51 23.11
C ASN D 158 -42.74 0.82 23.77
N ILE D 159 -42.23 1.79 23.01
CA ILE D 159 -41.80 3.05 23.59
C ILE D 159 -43.00 3.94 23.85
N ASN D 160 -43.13 4.40 25.09
CA ASN D 160 -44.16 5.36 25.44
C ASN D 160 -43.86 6.72 24.83
N ASN D 161 -44.91 7.52 24.67
CA ASN D 161 -44.78 8.78 23.94
C ASN D 161 -44.14 9.89 24.76
N ASP D 162 -43.98 9.68 26.07
CA ASP D 162 -43.47 10.76 26.91
C ASP D 162 -41.96 10.93 26.78
N LYS D 163 -41.24 9.83 26.64
CA LYS D 163 -39.78 9.87 26.51
C LYS D 163 -39.30 9.18 25.24
N LYS D 164 -40.03 9.36 24.13
CA LYS D 164 -39.61 8.84 22.83
C LYS D 164 -38.66 9.82 22.13
N ASP D 165 -37.65 10.27 22.88
CA ASP D 165 -36.63 11.14 22.33
C ASP D 165 -35.26 10.62 22.73
N GLU D 166 -35.18 10.09 23.96
CA GLU D 166 -33.92 9.53 24.45
C GLU D 166 -33.78 8.08 24.02
N THR D 167 -34.89 7.37 23.85
CA THR D 167 -34.84 5.95 23.54
C THR D 167 -34.32 5.71 22.13
N TYR D 168 -34.66 6.60 21.19
CA TYR D 168 -34.20 6.46 19.82
C TYR D 168 -32.70 6.71 19.71
N ARG D 169 -32.19 7.69 20.46
CA ARG D 169 -30.75 7.92 20.50
C ARG D 169 -30.03 6.73 21.12
N SER D 170 -30.66 6.06 22.09
CA SER D 170 -30.16 4.77 22.53
C SER D 170 -30.32 3.73 21.45
N LEU D 171 -31.40 3.80 20.67
CA LEU D 171 -31.72 2.73 19.72
C LEU D 171 -30.79 2.77 18.51
N PHE D 172 -30.61 3.96 17.92
CA PHE D 172 -29.80 4.06 16.71
C PHE D 172 -28.32 3.85 17.00
N GLN D 173 -27.86 4.20 18.22
CA GLN D 173 -26.50 3.87 18.59
C GLN D 173 -26.32 2.37 18.76
N ASP D 174 -27.37 1.68 19.22
CA ASP D 174 -27.33 0.22 19.22
C ASP D 174 -27.36 -0.33 17.81
N LEU D 175 -28.02 0.37 16.88
CA LEU D 175 -27.89 0.03 15.47
C LEU D 175 -26.48 0.34 14.96
N GLU D 176 -25.87 1.40 15.48
CA GLU D 176 -24.51 1.72 15.09
C GLU D 176 -23.48 0.95 15.90
N LEU D 177 -23.91 0.11 16.85
CA LEU D 177 -23.02 -0.91 17.37
C LEU D 177 -22.70 -1.95 16.31
N LYS D 178 -23.64 -2.18 15.40
CA LYS D 178 -23.42 -3.04 14.24
C LYS D 178 -23.40 -2.24 12.94
N LYS D 179 -23.67 -0.93 13.02
CA LYS D 179 -23.53 0.02 11.90
C LYS D 179 -24.41 -0.34 10.72
N GLU D 180 -25.72 -0.39 10.96
CA GLU D 180 -26.65 -0.74 9.90
C GLU D 180 -26.84 0.43 8.94
N ARG D 181 -26.46 0.23 7.70
CA ARG D 181 -26.74 1.18 6.64
C ARG D 181 -28.02 0.85 5.89
N ARG D 182 -28.76 -0.14 6.36
CA ARG D 182 -29.91 -0.70 5.65
C ARG D 182 -31.02 -0.89 6.66
N VAL D 183 -32.00 0.01 6.65
CA VAL D 183 -33.05 0.02 7.65
C VAL D 183 -34.39 -0.11 6.95
N ILE D 184 -35.21 -1.07 7.41
CA ILE D 184 -36.59 -1.18 6.94
C ILE D 184 -37.49 -0.78 8.09
N LEU D 185 -38.14 0.37 7.95
CA LEU D 185 -39.12 0.82 8.91
C LEU D 185 -40.50 0.23 8.58
N ASP D 186 -41.30 0.02 9.60
CA ASP D 186 -42.67 -0.46 9.40
C ASP D 186 -43.53 0.16 10.51
N CYS D 187 -44.13 1.30 10.20
CA CYS D 187 -44.89 2.06 11.19
C CYS D 187 -46.03 2.79 10.50
N GLU D 188 -46.91 3.35 11.32
CA GLU D 188 -47.90 4.30 10.82
C GLU D 188 -47.21 5.62 10.49
N ARG D 189 -47.87 6.42 9.64
CA ARG D 189 -47.26 7.63 9.10
C ARG D 189 -46.98 8.68 10.17
N ASP D 190 -47.67 8.60 11.31
CA ASP D 190 -47.23 9.35 12.48
C ASP D 190 -45.92 8.78 13.01
N LYS D 191 -45.92 7.48 13.33
CA LYS D 191 -44.73 6.84 13.88
C LYS D 191 -43.63 6.69 12.83
N VAL D 192 -43.97 6.75 11.54
CA VAL D 192 -42.94 6.92 10.52
C VAL D 192 -42.27 8.28 10.69
N ASN D 193 -43.08 9.34 10.70
CA ASN D 193 -42.54 10.69 10.75
C ASN D 193 -41.91 11.01 12.10
N ASP D 194 -42.29 10.27 13.15
CA ASP D 194 -41.59 10.38 14.42
C ASP D 194 -40.15 9.88 14.29
N ILE D 195 -39.99 8.67 13.75
CA ILE D 195 -38.66 8.07 13.64
C ILE D 195 -37.83 8.78 12.57
N VAL D 196 -38.49 9.28 11.53
CA VAL D 196 -37.82 10.09 10.51
C VAL D 196 -37.21 11.33 11.14
N ASP D 197 -37.95 12.00 12.03
CA ASP D 197 -37.41 13.14 12.76
C ASP D 197 -36.31 12.72 13.72
N GLN D 198 -36.34 11.47 14.18
CA GLN D 198 -35.24 10.96 15.00
C GLN D 198 -34.00 10.68 14.17
N VAL D 199 -34.19 10.26 12.91
CA VAL D 199 -33.06 10.10 12.00
C VAL D 199 -32.44 11.46 11.68
N ILE D 200 -33.29 12.48 11.53
CA ILE D 200 -32.81 13.82 11.27
C ILE D 200 -32.21 14.42 12.54
N THR D 201 -32.68 13.97 13.71
CA THR D 201 -32.06 14.38 14.97
C THR D 201 -30.64 13.86 15.08
N ILE D 202 -30.44 12.56 14.88
CA ILE D 202 -29.09 12.01 14.87
C ILE D 202 -28.34 12.35 13.59
N GLY D 203 -29.04 12.81 12.56
CA GLY D 203 -28.40 13.21 11.32
C GLY D 203 -27.91 12.08 10.44
N LYS D 204 -28.23 10.83 10.77
CA LYS D 204 -27.74 9.69 10.00
C LYS D 204 -28.64 9.36 8.82
N HIS D 205 -28.97 10.39 8.05
CA HIS D 205 -29.69 10.30 6.79
C HIS D 205 -28.83 10.76 5.63
N VAL D 206 -27.51 10.73 5.83
CA VAL D 206 -26.57 11.05 4.78
C VAL D 206 -26.45 9.87 3.81
N LYS D 207 -25.75 10.09 2.71
CA LYS D 207 -25.55 9.06 1.70
C LYS D 207 -24.75 7.90 2.28
N GLY D 208 -25.16 6.69 1.90
CA GLY D 208 -24.65 5.47 2.51
C GLY D 208 -25.72 4.70 3.24
N TYR D 209 -26.60 5.40 3.96
CA TYR D 209 -27.74 4.76 4.59
C TYR D 209 -28.82 4.50 3.55
N HIS D 210 -29.64 3.47 3.80
CA HIS D 210 -30.79 3.20 2.97
C HIS D 210 -32.00 2.96 3.86
N TYR D 211 -33.15 3.47 3.43
CA TYR D 211 -34.36 3.38 4.24
C TYR D 211 -35.50 2.86 3.39
N ILE D 212 -36.19 1.84 3.89
CA ILE D 212 -37.36 1.30 3.23
C ILE D 212 -38.57 1.45 4.14
N ILE D 213 -39.62 2.09 3.64
CA ILE D 213 -40.84 2.30 4.41
C ILE D 213 -41.86 1.26 3.99
N ALA D 214 -42.47 0.60 4.96
CA ALA D 214 -43.25 -0.60 4.67
C ALA D 214 -44.73 -0.38 4.92
N ASN D 215 -45.26 0.75 4.45
CA ASN D 215 -46.70 0.92 4.37
C ASN D 215 -47.04 1.44 2.98
N LEU D 216 -48.33 1.51 2.69
CA LEU D 216 -48.76 2.01 1.40
C LEU D 216 -48.65 3.52 1.30
N GLY D 217 -48.54 4.20 2.44
CA GLY D 217 -48.44 5.64 2.44
C GLY D 217 -47.03 6.15 2.29
N PHE D 218 -46.39 5.84 1.17
CA PHE D 218 -45.09 6.42 0.87
C PHE D 218 -45.20 7.92 0.66
N THR D 219 -46.25 8.37 -0.04
CA THR D 219 -46.46 9.79 -0.25
C THR D 219 -47.03 10.47 1.00
N ASP D 220 -47.54 9.69 1.95
CA ASP D 220 -48.18 10.28 3.12
C ASP D 220 -47.16 10.77 4.14
N GLY D 221 -45.89 10.43 3.98
CA GLY D 221 -44.89 10.86 4.93
C GLY D 221 -44.35 12.25 4.62
N ASP D 222 -43.32 12.63 5.37
CA ASP D 222 -42.62 13.89 5.15
C ASP D 222 -41.47 13.64 4.19
N LEU D 223 -41.77 13.75 2.90
CA LEU D 223 -40.78 13.43 1.87
C LEU D 223 -39.76 14.54 1.71
N LEU D 224 -40.15 15.80 1.96
CA LEU D 224 -39.29 16.92 1.65
C LEU D 224 -38.14 17.04 2.64
N LYS D 225 -38.36 16.61 3.87
CA LYS D 225 -37.41 16.86 4.93
C LYS D 225 -36.16 15.98 4.82
N ILE D 226 -36.29 14.84 4.14
CA ILE D 226 -35.15 14.01 3.77
C ILE D 226 -35.10 13.76 2.28
N GLN D 227 -35.72 14.64 1.49
CA GLN D 227 -35.50 14.63 0.05
C GLN D 227 -34.05 14.95 -0.29
N PHE D 228 -33.42 15.83 0.49
CA PHE D 228 -32.07 16.31 0.24
C PHE D 228 -31.10 15.89 1.32
N GLY D 229 -31.50 14.96 2.19
CA GLY D 229 -30.64 14.58 3.30
C GLY D 229 -29.46 13.72 2.91
N GLY D 230 -29.60 12.92 1.85
CA GLY D 230 -28.52 12.11 1.36
C GLY D 230 -28.81 10.63 1.25
N ALA D 231 -29.53 10.06 2.23
CA ALA D 231 -29.79 8.63 2.21
C ALA D 231 -30.84 8.29 1.17
N GLU D 232 -30.85 7.02 0.77
CA GLU D 232 -31.78 6.58 -0.26
C GLU D 232 -33.05 6.01 0.39
N VAL D 233 -34.20 6.55 -0.01
CA VAL D 233 -35.48 6.16 0.55
C VAL D 233 -36.33 5.56 -0.56
N SER D 234 -36.80 4.33 -0.35
CA SER D 234 -37.62 3.65 -1.32
C SER D 234 -38.81 3.05 -0.59
N GLY D 235 -39.99 3.14 -1.19
CA GLY D 235 -41.18 2.68 -0.50
C GLY D 235 -42.24 2.18 -1.45
N PHE D 236 -43.43 1.98 -0.90
CA PHE D 236 -44.56 1.47 -1.65
C PHE D 236 -45.70 2.46 -1.59
N GLN D 237 -46.25 2.80 -2.75
CA GLN D 237 -47.44 3.64 -2.83
C GLN D 237 -48.47 2.95 -3.69
N ILE D 238 -49.68 2.84 -3.18
CA ILE D 238 -50.78 2.24 -3.92
C ILE D 238 -51.60 3.32 -4.64
N VAL D 239 -51.51 4.57 -4.17
CA VAL D 239 -52.30 5.65 -4.75
C VAL D 239 -51.43 6.28 -5.84
N ASP D 240 -51.62 5.81 -7.06
CA ASP D 240 -50.89 6.35 -8.19
C ASP D 240 -51.53 7.65 -8.65
N TYR D 241 -50.88 8.78 -8.33
CA TYR D 241 -51.42 10.09 -8.66
C TYR D 241 -51.34 10.40 -10.16
N ASP D 242 -50.62 9.58 -10.92
CA ASP D 242 -50.45 9.84 -12.35
C ASP D 242 -51.71 9.54 -13.15
N ASP D 243 -52.60 8.70 -12.64
CA ASP D 243 -53.79 8.32 -13.38
C ASP D 243 -54.80 9.46 -13.40
N SER D 244 -55.44 9.63 -14.56
CA SER D 244 -56.46 10.66 -14.70
C SER D 244 -57.71 10.33 -13.88
N LEU D 245 -58.03 9.04 -13.76
CA LEU D 245 -59.11 8.60 -12.89
C LEU D 245 -58.80 8.95 -11.43
N VAL D 246 -57.54 8.86 -11.05
CA VAL D 246 -57.11 9.36 -9.75
C VAL D 246 -57.10 10.87 -9.75
N SER D 247 -56.65 11.48 -10.86
CA SER D 247 -56.50 12.93 -10.91
C SER D 247 -57.85 13.64 -10.90
N LYS D 248 -58.84 13.13 -11.64
CA LYS D 248 -60.17 13.71 -11.63
C LYS D 248 -60.84 13.58 -10.26
N PHE D 249 -60.47 12.55 -9.50
CA PHE D 249 -60.86 12.51 -8.10
C PHE D 249 -60.21 13.64 -7.32
N ILE D 250 -58.90 13.84 -7.50
CA ILE D 250 -58.17 14.90 -6.80
C ILE D 250 -58.62 16.27 -7.28
N GLU D 251 -59.03 16.38 -8.54
CA GLU D 251 -59.68 17.59 -9.04
C GLU D 251 -60.98 17.88 -8.30
N ARG D 252 -61.65 16.83 -7.83
CA ARG D 252 -62.83 16.97 -7.00
C ARG D 252 -62.49 16.95 -5.51
N TRP D 253 -61.45 16.20 -5.13
CA TRP D 253 -61.09 16.09 -3.71
C TRP D 253 -60.52 17.38 -3.17
N SER D 254 -59.56 17.97 -3.89
CA SER D 254 -58.87 19.16 -3.39
C SER D 254 -59.78 20.38 -3.39
N THR D 255 -60.82 20.38 -4.22
CA THR D 255 -61.74 21.51 -4.27
C THR D 255 -62.83 21.40 -3.20
N LEU D 256 -62.79 20.38 -2.37
CA LEU D 256 -63.76 20.28 -1.28
C LEU D 256 -63.45 21.30 -0.18
N GLU D 257 -64.45 21.58 0.64
CA GLU D 257 -64.25 22.44 1.79
C GLU D 257 -63.44 21.70 2.85
N GLU D 258 -62.36 22.34 3.31
CA GLU D 258 -61.53 21.76 4.35
C GLU D 258 -62.21 21.84 5.71
N LYS D 259 -63.07 22.83 5.93
CA LYS D 259 -63.78 22.93 7.20
C LYS D 259 -64.88 21.88 7.31
N GLU D 260 -65.68 21.73 6.25
CA GLU D 260 -66.71 20.69 6.25
C GLU D 260 -66.12 19.30 6.18
N TYR D 261 -65.12 19.09 5.33
CA TYR D 261 -64.44 17.82 5.19
C TYR D 261 -62.99 18.02 5.61
N PRO D 262 -62.64 17.65 6.83
CA PRO D 262 -61.26 17.85 7.30
C PRO D 262 -60.29 16.91 6.60
N GLY D 263 -59.21 17.49 6.07
CA GLY D 263 -58.22 16.76 5.32
C GLY D 263 -58.54 16.58 3.86
N ALA D 264 -59.51 17.32 3.32
CA ALA D 264 -59.92 17.14 1.94
C ALA D 264 -59.22 18.08 0.98
N HIS D 265 -58.97 19.32 1.37
CA HIS D 265 -58.53 20.36 0.44
C HIS D 265 -57.09 20.16 -0.02
N THR D 266 -56.35 19.34 0.71
CA THR D 266 -54.98 19.00 0.34
C THR D 266 -54.98 18.15 -0.92
N ALA D 267 -53.97 18.37 -1.77
CA ALA D 267 -53.87 17.62 -3.01
C ALA D 267 -53.46 16.18 -2.76
N THR D 268 -52.77 15.93 -1.65
CA THR D 268 -52.45 14.57 -1.24
C THR D 268 -53.64 13.95 -0.51
N ILE D 269 -53.56 12.64 -0.32
CA ILE D 269 -54.61 11.89 0.35
C ILE D 269 -53.99 10.61 0.92
N LYS D 270 -54.46 10.20 2.09
CA LYS D 270 -54.03 8.93 2.66
C LYS D 270 -54.58 7.78 1.83
N TYR D 271 -53.85 6.66 1.85
CA TYR D 271 -54.31 5.47 1.16
C TYR D 271 -55.52 4.86 1.87
N THR D 272 -55.61 5.05 3.19
CA THR D 272 -56.78 4.61 3.95
C THR D 272 -58.03 5.37 3.52
N SER D 273 -57.88 6.66 3.22
CA SER D 273 -58.99 7.43 2.67
C SER D 273 -59.30 6.98 1.24
N ALA D 274 -58.27 6.55 0.51
CA ALA D 274 -58.49 6.05 -0.84
C ALA D 274 -59.21 4.72 -0.83
N LEU D 275 -58.83 3.84 0.11
CA LEU D 275 -59.51 2.56 0.21
C LEU D 275 -60.92 2.70 0.79
N THR D 276 -61.16 3.77 1.56
CA THR D 276 -62.50 4.03 2.05
C THR D 276 -63.42 4.46 0.91
N TYR D 277 -62.93 5.34 0.04
CA TYR D 277 -63.68 5.75 -1.14
C TYR D 277 -63.88 4.58 -2.10
N ASP D 278 -62.88 3.71 -2.23
CA ASP D 278 -63.01 2.55 -3.10
C ASP D 278 -63.96 1.51 -2.52
N ALA D 279 -64.10 1.47 -1.19
CA ALA D 279 -64.99 0.49 -0.57
C ALA D 279 -66.45 0.81 -0.86
N VAL D 280 -66.79 2.09 -0.96
CA VAL D 280 -68.15 2.49 -1.31
C VAL D 280 -68.45 2.08 -2.75
N GLN D 281 -67.44 2.16 -3.62
CA GLN D 281 -67.58 1.69 -5.00
C GLN D 281 -67.86 0.20 -5.06
N VAL D 282 -67.25 -0.58 -4.16
CA VAL D 282 -67.51 -2.01 -4.12
C VAL D 282 -68.89 -2.29 -3.51
N MET D 283 -69.23 -1.56 -2.44
CA MET D 283 -70.49 -1.81 -1.74
C MET D 283 -71.69 -1.36 -2.57
N THR D 284 -71.53 -0.31 -3.37
CA THR D 284 -72.60 0.09 -4.28
C THR D 284 -72.80 -0.94 -5.37
N GLU D 285 -71.71 -1.37 -6.00
CA GLU D 285 -71.77 -2.34 -7.10
C GLU D 285 -72.28 -3.70 -6.62
N ALA D 286 -72.07 -4.02 -5.34
CA ALA D 286 -72.66 -5.23 -4.76
C ALA D 286 -74.17 -5.13 -4.73
N PHE D 287 -74.71 -4.08 -4.11
CA PHE D 287 -76.16 -3.93 -4.06
C PHE D 287 -76.76 -3.50 -5.39
N ARG D 288 -75.94 -3.03 -6.33
CA ARG D 288 -76.41 -2.93 -7.71
C ARG D 288 -76.56 -4.32 -8.32
N ASN D 289 -75.77 -5.29 -7.88
CA ASN D 289 -75.89 -6.64 -8.39
C ASN D 289 -76.93 -7.44 -7.62
N LEU D 290 -77.06 -7.20 -6.31
CA LEU D 290 -78.13 -7.82 -5.54
C LEU D 290 -79.50 -7.34 -5.99
N ARG D 291 -79.59 -6.09 -6.44
CA ARG D 291 -80.86 -5.62 -6.99
C ARG D 291 -81.10 -6.22 -8.36
N LYS D 292 -80.03 -6.57 -9.08
CA LYS D 292 -80.21 -7.32 -10.33
C LYS D 292 -80.48 -8.79 -10.07
N GLN D 293 -79.79 -9.39 -9.10
CA GLN D 293 -80.06 -10.76 -8.73
C GLN D 293 -81.36 -10.91 -7.94
N ARG D 294 -81.89 -9.80 -7.41
CA ARG D 294 -83.22 -9.69 -6.81
C ARG D 294 -83.41 -10.60 -5.60
N ILE D 295 -82.31 -10.83 -4.87
CA ILE D 295 -82.35 -11.62 -3.65
C ILE D 295 -82.76 -10.66 -2.54
N GLU D 296 -84.04 -10.67 -2.18
CA GLU D 296 -84.55 -9.69 -1.24
C GLU D 296 -84.17 -10.06 0.19
N ILE D 297 -83.56 -9.10 0.87
CA ILE D 297 -82.98 -9.32 2.20
C ILE D 297 -83.63 -8.44 3.25
N SER D 298 -84.93 -8.19 3.14
CA SER D 298 -85.59 -7.16 3.96
C SER D 298 -85.65 -7.59 5.43
N ARG D 299 -84.67 -7.12 6.19
CA ARG D 299 -84.59 -7.44 7.60
C ARG D 299 -84.84 -6.20 8.45
N ARG D 300 -85.71 -6.38 9.45
CA ARG D 300 -85.79 -5.46 10.57
C ARG D 300 -84.77 -5.91 11.63
N GLY D 301 -84.89 -5.40 12.84
CA GLY D 301 -84.07 -5.93 13.92
C GLY D 301 -84.44 -7.33 14.38
N ASN D 302 -84.46 -8.30 13.48
CA ASN D 302 -84.68 -9.70 13.83
C ASN D 302 -83.38 -10.29 14.36
N ALA D 303 -82.27 -9.70 13.95
CA ALA D 303 -80.99 -10.05 14.53
C ALA D 303 -80.91 -9.65 16.00
N GLY D 304 -81.18 -8.38 16.30
CA GLY D 304 -81.45 -7.94 17.66
C GLY D 304 -80.28 -8.07 18.60
N ASP D 305 -80.47 -8.91 19.61
CA ASP D 305 -79.43 -9.16 20.60
C ASP D 305 -78.35 -10.05 20.00
N CYS D 306 -77.10 -9.65 20.19
CA CYS D 306 -75.96 -10.49 19.87
C CYS D 306 -75.67 -11.52 20.95
N LEU D 307 -76.33 -11.42 22.10
CA LEU D 307 -76.19 -12.39 23.18
C LEU D 307 -77.21 -13.50 23.10
N ALA D 308 -77.86 -13.68 21.96
CA ALA D 308 -78.79 -14.79 21.77
C ALA D 308 -78.03 -16.11 21.82
N ASN D 309 -78.49 -17.01 22.67
CA ASN D 309 -77.75 -18.22 23.01
C ASN D 309 -78.56 -19.45 22.62
N PRO D 310 -78.24 -20.12 21.51
CA PRO D 310 -77.30 -19.69 20.48
C PRO D 310 -77.96 -18.78 19.45
N ALA D 311 -77.23 -17.80 18.94
CA ALA D 311 -77.75 -16.93 17.90
C ALA D 311 -77.63 -17.63 16.55
N VAL D 312 -78.78 -17.86 15.92
CA VAL D 312 -78.80 -18.41 14.56
C VAL D 312 -79.08 -17.28 13.57
N PRO D 313 -78.14 -16.97 12.70
CA PRO D 313 -78.31 -15.82 11.80
C PRO D 313 -79.05 -16.19 10.54
N TRP D 314 -79.65 -15.19 9.91
CA TRP D 314 -80.30 -15.36 8.62
C TRP D 314 -79.24 -15.59 7.54
N GLY D 315 -79.35 -16.73 6.86
CA GLY D 315 -78.28 -17.20 5.99
C GLY D 315 -78.23 -16.57 4.61
N GLN D 316 -79.04 -15.54 4.35
CA GLN D 316 -78.94 -14.84 3.08
C GLN D 316 -77.71 -13.97 3.01
N GLY D 317 -77.09 -13.67 4.17
CA GLY D 317 -75.85 -12.94 4.19
C GLY D 317 -74.68 -13.71 3.61
N VAL D 318 -74.80 -15.04 3.54
CA VAL D 318 -73.76 -15.87 2.92
C VAL D 318 -73.63 -15.55 1.45
N GLU D 319 -74.76 -15.43 0.74
CA GLU D 319 -74.72 -15.05 -0.66
C GLU D 319 -74.32 -13.59 -0.83
N ILE D 320 -74.68 -12.75 0.15
CA ILE D 320 -74.20 -11.37 0.19
C ILE D 320 -72.68 -11.35 0.31
N GLU D 321 -72.12 -12.24 1.13
CA GLU D 321 -70.67 -12.42 1.19
C GLU D 321 -70.11 -12.90 -0.14
N ARG D 322 -70.84 -13.79 -0.81
CA ARG D 322 -70.39 -14.31 -2.10
C ARG D 322 -70.41 -13.23 -3.16
N ALA D 323 -71.52 -12.49 -3.26
CA ALA D 323 -71.65 -11.47 -4.30
C ALA D 323 -70.73 -10.28 -4.03
N LEU D 324 -70.35 -10.05 -2.77
CA LEU D 324 -69.25 -9.14 -2.49
C LEU D 324 -67.93 -9.68 -3.04
N LYS D 325 -67.68 -10.97 -2.85
CA LYS D 325 -66.45 -11.56 -3.38
C LYS D 325 -66.49 -11.77 -4.88
N GLN D 326 -67.67 -11.64 -5.51
CA GLN D 326 -67.77 -11.66 -6.96
C GLN D 326 -67.49 -10.31 -7.59
N VAL D 327 -67.25 -9.27 -6.79
CA VAL D 327 -67.04 -7.93 -7.34
C VAL D 327 -65.67 -7.83 -7.98
N GLN D 328 -65.64 -7.46 -9.25
CA GLN D 328 -64.39 -7.11 -9.94
C GLN D 328 -64.59 -5.75 -10.59
N VAL D 329 -64.16 -4.70 -9.88
CA VAL D 329 -64.27 -3.33 -10.36
C VAL D 329 -62.90 -2.68 -10.32
N GLU D 330 -62.74 -1.61 -11.09
CA GLU D 330 -61.54 -0.81 -11.01
C GLU D 330 -61.70 0.24 -9.91
N GLY D 331 -60.60 0.85 -9.52
CA GLY D 331 -60.65 1.85 -8.49
C GLY D 331 -59.37 2.64 -8.42
N LEU D 332 -59.20 3.34 -7.30
CA LEU D 332 -57.97 4.11 -7.07
C LEU D 332 -56.78 3.19 -6.84
N SER D 333 -57.03 1.98 -6.35
CA SER D 333 -55.99 0.98 -6.18
C SER D 333 -55.94 0.00 -7.35
N GLY D 334 -56.30 0.44 -8.54
CA GLY D 334 -56.29 -0.45 -9.69
C GLY D 334 -57.48 -1.39 -9.68
N ASN D 335 -57.27 -2.58 -10.24
CA ASN D 335 -58.33 -3.58 -10.28
C ASN D 335 -58.54 -4.17 -8.89
N ILE D 336 -59.80 -4.40 -8.55
CA ILE D 336 -60.18 -4.91 -7.25
C ILE D 336 -60.86 -6.26 -7.46
N LYS D 337 -60.10 -7.33 -7.29
CA LYS D 337 -60.64 -8.68 -7.41
C LYS D 337 -60.44 -9.39 -6.08
N PHE D 338 -61.39 -10.23 -5.70
CA PHE D 338 -61.38 -10.89 -4.41
C PHE D 338 -61.23 -12.39 -4.57
N ASP D 339 -60.69 -13.02 -3.53
CA ASP D 339 -60.71 -14.47 -3.43
C ASP D 339 -61.99 -14.94 -2.78
N GLN D 340 -61.99 -16.21 -2.37
CA GLN D 340 -63.11 -16.72 -1.58
C GLN D 340 -62.92 -16.46 -0.10
N ASN D 341 -61.82 -15.81 0.30
CA ASN D 341 -61.53 -15.54 1.69
C ASN D 341 -61.58 -14.06 2.04
N GLY D 342 -61.87 -13.19 1.08
CA GLY D 342 -61.94 -11.77 1.32
C GLY D 342 -60.67 -11.01 1.03
N LYS D 343 -59.58 -11.71 0.71
CA LYS D 343 -58.33 -11.04 0.39
C LYS D 343 -58.36 -10.54 -1.04
N ARG D 344 -57.62 -9.47 -1.29
CA ARG D 344 -57.63 -8.86 -2.61
C ARG D 344 -56.62 -9.54 -3.53
N ILE D 345 -57.04 -9.72 -4.78
CA ILE D 345 -56.20 -10.32 -5.81
C ILE D 345 -56.33 -9.48 -7.08
N ASN D 346 -55.49 -9.81 -8.07
CA ASN D 346 -55.36 -9.12 -9.35
C ASN D 346 -55.13 -7.61 -9.16
N TYR D 347 -54.29 -7.27 -8.19
CA TYR D 347 -53.95 -5.87 -7.94
C TYR D 347 -52.53 -5.60 -8.42
N THR D 348 -52.05 -4.38 -8.15
CA THR D 348 -50.73 -3.93 -8.58
C THR D 348 -50.21 -2.91 -7.59
N ILE D 349 -49.04 -3.19 -7.02
CA ILE D 349 -48.41 -2.28 -6.06
C ILE D 349 -47.29 -1.54 -6.79
N ASN D 350 -47.33 -0.21 -6.73
CA ASN D 350 -46.35 0.61 -7.42
C ASN D 350 -45.16 0.89 -6.52
N ILE D 351 -43.98 0.46 -6.95
CA ILE D 351 -42.75 0.73 -6.23
C ILE D 351 -42.34 2.16 -6.51
N MET D 352 -42.23 2.94 -5.44
CA MET D 352 -41.82 4.34 -5.55
C MET D 352 -40.48 4.53 -4.86
N GLU D 353 -39.68 5.43 -5.41
CA GLU D 353 -38.41 5.79 -4.81
C GLU D 353 -38.31 7.30 -4.68
N LEU D 354 -37.87 7.75 -3.50
CA LEU D 354 -37.64 9.16 -3.26
C LEU D 354 -36.34 9.58 -3.94
N LYS D 355 -36.44 10.58 -4.81
CA LYS D 355 -35.28 11.10 -5.51
C LYS D 355 -35.10 12.57 -5.15
N THR D 356 -34.19 13.23 -5.87
CA THR D 356 -33.95 14.65 -5.68
C THR D 356 -35.17 15.47 -6.09
N ASN D 357 -35.83 15.09 -7.19
CA ASN D 357 -37.03 15.77 -7.62
C ASN D 357 -38.29 15.32 -6.88
N GLY D 358 -38.17 14.30 -6.01
CA GLY D 358 -39.31 13.82 -5.27
C GLY D 358 -39.50 12.33 -5.42
N PRO D 359 -40.72 11.85 -5.23
CA PRO D 359 -41.00 10.42 -5.41
C PRO D 359 -40.92 10.05 -6.89
N ARG D 360 -40.57 8.79 -7.15
CA ARG D 360 -40.34 8.35 -8.51
C ARG D 360 -40.61 6.85 -8.61
N LYS D 361 -41.42 6.49 -9.60
CA LYS D 361 -41.70 5.08 -9.87
C LYS D 361 -40.59 4.46 -10.68
N ILE D 362 -40.11 3.31 -10.21
CA ILE D 362 -39.17 2.52 -10.99
C ILE D 362 -39.84 1.28 -11.57
N GLY D 363 -41.08 1.02 -11.18
CA GLY D 363 -41.76 -0.17 -11.65
C GLY D 363 -42.91 -0.52 -10.73
N TYR D 364 -43.44 -1.72 -10.93
CA TYR D 364 -44.64 -2.16 -10.24
C TYR D 364 -44.52 -3.63 -9.87
N TRP D 365 -45.24 -4.03 -8.84
CA TRP D 365 -45.32 -5.41 -8.39
C TRP D 365 -46.77 -5.88 -8.44
N SER D 366 -46.98 -7.11 -8.91
CA SER D 366 -48.27 -7.76 -8.75
C SER D 366 -48.06 -9.18 -8.23
N GLU D 367 -49.18 -9.85 -7.94
CA GLU D 367 -49.17 -11.03 -7.09
C GLU D 367 -48.50 -12.25 -7.75
N VAL D 368 -48.76 -12.50 -9.03
CA VAL D 368 -48.09 -13.56 -9.77
C VAL D 368 -47.38 -13.01 -10.98
N ASP D 369 -47.85 -11.88 -11.49
CA ASP D 369 -47.08 -11.08 -12.42
C ASP D 369 -46.14 -10.14 -11.69
N LYS D 370 -45.00 -10.64 -11.21
CA LYS D 370 -44.26 -10.08 -10.08
C LYS D 370 -43.49 -8.82 -10.50
N MET D 371 -42.58 -8.38 -9.62
CA MET D 371 -41.97 -7.05 -9.69
C MET D 371 -41.23 -6.81 -10.99
N VAL D 372 -41.79 -5.91 -11.81
CA VAL D 372 -41.25 -5.57 -13.11
C VAL D 372 -40.79 -4.13 -13.06
N LEU D 373 -39.49 -3.91 -13.26
CA LEU D 373 -38.98 -2.56 -13.38
C LEU D 373 -39.43 -1.93 -14.68
N THR D 374 -39.71 -0.63 -14.65
CA THR D 374 -40.24 0.09 -15.79
C THR D 374 -39.29 1.27 -16.01
N GLU D 375 -39.66 2.08 -17.00
CA GLU D 375 -38.85 3.03 -17.78
C GLU D 375 -37.75 3.77 -17.03
N ASP D 376 -36.60 3.91 -17.70
CA ASP D 376 -35.32 4.14 -17.05
C ASP D 376 -34.62 5.44 -17.45
N ASP D 377 -35.34 6.46 -17.91
CA ASP D 377 -34.71 7.75 -18.21
C ASP D 377 -34.41 8.50 -16.92
N THR D 378 -33.24 8.21 -16.37
CA THR D 378 -32.76 8.88 -15.15
C THR D 378 -31.95 10.11 -15.55
N SER D 379 -32.69 11.15 -15.97
CA SER D 379 -32.06 12.41 -16.32
C SER D 379 -31.48 13.10 -15.09
N GLY D 380 -32.15 12.99 -13.95
CA GLY D 380 -31.53 13.37 -12.70
C GLY D 380 -30.42 12.41 -12.33
N LEU D 381 -29.34 12.98 -11.79
CA LEU D 381 -28.08 12.27 -11.51
C LEU D 381 -27.54 11.57 -12.76
N GLU D 382 -27.14 12.39 -13.74
CA GLU D 382 -26.72 11.88 -15.04
C GLU D 382 -25.35 11.22 -14.93
N GLN D 383 -25.35 9.96 -14.52
CA GLN D 383 -24.15 9.15 -14.40
C GLN D 383 -24.12 8.05 -15.46
N LYS D 384 -25.25 7.36 -15.65
CA LYS D 384 -25.60 6.40 -16.71
C LYS D 384 -24.50 5.47 -17.20
N THR D 385 -23.88 4.73 -16.25
CA THR D 385 -23.16 3.45 -16.39
C THR D 385 -22.32 3.31 -17.67
N VAL D 386 -21.26 4.13 -17.74
CA VAL D 386 -20.56 4.47 -18.98
C VAL D 386 -20.06 3.24 -19.73
N VAL D 387 -20.59 3.01 -20.93
CA VAL D 387 -20.27 1.82 -21.71
C VAL D 387 -18.82 1.87 -22.16
N VAL D 388 -18.02 0.93 -21.67
CA VAL D 388 -16.60 0.86 -21.98
C VAL D 388 -16.43 -0.26 -22.99
N THR D 389 -16.27 0.10 -24.26
CA THR D 389 -15.97 -0.92 -25.26
C THR D 389 -14.50 -1.31 -25.18
N THR D 390 -14.24 -2.58 -25.48
CA THR D 390 -12.89 -3.13 -25.39
C THR D 390 -12.82 -4.42 -26.19
N ILE D 391 -11.60 -4.97 -26.25
CA ILE D 391 -11.35 -6.24 -26.93
C ILE D 391 -10.63 -7.16 -25.94
N LEU D 392 -10.97 -8.45 -26.00
CA LEU D 392 -10.34 -9.46 -25.15
C LEU D 392 -8.90 -9.67 -25.59
N GLU D 393 -7.96 -9.02 -24.90
CA GLU D 393 -6.55 -9.15 -25.20
C GLU D 393 -5.79 -9.34 -23.89
N SER D 394 -4.91 -10.33 -23.87
CA SER D 394 -4.05 -10.51 -22.72
C SER D 394 -2.84 -9.58 -22.85
N PRO D 395 -2.38 -8.97 -21.75
CA PRO D 395 -2.96 -8.98 -20.40
C PRO D 395 -3.81 -7.74 -20.15
N TYR D 396 -4.51 -7.28 -21.17
CA TYR D 396 -5.24 -6.02 -21.05
C TYR D 396 -6.69 -6.25 -20.61
N VAL D 397 -7.40 -7.12 -21.32
CA VAL D 397 -8.74 -7.57 -20.93
C VAL D 397 -8.80 -9.07 -21.09
N MET D 398 -9.02 -9.78 -19.98
CA MET D 398 -9.02 -11.23 -19.97
C MET D 398 -10.26 -11.75 -19.26
N MET D 399 -10.51 -13.04 -19.43
CA MET D 399 -11.64 -13.67 -18.75
C MET D 399 -11.18 -14.30 -17.45
N LYS D 400 -12.08 -14.33 -16.47
CA LYS D 400 -11.80 -15.03 -15.23
C LYS D 400 -11.87 -16.54 -15.44
N LYS D 401 -11.22 -17.28 -14.53
CA LYS D 401 -11.43 -18.73 -14.50
C LYS D 401 -12.84 -19.06 -14.02
N ASN D 402 -13.39 -18.20 -13.16
CA ASN D 402 -14.75 -18.35 -12.64
C ASN D 402 -15.60 -17.14 -13.05
N HIS D 403 -15.53 -16.80 -14.33
CA HIS D 403 -16.34 -15.69 -14.85
C HIS D 403 -17.82 -16.00 -14.81
N GLU D 404 -18.20 -17.28 -14.86
CA GLU D 404 -19.59 -17.66 -14.62
C GLU D 404 -19.99 -17.43 -13.18
N MET D 405 -19.03 -17.52 -12.25
CA MET D 405 -19.31 -17.22 -10.85
C MET D 405 -19.33 -15.73 -10.57
N LEU D 406 -18.89 -14.91 -11.52
CA LEU D 406 -18.90 -13.46 -11.39
C LEU D 406 -19.93 -12.87 -12.36
N GLU D 407 -20.13 -11.56 -12.26
CA GLU D 407 -21.15 -10.88 -13.04
C GLU D 407 -20.64 -9.53 -13.53
N GLY D 408 -20.86 -9.30 -14.82
CA GLY D 408 -20.63 -7.99 -15.41
C GLY D 408 -19.16 -7.63 -15.51
N ASN D 409 -18.81 -6.52 -14.85
CA ASN D 409 -17.44 -6.03 -14.87
C ASN D 409 -16.51 -6.92 -14.06
N GLU D 410 -17.06 -7.72 -13.15
CA GLU D 410 -16.24 -8.63 -12.36
C GLU D 410 -15.71 -9.79 -13.21
N ARG D 411 -16.41 -10.11 -14.30
CA ARG D 411 -16.03 -11.25 -15.13
C ARG D 411 -14.76 -10.99 -15.92
N TYR D 412 -14.33 -9.73 -15.98
CA TYR D 412 -13.22 -9.32 -16.82
C TYR D 412 -12.05 -8.93 -15.93
N GLU D 413 -10.85 -9.05 -16.48
CA GLU D 413 -9.63 -8.75 -15.73
C GLU D 413 -8.53 -8.37 -16.69
N GLY D 414 -7.55 -7.65 -16.20
CA GLY D 414 -6.40 -7.31 -17.02
C GLY D 414 -5.92 -5.90 -16.73
N TYR D 415 -5.03 -5.45 -17.62
CA TYR D 415 -4.39 -4.15 -17.43
C TYR D 415 -5.37 -3.00 -17.63
N CYS D 416 -6.14 -3.05 -18.72
CA CYS D 416 -7.10 -1.98 -19.00
C CYS D 416 -8.29 -2.05 -18.06
N VAL D 417 -8.52 -3.20 -17.43
CA VAL D 417 -9.63 -3.35 -16.50
C VAL D 417 -9.36 -2.59 -15.22
N ASP D 418 -8.12 -2.65 -14.72
CA ASP D 418 -7.76 -1.86 -13.54
C ASP D 418 -7.71 -0.37 -13.88
N LEU D 419 -7.39 -0.04 -15.13
CA LEU D 419 -7.42 1.34 -15.57
C LEU D 419 -8.84 1.88 -15.57
N ALA D 420 -9.82 1.02 -15.89
CA ALA D 420 -11.21 1.43 -15.92
C ALA D 420 -11.72 1.76 -14.52
N ALA D 421 -11.16 1.13 -13.50
CA ALA D 421 -11.50 1.50 -12.14
C ALA D 421 -10.92 2.87 -11.78
N GLU D 422 -9.74 3.18 -12.31
CA GLU D 422 -9.06 4.40 -11.91
C GLU D 422 -9.68 5.64 -12.55
N ILE D 423 -10.22 5.50 -13.75
CA ILE D 423 -10.93 6.61 -14.37
C ILE D 423 -12.23 6.88 -13.62
N ALA D 424 -12.88 5.80 -13.15
CA ALA D 424 -14.07 5.94 -12.31
C ALA D 424 -13.70 6.54 -10.95
N LYS D 425 -12.51 6.23 -10.44
CA LYS D 425 -12.04 6.91 -9.24
C LYS D 425 -11.67 8.35 -9.53
N HIS D 426 -11.29 8.64 -10.77
CA HIS D 426 -10.91 10.01 -11.14
C HIS D 426 -12.12 10.84 -11.55
N CYS D 427 -13.01 10.29 -12.37
CA CYS D 427 -14.08 11.08 -12.96
C CYS D 427 -15.44 10.81 -12.34
N GLY D 428 -15.58 9.81 -11.48
CA GLY D 428 -16.82 9.59 -10.74
C GLY D 428 -17.99 9.11 -11.57
N PHE D 429 -17.92 7.86 -12.05
CA PHE D 429 -18.99 7.31 -12.87
C PHE D 429 -19.04 5.80 -12.68
N LYS D 430 -20.21 5.23 -12.92
CA LYS D 430 -20.32 3.79 -13.08
C LYS D 430 -19.97 3.41 -14.51
N TYR D 431 -19.52 2.17 -14.69
CA TYR D 431 -18.96 1.78 -15.97
C TYR D 431 -19.47 0.40 -16.34
N LYS D 432 -19.50 0.14 -17.64
CA LYS D 432 -19.88 -1.16 -18.17
C LYS D 432 -18.84 -1.60 -19.19
N LEU D 433 -18.04 -2.59 -18.83
CA LEU D 433 -17.08 -3.15 -19.76
C LEU D 433 -17.79 -4.04 -20.77
N THR D 434 -17.71 -3.67 -22.04
CA THR D 434 -18.36 -4.43 -23.10
C THR D 434 -17.31 -4.90 -24.09
N ILE D 435 -17.36 -6.18 -24.45
CA ILE D 435 -16.45 -6.72 -25.45
C ILE D 435 -16.97 -6.33 -26.82
N VAL D 436 -16.06 -5.98 -27.73
CA VAL D 436 -16.44 -5.61 -29.08
C VAL D 436 -16.98 -6.83 -29.82
N GLY D 437 -18.03 -6.62 -30.61
CA GLY D 437 -18.72 -7.71 -31.26
C GLY D 437 -17.94 -8.38 -32.36
N ASP D 438 -17.47 -7.61 -33.34
CA ASP D 438 -16.78 -8.18 -34.48
C ASP D 438 -15.35 -8.59 -34.18
N GLY D 439 -14.81 -8.19 -33.04
CA GLY D 439 -13.42 -8.46 -32.71
C GLY D 439 -12.44 -7.55 -33.40
N LYS D 440 -12.90 -6.51 -34.08
CA LYS D 440 -12.02 -5.60 -34.78
C LYS D 440 -11.62 -4.45 -33.86
N TYR D 441 -10.47 -3.85 -34.15
CA TYR D 441 -10.01 -2.73 -33.35
C TYR D 441 -10.67 -1.43 -33.75
N GLY D 442 -11.46 -1.43 -34.81
CA GLY D 442 -12.06 -0.19 -35.24
C GLY D 442 -11.39 0.38 -36.47
N ALA D 443 -11.17 -0.48 -37.46
CA ALA D 443 -10.63 -0.04 -38.73
C ALA D 443 -11.72 0.65 -39.54
N ARG D 444 -11.30 1.31 -40.61
CA ARG D 444 -12.25 1.93 -41.53
C ARG D 444 -12.38 1.05 -42.77
N ASP D 445 -13.61 0.91 -43.27
CA ASP D 445 -13.80 0.26 -44.56
C ASP D 445 -13.29 1.18 -45.67
N ALA D 446 -12.89 0.58 -46.78
CA ALA D 446 -12.55 1.37 -47.96
C ALA D 446 -13.69 1.42 -48.96
N ASP D 447 -14.64 0.50 -48.87
CA ASP D 447 -15.77 0.45 -49.80
C ASP D 447 -16.95 1.25 -49.26
N THR D 448 -17.48 0.82 -48.11
CA THR D 448 -18.59 1.56 -47.50
C THR D 448 -18.11 2.77 -46.75
N LYS D 449 -16.80 2.82 -46.44
CA LYS D 449 -16.19 3.82 -45.55
C LYS D 449 -16.90 3.88 -44.20
N ILE D 450 -17.24 2.69 -43.71
CA ILE D 450 -17.90 2.54 -42.41
C ILE D 450 -16.88 1.94 -41.45
N TRP D 451 -16.68 2.63 -40.33
CA TRP D 451 -15.82 2.12 -39.27
C TRP D 451 -16.45 0.88 -38.65
N ASN D 452 -15.67 -0.20 -38.59
CA ASN D 452 -16.10 -1.37 -37.84
C ASN D 452 -15.57 -1.24 -36.41
N GLY D 453 -15.61 -2.34 -35.68
CA GLY D 453 -14.89 -2.48 -34.43
C GLY D 453 -15.34 -1.54 -33.32
N MET D 454 -14.37 -1.18 -32.48
CA MET D 454 -14.65 -0.31 -31.35
C MET D 454 -14.91 1.12 -31.81
N VAL D 455 -14.24 1.56 -32.87
CA VAL D 455 -14.45 2.92 -33.39
C VAL D 455 -15.85 3.04 -33.98
N GLY D 456 -16.30 2.00 -34.70
CA GLY D 456 -17.68 1.97 -35.15
C GLY D 456 -18.68 1.91 -34.02
N GLU D 457 -18.26 1.37 -32.86
CA GLU D 457 -19.09 1.47 -31.67
C GLU D 457 -18.99 2.86 -31.03
N LEU D 458 -17.87 3.56 -31.22
CA LEU D 458 -17.73 4.90 -30.66
C LEU D 458 -18.33 5.97 -31.54
N VAL D 459 -18.13 5.86 -32.86
CA VAL D 459 -18.65 6.87 -33.78
C VAL D 459 -20.17 6.82 -33.84
N TYR D 460 -20.73 5.62 -33.92
CA TYR D 460 -22.15 5.45 -34.17
C TYR D 460 -22.98 5.44 -32.90
N GLY D 461 -22.43 5.92 -31.79
CA GLY D 461 -23.16 6.03 -30.55
C GLY D 461 -23.39 4.74 -29.79
N LYS D 462 -22.86 3.62 -30.29
CA LYS D 462 -23.06 2.35 -29.62
C LYS D 462 -22.29 2.26 -28.31
N ALA D 463 -21.12 2.87 -28.25
CA ALA D 463 -20.26 2.80 -27.07
C ALA D 463 -20.06 4.20 -26.51
N ASP D 464 -19.85 4.27 -25.19
CA ASP D 464 -19.67 5.55 -24.54
C ASP D 464 -18.20 5.97 -24.48
N ILE D 465 -17.30 5.01 -24.28
CA ILE D 465 -15.88 5.29 -24.16
C ILE D 465 -15.13 4.01 -24.48
N ALA D 466 -13.85 4.12 -24.80
CA ALA D 466 -12.99 2.98 -25.06
C ALA D 466 -11.79 3.01 -24.14
N ILE D 467 -11.58 1.92 -23.41
CA ILE D 467 -10.36 1.70 -22.63
C ILE D 467 -9.77 0.39 -23.13
N ALA D 468 -8.84 0.49 -24.08
CA ALA D 468 -8.45 -0.66 -24.86
C ALA D 468 -7.10 -0.37 -25.53
N PRO D 469 -6.37 -1.41 -25.94
CA PRO D 469 -5.16 -1.18 -26.74
C PRO D 469 -5.49 -0.67 -28.12
N LEU D 470 -5.73 0.62 -28.24
CA LEU D 470 -6.08 1.23 -29.51
C LEU D 470 -4.92 2.09 -29.98
N THR D 471 -4.34 1.73 -31.12
CA THR D 471 -3.21 2.48 -31.66
C THR D 471 -3.68 3.82 -32.20
N ILE D 472 -3.08 4.89 -31.72
CA ILE D 472 -3.44 6.24 -32.14
C ILE D 472 -2.87 6.49 -33.52
N THR D 473 -3.75 6.64 -34.51
CA THR D 473 -3.34 6.95 -35.86
C THR D 473 -3.93 8.29 -36.26
N LEU D 474 -3.65 8.69 -37.50
CA LEU D 474 -4.20 9.94 -38.01
C LEU D 474 -5.68 9.81 -38.35
N VAL D 475 -6.04 8.75 -39.07
CA VAL D 475 -7.41 8.60 -39.56
C VAL D 475 -8.39 8.27 -38.45
N ARG D 476 -7.90 7.73 -37.33
CA ARG D 476 -8.77 7.48 -36.19
C ARG D 476 -9.11 8.76 -35.44
N GLU D 477 -8.18 9.72 -35.38
CA GLU D 477 -8.48 10.99 -34.74
C GLU D 477 -9.38 11.86 -35.62
N GLU D 478 -9.49 11.52 -36.91
CA GLU D 478 -10.36 12.25 -37.82
C GLU D 478 -11.84 12.07 -37.48
N VAL D 479 -12.18 11.02 -36.73
CA VAL D 479 -13.57 10.77 -36.37
C VAL D 479 -13.82 10.79 -34.87
N ILE D 480 -12.84 10.47 -34.03
CA ILE D 480 -13.01 10.49 -32.58
C ILE D 480 -11.83 11.22 -31.95
N ASP D 481 -11.83 11.29 -30.63
CA ASP D 481 -10.82 12.03 -29.90
C ASP D 481 -10.09 11.10 -28.94
N PHE D 482 -8.78 10.95 -29.16
CA PHE D 482 -7.94 10.25 -28.20
C PHE D 482 -7.55 11.17 -27.05
N SER D 483 -7.20 10.56 -25.93
CA SER D 483 -6.48 11.28 -24.89
C SER D 483 -4.98 11.25 -25.20
N LYS D 484 -4.19 11.72 -24.26
CA LYS D 484 -2.75 11.55 -24.37
C LYS D 484 -2.40 10.07 -24.20
N PRO D 485 -1.34 9.59 -24.85
CA PRO D 485 -1.01 8.16 -24.76
C PRO D 485 -0.54 7.77 -23.36
N PHE D 486 -1.04 6.64 -22.89
CA PHE D 486 -0.61 6.08 -21.61
C PHE D 486 0.49 5.05 -21.76
N MET D 487 0.79 4.62 -22.98
CA MET D 487 1.77 3.58 -23.18
C MET D 487 2.44 3.72 -24.54
N SER D 488 3.65 4.25 -24.53
CA SER D 488 4.44 4.31 -25.76
C SER D 488 4.96 2.92 -26.11
N LEU D 489 5.06 2.65 -27.40
CA LEU D 489 5.50 1.35 -27.88
C LEU D 489 6.02 1.50 -29.30
N GLY D 490 6.45 0.39 -29.87
CA GLY D 490 6.91 0.35 -31.25
C GLY D 490 7.11 -1.09 -31.66
N ILE D 491 7.49 -1.24 -32.93
CA ILE D 491 7.76 -2.57 -33.46
C ILE D 491 9.06 -3.09 -32.85
N SER D 492 9.01 -4.30 -32.31
CA SER D 492 10.13 -4.89 -31.63
C SER D 492 10.49 -6.21 -32.28
N ILE D 493 11.71 -6.68 -32.01
CA ILE D 493 12.26 -7.87 -32.65
C ILE D 493 12.19 -9.02 -31.65
N MET D 494 11.26 -9.94 -31.88
CA MET D 494 11.25 -11.19 -31.13
C MET D 494 12.10 -12.23 -31.84
N ILE D 495 13.14 -12.69 -31.15
CA ILE D 495 13.95 -13.81 -31.60
C ILE D 495 13.95 -14.86 -30.51
N LYS D 496 14.51 -16.02 -30.83
CA LYS D 496 14.68 -17.08 -29.84
C LYS D 496 15.70 -16.64 -28.79
N LYS D 497 15.52 -17.01 -27.58
CA LYS D 497 16.63 -16.88 -26.65
C LYS D 497 17.71 -17.90 -27.05
N PRO D 498 18.95 -17.48 -27.23
CA PRO D 498 19.95 -18.39 -27.79
C PRO D 498 20.53 -19.29 -26.72
N GLN D 499 21.03 -20.45 -27.16
CA GLN D 499 21.60 -21.44 -26.24
C GLN D 499 22.62 -22.30 -26.96
N LYS D 500 23.92 -22.01 -26.79
CA LYS D 500 25.03 -22.96 -26.98
C LYS D 500 25.12 -23.52 -28.40
N SER D 501 25.48 -22.67 -29.36
CA SER D 501 25.61 -23.07 -30.76
C SER D 501 26.72 -24.10 -30.91
N LYS D 502 26.63 -24.87 -31.99
CA LYS D 502 27.48 -26.05 -32.20
C LYS D 502 28.91 -25.62 -32.47
N PRO D 503 29.86 -25.99 -31.61
CA PRO D 503 31.25 -25.63 -31.84
C PRO D 503 31.88 -26.53 -32.89
N GLY D 504 33.18 -26.24 -33.30
CA GLY D 504 33.93 -27.04 -34.25
C GLY D 504 35.36 -26.58 -34.51
N VAL D 505 35.70 -26.46 -35.79
CA VAL D 505 37.09 -26.31 -36.23
C VAL D 505 37.65 -24.95 -35.88
N PHE D 506 37.04 -23.88 -36.40
CA PHE D 506 37.53 -22.52 -36.14
C PHE D 506 37.25 -22.08 -34.71
N SER D 507 36.36 -22.78 -34.01
CA SER D 507 35.94 -22.36 -32.67
C SER D 507 36.88 -22.87 -31.60
N PHE D 508 37.75 -23.82 -31.92
CA PHE D 508 38.80 -24.20 -30.99
C PHE D 508 39.81 -23.08 -30.81
N LEU D 509 40.02 -22.28 -31.86
CA LEU D 509 41.01 -21.23 -31.89
C LEU D 509 40.55 -19.95 -31.21
N ASP D 510 39.53 -20.00 -30.36
CA ASP D 510 39.00 -18.82 -29.70
C ASP D 510 39.94 -18.14 -28.70
N PRO D 511 40.58 -18.82 -27.72
CA PRO D 511 41.27 -18.06 -26.66
C PRO D 511 42.53 -17.32 -27.11
N LEU D 512 43.00 -17.57 -28.33
CA LEU D 512 44.14 -16.85 -28.87
C LEU D 512 43.76 -16.34 -30.26
N ALA D 513 43.92 -15.04 -30.47
CA ALA D 513 43.35 -14.40 -31.65
C ALA D 513 44.12 -14.77 -32.91
N TYR D 514 43.46 -14.55 -34.06
CA TYR D 514 43.97 -15.03 -35.34
C TYR D 514 45.23 -14.32 -35.77
N GLU D 515 45.38 -13.05 -35.38
CA GLU D 515 46.65 -12.36 -35.61
C GLU D 515 47.74 -12.94 -34.73
N ILE D 516 47.38 -13.39 -33.53
CA ILE D 516 48.37 -13.96 -32.63
C ILE D 516 48.73 -15.37 -33.08
N TRP D 517 47.82 -16.06 -33.79
CA TRP D 517 48.16 -17.36 -34.37
C TRP D 517 49.20 -17.21 -35.47
N MET D 518 49.18 -16.10 -36.19
CA MET D 518 50.14 -15.91 -37.28
C MET D 518 51.47 -15.41 -36.74
N CYS D 519 51.43 -14.56 -35.71
CA CYS D 519 52.66 -13.95 -35.21
C CYS D 519 53.43 -14.90 -34.30
N ILE D 520 52.77 -15.92 -33.76
CA ILE D 520 53.50 -16.91 -32.97
C ILE D 520 54.31 -17.82 -33.90
N VAL D 521 53.90 -17.92 -35.17
CA VAL D 521 54.62 -18.77 -36.12
C VAL D 521 55.65 -17.95 -36.88
N PHE D 522 55.39 -16.64 -37.03
CA PHE D 522 56.34 -15.76 -37.71
C PHE D 522 57.60 -15.55 -36.89
N ALA D 523 57.46 -15.26 -35.60
CA ALA D 523 58.65 -15.11 -34.74
C ALA D 523 59.27 -16.46 -34.40
N TYR D 524 58.57 -17.55 -34.69
CA TYR D 524 59.10 -18.89 -34.46
C TYR D 524 60.29 -19.18 -35.37
N ILE D 525 60.15 -18.88 -36.66
CA ILE D 525 61.20 -19.24 -37.62
C ILE D 525 62.35 -18.25 -37.56
N GLY D 526 62.14 -17.07 -36.96
CA GLY D 526 63.22 -16.11 -36.82
C GLY D 526 64.26 -16.51 -35.80
N VAL D 527 63.93 -17.43 -34.90
CA VAL D 527 64.85 -17.85 -33.85
C VAL D 527 65.77 -18.95 -34.37
N SER D 528 65.26 -19.81 -35.24
CA SER D 528 65.96 -21.05 -35.60
C SER D 528 67.16 -20.80 -36.51
N VAL D 529 67.25 -19.62 -37.13
CA VAL D 529 68.38 -19.33 -38.01
C VAL D 529 69.63 -19.02 -37.19
N VAL D 530 69.45 -18.63 -35.92
CA VAL D 530 70.58 -18.24 -35.09
C VAL D 530 71.37 -19.47 -34.64
N LEU D 531 70.68 -20.57 -34.36
CA LEU D 531 71.34 -21.77 -33.83
C LEU D 531 72.07 -22.54 -34.93
N PHE D 532 71.85 -22.18 -36.19
CA PHE D 532 72.58 -22.83 -37.29
C PHE D 532 74.04 -22.41 -37.31
N LEU D 533 74.37 -21.24 -36.76
CA LEU D 533 75.75 -20.77 -36.72
C LEU D 533 76.55 -21.42 -35.60
N VAL D 534 75.90 -22.18 -34.73
CA VAL D 534 76.62 -22.81 -33.62
C VAL D 534 77.37 -24.05 -34.10
N SER D 535 76.66 -25.04 -34.62
CA SER D 535 77.28 -26.27 -35.08
C SER D 535 77.81 -26.12 -36.51
N ILE D 564 68.85 -23.31 -39.91
CA ILE D 564 68.37 -23.11 -41.26
C ILE D 564 67.91 -24.43 -41.86
N PHE D 565 68.70 -25.48 -41.63
CA PHE D 565 68.37 -26.81 -42.11
C PHE D 565 68.10 -27.79 -40.98
N ASN D 566 68.88 -27.72 -39.90
CA ASN D 566 68.69 -28.63 -38.77
C ASN D 566 67.85 -27.99 -37.66
N SER D 567 68.14 -26.72 -37.33
CA SER D 567 67.57 -26.09 -36.15
C SER D 567 66.11 -25.70 -36.32
N LEU D 568 65.53 -25.92 -37.51
CA LEU D 568 64.09 -25.77 -37.68
C LEU D 568 63.32 -26.73 -36.79
N TRP D 569 63.83 -27.95 -36.63
CA TRP D 569 63.21 -28.87 -35.68
C TRP D 569 63.73 -28.64 -34.27
N PHE D 570 64.92 -28.06 -34.13
CA PHE D 570 65.38 -27.74 -32.78
C PHE D 570 64.71 -26.48 -32.25
N SER D 571 64.07 -25.70 -33.13
CA SER D 571 63.10 -24.71 -32.69
C SER D 571 61.81 -25.37 -32.24
N LEU D 572 61.48 -26.54 -32.79
CA LEU D 572 60.38 -27.32 -32.24
C LEU D 572 60.81 -28.03 -30.97
N GLY D 573 62.11 -28.27 -30.80
CA GLY D 573 62.63 -28.69 -29.51
C GLY D 573 62.47 -27.63 -28.45
N ALA D 574 62.50 -26.36 -28.84
CA ALA D 574 62.16 -25.27 -27.95
C ALA D 574 60.77 -24.71 -28.20
N PHE D 575 59.87 -25.50 -28.79
CA PHE D 575 58.53 -24.98 -29.08
C PHE D 575 57.68 -24.86 -27.84
N MET D 576 57.37 -25.97 -27.17
CA MET D 576 56.87 -25.88 -25.81
C MET D 576 57.72 -26.71 -24.85
N GLN D 577 57.78 -28.00 -25.12
CA GLN D 577 58.43 -29.06 -24.36
C GLN D 577 59.44 -29.79 -25.23
N GLN D 578 59.84 -30.99 -24.80
CA GLN D 578 60.76 -31.89 -25.53
C GLN D 578 62.13 -31.25 -25.70
N GLY D 579 62.85 -31.13 -24.58
CA GLY D 579 64.17 -30.53 -24.57
C GLY D 579 65.14 -31.11 -25.58
N CYS D 580 65.65 -30.26 -26.48
CA CYS D 580 66.34 -30.74 -27.67
C CYS D 580 67.75 -31.20 -27.34
N ASP D 581 68.40 -31.82 -28.34
CA ASP D 581 69.69 -32.47 -28.10
C ASP D 581 70.86 -31.54 -28.37
N ILE D 582 70.75 -30.65 -29.35
CA ILE D 582 71.79 -29.64 -29.57
C ILE D 582 71.71 -28.61 -28.45
N SER D 583 72.80 -28.49 -27.70
CA SER D 583 72.87 -27.54 -26.59
C SER D 583 73.99 -26.55 -26.87
N PRO D 584 73.66 -25.33 -27.32
CA PRO D 584 74.68 -24.29 -27.45
C PRO D 584 75.14 -23.81 -26.08
N ARG D 585 76.11 -24.55 -25.50
CA ARG D 585 76.43 -24.68 -24.08
C ARG D 585 76.45 -23.38 -23.29
N SER D 586 77.33 -22.43 -23.60
CA SER D 586 77.42 -21.22 -22.80
C SER D 586 77.65 -19.98 -23.64
N LEU D 587 77.49 -20.08 -24.96
CA LEU D 587 77.65 -18.92 -25.84
C LEU D 587 76.31 -18.23 -26.03
N SER D 588 76.22 -17.36 -27.03
CA SER D 588 75.02 -16.55 -27.27
C SER D 588 73.80 -17.40 -27.64
N GLY D 589 74.03 -18.60 -28.18
CA GLY D 589 72.91 -19.49 -28.49
C GLY D 589 72.22 -20.02 -27.25
N ARG D 590 72.92 -20.04 -26.12
CA ARG D 590 72.27 -20.35 -24.84
C ARG D 590 71.27 -19.27 -24.46
N ILE D 591 71.58 -18.01 -24.81
CA ILE D 591 70.64 -16.93 -24.56
C ILE D 591 69.48 -16.99 -25.55
N VAL D 592 69.78 -17.27 -26.82
CA VAL D 592 68.74 -17.43 -27.84
C VAL D 592 67.89 -18.64 -27.54
N GLY D 593 68.51 -19.72 -27.05
CA GLY D 593 67.76 -20.91 -26.69
C GLY D 593 66.98 -20.75 -25.40
N GLY D 594 67.28 -19.71 -24.62
CA GLY D 594 66.60 -19.53 -23.35
C GLY D 594 65.42 -18.58 -23.42
N VAL D 595 65.53 -17.53 -24.23
CA VAL D 595 64.51 -16.47 -24.23
C VAL D 595 63.24 -16.93 -24.94
N TRP D 596 63.38 -17.55 -26.12
CA TRP D 596 62.21 -18.09 -26.82
C TRP D 596 61.56 -19.21 -26.02
N TRP D 597 62.38 -20.03 -25.36
CA TRP D 597 61.87 -21.00 -24.40
C TRP D 597 61.16 -20.32 -23.24
N PHE D 598 61.68 -19.19 -22.78
CA PHE D 598 60.98 -18.41 -21.76
C PHE D 598 59.73 -17.76 -22.32
N PHE D 599 59.77 -17.40 -23.61
CA PHE D 599 58.65 -16.73 -24.25
C PHE D 599 57.44 -17.64 -24.39
N THR D 600 57.68 -18.91 -24.67
CA THR D 600 56.59 -19.81 -25.01
C THR D 600 55.88 -20.37 -23.79
N LEU D 601 56.55 -20.40 -22.64
CA LEU D 601 55.91 -20.89 -21.42
C LEU D 601 54.94 -19.84 -20.87
N ILE D 602 55.12 -18.59 -21.28
CA ILE D 602 54.18 -17.52 -20.95
C ILE D 602 52.82 -17.80 -21.58
N ILE D 603 52.83 -18.18 -22.86
CA ILE D 603 51.61 -18.18 -23.67
C ILE D 603 50.68 -19.31 -23.26
N ILE D 604 51.25 -20.59 -23.01
CA ILE D 604 50.46 -21.78 -22.71
C ILE D 604 49.83 -21.72 -21.32
N SER D 605 50.42 -20.95 -20.40
CA SER D 605 49.73 -20.58 -19.18
C SER D 605 48.59 -19.62 -19.48
N SER D 606 48.84 -18.62 -20.32
CA SER D 606 47.83 -17.62 -20.62
C SER D 606 46.72 -18.19 -21.49
N TYR D 607 47.06 -19.14 -22.36
CA TYR D 607 46.03 -19.81 -23.16
C TYR D 607 45.14 -20.67 -22.29
N THR D 608 45.71 -21.28 -21.26
CA THR D 608 44.93 -22.09 -20.33
C THR D 608 44.04 -21.20 -19.47
N ALA D 609 44.57 -20.04 -19.06
CA ALA D 609 43.81 -19.13 -18.21
C ALA D 609 42.66 -18.49 -18.96
N ASN D 610 42.86 -18.18 -20.24
CA ASN D 610 41.77 -17.62 -21.03
C ASN D 610 40.74 -18.69 -21.36
N LEU D 611 41.20 -19.92 -21.57
CA LEU D 611 40.28 -21.04 -21.83
C LEU D 611 39.41 -21.33 -20.62
N ALA D 612 39.96 -21.22 -19.42
CA ALA D 612 39.16 -21.41 -18.22
C ALA D 612 38.15 -20.29 -18.05
N ALA D 613 38.43 -19.11 -18.60
CA ALA D 613 37.47 -18.02 -18.56
C ALA D 613 36.28 -18.31 -19.47
N PHE D 614 36.52 -18.89 -20.65
CA PHE D 614 35.41 -19.23 -21.52
C PHE D 614 34.63 -20.43 -21.00
N LEU D 615 35.31 -21.37 -20.34
CA LEU D 615 34.66 -22.58 -19.87
C LEU D 615 33.92 -22.41 -18.55
N THR D 616 33.90 -21.21 -17.99
CA THR D 616 33.25 -20.97 -16.70
C THR D 616 32.22 -19.85 -16.77
N VAL D 617 32.53 -18.78 -17.49
CA VAL D 617 31.62 -17.64 -17.53
C VAL D 617 30.43 -17.94 -18.42
N GLU D 618 30.70 -18.18 -19.71
CA GLU D 618 29.71 -18.62 -20.71
C GLU D 618 28.57 -17.63 -20.86
N ARG D 619 28.88 -16.45 -21.38
CA ARG D 619 27.86 -15.44 -21.70
C ARG D 619 27.43 -15.67 -23.13
N MET D 620 26.33 -16.39 -23.32
CA MET D 620 25.75 -16.58 -24.65
C MET D 620 25.18 -15.27 -25.16
N VAL D 621 25.91 -14.62 -26.06
CA VAL D 621 25.50 -13.31 -26.55
C VAL D 621 24.49 -13.50 -27.68
N SER D 622 23.55 -12.57 -27.77
CA SER D 622 22.63 -12.57 -28.89
C SER D 622 23.37 -12.17 -30.17
N PRO D 623 22.96 -12.70 -31.32
CA PRO D 623 23.63 -12.29 -32.56
C PRO D 623 23.29 -10.88 -33.01
N ILE D 624 22.04 -10.46 -32.88
CA ILE D 624 21.56 -9.21 -33.48
C ILE D 624 20.88 -8.38 -32.39
N GLU D 625 20.92 -7.06 -32.55
CA GLU D 625 20.12 -6.17 -31.70
C GLU D 625 19.12 -5.38 -32.53
N SER D 626 19.80 -4.79 -33.51
CA SER D 626 19.03 -3.87 -34.33
C SER D 626 18.50 -4.57 -35.57
N ALA D 627 17.53 -3.93 -36.22
CA ALA D 627 17.00 -4.45 -37.47
C ALA D 627 17.92 -4.15 -38.64
N GLU D 628 18.90 -3.26 -38.44
CA GLU D 628 19.92 -3.02 -39.45
C GLU D 628 20.79 -4.25 -39.67
N ASP D 629 20.91 -5.09 -38.63
CA ASP D 629 21.55 -6.39 -38.78
C ASP D 629 20.76 -7.28 -39.74
N LEU D 630 19.43 -7.18 -39.70
CA LEU D 630 18.59 -7.97 -40.61
C LEU D 630 18.71 -7.47 -42.04
N SER D 631 19.01 -6.17 -42.21
CA SER D 631 19.37 -5.68 -43.54
C SER D 631 20.80 -6.08 -43.89
N LYS D 632 21.59 -6.47 -42.90
CA LYS D 632 22.98 -6.85 -43.13
C LYS D 632 23.14 -8.35 -43.28
N GLN D 633 22.43 -9.15 -42.49
CA GLN D 633 22.53 -10.60 -42.61
C GLN D 633 21.34 -11.12 -43.41
N THR D 634 21.43 -12.39 -43.78
CA THR D 634 20.35 -13.07 -44.49
C THR D 634 20.11 -14.48 -43.97
N GLU D 635 20.90 -14.95 -42.99
CA GLU D 635 20.75 -16.32 -42.52
C GLU D 635 19.53 -16.48 -41.62
N ILE D 636 19.27 -15.51 -40.76
CA ILE D 636 18.10 -15.53 -39.90
C ILE D 636 16.99 -14.76 -40.61
N ALA D 637 15.91 -15.46 -40.94
CA ALA D 637 14.77 -14.82 -41.57
C ALA D 637 13.99 -14.02 -40.55
N TYR D 638 13.04 -13.23 -41.05
CA TYR D 638 12.28 -12.31 -40.22
C TYR D 638 11.02 -11.91 -40.97
N GLY D 639 9.93 -11.80 -40.22
CA GLY D 639 8.67 -11.46 -40.84
C GLY D 639 7.74 -10.76 -39.87
N THR D 640 6.60 -10.33 -40.42
CA THR D 640 5.52 -9.75 -39.66
C THR D 640 4.27 -10.60 -39.87
N LEU D 641 3.14 -10.09 -39.38
CA LEU D 641 1.87 -10.74 -39.66
C LEU D 641 1.48 -10.49 -41.11
N ASP D 642 0.69 -11.40 -41.68
CA ASP D 642 0.34 -11.31 -43.10
C ASP D 642 -0.60 -10.16 -43.41
N SER D 643 -1.21 -9.54 -42.37
CA SER D 643 -2.06 -8.39 -42.55
C SER D 643 -1.98 -7.53 -41.28
N GLY D 644 -1.87 -6.22 -41.46
CA GLY D 644 -1.83 -5.32 -40.34
C GLY D 644 -1.02 -4.07 -40.65
N SER D 645 -1.03 -3.15 -39.68
CA SER D 645 -0.31 -1.90 -39.86
C SER D 645 1.20 -2.10 -39.83
N THR D 646 1.66 -3.14 -39.13
CA THR D 646 3.09 -3.42 -39.06
C THR D 646 3.64 -3.84 -40.42
N LYS D 647 2.94 -4.75 -41.10
CA LYS D 647 3.29 -5.08 -42.47
C LYS D 647 3.13 -3.87 -43.38
N GLU D 648 2.07 -3.08 -43.14
CA GLU D 648 1.85 -1.84 -43.88
C GLU D 648 2.95 -0.83 -43.62
N PHE D 649 3.56 -0.86 -42.43
CA PHE D 649 4.61 0.08 -42.08
C PHE D 649 5.85 -0.11 -42.95
N PHE D 650 6.30 -1.35 -43.10
CA PHE D 650 7.44 -1.62 -43.96
C PHE D 650 7.09 -1.40 -45.42
N ARG D 651 5.83 -1.64 -45.79
CA ARG D 651 5.36 -1.37 -47.13
C ARG D 651 5.38 0.12 -47.45
N ARG D 652 5.22 0.95 -46.43
CA ARG D 652 5.13 2.40 -46.59
C ARG D 652 6.44 3.12 -46.33
N SER D 653 7.34 2.53 -45.53
CA SER D 653 8.50 3.25 -45.02
C SER D 653 9.48 3.62 -46.12
N LYS D 654 10.08 4.81 -45.97
CA LYS D 654 11.04 5.33 -46.92
C LYS D 654 12.48 5.24 -46.44
N ILE D 655 12.68 4.88 -45.17
CA ILE D 655 14.03 4.66 -44.66
C ILE D 655 14.61 3.42 -45.30
N ALA D 656 15.87 3.52 -45.77
CA ALA D 656 16.45 2.51 -46.64
C ALA D 656 16.68 1.19 -45.92
N VAL D 657 16.85 1.22 -44.60
CA VAL D 657 16.94 -0.02 -43.84
C VAL D 657 15.59 -0.72 -43.82
N PHE D 658 14.53 0.02 -43.49
CA PHE D 658 13.18 -0.55 -43.47
C PHE D 658 12.71 -0.89 -44.87
N ASP D 659 13.18 -0.17 -45.88
CA ASP D 659 12.81 -0.47 -47.25
C ASP D 659 13.48 -1.76 -47.72
N LYS D 660 14.73 -1.97 -47.32
CA LYS D 660 15.45 -3.19 -47.69
C LYS D 660 14.86 -4.40 -47.00
N MET D 661 14.40 -4.23 -45.76
CA MET D 661 13.72 -5.31 -45.05
C MET D 661 12.42 -5.69 -45.75
N TRP D 662 11.66 -4.69 -46.19
CA TRP D 662 10.46 -4.95 -46.95
C TRP D 662 10.77 -5.52 -48.34
N THR D 663 11.90 -5.10 -48.93
CA THR D 663 12.35 -5.70 -50.17
C THR D 663 12.68 -7.17 -49.98
N TYR D 664 13.28 -7.51 -48.83
CA TYR D 664 13.55 -8.90 -48.52
C TYR D 664 12.26 -9.68 -48.27
N MET D 665 11.35 -9.10 -47.49
CA MET D 665 10.16 -9.86 -47.07
C MET D 665 9.17 -10.05 -48.20
N ARG D 666 9.12 -9.11 -49.15
CA ARG D 666 8.30 -9.36 -50.34
C ARG D 666 8.97 -10.37 -51.26
N SER D 667 10.29 -10.54 -51.14
CA SER D 667 11.01 -11.55 -51.89
C SER D 667 11.28 -12.80 -51.07
N ALA D 668 10.77 -12.85 -49.84
CA ALA D 668 11.02 -13.99 -48.96
C ALA D 668 10.22 -15.21 -49.41
N GLU D 669 10.93 -16.20 -49.95
CA GLU D 669 10.33 -17.47 -50.33
C GLU D 669 11.09 -18.60 -49.63
N PRO D 670 10.41 -19.35 -48.73
CA PRO D 670 8.99 -19.35 -48.31
C PRO D 670 8.57 -18.12 -47.50
N SER D 671 7.26 -17.90 -47.44
CA SER D 671 6.74 -16.64 -46.92
C SER D 671 6.95 -16.52 -45.41
N VAL D 672 7.65 -15.47 -45.01
CA VAL D 672 7.83 -15.15 -43.61
C VAL D 672 6.57 -14.62 -42.95
N PHE D 673 5.57 -14.23 -43.74
CA PHE D 673 4.36 -13.67 -43.17
C PHE D 673 3.46 -14.77 -42.64
N VAL D 674 3.19 -14.72 -41.34
CA VAL D 674 2.38 -15.72 -40.66
C VAL D 674 0.95 -15.22 -40.60
N ARG D 675 0.02 -16.13 -40.32
CA ARG D 675 -1.39 -15.77 -40.41
C ARG D 675 -1.95 -15.34 -39.07
N THR D 676 -1.53 -15.97 -37.98
CA THR D 676 -1.87 -15.51 -36.65
C THR D 676 -0.59 -15.12 -35.93
N THR D 677 -0.74 -14.38 -34.83
CA THR D 677 0.41 -13.97 -34.05
C THR D 677 1.06 -15.16 -33.37
N ALA D 678 0.24 -16.11 -32.88
CA ALA D 678 0.78 -17.32 -32.26
C ALA D 678 1.46 -18.23 -33.28
N GLU D 679 1.07 -18.12 -34.55
CA GLU D 679 1.83 -18.79 -35.60
C GLU D 679 3.21 -18.18 -35.74
N GLY D 680 3.32 -16.86 -35.59
CA GLY D 680 4.64 -16.23 -35.56
C GLY D 680 5.42 -16.57 -34.32
N VAL D 681 4.72 -16.91 -33.23
CA VAL D 681 5.40 -17.38 -32.03
C VAL D 681 6.01 -18.76 -32.27
N ALA D 682 5.23 -19.68 -32.81
CA ALA D 682 5.70 -21.04 -32.99
C ALA D 682 6.74 -21.15 -34.10
N ARG D 683 6.62 -20.34 -35.16
CA ARG D 683 7.55 -20.41 -36.27
C ARG D 683 8.94 -19.95 -35.88
N VAL D 684 9.03 -19.00 -34.95
CA VAL D 684 10.31 -18.67 -34.32
C VAL D 684 10.80 -19.83 -33.47
N ARG D 685 9.90 -20.44 -32.70
CA ARG D 685 10.27 -21.53 -31.80
C ARG D 685 10.68 -22.78 -32.58
N LYS D 686 10.03 -23.05 -33.70
CA LYS D 686 10.34 -24.27 -34.45
C LYS D 686 11.57 -24.11 -35.33
N SER D 687 11.83 -22.90 -35.84
CA SER D 687 12.97 -22.71 -36.71
C SER D 687 14.29 -22.63 -35.96
N LYS D 688 14.24 -22.56 -34.62
CA LYS D 688 15.40 -22.54 -33.73
C LYS D 688 16.33 -21.35 -34.04
N GLY D 689 15.80 -20.16 -33.87
CA GLY D 689 16.61 -18.95 -33.91
C GLY D 689 16.91 -18.41 -35.28
N LYS D 690 16.75 -19.20 -36.35
CA LYS D 690 17.02 -18.70 -37.68
C LYS D 690 15.79 -18.10 -38.35
N TYR D 691 14.72 -17.87 -37.59
CA TYR D 691 13.60 -17.06 -38.03
C TYR D 691 13.24 -16.09 -36.91
N ALA D 692 13.24 -14.80 -37.24
CA ALA D 692 12.84 -13.78 -36.30
C ALA D 692 11.41 -13.32 -36.61
N TYR D 693 10.88 -12.47 -35.74
CA TYR D 693 9.52 -11.99 -35.93
C TYR D 693 9.38 -10.59 -35.34
N LEU D 694 8.55 -9.79 -35.98
CA LEU D 694 8.37 -8.39 -35.63
C LEU D 694 6.97 -8.17 -35.08
N LEU D 695 6.88 -7.67 -33.85
CA LEU D 695 5.57 -7.54 -33.22
C LEU D 695 5.64 -6.39 -32.23
N GLU D 696 4.50 -6.13 -31.59
CA GLU D 696 4.36 -4.98 -30.69
C GLU D 696 5.08 -5.23 -29.38
N SER D 697 5.88 -4.24 -28.94
CA SER D 697 6.86 -4.45 -27.88
C SER D 697 6.21 -4.79 -26.54
N THR D 698 5.03 -4.24 -26.26
CA THR D 698 4.36 -4.55 -25.02
C THR D 698 3.80 -5.97 -25.02
N MET D 699 3.33 -6.43 -26.18
CA MET D 699 2.97 -7.83 -26.33
C MET D 699 4.22 -8.69 -26.35
N ASN D 700 5.31 -8.16 -26.88
CA ASN D 700 6.59 -8.88 -26.91
C ASN D 700 7.13 -9.06 -25.51
N GLU D 701 6.84 -8.11 -24.61
CA GLU D 701 7.09 -8.32 -23.18
C GLU D 701 6.31 -9.51 -22.66
N TYR D 702 5.01 -9.55 -22.95
CA TYR D 702 4.12 -10.50 -22.29
C TYR D 702 4.34 -11.92 -22.79
N ILE D 703 4.58 -12.10 -24.09
CA ILE D 703 4.81 -13.43 -24.63
C ILE D 703 6.15 -13.99 -24.15
N GLU D 704 7.13 -13.11 -23.97
CA GLU D 704 8.41 -13.52 -23.38
C GLU D 704 8.23 -13.97 -21.93
N GLN D 705 7.23 -13.42 -21.25
CA GLN D 705 6.90 -13.89 -19.91
C GLN D 705 6.18 -15.23 -19.93
N ARG D 706 5.42 -15.51 -20.97
CA ARG D 706 4.66 -16.75 -21.04
C ARG D 706 5.58 -17.92 -21.39
N LYS D 707 5.39 -19.03 -20.68
CA LYS D 707 6.21 -20.22 -20.91
C LYS D 707 5.87 -20.85 -22.26
N PRO D 708 6.82 -21.56 -22.89
CA PRO D 708 8.20 -22.00 -22.57
C PRO D 708 9.27 -20.91 -22.42
N CYS D 709 8.93 -19.66 -22.76
CA CYS D 709 9.81 -18.49 -22.63
C CYS D 709 11.07 -18.61 -23.48
N ASP D 710 11.02 -19.44 -24.52
CA ASP D 710 12.18 -19.70 -25.36
C ASP D 710 12.42 -18.59 -26.38
N THR D 711 11.53 -17.61 -26.47
CA THR D 711 11.79 -16.44 -27.27
C THR D 711 12.16 -15.28 -26.37
N MET D 712 12.68 -14.22 -26.97
CA MET D 712 13.04 -13.03 -26.21
C MET D 712 12.97 -11.80 -27.10
N LYS D 713 12.85 -10.64 -26.47
CA LYS D 713 12.86 -9.38 -27.18
C LYS D 713 14.25 -8.77 -27.16
N VAL D 714 14.74 -8.38 -28.34
CA VAL D 714 16.05 -7.76 -28.48
C VAL D 714 15.87 -6.39 -29.13
N GLY D 715 16.79 -5.48 -28.83
CA GLY D 715 16.80 -4.17 -29.44
C GLY D 715 15.70 -3.26 -28.92
N GLY D 716 15.78 -2.01 -29.38
CA GLY D 716 14.75 -1.04 -29.06
C GLY D 716 13.60 -1.10 -30.06
N ASN D 717 12.72 -0.10 -29.95
CA ASN D 717 11.61 -0.01 -30.87
C ASN D 717 12.07 0.47 -32.22
N LEU D 718 11.36 0.04 -33.27
CA LEU D 718 11.66 0.54 -34.60
C LEU D 718 10.99 1.88 -34.85
N ASP D 719 9.90 2.15 -34.13
CA ASP D 719 9.17 3.41 -34.30
C ASP D 719 8.48 3.75 -33.00
N SER D 720 7.72 4.84 -33.03
CA SER D 720 6.97 5.26 -31.85
C SER D 720 5.48 5.14 -32.11
N LYS D 721 4.82 4.29 -31.33
CA LYS D 721 3.37 4.20 -31.35
C LYS D 721 2.86 4.25 -29.92
N GLY D 722 1.65 4.76 -29.76
CA GLY D 722 1.11 4.92 -28.43
C GLY D 722 -0.31 4.45 -28.28
N TYR D 723 -0.58 3.66 -27.24
CA TYR D 723 -1.95 3.37 -26.89
C TYR D 723 -2.51 4.51 -26.05
N GLY D 724 -3.70 4.97 -26.42
CA GLY D 724 -4.31 6.09 -25.73
C GLY D 724 -5.80 5.90 -25.61
N ILE D 725 -6.36 6.45 -24.54
CA ILE D 725 -7.78 6.31 -24.28
C ILE D 725 -8.56 7.20 -25.26
N ALA D 726 -9.55 6.61 -25.91
CA ALA D 726 -10.33 7.29 -26.92
C ALA D 726 -11.76 7.50 -26.43
N THR D 727 -12.30 8.66 -26.77
CA THR D 727 -13.68 9.02 -26.53
C THR D 727 -14.30 9.39 -27.87
N PRO D 728 -15.63 9.28 -28.01
CA PRO D 728 -16.29 9.87 -29.19
C PRO D 728 -16.09 11.37 -29.23
N LYS D 729 -16.01 11.89 -30.46
CA LYS D 729 -15.59 13.26 -30.68
C LYS D 729 -16.65 14.24 -30.19
N GLY D 730 -16.24 15.17 -29.34
CA GLY D 730 -17.15 16.12 -28.75
C GLY D 730 -17.80 15.67 -27.46
N SER D 731 -17.40 14.55 -26.89
CA SER D 731 -17.98 14.09 -25.64
C SER D 731 -17.49 14.93 -24.47
N SER D 732 -18.34 15.06 -23.45
CA SER D 732 -17.97 15.84 -22.28
C SER D 732 -16.94 15.12 -21.43
N LEU D 733 -16.89 13.79 -21.50
CA LEU D 733 -15.96 13.03 -20.67
C LEU D 733 -14.53 13.15 -21.15
N GLY D 734 -14.32 13.53 -22.41
CA GLY D 734 -13.01 13.52 -23.05
C GLY D 734 -11.91 14.32 -22.40
N THR D 735 -12.24 15.47 -21.81
CA THR D 735 -11.21 16.31 -21.22
C THR D 735 -10.74 15.84 -19.83
N PRO D 736 -11.60 15.48 -18.85
CA PRO D 736 -11.04 14.99 -17.58
C PRO D 736 -10.43 13.61 -17.68
N VAL D 737 -10.88 12.79 -18.62
CA VAL D 737 -10.23 11.51 -18.89
C VAL D 737 -8.83 11.74 -19.44
N ASN D 738 -8.68 12.76 -20.28
CA ASN D 738 -7.36 13.12 -20.80
C ASN D 738 -6.48 13.67 -19.68
N LEU D 739 -7.08 14.37 -18.72
CA LEU D 739 -6.35 14.79 -17.54
C LEU D 739 -6.05 13.61 -16.62
N ALA D 740 -6.89 12.59 -16.65
CA ALA D 740 -6.67 11.41 -15.80
C ALA D 740 -5.48 10.60 -16.29
N VAL D 741 -5.21 10.62 -17.60
CA VAL D 741 -4.04 9.93 -18.14
C VAL D 741 -2.78 10.63 -17.66
N LEU D 742 -2.77 11.96 -17.69
CA LEU D 742 -1.60 12.71 -17.25
C LEU D 742 -1.45 12.70 -15.73
N LYS D 743 -2.49 12.27 -15.02
CA LYS D 743 -2.36 12.10 -13.57
C LYS D 743 -1.76 10.74 -13.23
N LEU D 744 -2.25 9.68 -13.87
CA LEU D 744 -1.81 8.34 -13.52
C LEU D 744 -0.42 8.05 -14.05
N SER D 745 -0.09 8.58 -15.22
CA SER D 745 1.27 8.46 -15.74
C SER D 745 2.25 9.26 -14.89
N GLU D 746 1.80 10.36 -14.30
CA GLU D 746 2.64 11.14 -13.42
C GLU D 746 2.93 10.38 -12.13
N GLN D 747 1.96 9.62 -11.63
CA GLN D 747 2.13 8.93 -10.36
C GLN D 747 2.69 7.52 -10.51
N GLY D 748 2.86 7.04 -11.74
CA GLY D 748 3.43 5.72 -11.96
C GLY D 748 2.51 4.58 -11.59
N VAL D 749 1.22 4.84 -11.39
CA VAL D 749 0.27 3.77 -11.10
C VAL D 749 0.09 2.88 -12.32
N LEU D 750 0.18 3.49 -13.51
CA LEU D 750 0.24 2.73 -14.75
C LEU D 750 1.44 1.81 -14.79
N ASP D 751 2.60 2.31 -14.34
CA ASP D 751 3.80 1.48 -14.30
C ASP D 751 3.70 0.43 -13.21
N LYS D 752 2.97 0.74 -12.13
CA LYS D 752 2.71 -0.25 -11.10
C LYS D 752 1.79 -1.35 -11.63
N LEU D 753 0.80 -0.98 -12.44
CA LEU D 753 -0.02 -1.97 -13.10
C LEU D 753 0.72 -2.65 -14.24
N LYS D 754 1.69 -1.96 -14.83
CA LYS D 754 2.55 -2.62 -15.81
C LYS D 754 3.46 -3.64 -15.14
N ASN D 755 3.93 -3.34 -13.93
CA ASN D 755 4.60 -4.35 -13.12
C ASN D 755 3.66 -5.45 -12.71
N LYS D 756 2.38 -5.12 -12.51
CA LYS D 756 1.38 -6.12 -12.17
C LYS D 756 1.09 -7.02 -13.36
N TRP D 757 0.69 -6.44 -14.48
CA TRP D 757 0.12 -7.24 -15.55
C TRP D 757 1.18 -7.75 -16.52
N TRP D 758 2.45 -7.43 -16.31
CA TRP D 758 3.51 -8.09 -17.07
C TRP D 758 4.49 -8.86 -16.21
N TYR D 759 4.60 -8.53 -14.93
CA TYR D 759 5.63 -9.18 -14.13
C TYR D 759 5.08 -9.84 -12.88
N ASP D 760 3.96 -9.34 -12.35
CA ASP D 760 3.25 -10.13 -11.36
C ASP D 760 2.37 -11.16 -12.04
N LYS D 761 2.06 -10.94 -13.31
CA LYS D 761 1.43 -11.95 -14.15
C LYS D 761 2.44 -12.74 -14.98
N GLY D 762 3.69 -12.29 -15.02
CA GLY D 762 4.70 -12.98 -15.81
C GLY D 762 5.12 -14.28 -15.17
N GLU D 763 5.06 -15.36 -15.96
CA GLU D 763 5.44 -16.67 -15.46
C GLU D 763 6.94 -16.82 -15.27
N CYS D 764 7.74 -16.48 -16.28
CA CYS D 764 9.19 -16.54 -16.16
C CYS D 764 9.73 -15.25 -15.56
N GLY D 765 9.88 -15.29 -14.22
CA GLY D 765 10.58 -14.21 -13.54
C GLY D 765 12.01 -14.08 -14.00
N ALA D 766 12.36 -12.92 -14.58
CA ALA D 766 13.54 -12.72 -15.40
C ALA D 766 14.86 -13.00 -14.69
N LYS D 767 15.14 -12.28 -13.61
CA LYS D 767 16.37 -12.54 -12.85
C LYS D 767 16.28 -13.85 -12.10
N ASP D 768 15.07 -14.34 -11.83
CA ASP D 768 14.92 -15.68 -11.28
C ASP D 768 15.20 -16.74 -12.33
N SER D 769 14.95 -16.41 -13.61
CA SER D 769 15.28 -17.31 -14.71
C SER D 769 16.64 -17.02 -15.33
N GLY D 770 17.18 -15.81 -15.11
CA GLY D 770 18.46 -15.48 -15.68
C GLY D 770 19.64 -16.15 -15.00
N SER D 771 19.48 -16.53 -13.73
CA SER D 771 20.53 -17.16 -12.95
C SER D 771 20.44 -18.68 -12.92
N LYS D 772 19.98 -19.31 -14.01
CA LYS D 772 19.76 -20.75 -14.02
C LYS D 772 20.62 -21.39 -15.11
N GLU D 773 21.89 -21.68 -14.75
CA GLU D 773 22.77 -22.56 -15.50
C GLU D 773 23.94 -23.01 -14.63
N LYS D 774 24.00 -24.31 -14.31
CA LYS D 774 25.04 -24.87 -13.45
C LYS D 774 25.54 -26.19 -14.03
N THR D 775 25.91 -26.18 -15.30
CA THR D 775 26.20 -27.39 -16.06
C THR D 775 27.71 -27.64 -16.14
N SER D 776 28.10 -28.61 -16.98
CA SER D 776 29.26 -29.45 -16.72
C SER D 776 30.01 -29.91 -17.97
N ALA D 777 30.66 -31.07 -17.85
CA ALA D 777 31.84 -31.56 -18.57
C ALA D 777 31.92 -31.38 -20.08
N LEU D 778 33.17 -31.40 -20.57
CA LEU D 778 33.63 -30.98 -21.89
C LEU D 778 32.85 -31.61 -23.03
N SER D 779 32.72 -30.86 -24.13
CA SER D 779 32.16 -31.36 -25.38
C SER D 779 33.20 -32.17 -26.15
N LEU D 780 32.91 -32.42 -27.42
CA LEU D 780 33.83 -33.19 -28.25
C LEU D 780 34.07 -32.50 -29.59
N SER D 781 33.15 -31.61 -29.98
CA SER D 781 33.35 -30.83 -31.19
C SER D 781 34.50 -29.85 -31.05
N ASN D 782 34.77 -29.41 -29.81
CA ASN D 782 35.90 -28.54 -29.53
C ASN D 782 37.23 -29.23 -29.83
N VAL D 783 37.35 -30.51 -29.46
CA VAL D 783 38.54 -31.30 -29.75
C VAL D 783 38.58 -31.69 -31.23
N ALA D 784 37.35 -31.79 -31.84
CA ALA D 784 37.22 -32.36 -33.18
C ALA D 784 37.88 -31.49 -34.23
N GLY D 785 38.01 -30.18 -33.95
CA GLY D 785 38.74 -29.32 -34.85
C GLY D 785 40.24 -29.55 -34.83
N VAL D 786 40.74 -30.25 -33.81
CA VAL D 786 42.16 -30.57 -33.75
C VAL D 786 42.39 -31.96 -34.36
N PHE D 787 41.33 -32.73 -34.59
CA PHE D 787 41.47 -34.02 -35.25
C PHE D 787 41.84 -33.88 -36.72
N TYR D 788 41.33 -32.85 -37.39
CA TYR D 788 41.60 -32.69 -38.82
C TYR D 788 43.02 -32.19 -39.05
N ILE D 789 43.60 -31.50 -38.07
CA ILE D 789 45.01 -31.14 -38.18
C ILE D 789 45.87 -32.26 -37.60
N LEU D 790 45.26 -33.17 -36.83
CA LEU D 790 45.96 -34.38 -36.42
C LEU D 790 46.12 -35.34 -37.57
N VAL D 791 45.00 -35.75 -38.19
CA VAL D 791 45.04 -36.71 -39.28
C VAL D 791 45.61 -36.06 -40.54
N GLY D 792 45.31 -34.77 -40.75
CA GLY D 792 45.83 -34.07 -41.91
C GLY D 792 47.33 -33.87 -41.87
N GLY D 793 47.89 -33.78 -40.66
CA GLY D 793 49.35 -33.76 -40.54
C GLY D 793 49.98 -35.11 -40.79
N LEU D 794 49.21 -36.19 -40.57
CA LEU D 794 49.72 -37.52 -40.83
C LEU D 794 49.73 -37.84 -42.32
N GLY D 795 48.63 -37.53 -43.01
CA GLY D 795 48.55 -37.82 -44.44
C GLY D 795 49.45 -36.92 -45.27
N LEU D 796 49.73 -35.71 -44.77
CA LEU D 796 50.70 -34.86 -45.44
C LEU D 796 52.12 -35.39 -45.25
N ALA D 797 52.38 -36.06 -44.12
CA ALA D 797 53.69 -36.61 -43.86
C ALA D 797 53.93 -37.88 -44.69
N MET D 798 52.86 -38.60 -45.04
CA MET D 798 53.02 -39.81 -45.84
C MET D 798 53.39 -39.48 -47.28
N LEU D 799 53.07 -38.27 -47.74
CA LEU D 799 53.58 -37.81 -49.02
C LEU D 799 55.08 -37.55 -48.96
N VAL D 800 55.55 -37.05 -47.81
CA VAL D 800 56.96 -36.68 -47.66
C VAL D 800 57.84 -37.92 -47.60
N ALA D 801 57.38 -38.97 -46.93
CA ALA D 801 58.18 -40.18 -46.75
C ALA D 801 58.34 -40.94 -48.06
N LEU D 802 57.29 -40.95 -48.89
CA LEU D 802 57.36 -41.72 -50.12
C LEU D 802 58.20 -41.03 -51.19
N ILE D 803 58.20 -39.70 -51.21
CA ILE D 803 59.03 -39.01 -52.20
C ILE D 803 60.49 -39.03 -51.78
N GLU D 804 60.78 -39.01 -50.47
CA GLU D 804 62.17 -39.07 -50.02
C GLU D 804 62.72 -40.49 -50.17
N PHE D 805 61.85 -41.48 -50.32
CA PHE D 805 62.28 -42.80 -50.78
C PHE D 805 62.72 -42.76 -52.24
N CYS D 806 62.25 -41.77 -53.01
CA CYS D 806 62.71 -41.59 -54.38
C CYS D 806 63.79 -40.54 -54.49
N TYR D 807 63.93 -39.66 -53.48
CA TYR D 807 65.08 -38.76 -53.45
C TYR D 807 66.34 -39.50 -53.04
N LYS D 808 66.21 -40.68 -52.43
CA LYS D 808 67.39 -41.51 -52.15
C LYS D 808 67.71 -42.42 -53.32
#